data_8BKD
#
_entry.id   8BKD
#
_cell.length_a   122.920
_cell.length_b   111.610
_cell.length_c   128.980
_cell.angle_alpha   90.00
_cell.angle_beta   99.14
_cell.angle_gamma   90.00
#
_symmetry.space_group_name_H-M   'P 1 21 1'
#
loop_
_entity.id
_entity.type
_entity.pdbx_description
1 polymer 'Ureidoacrylate amidohydrolase RutB'
2 non-polymer N-(AMINOCARBONYL)-BETA-ALANINE
3 water water
#
_entity_poly.entity_id   1
_entity_poly.type   'polypeptide(L)'
_entity_poly.pdbx_seq_one_letter_code
;(MSE)TTLTARPEAITFDPQQSALIVVD(MSE)QNAYATPGGYLDLAGFDVSTTRPVIANIQTAVTAARAAG(MSE)LII
WFQNGWDEQYVEAGGPGSPNFHKSNALKT(MSE)RKQPQLQGKLLAKGSWDYQLVDELVPQPGDIVLPKPRYSGFFNTPL
DSILRSRGIRHLVFTGIATNVCVESTLRDGFFLEYFGVVLEDATHQAGPKFAQKAALFNIETFFGWVSDVETFCDALSPT
SFAHIA
;
_entity_poly.pdbx_strand_id   A,B,C,D,E,F,G,H,I,J,K,L,M,N,O,P
#
# COMPACT_ATOMS: atom_id res chain seq x y z
N THR A 2 21.91 51.09 3.99
CA THR A 2 20.46 50.98 4.14
C THR A 2 20.04 50.89 5.60
N THR A 3 19.00 51.62 5.97
CA THR A 3 18.43 51.51 7.30
C THR A 3 17.19 50.65 7.21
N LEU A 4 17.07 49.70 8.14
CA LEU A 4 15.98 48.73 8.14
C LEU A 4 15.25 48.84 9.48
N THR A 5 13.99 49.22 9.43
CA THR A 5 13.17 49.22 10.63
C THR A 5 13.08 47.80 11.18
N ALA A 6 13.32 47.66 12.47
CA ALA A 6 13.33 46.33 13.08
C ALA A 6 13.03 46.47 14.56
N ARG A 7 12.79 45.33 15.21
CA ARG A 7 12.77 45.26 16.66
C ARG A 7 14.08 44.66 17.14
N PRO A 8 14.66 45.15 18.25
CA PRO A 8 14.11 46.19 19.12
C PRO A 8 14.36 47.61 18.63
N GLU A 9 15.18 47.78 17.59
CA GLU A 9 15.39 49.09 17.00
C GLU A 9 15.87 48.93 15.57
N ALA A 10 15.78 50.03 14.81
CA ALA A 10 16.22 50.03 13.43
C ALA A 10 17.72 49.80 13.35
N ILE A 11 18.15 49.15 12.27
CA ILE A 11 19.54 48.80 12.08
C ILE A 11 19.98 49.24 10.69
N THR A 12 21.29 49.32 10.50
CA THR A 12 21.88 49.72 9.24
C THR A 12 22.67 48.56 8.66
N PHE A 13 22.55 48.35 7.36
CA PHE A 13 23.36 47.33 6.69
C PHE A 13 23.63 47.76 5.26
N ASP A 14 24.70 47.18 4.69
CA ASP A 14 24.99 47.36 3.28
C ASP A 14 24.59 46.09 2.56
N PRO A 15 23.64 46.13 1.62
CA PRO A 15 23.25 44.89 0.95
C PRO A 15 24.39 44.19 0.25
N GLN A 16 25.38 44.93 -0.26
CA GLN A 16 26.53 44.29 -0.88
C GLN A 16 27.41 43.56 0.13
N GLN A 17 27.32 43.90 1.41
CA GLN A 17 28.01 43.19 2.47
C GLN A 17 27.05 42.40 3.35
N SER A 18 25.96 41.91 2.76
CA SER A 18 24.94 41.17 3.48
C SER A 18 24.57 39.93 2.69
N ALA A 19 23.92 38.99 3.37
CA ALA A 19 23.48 37.75 2.74
C ALA A 19 22.07 37.42 3.22
N LEU A 20 21.23 36.98 2.30
CA LEU A 20 19.92 36.44 2.62
C LEU A 20 20.05 34.93 2.68
N ILE A 21 19.72 34.36 3.83
CA ILE A 21 19.86 32.92 4.06
C ILE A 21 18.45 32.33 4.07
N VAL A 22 18.23 31.36 3.20
CA VAL A 22 16.97 30.64 3.12
C VAL A 22 17.19 29.27 3.74
N VAL A 23 16.67 29.07 4.95
CA VAL A 23 16.99 27.89 5.74
C VAL A 23 15.99 26.77 5.40
N ASP A 24 16.50 25.71 4.79
CA ASP A 24 15.82 24.40 4.74
C ASP A 24 14.40 24.47 4.17
N GLN A 26 12.81 22.90 2.11
CA GLN A 26 12.66 21.61 1.46
C GLN A 26 11.27 21.05 1.71
N ASN A 27 10.88 20.08 0.89
CA ASN A 27 9.59 19.42 1.10
C ASN A 27 9.49 18.84 2.51
N ALA A 28 10.61 18.39 3.07
CA ALA A 28 10.59 17.84 4.44
C ALA A 28 10.01 18.84 5.43
N TYR A 29 10.30 20.13 5.25
CA TYR A 29 9.95 21.13 6.24
C TYR A 29 8.75 21.99 5.86
N ALA A 30 8.32 21.95 4.60
CA ALA A 30 7.34 22.91 4.12
C ALA A 30 6.21 22.33 3.28
N THR A 31 6.22 21.04 2.97
CA THR A 31 5.23 20.51 2.06
C THR A 31 4.47 19.36 2.70
N PRO A 32 3.15 19.30 2.52
CA PRO A 32 2.39 18.15 3.02
C PRO A 32 2.99 16.85 2.51
N GLY A 33 3.05 15.85 3.39
CA GLY A 33 3.71 14.59 3.10
C GLY A 33 5.20 14.58 3.38
N GLY A 34 5.78 15.73 3.70
CA GLY A 34 7.17 15.79 4.07
C GLY A 34 7.40 15.32 5.49
N TYR A 35 8.68 15.29 5.87
CA TYR A 35 9.10 14.77 7.18
C TYR A 35 8.34 15.43 8.33
N LEU A 36 8.34 16.77 8.39
CA LEU A 36 7.68 17.44 9.51
C LEU A 36 6.22 17.03 9.63
N ASP A 37 5.51 16.99 8.50
CA ASP A 37 4.11 16.57 8.51
C ASP A 37 3.98 15.14 9.01
N LEU A 38 4.81 14.23 8.48
CA LEU A 38 4.74 12.83 8.88
C LEU A 38 5.10 12.64 10.35
N ALA A 39 5.99 13.48 10.87
CA ALA A 39 6.43 13.40 12.26
C ALA A 39 5.42 13.98 13.24
N GLY A 40 4.31 14.54 12.76
CA GLY A 40 3.29 15.06 13.65
C GLY A 40 3.31 16.55 13.87
N PHE A 41 4.18 17.29 13.18
CA PHE A 41 4.16 18.74 13.25
C PHE A 41 3.14 19.30 12.27
N ASP A 42 2.65 20.50 12.58
CA ASP A 42 1.65 21.14 11.72
C ASP A 42 2.35 21.92 10.61
N VAL A 43 2.04 21.56 9.37
CA VAL A 43 2.59 22.21 8.18
C VAL A 43 1.52 22.92 7.35
N SER A 44 0.29 23.02 7.88
CA SER A 44 -0.81 23.58 7.13
C SER A 44 -0.68 25.07 6.88
N THR A 45 0.30 25.74 7.49
CA THR A 45 0.41 27.19 7.45
C THR A 45 1.68 27.67 6.76
N THR A 46 2.40 26.78 6.06
CA THR A 46 3.67 27.15 5.47
C THR A 46 3.55 27.74 4.08
N ARG A 47 2.43 27.51 3.38
CA ARG A 47 2.22 28.11 2.07
C ARG A 47 2.49 29.61 2.04
N PRO A 48 1.98 30.43 2.95
CA PRO A 48 2.32 31.86 2.90
C PRO A 48 3.80 32.15 3.12
N VAL A 49 4.51 31.26 3.83
CA VAL A 49 5.94 31.45 4.05
C VAL A 49 6.71 31.34 2.74
N ILE A 50 6.34 30.37 1.89
CA ILE A 50 6.98 30.21 0.59
C ILE A 50 6.87 31.48 -0.24
N ALA A 51 5.65 32.02 -0.36
CA ALA A 51 5.45 33.22 -1.17
C ALA A 51 6.24 34.39 -0.62
N ASN A 52 6.30 34.52 0.71
CA ASN A 52 7.05 35.61 1.32
C ASN A 52 8.54 35.47 1.06
N ILE A 53 9.05 34.24 1.06
CA ILE A 53 10.46 34.03 0.75
C ILE A 53 10.75 34.33 -0.70
N GLN A 54 9.83 33.97 -1.60
CA GLN A 54 10.00 34.35 -3.01
C GLN A 54 10.15 35.87 -3.14
N THR A 55 9.32 36.61 -2.41
CA THR A 55 9.37 38.07 -2.46
C THR A 55 10.69 38.59 -1.89
N ALA A 56 11.11 38.07 -0.74
CA ALA A 56 12.36 38.51 -0.15
C ALA A 56 13.55 38.18 -1.04
N VAL A 57 13.55 36.98 -1.64
CA VAL A 57 14.65 36.57 -2.51
C VAL A 57 14.76 37.49 -3.72
N THR A 58 13.61 37.81 -4.34
CA THR A 58 13.64 38.71 -5.50
C THR A 58 14.22 40.06 -5.14
N ALA A 59 13.78 40.62 -4.00
CA ALA A 59 14.31 41.92 -3.55
C ALA A 59 15.79 41.83 -3.23
N ALA A 60 16.20 40.80 -2.49
CA ALA A 60 17.59 40.71 -2.06
C ALA A 60 18.53 40.59 -3.26
N ARG A 61 18.19 39.71 -4.21
CA ARG A 61 19.05 39.51 -5.37
C ARG A 61 19.19 40.79 -6.18
N ALA A 62 18.08 41.49 -6.41
CA ALA A 62 18.13 42.73 -7.18
C ALA A 62 18.95 43.81 -6.49
N ALA A 63 19.05 43.75 -5.17
CA ALA A 63 19.87 44.69 -4.41
C ALA A 63 21.32 44.25 -4.28
N GLY A 64 21.72 43.14 -4.91
CA GLY A 64 23.09 42.69 -4.84
C GLY A 64 23.44 41.87 -3.60
N LEU A 66 24.00 38.44 -1.65
CA LEU A 66 24.20 37.02 -1.86
C LEU A 66 23.03 36.24 -1.27
N ILE A 67 22.55 35.25 -2.03
CA ILE A 67 21.49 34.35 -1.60
C ILE A 67 22.12 33.00 -1.29
N ILE A 68 21.92 32.51 -0.07
CA ILE A 68 22.40 31.19 0.34
C ILE A 68 21.20 30.33 0.69
N TRP A 69 21.09 29.18 0.03
CA TRP A 69 20.03 28.20 0.29
C TRP A 69 20.65 27.02 1.03
N PHE A 70 20.04 26.64 2.14
CA PHE A 70 20.46 25.46 2.87
C PHE A 70 19.55 24.27 2.58
N GLN A 71 20.14 23.09 2.48
CA GLN A 71 19.41 21.83 2.47
C GLN A 71 19.94 21.00 3.61
N ASN A 72 19.07 20.68 4.56
CA ASN A 72 19.43 19.83 5.68
C ASN A 72 19.21 18.38 5.29
N GLY A 73 20.16 17.52 5.58
CA GLY A 73 19.96 16.10 5.41
C GLY A 73 21.26 15.38 5.11
N TRP A 74 21.10 14.13 4.66
CA TRP A 74 22.17 13.16 4.75
C TRP A 74 22.13 12.21 3.56
N ASP A 75 23.17 11.38 3.46
CA ASP A 75 23.13 10.25 2.56
C ASP A 75 21.98 9.33 2.91
N GLU A 76 21.54 8.56 1.90
CA GLU A 76 20.38 7.69 2.05
C GLU A 76 20.58 6.60 3.10
N GLN A 77 21.83 6.28 3.44
CA GLN A 77 22.13 5.33 4.51
C GLN A 77 22.32 6.01 5.85
N TYR A 78 22.27 7.34 5.90
CA TYR A 78 22.31 8.13 7.13
C TYR A 78 23.64 8.04 7.87
N VAL A 79 24.71 7.67 7.17
CA VAL A 79 26.05 7.71 7.77
C VAL A 79 26.34 9.11 8.29
N GLU A 80 25.99 10.12 7.50
CA GLU A 80 26.25 11.51 7.85
C GLU A 80 25.41 12.02 9.02
N ALA A 81 24.36 11.29 9.39
CA ALA A 81 23.55 11.66 10.55
C ALA A 81 24.21 11.28 11.86
N GLY A 82 25.27 10.49 11.81
CA GLY A 82 25.86 9.94 13.01
C GLY A 82 25.18 8.67 13.47
N GLY A 83 25.96 7.74 14.00
CA GLY A 83 25.40 6.55 14.59
C GLY A 83 25.06 6.80 16.04
N PRO A 84 24.86 5.72 16.80
CA PRO A 84 24.44 5.86 18.20
C PRO A 84 25.42 6.64 19.06
N GLY A 85 26.65 6.83 18.60
CA GLY A 85 27.59 7.65 19.33
C GLY A 85 27.38 9.12 19.18
N SER A 86 26.45 9.53 18.33
CA SER A 86 26.12 10.94 18.16
C SER A 86 24.77 11.25 18.79
N PRO A 87 24.65 12.37 19.50
CA PRO A 87 23.32 12.77 19.99
C PRO A 87 22.32 13.00 18.87
N ASN A 88 22.78 13.35 17.66
CA ASN A 88 21.85 13.55 16.56
C ASN A 88 21.08 12.27 16.24
N PHE A 89 21.74 11.12 16.38
CA PHE A 89 21.07 9.84 16.13
C PHE A 89 19.89 9.67 17.07
N HIS A 90 20.02 10.14 18.30
CA HIS A 90 18.99 9.97 19.31
C HIS A 90 17.97 11.09 19.32
N LYS A 91 18.33 12.27 18.81
CA LYS A 91 17.41 13.41 18.83
C LYS A 91 16.66 13.61 17.53
N SER A 92 17.23 13.21 16.39
CA SER A 92 16.60 13.53 15.11
C SER A 92 15.20 12.96 15.04
N ASN A 93 14.21 13.83 14.91
CA ASN A 93 12.84 13.36 14.76
C ASN A 93 12.61 12.66 13.42
N ALA A 94 13.41 12.98 12.40
CA ALA A 94 13.33 12.23 11.15
C ALA A 94 13.80 10.80 11.36
N LEU A 95 14.92 10.62 12.05
CA LEU A 95 15.38 9.26 12.35
C LEU A 95 14.40 8.55 13.28
N LYS A 96 13.85 9.27 14.27
CA LYS A 96 12.85 8.67 15.16
C LYS A 96 11.62 8.23 14.37
N THR A 97 11.18 9.03 13.41
CA THR A 97 10.02 8.68 12.61
C THR A 97 10.28 7.42 11.79
N ARG A 99 12.46 4.98 12.45
CA ARG A 99 12.53 3.82 13.33
C ARG A 99 11.14 3.35 13.75
N LYS A 100 10.16 4.26 13.74
CA LYS A 100 8.78 3.88 14.03
C LYS A 100 8.04 3.39 12.80
N GLN A 101 8.36 3.92 11.61
CA GLN A 101 7.67 3.59 10.36
C GLN A 101 8.68 3.10 9.34
N PRO A 102 8.97 1.79 9.33
CA PRO A 102 10.08 1.29 8.49
C PRO A 102 9.87 1.46 7.00
N GLN A 103 8.63 1.55 6.52
CA GLN A 103 8.41 1.81 5.10
C GLN A 103 8.96 3.17 4.69
N LEU A 104 9.22 4.05 5.65
CA LEU A 104 9.78 5.35 5.34
C LEU A 104 11.27 5.29 5.10
N GLN A 105 11.96 4.29 5.66
CA GLN A 105 13.43 4.21 5.66
C GLN A 105 14.05 4.60 4.32
N GLY A 106 14.98 5.56 4.37
CA GLY A 106 15.65 6.06 3.18
C GLY A 106 14.96 7.21 2.46
N LYS A 107 13.71 7.53 2.81
CA LYS A 107 12.89 8.53 2.12
C LYS A 107 12.97 9.94 2.72
N LEU A 108 13.36 10.10 3.98
CA LEU A 108 13.29 11.39 4.67
C LEU A 108 14.67 11.98 4.77
N LEU A 109 14.78 13.26 4.41
CA LEU A 109 16.04 14.01 4.54
C LEU A 109 17.20 13.28 3.88
N ALA A 110 16.92 12.51 2.84
CA ALA A 110 17.93 11.74 2.14
C ALA A 110 18.26 12.42 0.82
N LYS A 111 19.55 12.66 0.58
CA LYS A 111 19.96 13.23 -0.69
C LYS A 111 19.45 12.37 -1.83
N GLY A 112 18.92 13.03 -2.85
CA GLY A 112 18.31 12.35 -3.98
C GLY A 112 16.84 12.02 -3.80
N SER A 113 16.26 12.31 -2.64
CA SER A 113 14.85 12.02 -2.38
C SER A 113 14.01 13.28 -2.58
N TRP A 114 12.72 13.05 -2.83
CA TRP A 114 11.77 14.15 -2.91
C TRP A 114 11.75 14.96 -1.62
N ASP A 115 11.72 14.26 -0.48
CA ASP A 115 11.70 14.93 0.82
C ASP A 115 12.80 15.97 0.95
N TYR A 116 14.00 15.65 0.44
CA TYR A 116 15.19 16.49 0.58
C TYR A 116 15.20 17.67 -0.39
N GLN A 117 14.45 17.61 -1.48
CA GLN A 117 14.49 18.66 -2.48
C GLN A 117 13.93 19.96 -1.94
N LEU A 118 14.48 21.07 -2.42
CA LEU A 118 13.82 22.35 -2.22
C LEU A 118 12.42 22.30 -2.85
N VAL A 119 11.48 23.00 -2.21
CA VAL A 119 10.11 22.98 -2.70
C VAL A 119 10.08 23.54 -4.12
N ASP A 120 9.11 23.05 -4.92
CA ASP A 120 9.07 23.37 -6.34
C ASP A 120 9.05 24.87 -6.60
N GLU A 121 8.43 25.64 -5.72
CA GLU A 121 8.26 27.07 -5.93
C GLU A 121 9.56 27.86 -5.76
N LEU A 122 10.57 27.28 -5.11
CA LEU A 122 11.78 28.01 -4.76
C LEU A 122 12.94 27.44 -5.56
N VAL A 123 13.42 28.23 -6.52
CA VAL A 123 14.41 27.76 -7.49
C VAL A 123 15.68 28.59 -7.40
N PRO A 124 16.79 28.04 -6.90
CA PRO A 124 18.04 28.81 -6.86
C PRO A 124 18.47 29.23 -8.26
N GLN A 125 19.07 30.41 -8.34
CA GLN A 125 19.51 31.00 -9.59
C GLN A 125 21.02 31.02 -9.67
N PRO A 126 21.58 31.10 -10.88
CA PRO A 126 23.04 31.25 -11.02
C PRO A 126 23.56 32.39 -10.14
N GLY A 127 24.67 32.13 -9.45
CA GLY A 127 25.22 33.06 -8.51
C GLY A 127 24.77 32.85 -7.08
N ASP A 128 23.62 32.22 -6.86
CA ASP A 128 23.26 31.78 -5.54
C ASP A 128 24.21 30.66 -5.10
N ILE A 129 24.28 30.45 -3.79
CA ILE A 129 25.02 29.34 -3.21
C ILE A 129 24.02 28.40 -2.56
N VAL A 130 24.11 27.12 -2.88
CA VAL A 130 23.27 26.08 -2.28
C VAL A 130 24.19 25.22 -1.43
N LEU A 131 23.93 25.17 -0.13
CA LEU A 131 24.82 24.52 0.82
C LEU A 131 24.08 23.36 1.50
N PRO A 132 24.64 22.16 1.50
CA PRO A 132 24.10 21.11 2.37
C PRO A 132 24.59 21.32 3.80
N LYS A 133 23.82 20.81 4.76
CA LYS A 133 24.31 20.78 6.13
C LYS A 133 23.82 19.53 6.82
N PRO A 134 24.64 18.95 7.71
CA PRO A 134 24.28 17.69 8.37
C PRO A 134 23.64 17.85 9.74
N ARG A 135 23.62 19.07 10.28
CA ARG A 135 23.03 19.34 11.58
C ARG A 135 22.25 20.65 11.52
N TYR A 136 21.48 20.91 12.59
CA TYR A 136 20.53 22.03 12.55
C TYR A 136 21.21 23.36 12.22
N SER A 137 22.37 23.62 12.83
CA SER A 137 23.01 24.92 12.66
C SER A 137 23.82 24.95 11.36
N GLY A 138 23.60 25.97 10.54
CA GLY A 138 24.37 26.12 9.33
C GLY A 138 25.82 26.51 9.55
N PHE A 139 26.21 26.85 10.77
CA PHE A 139 27.57 27.26 11.08
C PHE A 139 28.44 26.16 11.63
N PHE A 140 27.91 24.97 11.85
CA PHE A 140 28.75 23.85 12.25
C PHE A 140 28.90 22.89 11.07
N ASN A 141 30.13 22.41 10.86
CA ASN A 141 30.42 21.35 9.90
C ASN A 141 30.29 21.78 8.45
N THR A 142 30.24 23.08 8.18
CA THR A 142 30.03 23.60 6.83
C THR A 142 31.05 24.67 6.54
N PRO A 143 31.15 25.11 5.27
CA PRO A 143 31.97 26.28 4.94
C PRO A 143 31.23 27.61 5.03
N LEU A 144 30.08 27.67 5.70
CA LEU A 144 29.28 28.90 5.70
C LEU A 144 30.09 30.10 6.19
N ASP A 145 30.74 29.98 7.34
CA ASP A 145 31.52 31.09 7.90
C ASP A 145 32.61 31.53 6.92
N SER A 146 33.30 30.57 6.30
CA SER A 146 34.33 30.90 5.33
C SER A 146 33.75 31.63 4.12
N ILE A 147 32.61 31.15 3.62
CA ILE A 147 31.95 31.78 2.47
C ILE A 147 31.62 33.24 2.78
N LEU A 148 31.06 33.48 3.96
CA LEU A 148 30.67 34.85 4.33
C LEU A 148 31.89 35.74 4.52
N ARG A 149 32.90 35.24 5.24
CA ARG A 149 34.10 36.04 5.49
C ARG A 149 34.82 36.38 4.20
N SER A 150 34.88 35.44 3.25
CA SER A 150 35.56 35.68 1.99
C SER A 150 34.93 36.82 1.20
N ARG A 151 33.70 37.19 1.51
CA ARG A 151 33.00 38.29 0.85
C ARG A 151 32.82 39.49 1.77
N GLY A 152 33.43 39.47 2.96
CA GLY A 152 33.30 40.59 3.87
C GLY A 152 31.88 40.82 4.35
N ILE A 153 31.07 39.76 4.40
CA ILE A 153 29.68 39.88 4.80
C ILE A 153 29.59 39.86 6.32
N ARG A 154 28.89 40.84 6.88
CA ARG A 154 28.69 40.88 8.33
C ARG A 154 27.22 40.88 8.75
N HIS A 155 26.29 41.04 7.81
CA HIS A 155 24.88 41.06 8.14
C HIS A 155 24.20 39.89 7.44
N LEU A 156 23.37 39.16 8.20
CA LEU A 156 22.67 38.00 7.71
C LEU A 156 21.18 38.19 7.91
N VAL A 157 20.42 38.00 6.84
CA VAL A 157 18.97 38.11 6.88
C VAL A 157 18.42 36.71 6.75
N PHE A 158 17.73 36.24 7.79
CA PHE A 158 17.30 34.85 7.92
C PHE A 158 15.84 34.67 7.53
N THR A 159 15.58 33.62 6.75
CA THR A 159 14.24 33.15 6.46
C THR A 159 14.27 31.63 6.55
N GLY A 160 13.09 31.02 6.60
CA GLY A 160 13.03 29.57 6.52
C GLY A 160 12.44 28.89 7.74
N ILE A 161 12.67 27.58 7.82
CA ILE A 161 12.06 26.69 8.80
C ILE A 161 13.16 25.79 9.34
N ALA A 162 13.13 25.49 10.64
CA ALA A 162 12.17 25.98 11.62
C ALA A 162 12.76 27.16 12.40
N THR A 163 11.89 28.12 12.71
CA THR A 163 12.32 29.34 13.38
C THR A 163 13.09 29.02 14.66
N ASN A 164 12.58 28.08 15.46
CA ASN A 164 13.15 27.78 16.76
C ASN A 164 14.28 26.77 16.70
N VAL A 165 14.51 26.14 15.55
CA VAL A 165 15.52 25.09 15.46
C VAL A 165 16.64 25.54 14.54
N CYS A 166 16.53 25.25 13.24
CA CYS A 166 17.64 25.51 12.33
C CYS A 166 17.85 27.01 12.12
N VAL A 167 16.78 27.79 12.05
CA VAL A 167 16.94 29.23 11.89
C VAL A 167 17.58 29.83 13.13
N GLU A 168 16.98 29.61 14.31
CA GLU A 168 17.50 30.23 15.53
C GLU A 168 18.91 29.74 15.85
N SER A 169 19.17 28.45 15.66
CA SER A 169 20.51 27.93 15.94
C SER A 169 21.56 28.60 15.05
N THR A 170 21.24 28.77 13.78
CA THR A 170 22.18 29.41 12.87
C THR A 170 22.37 30.88 13.21
N LEU A 171 21.29 31.56 13.61
CA LEU A 171 21.42 32.96 13.99
C LEU A 171 22.21 33.09 15.28
N ARG A 172 21.92 32.25 16.28
CA ARG A 172 22.66 32.30 17.53
C ARG A 172 24.15 32.07 17.29
N ASP A 173 24.49 31.04 16.51
CA ASP A 173 25.90 30.78 16.22
C ASP A 173 26.51 31.88 15.38
N GLY A 174 25.73 32.48 14.49
CA GLY A 174 26.20 33.67 13.79
C GLY A 174 26.58 34.78 14.74
N PHE A 175 25.76 35.01 15.76
CA PHE A 175 26.06 36.03 16.76
C PHE A 175 27.39 35.74 17.45
N PHE A 176 27.64 34.46 17.80
CA PHE A 176 28.90 34.09 18.42
C PHE A 176 30.09 34.22 17.48
N LEU A 177 29.84 34.21 16.16
CA LEU A 177 30.87 34.48 15.17
C LEU A 177 30.87 35.94 14.72
N GLU A 178 30.18 36.82 15.47
CA GLU A 178 30.21 38.27 15.29
C GLU A 178 29.44 38.74 14.07
N TYR A 179 28.46 37.96 13.63
CA TYR A 179 27.53 38.38 12.59
C TYR A 179 26.30 39.08 13.18
N PHE A 180 25.82 40.09 12.47
CA PHE A 180 24.58 40.78 12.81
C PHE A 180 23.44 40.08 12.07
N GLY A 181 22.53 39.45 12.83
CA GLY A 181 21.49 38.62 12.26
C GLY A 181 20.11 39.25 12.41
N VAL A 182 19.37 39.28 11.30
CA VAL A 182 18.01 39.79 11.26
C VAL A 182 17.12 38.67 10.74
N VAL A 183 16.04 38.38 11.43
CA VAL A 183 15.08 37.39 10.98
C VAL A 183 13.84 38.10 10.44
N LEU A 184 13.37 37.66 9.28
CA LEU A 184 12.14 38.20 8.69
C LEU A 184 11.00 37.32 9.18
N GLU A 185 10.27 37.81 10.18
CA GLU A 185 9.39 36.93 10.96
C GLU A 185 8.30 36.29 10.11
N ASP A 186 7.74 37.02 9.15
CA ASP A 186 6.70 36.43 8.31
C ASP A 186 7.24 35.52 7.23
N ALA A 187 8.56 35.37 7.12
CA ALA A 187 9.17 34.42 6.20
C ALA A 187 9.76 33.23 6.95
N THR A 188 9.22 32.93 8.12
CA THR A 188 9.67 31.81 8.94
C THR A 188 8.47 31.03 9.47
N HIS A 189 8.72 29.80 9.89
CA HIS A 189 7.69 29.01 10.55
C HIS A 189 8.35 28.06 11.54
N GLN A 190 7.70 27.87 12.69
CA GLN A 190 8.28 27.09 13.77
C GLN A 190 8.02 25.60 13.58
N ALA A 191 8.75 24.79 14.34
CA ALA A 191 8.46 23.37 14.50
C ALA A 191 8.01 23.20 15.95
N GLY A 192 6.70 23.02 16.14
CA GLY A 192 6.11 22.93 17.45
C GLY A 192 4.89 23.82 17.57
N PRO A 193 4.38 24.00 18.78
CA PRO A 193 3.24 24.90 18.99
C PRO A 193 3.59 26.34 18.70
N LYS A 194 2.57 27.19 18.66
CA LYS A 194 2.77 28.58 18.27
C LYS A 194 3.69 29.32 19.23
N PHE A 195 3.72 28.91 20.50
CA PHE A 195 4.61 29.58 21.45
C PHE A 195 6.07 29.44 21.05
N ALA A 196 6.41 28.40 20.29
CA ALA A 196 7.78 28.22 19.87
C ALA A 196 8.19 29.27 18.86
N GLN A 197 7.23 29.77 18.08
CA GLN A 197 7.51 30.90 17.19
C GLN A 197 7.71 32.18 18.00
N LYS A 198 6.76 32.48 18.88
CA LYS A 198 6.85 33.66 19.73
C LYS A 198 8.14 33.66 20.54
N ALA A 199 8.48 32.51 21.15
CA ALA A 199 9.68 32.45 21.98
C ALA A 199 10.95 32.61 21.16
N ALA A 200 10.99 32.02 19.96
CA ALA A 200 12.18 32.18 19.12
C ALA A 200 12.38 33.64 18.78
N LEU A 201 11.32 34.32 18.37
CA LEU A 201 11.46 35.72 18.01
C LEU A 201 11.80 36.58 19.22
N PHE A 202 11.20 36.26 20.37
CA PHE A 202 11.56 36.96 21.60
C PHE A 202 13.04 36.79 21.92
N ASN A 203 13.55 35.58 21.81
CA ASN A 203 14.94 35.36 22.14
C ASN A 203 15.86 36.09 21.17
N ILE A 204 15.50 36.08 19.89
CA ILE A 204 16.31 36.79 18.90
C ILE A 204 16.30 38.28 19.18
N GLU A 205 15.09 38.86 19.27
CA GLU A 205 14.96 40.30 19.49
C GLU A 205 15.64 40.74 20.79
N THR A 206 15.56 39.92 21.83
CA THR A 206 16.01 40.37 23.14
C THR A 206 17.50 40.16 23.35
N PHE A 207 18.09 39.13 22.75
CA PHE A 207 19.45 38.73 23.11
C PHE A 207 20.42 38.59 21.95
N PHE A 208 19.94 38.24 20.76
CA PHE A 208 20.84 37.76 19.71
C PHE A 208 20.85 38.59 18.45
N GLY A 209 19.76 39.25 18.10
CA GLY A 209 19.72 39.93 16.82
C GLY A 209 18.51 40.82 16.68
N TRP A 210 17.94 40.86 15.47
CA TRP A 210 16.87 41.79 15.15
C TRP A 210 15.76 41.05 14.41
N VAL A 211 14.53 41.57 14.56
CA VAL A 211 13.36 41.01 13.91
C VAL A 211 12.74 42.08 13.02
N SER A 212 12.58 41.77 11.74
CA SER A 212 11.87 42.63 10.81
C SER A 212 10.85 41.76 10.08
N ASP A 213 10.38 42.23 8.92
CA ASP A 213 9.42 41.49 8.11
C ASP A 213 9.72 41.74 6.64
N VAL A 214 9.07 40.95 5.77
CA VAL A 214 9.45 40.93 4.36
C VAL A 214 9.17 42.28 3.69
N GLU A 215 7.98 42.85 3.92
CA GLU A 215 7.64 44.10 3.26
C GLU A 215 8.60 45.21 3.66
N THR A 216 8.87 45.34 4.96
CA THR A 216 9.81 46.35 5.43
C THR A 216 11.18 46.14 4.81
N PHE A 217 11.62 44.89 4.75
CA PHE A 217 12.90 44.54 4.12
C PHE A 217 12.92 44.97 2.67
N CYS A 218 11.87 44.63 1.92
CA CYS A 218 11.83 44.94 0.49
C CYS A 218 11.78 46.44 0.25
N ASP A 219 11.00 47.16 1.05
CA ASP A 219 10.96 48.63 0.94
C ASP A 219 12.33 49.23 1.21
N ALA A 220 13.05 48.71 2.20
CA ALA A 220 14.36 49.25 2.53
C ALA A 220 15.36 49.05 1.40
N LEU A 221 15.22 47.97 0.63
CA LEU A 221 16.14 47.64 -0.45
C LEU A 221 15.84 48.39 -1.74
N SER A 222 14.65 48.97 -1.88
CA SER A 222 14.22 49.62 -3.12
C SER A 222 15.27 50.53 -3.77
N PRO A 223 15.95 51.43 -3.05
CA PRO A 223 16.95 52.28 -3.71
C PRO A 223 18.21 51.55 -4.19
N THR B 2 -15.61 23.23 24.34
CA THR B 2 -14.15 23.12 24.26
C THR B 2 -13.78 22.03 23.27
N THR B 3 -12.83 22.30 22.40
CA THR B 3 -12.20 21.28 21.57
C THR B 3 -10.82 20.98 22.14
N LEU B 4 -10.55 19.69 22.37
CA LEU B 4 -9.30 19.27 22.97
C LEU B 4 -8.54 18.42 21.97
N THR B 5 -7.36 18.86 21.57
CA THR B 5 -6.49 18.02 20.76
C THR B 5 -6.17 16.76 21.53
N ALA B 6 -6.33 15.63 20.88
CA ALA B 6 -6.12 14.34 21.52
C ALA B 6 -5.80 13.31 20.44
N ARG B 7 -5.29 12.17 20.89
CA ARG B 7 -5.18 10.98 20.05
C ARG B 7 -6.39 10.09 20.30
N PRO B 8 -6.98 9.50 19.27
CA PRO B 8 -6.50 9.50 17.88
C PRO B 8 -6.97 10.72 17.08
N GLU B 9 -7.89 11.50 17.65
CA GLU B 9 -8.35 12.74 17.03
C GLU B 9 -8.89 13.65 18.12
N ALA B 10 -9.05 14.93 17.76
CA ALA B 10 -9.56 15.91 18.71
C ALA B 10 -11.00 15.57 19.10
N ILE B 11 -11.40 16.04 20.28
CA ILE B 11 -12.75 15.81 20.76
C ILE B 11 -13.29 17.07 21.42
N THR B 12 -14.60 17.21 21.35
CA THR B 12 -15.30 18.33 21.95
C THR B 12 -15.94 17.91 23.26
N PHE B 13 -15.86 18.78 24.26
CA PHE B 13 -16.61 18.59 25.48
C PHE B 13 -16.94 19.94 26.10
N ASP B 14 -18.02 19.96 26.89
CA ASP B 14 -18.38 21.14 27.66
C ASP B 14 -17.82 20.94 29.06
N PRO B 15 -16.84 21.73 29.50
CA PRO B 15 -16.30 21.57 30.85
C PRO B 15 -17.34 21.53 31.95
N GLN B 16 -18.45 22.27 31.81
CA GLN B 16 -19.46 22.26 32.85
C GLN B 16 -20.28 20.97 32.87
N GLN B 17 -20.22 20.17 31.81
CA GLN B 17 -20.80 18.83 31.81
C GLN B 17 -19.71 17.76 31.80
N SER B 18 -18.59 18.03 32.46
CA SER B 18 -17.46 17.10 32.47
C SER B 18 -16.93 16.99 33.89
N ALA B 19 -16.16 15.93 34.14
CA ALA B 19 -15.54 15.75 35.45
C ALA B 19 -14.09 15.36 35.26
N LEU B 20 -13.23 15.91 36.13
CA LEU B 20 -11.85 15.47 36.23
C LEU B 20 -11.78 14.48 37.38
N ILE B 21 -11.29 13.27 37.09
CA ILE B 21 -11.19 12.21 38.08
C ILE B 21 -9.72 12.03 38.44
N VAL B 22 -9.40 12.16 39.73
CA VAL B 22 -8.05 11.93 40.23
C VAL B 22 -8.06 10.56 40.89
N VAL B 23 -7.48 9.57 40.24
CA VAL B 23 -7.56 8.18 40.68
C VAL B 23 -6.44 7.90 41.67
N ASP B 24 -6.81 7.67 42.93
CA ASP B 24 -5.96 6.98 43.92
C ASP B 24 -4.61 7.65 44.13
N GLN B 26 -2.89 8.49 46.51
CA GLN B 26 -2.63 8.23 47.91
C GLN B 26 -1.16 7.86 48.09
N ASN B 27 -0.69 7.96 49.33
CA ASN B 27 0.70 7.56 49.61
C ASN B 27 0.96 6.14 49.15
N ALA B 28 -0.04 5.26 49.30
CA ALA B 28 0.05 3.89 48.82
C ALA B 28 0.55 3.81 47.38
N TYR B 29 0.10 4.72 46.52
CA TYR B 29 0.36 4.58 45.09
C TYR B 29 1.41 5.55 44.58
N ALA B 30 1.73 6.60 45.34
CA ALA B 30 2.55 7.69 44.83
C ALA B 30 3.75 8.06 45.70
N THR B 31 3.90 7.46 46.88
CA THR B 31 4.92 7.92 47.80
C THR B 31 5.88 6.80 48.18
N PRO B 32 7.18 7.08 48.26
CA PRO B 32 8.11 6.09 48.82
C PRO B 32 7.64 5.64 50.20
N GLY B 33 7.77 4.34 50.45
CA GLY B 33 7.28 3.76 51.68
C GLY B 33 5.83 3.36 51.66
N GLY B 34 5.09 3.70 50.61
CA GLY B 34 3.70 3.29 50.48
C GLY B 34 3.59 1.88 49.98
N TYR B 35 2.35 1.41 49.90
CA TYR B 35 2.07 0.03 49.47
C TYR B 35 2.81 -0.35 48.19
N LEU B 36 2.62 0.40 47.10
CA LEU B 36 3.25 -0.01 45.84
C LEU B 36 4.75 -0.15 46.00
N ASP B 37 5.39 0.79 46.70
CA ASP B 37 6.82 0.71 46.94
C ASP B 37 7.18 -0.55 47.71
N LEU B 38 6.48 -0.81 48.81
CA LEU B 38 6.77 -1.97 49.65
C LEU B 38 6.48 -3.29 48.94
N ALA B 39 5.58 -3.27 47.96
CA ALA B 39 5.25 -4.46 47.19
C ALA B 39 6.19 -4.71 46.04
N GLY B 40 7.17 -3.83 45.82
CA GLY B 40 8.18 -4.06 44.81
C GLY B 40 7.98 -3.32 43.51
N PHE B 41 7.04 -2.39 43.46
CA PHE B 41 6.85 -1.55 42.29
C PHE B 41 7.72 -0.31 42.41
N ASP B 42 8.08 0.26 41.26
CA ASP B 42 8.94 1.43 41.20
C ASP B 42 8.07 2.67 41.28
N VAL B 43 8.16 3.38 42.41
CA VAL B 43 7.46 4.64 42.61
C VAL B 43 8.37 5.85 42.50
N SER B 44 9.66 5.63 42.20
CA SER B 44 10.66 6.70 42.22
C SER B 44 10.47 7.73 41.10
N THR B 45 9.66 7.44 40.08
CA THR B 45 9.46 8.34 38.96
C THR B 45 8.09 9.03 39.00
N THR B 46 7.44 9.03 40.16
CA THR B 46 6.06 9.48 40.29
C THR B 46 5.94 10.97 40.64
N ARG B 47 7.03 11.61 41.08
CA ARG B 47 6.96 13.02 41.46
C ARG B 47 6.36 13.94 40.38
N PRO B 48 6.75 13.86 39.10
CA PRO B 48 6.14 14.76 38.11
C PRO B 48 4.65 14.54 37.93
N VAL B 49 4.17 13.33 38.23
CA VAL B 49 2.74 13.05 38.11
C VAL B 49 1.95 13.87 39.12
N ILE B 50 2.44 13.95 40.37
CA ILE B 50 1.79 14.76 41.39
C ILE B 50 1.72 16.21 40.93
N ALA B 51 2.83 16.74 40.42
CA ALA B 51 2.86 18.13 39.98
C ALA B 51 1.91 18.37 38.82
N ASN B 52 1.89 17.46 37.86
CA ASN B 52 1.01 17.62 36.70
C ASN B 52 -0.46 17.54 37.09
N ILE B 53 -0.79 16.70 38.08
CA ILE B 53 -2.17 16.62 38.52
C ILE B 53 -2.59 17.91 39.21
N GLN B 54 -1.69 18.50 40.01
CA GLN B 54 -1.98 19.81 40.59
C GLN B 54 -2.32 20.82 39.50
N THR B 55 -1.54 20.83 38.42
CA THR B 55 -1.79 21.75 37.33
C THR B 55 -3.15 21.50 36.69
N ALA B 56 -3.46 20.23 36.40
CA ALA B 56 -4.72 19.91 35.76
C ALA B 56 -5.91 20.25 36.67
N VAL B 57 -5.81 19.94 37.96
CA VAL B 57 -6.90 20.22 38.89
C VAL B 57 -7.19 21.71 38.94
N THR B 58 -6.14 22.54 39.00
CA THR B 58 -6.33 23.98 39.04
C THR B 58 -7.10 24.47 37.82
N ALA B 59 -6.69 24.02 36.63
CA ALA B 59 -7.36 24.44 35.40
C ALA B 59 -8.77 23.91 35.32
N ALA B 60 -8.97 22.64 35.70
CA ALA B 60 -10.29 22.03 35.60
C ALA B 60 -11.28 22.73 36.52
N ARG B 61 -10.88 22.98 37.78
CA ARG B 61 -11.80 23.64 38.70
C ARG B 61 -12.15 25.03 38.23
N ALA B 62 -11.16 25.78 37.72
CA ALA B 62 -11.41 27.13 37.24
C ALA B 62 -12.35 27.14 36.04
N ALA B 63 -12.38 26.04 35.28
CA ALA B 63 -13.25 25.95 34.11
C ALA B 63 -14.64 25.43 34.43
N GLY B 64 -14.96 25.19 35.70
CA GLY B 64 -16.26 24.68 36.05
C GLY B 64 -16.39 23.17 36.04
N LEU B 66 -16.29 19.49 37.63
CA LEU B 66 -16.33 18.79 38.89
C LEU B 66 -15.06 17.96 39.06
N ILE B 67 -14.48 18.02 40.25
CA ILE B 67 -13.28 17.26 40.59
C ILE B 67 -13.70 16.13 41.52
N ILE B 68 -13.39 14.90 41.12
CA ILE B 68 -13.67 13.71 41.92
C ILE B 68 -12.35 13.04 42.28
N TRP B 69 -12.09 12.89 43.57
CA TRP B 69 -10.90 12.21 44.07
C TRP B 69 -11.29 10.82 44.54
N PHE B 70 -10.61 9.79 44.04
CA PHE B 70 -10.81 8.44 44.54
C PHE B 70 -9.79 8.14 45.63
N GLN B 71 -10.22 7.39 46.66
CA GLN B 71 -9.30 6.74 47.59
C GLN B 71 -9.64 5.26 47.60
N ASN B 72 -8.68 4.44 47.22
CA ASN B 72 -8.87 3.00 47.19
C ASN B 72 -8.46 2.41 48.53
N GLY B 73 -9.29 1.51 49.05
CA GLY B 73 -8.90 0.79 50.24
C GLY B 73 -10.10 0.42 51.10
N TRP B 74 -9.79 0.04 52.34
CA TRP B 74 -10.71 -0.76 53.14
C TRP B 74 -10.59 -0.41 54.62
N ASP B 75 -11.55 -0.91 55.39
CA ASP B 75 -11.42 -0.92 56.84
C ASP B 75 -10.12 -1.62 57.23
N GLU B 76 -9.60 -1.27 58.40
CA GLU B 76 -8.32 -1.80 58.87
C GLU B 76 -8.36 -3.31 59.09
N GLN B 77 -9.55 -3.90 59.24
CA GLN B 77 -9.66 -5.35 59.35
C GLN B 77 -9.82 -6.03 58.00
N TYR B 78 -9.91 -5.25 56.91
CA TYR B 78 -9.99 -5.74 55.54
C TYR B 78 -11.25 -6.54 55.24
N VAL B 79 -12.31 -6.37 56.05
CA VAL B 79 -13.60 -6.97 55.73
C VAL B 79 -14.04 -6.56 54.34
N GLU B 80 -13.85 -5.28 54.00
CA GLU B 80 -14.32 -4.74 52.74
C GLU B 80 -13.49 -5.20 51.55
N ALA B 81 -12.33 -5.83 51.79
CA ALA B 81 -11.52 -6.38 50.71
C ALA B 81 -12.02 -7.74 50.25
N GLY B 82 -12.95 -8.34 50.99
CA GLY B 82 -13.40 -9.68 50.70
C GLY B 82 -12.52 -10.72 51.37
N GLY B 83 -13.11 -11.82 51.82
CA GLY B 83 -12.36 -12.92 52.33
C GLY B 83 -11.95 -13.85 51.20
N PRO B 84 -11.55 -15.08 51.55
CA PRO B 84 -11.07 -16.03 50.52
C PRO B 84 -12.10 -16.37 49.46
N GLY B 85 -13.37 -16.04 49.67
CA GLY B 85 -14.37 -16.24 48.65
C GLY B 85 -14.36 -15.21 47.56
N SER B 86 -13.55 -14.17 47.70
CA SER B 86 -13.46 -13.11 46.70
C SER B 86 -12.12 -13.20 45.97
N PRO B 87 -12.11 -13.06 44.63
CA PRO B 87 -10.83 -13.02 43.94
C PRO B 87 -9.95 -11.86 44.40
N ASN B 88 -10.53 -10.79 44.92
CA ASN B 88 -9.72 -9.67 45.39
C ASN B 88 -8.81 -10.10 46.53
N PHE B 89 -9.29 -10.99 47.41
CA PHE B 89 -8.47 -11.50 48.51
C PHE B 89 -7.21 -12.16 47.98
N HIS B 90 -7.33 -12.84 46.84
CA HIS B 90 -6.23 -13.62 46.27
C HIS B 90 -5.39 -12.81 45.30
N LYS B 91 -5.93 -11.72 44.75
CA LYS B 91 -5.22 -10.91 43.77
C LYS B 91 -4.55 -9.68 44.37
N SER B 92 -5.13 -9.09 45.42
CA SER B 92 -4.63 -7.81 45.91
C SER B 92 -3.17 -7.93 46.29
N ASN B 93 -2.32 -7.14 45.65
CA ASN B 93 -0.92 -7.14 46.03
C ASN B 93 -0.68 -6.52 47.40
N ALA B 94 -1.57 -5.65 47.87
CA ALA B 94 -1.46 -5.15 49.23
C ALA B 94 -1.70 -6.27 50.24
N LEU B 95 -2.76 -7.06 50.01
CA LEU B 95 -3.01 -8.19 50.90
C LEU B 95 -1.89 -9.22 50.81
N LYS B 96 -1.40 -9.50 49.61
CA LYS B 96 -0.27 -10.43 49.45
C LYS B 96 0.95 -9.94 50.21
N THR B 97 1.22 -8.63 50.14
CA THR B 97 2.39 -8.07 50.82
C THR B 97 2.27 -8.20 52.33
N ARG B 99 0.50 -10.43 53.93
CA ARG B 99 0.66 -11.85 54.27
C ARG B 99 2.13 -12.25 54.32
N LYS B 100 2.99 -11.59 53.52
CA LYS B 100 4.42 -11.88 53.55
C LYS B 100 5.14 -11.12 54.66
N GLN B 101 4.64 -9.95 55.03
CA GLN B 101 5.27 -9.09 56.04
C GLN B 101 4.20 -8.76 57.08
N PRO B 102 4.03 -9.62 58.07
CA PRO B 102 2.96 -9.40 59.07
C PRO B 102 3.10 -8.13 59.87
N GLN B 103 4.31 -7.54 59.92
CA GLN B 103 4.46 -6.25 60.59
C GLN B 103 3.72 -5.14 59.86
N LEU B 104 3.37 -5.35 58.59
CA LEU B 104 2.58 -4.40 57.81
C LEU B 104 1.08 -4.62 57.96
N GLN B 105 0.65 -5.64 58.72
CA GLN B 105 -0.77 -5.96 58.82
C GLN B 105 -1.55 -4.78 59.36
N GLY B 106 -2.61 -4.40 58.64
CA GLY B 106 -3.42 -3.26 59.00
C GLY B 106 -2.89 -1.92 58.53
N LYS B 107 -1.69 -1.88 57.95
CA LYS B 107 -1.05 -0.61 57.61
C LYS B 107 -1.26 -0.18 56.16
N LEU B 108 -1.57 -1.10 55.26
CA LEU B 108 -1.65 -0.80 53.84
C LEU B 108 -3.10 -0.64 53.43
N LEU B 109 -3.40 0.46 52.74
CA LEU B 109 -4.73 0.69 52.15
C LEU B 109 -5.84 0.65 53.19
N ALA B 110 -5.54 1.06 54.42
CA ALA B 110 -6.49 0.98 55.53
C ALA B 110 -6.99 2.37 55.86
N LYS B 111 -8.31 2.53 55.86
CA LYS B 111 -8.90 3.79 56.31
C LYS B 111 -8.33 4.19 57.66
N GLY B 112 -7.89 5.44 57.76
CA GLY B 112 -7.24 5.94 58.95
C GLY B 112 -5.73 5.84 58.94
N SER B 113 -5.16 5.10 57.99
CA SER B 113 -3.71 4.93 57.92
C SER B 113 -3.06 6.03 57.08
N TRP B 114 -1.76 6.22 57.31
CA TRP B 114 -0.99 7.11 56.45
C TRP B 114 -1.01 6.64 54.99
N ASP B 115 -0.83 5.33 54.78
CA ASP B 115 -0.82 4.75 53.44
C ASP B 115 -2.07 5.15 52.64
N TYR B 116 -3.21 5.20 53.32
CA TYR B 116 -4.49 5.45 52.66
C TYR B 116 -4.73 6.93 52.35
N GLN B 117 -4.06 7.83 53.07
CA GLN B 117 -4.27 9.25 52.86
C GLN B 117 -3.85 9.69 51.46
N LEU B 118 -4.58 10.66 50.92
CA LEU B 118 -4.09 11.37 49.76
C LEU B 118 -2.74 12.01 50.07
N VAL B 119 -1.86 12.04 49.07
CA VAL B 119 -0.55 12.67 49.25
C VAL B 119 -0.71 14.11 49.73
N ASP B 120 0.28 14.58 50.51
CA ASP B 120 0.19 15.88 51.17
C ASP B 120 -0.03 17.02 50.18
N GLU B 121 0.53 16.91 48.97
CA GLU B 121 0.47 17.99 47.99
C GLU B 121 -0.92 18.16 47.37
N LEU B 122 -1.78 17.17 47.47
CA LEU B 122 -3.07 17.17 46.78
C LEU B 122 -4.18 17.30 47.82
N VAL B 123 -4.83 18.46 47.83
CA VAL B 123 -5.77 18.82 48.88
C VAL B 123 -7.13 19.08 48.25
N PRO B 124 -8.09 18.15 48.40
CA PRO B 124 -9.44 18.41 47.93
C PRO B 124 -10.00 19.70 48.51
N GLN B 125 -10.78 20.42 47.70
CA GLN B 125 -11.35 21.69 48.09
C GLN B 125 -12.86 21.56 48.23
N PRO B 126 -13.49 22.45 48.98
CA PRO B 126 -14.96 22.47 49.05
C PRO B 126 -15.55 22.47 47.65
N GLY B 127 -16.56 21.63 47.44
CA GLY B 127 -17.20 21.44 46.16
C GLY B 127 -16.71 20.23 45.40
N ASP B 128 -15.48 19.78 45.65
CA ASP B 128 -15.01 18.52 45.11
C ASP B 128 -15.73 17.36 45.81
N ILE B 129 -15.66 16.19 45.19
CA ILE B 129 -16.21 14.98 45.76
C ILE B 129 -15.05 14.02 46.01
N VAL B 130 -14.98 13.46 47.21
CA VAL B 130 -14.00 12.47 47.56
C VAL B 130 -14.74 11.15 47.76
N LEU B 131 -14.41 10.15 46.95
CA LEU B 131 -15.12 8.89 46.93
C LEU B 131 -14.19 7.76 47.36
N PRO B 132 -14.58 6.94 48.31
CA PRO B 132 -13.84 5.71 48.58
C PRO B 132 -14.27 4.65 47.57
N LYS B 133 -13.35 3.73 47.27
CA LYS B 133 -13.74 2.59 46.46
C LYS B 133 -13.07 1.32 46.97
N PRO B 134 -13.77 0.19 46.91
CA PRO B 134 -13.21 -1.06 47.44
C PRO B 134 -12.52 -1.94 46.42
N ARG B 135 -12.63 -1.63 45.14
CA ARG B 135 -12.00 -2.41 44.09
C ARG B 135 -11.40 -1.45 43.05
N TYR B 136 -10.62 -2.03 42.12
CA TYR B 136 -9.85 -1.18 41.21
C TYR B 136 -10.72 -0.20 40.46
N SER B 137 -11.85 -0.65 39.90
CA SER B 137 -12.70 0.21 39.09
C SER B 137 -13.58 1.11 39.95
N GLY B 138 -13.57 2.42 39.64
CA GLY B 138 -14.42 3.35 40.34
C GLY B 138 -15.90 3.21 40.04
N PHE B 139 -16.26 2.43 39.02
CA PHE B 139 -17.65 2.26 38.63
C PHE B 139 -18.32 1.04 39.22
N PHE B 140 -17.60 0.17 39.90
CA PHE B 140 -18.22 -0.94 40.58
C PHE B 140 -18.31 -0.64 42.06
N ASN B 141 -19.48 -0.93 42.64
CA ASN B 141 -19.71 -0.90 44.08
C ASN B 141 -19.74 0.51 44.66
N THR B 142 -19.88 1.54 43.83
CA THR B 142 -19.81 2.94 44.24
C THR B 142 -21.00 3.69 43.67
N PRO B 143 -21.21 4.95 44.14
CA PRO B 143 -22.20 5.84 43.52
C PRO B 143 -21.66 6.69 42.38
N LEU B 144 -20.49 6.38 41.84
CA LEU B 144 -19.88 7.22 40.80
C LEU B 144 -20.83 7.46 39.63
N ASP B 145 -21.39 6.39 39.05
CA ASP B 145 -22.29 6.55 37.92
C ASP B 145 -23.45 7.44 38.28
N SER B 146 -24.05 7.21 39.45
CA SER B 146 -25.15 8.03 39.92
C SER B 146 -24.75 9.50 40.05
N ILE B 147 -23.59 9.77 40.65
CA ILE B 147 -23.12 11.14 40.82
C ILE B 147 -22.98 11.84 39.48
N LEU B 148 -22.41 11.16 38.49
CA LEU B 148 -22.19 11.78 37.19
C LEU B 148 -23.50 11.99 36.46
N ARG B 149 -24.37 10.97 36.46
CA ARG B 149 -25.66 11.07 35.76
C ARG B 149 -26.50 12.19 36.35
N SER B 150 -26.44 12.36 37.67
CA SER B 150 -27.25 13.36 38.34
C SER B 150 -26.87 14.77 37.91
N ARG B 151 -25.68 14.96 37.38
CA ARG B 151 -25.22 16.25 36.89
C ARG B 151 -25.13 16.30 35.37
N GLY B 152 -25.65 15.27 34.68
CA GLY B 152 -25.59 15.25 33.22
C GLY B 152 -24.18 15.20 32.65
N ILE B 153 -23.24 14.64 33.40
CA ILE B 153 -21.86 14.58 32.95
C ILE B 153 -21.69 13.39 32.01
N ARG B 154 -21.09 13.64 30.85
CA ARG B 154 -20.81 12.57 29.89
C ARG B 154 -19.34 12.46 29.53
N HIS B 155 -18.50 13.41 29.93
CA HIS B 155 -17.09 13.40 29.59
C HIS B 155 -16.28 13.32 30.87
N LEU B 156 -15.31 12.41 30.87
CA LEU B 156 -14.48 12.16 32.04
C LEU B 156 -13.03 12.33 31.64
N VAL B 157 -12.29 13.12 32.42
CA VAL B 157 -10.87 13.32 32.18
C VAL B 157 -10.12 12.64 33.32
N PHE B 158 -9.29 11.67 32.97
CA PHE B 158 -8.70 10.78 33.95
C PHE B 158 -7.24 11.15 34.20
N THR B 159 -6.86 11.10 35.48
CA THR B 159 -5.49 11.23 35.93
C THR B 159 -5.32 10.22 37.06
N GLY B 160 -4.07 9.95 37.41
CA GLY B 160 -3.82 9.16 38.59
C GLY B 160 -3.07 7.86 38.35
N ILE B 161 -3.13 6.95 39.31
CA ILE B 161 -2.31 5.74 39.34
C ILE B 161 -3.20 4.59 39.79
N ALA B 162 -3.04 3.40 39.22
CA ALA B 162 -2.11 3.11 38.13
C ALA B 162 -2.80 3.16 36.78
N THR B 163 -2.08 3.67 35.76
CA THR B 163 -2.66 3.83 34.43
C THR B 163 -3.32 2.54 33.96
N ASN B 164 -2.64 1.41 34.14
CA ASN B 164 -3.07 0.12 33.62
C ASN B 164 -4.05 -0.59 34.53
N VAL B 165 -4.28 -0.11 35.74
CA VAL B 165 -5.13 -0.84 36.66
C VAL B 165 -6.35 -0.01 37.00
N CYS B 166 -6.26 0.83 38.04
CA CYS B 166 -7.46 1.54 38.46
C CYS B 166 -7.88 2.58 37.43
N VAL B 167 -6.92 3.28 36.81
CA VAL B 167 -7.28 4.28 35.81
C VAL B 167 -7.95 3.60 34.62
N GLU B 168 -7.26 2.66 33.99
CA GLU B 168 -7.79 2.03 32.79
C GLU B 168 -9.07 1.27 33.07
N SER B 169 -9.16 0.62 34.24
CA SER B 169 -10.40 -0.10 34.54
C SER B 169 -11.57 0.86 34.63
N THR B 170 -11.39 1.98 35.30
CA THR B 170 -12.48 2.95 35.44
C THR B 170 -12.84 3.54 34.09
N LEU B 171 -11.84 3.84 33.26
CA LEU B 171 -12.10 4.35 31.91
C LEU B 171 -12.82 3.32 31.05
N ARG B 172 -12.38 2.05 31.05
CA ARG B 172 -13.06 1.03 30.27
C ARG B 172 -14.50 0.88 30.72
N ASP B 173 -14.73 0.79 32.03
CA ASP B 173 -16.10 0.66 32.53
C ASP B 173 -16.93 1.90 32.24
N GLY B 174 -16.30 3.08 32.31
CA GLY B 174 -16.97 4.29 31.86
C GLY B 174 -17.46 4.17 30.42
N PHE B 175 -16.60 3.63 29.53
CA PHE B 175 -16.98 3.43 28.14
C PHE B 175 -18.21 2.52 28.03
N PHE B 176 -18.25 1.44 28.84
CA PHE B 176 -19.41 0.55 28.82
C PHE B 176 -20.66 1.20 29.37
N LEU B 177 -20.51 2.27 30.16
CA LEU B 177 -21.61 3.06 30.68
C LEU B 177 -21.85 4.32 29.84
N GLU B 178 -21.24 4.37 28.66
CA GLU B 178 -21.48 5.40 27.65
C GLU B 178 -20.86 6.74 27.99
N TYR B 179 -19.77 6.74 28.78
CA TYR B 179 -19.00 7.94 29.03
C TYR B 179 -17.85 8.05 28.03
N PHE B 180 -17.54 9.27 27.66
CA PHE B 180 -16.39 9.58 26.82
C PHE B 180 -15.23 9.88 27.76
N GLY B 181 -14.20 9.02 27.74
CA GLY B 181 -13.07 9.13 28.65
C GLY B 181 -11.81 9.58 27.95
N VAL B 182 -11.14 10.57 28.54
CA VAL B 182 -9.85 11.07 28.09
C VAL B 182 -8.88 10.87 29.23
N VAL B 183 -7.69 10.37 28.92
CA VAL B 183 -6.62 10.24 29.90
C VAL B 183 -5.56 11.28 29.58
N LEU B 184 -5.08 11.96 30.61
CA LEU B 184 -3.95 12.89 30.47
C LEU B 184 -2.69 12.10 30.78
N GLU B 185 -1.95 11.72 29.73
CA GLU B 185 -0.94 10.68 29.88
C GLU B 185 0.17 11.08 30.84
N ASP B 186 0.58 12.35 30.82
CA ASP B 186 1.65 12.76 31.72
C ASP B 186 1.17 13.02 33.15
N ALA B 187 -0.12 12.81 33.42
CA ALA B 187 -0.66 12.84 34.76
C ALA B 187 -1.07 11.45 35.23
N THR B 188 -0.42 10.41 34.70
CA THR B 188 -0.63 9.03 35.12
C THR B 188 0.71 8.34 35.27
N HIS B 189 0.70 7.21 35.98
CA HIS B 189 1.87 6.35 36.06
C HIS B 189 1.40 4.92 36.24
N GLN B 190 2.08 3.98 35.59
CA GLN B 190 1.67 2.59 35.55
C GLN B 190 2.17 1.85 36.79
N ALA B 191 1.60 0.67 37.02
CA ALA B 191 2.13 -0.28 37.99
C ALA B 191 2.65 -1.46 37.17
N GLY B 192 3.97 -1.55 37.03
CA GLY B 192 4.58 -2.60 36.25
C GLY B 192 5.68 -2.05 35.34
N PRO B 193 6.13 -2.86 34.39
CA PRO B 193 7.18 -2.41 33.46
C PRO B 193 6.67 -1.32 32.54
N LYS B 194 7.61 -0.77 31.77
CA LYS B 194 7.26 0.32 30.87
C LYS B 194 6.18 -0.08 29.86
N PHE B 195 6.14 -1.35 29.42
CA PHE B 195 5.09 -1.75 28.49
C PHE B 195 3.70 -1.57 29.09
N ALA B 196 3.58 -1.52 30.41
CA ALA B 196 2.25 -1.39 31.02
C ALA B 196 1.70 0.01 30.84
N GLN B 197 2.56 1.03 30.83
CA GLN B 197 2.12 2.37 30.48
C GLN B 197 1.79 2.44 29.00
N LYS B 198 2.70 1.94 28.16
CA LYS B 198 2.53 2.02 26.72
C LYS B 198 1.25 1.32 26.28
N ALA B 199 1.03 0.10 26.77
CA ALA B 199 -0.14 -0.65 26.34
C ALA B 199 -1.44 -0.04 26.86
N ALA B 200 -1.43 0.50 28.09
CA ALA B 200 -2.64 1.13 28.59
C ALA B 200 -3.03 2.31 27.71
N LEU B 201 -2.07 3.15 27.37
CA LEU B 201 -2.36 4.28 26.48
C LEU B 201 -2.78 3.80 25.10
N PHE B 202 -2.11 2.78 24.57
CA PHE B 202 -2.48 2.22 23.28
C PHE B 202 -3.91 1.69 23.31
N ASN B 203 -4.26 0.95 24.36
CA ASN B 203 -5.60 0.36 24.41
C ASN B 203 -6.66 1.45 24.54
N ILE B 204 -6.39 2.47 25.36
CA ILE B 204 -7.34 3.58 25.50
C ILE B 204 -7.51 4.30 24.16
N GLU B 205 -6.40 4.70 23.55
CA GLU B 205 -6.47 5.46 22.30
C GLU B 205 -7.15 4.67 21.19
N THR B 206 -6.89 3.37 21.11
CA THR B 206 -7.33 2.57 19.98
C THR B 206 -8.75 2.06 20.14
N PHE B 207 -9.18 1.75 21.37
CA PHE B 207 -10.45 1.05 21.58
C PHE B 207 -11.43 1.76 22.49
N PHE B 208 -10.99 2.55 23.47
CA PHE B 208 -11.87 2.94 24.56
C PHE B 208 -12.10 4.44 24.72
N GLY B 209 -11.15 5.29 24.35
CA GLY B 209 -11.29 6.70 24.64
C GLY B 209 -10.21 7.51 23.97
N TRP B 210 -9.73 8.55 24.64
CA TRP B 210 -8.81 9.50 24.03
C TRP B 210 -7.64 9.76 24.96
N VAL B 211 -6.51 10.10 24.39
CA VAL B 211 -5.30 10.41 25.14
C VAL B 211 -4.91 11.85 24.82
N SER B 212 -4.70 12.65 25.85
CA SER B 212 -4.16 14.00 25.70
C SER B 212 -3.10 14.19 26.78
N ASP B 213 -2.73 15.44 27.06
CA ASP B 213 -1.75 15.72 28.10
C ASP B 213 -2.16 16.99 28.85
N VAL B 214 -1.48 17.25 29.97
CA VAL B 214 -1.90 18.31 30.88
C VAL B 214 -1.81 19.68 30.21
N GLU B 215 -0.72 19.94 29.48
CA GLU B 215 -0.54 21.24 28.84
C GLU B 215 -1.64 21.51 27.81
N THR B 216 -1.95 20.51 26.96
CA THR B 216 -3.02 20.68 25.99
C THR B 216 -4.35 20.90 26.69
N PHE B 217 -4.62 20.10 27.73
CA PHE B 217 -5.82 20.25 28.54
C PHE B 217 -5.97 21.66 29.08
N CYS B 218 -4.93 22.16 29.76
CA CYS B 218 -5.00 23.50 30.36
C CYS B 218 -5.15 24.58 29.29
N ASP B 219 -4.48 24.41 28.15
CA ASP B 219 -4.61 25.39 27.08
C ASP B 219 -6.04 25.43 26.53
N ALA B 220 -6.67 24.25 26.42
CA ALA B 220 -8.02 24.19 25.86
C ALA B 220 -9.05 24.81 26.78
N LEU B 221 -8.79 24.81 28.10
CA LEU B 221 -9.75 25.28 29.08
C LEU B 221 -9.68 26.78 29.37
N SER B 222 -8.60 27.45 28.97
CA SER B 222 -8.39 28.84 29.36
C SER B 222 -9.60 29.77 29.15
N PRO B 223 -10.44 29.61 28.12
CA PRO B 223 -11.65 30.45 28.08
C PRO B 223 -12.60 30.30 29.27
N THR C 2 24.99 4.09 34.49
CA THR C 2 23.86 4.67 35.20
C THR C 2 22.75 5.08 34.23
N THR C 3 21.50 4.87 34.65
CA THR C 3 20.34 5.33 33.90
C THR C 3 19.78 6.59 34.56
N LEU C 4 19.51 7.60 33.75
CA LEU C 4 18.86 8.82 34.22
C LEU C 4 17.50 8.93 33.57
N THR C 5 16.45 8.88 34.37
CA THR C 5 15.13 9.12 33.84
C THR C 5 15.07 10.56 33.34
N ALA C 6 14.55 10.73 32.13
CA ALA C 6 14.51 12.06 31.53
C ALA C 6 13.44 12.05 30.46
N ARG C 7 13.08 13.26 30.00
CA ARG C 7 12.24 13.49 28.83
C ARG C 7 13.13 13.78 27.64
N PRO C 8 12.84 13.22 26.46
CA PRO C 8 11.65 12.42 26.14
C PRO C 8 11.78 10.93 26.50
N GLU C 9 12.98 10.49 26.87
CA GLU C 9 13.17 9.12 27.33
C GLU C 9 14.43 9.08 28.20
N ALA C 10 14.57 7.97 28.94
CA ALA C 10 15.73 7.81 29.79
C ALA C 10 16.99 7.67 28.94
N ILE C 11 18.11 8.09 29.52
CA ILE C 11 19.41 7.95 28.89
C ILE C 11 20.35 7.25 29.86
N THR C 12 21.42 6.67 29.31
CA THR C 12 22.47 6.10 30.12
C THR C 12 23.74 6.90 29.96
N PHE C 13 24.52 6.94 31.04
CA PHE C 13 25.79 7.65 31.03
C PHE C 13 26.65 7.16 32.18
N ASP C 14 27.94 7.45 32.08
CA ASP C 14 28.88 7.16 33.15
C ASP C 14 29.17 8.48 33.86
N PRO C 15 28.84 8.61 35.15
CA PRO C 15 29.09 9.89 35.83
C PRO C 15 30.53 10.34 35.78
N GLN C 16 31.48 9.40 35.83
CA GLN C 16 32.88 9.80 35.77
C GLN C 16 33.30 10.24 34.37
N GLN C 17 32.47 10.02 33.36
CA GLN C 17 32.67 10.55 32.02
C GLN C 17 31.65 11.65 31.71
N SER C 18 31.21 12.38 32.74
CA SER C 18 30.24 13.45 32.60
C SER C 18 30.68 14.68 33.38
N ALA C 19 30.03 15.80 33.10
CA ALA C 19 30.30 17.04 33.81
C ALA C 19 28.99 17.70 34.18
N LEU C 20 28.95 18.28 35.37
CA LEU C 20 27.85 19.13 35.81
C LEU C 20 28.28 20.58 35.55
N ILE C 21 27.53 21.29 34.72
CA ILE C 21 27.85 22.66 34.36
C ILE C 21 26.90 23.57 35.10
N VAL C 22 27.44 24.49 35.88
CA VAL C 22 26.65 25.48 36.60
C VAL C 22 26.80 26.79 35.84
N VAL C 23 25.76 27.20 35.12
CA VAL C 23 25.85 28.33 34.21
C VAL C 23 25.53 29.62 34.96
N ASP C 24 26.55 30.45 35.14
CA ASP C 24 26.37 31.88 35.44
C ASP C 24 25.55 32.13 36.71
N GLN C 26 25.73 33.92 39.13
CA GLN C 26 26.30 35.14 39.65
C GLN C 26 25.18 36.05 40.15
N ASN C 27 25.55 37.00 41.00
CA ASN C 27 24.55 37.96 41.47
C ASN C 27 23.85 38.64 40.31
N ALA C 28 24.58 38.87 39.20
CA ALA C 28 23.99 39.46 38.00
C ALA C 28 22.74 38.71 37.57
N TYR C 29 22.77 37.38 37.64
CA TYR C 29 21.68 36.58 37.09
C TYR C 29 20.71 36.08 38.14
N ALA C 30 21.08 36.11 39.42
CA ALA C 30 20.30 35.45 40.44
C ALA C 30 19.87 36.33 41.61
N THR C 31 20.40 37.55 41.73
CA THR C 31 20.21 38.25 42.98
C THR C 31 19.48 39.57 42.77
N PRO C 32 18.49 39.89 43.62
CA PRO C 32 17.88 41.23 43.56
C PRO C 32 18.95 42.30 43.62
N GLY C 33 18.80 43.32 42.77
CA GLY C 33 19.78 44.37 42.63
C GLY C 33 20.88 44.07 41.64
N GLY C 34 20.92 42.86 41.09
CA GLY C 34 21.89 42.51 40.07
C GLY C 34 21.44 42.97 38.71
N TYR C 35 22.32 42.72 37.73
CA TYR C 35 22.07 43.06 36.34
C TYR C 35 20.66 42.73 35.85
N LEU C 36 20.27 41.45 35.87
CA LEU C 36 18.98 41.08 35.30
C LEU C 36 17.85 41.84 35.97
N ASP C 37 17.88 41.96 37.30
CA ASP C 37 16.86 42.71 38.02
C ASP C 37 16.80 44.16 37.54
N LEU C 38 17.96 44.80 37.45
CA LEU C 38 18.03 46.19 36.99
C LEU C 38 17.60 46.33 35.54
N ALA C 39 17.86 45.32 34.72
CA ALA C 39 17.44 45.34 33.32
C ALA C 39 15.95 45.05 33.15
N GLY C 40 15.22 44.77 34.22
CA GLY C 40 13.80 44.58 34.14
C GLY C 40 13.33 43.15 34.10
N PHE C 41 14.22 42.18 34.30
CA PHE C 41 13.83 40.78 34.35
C PHE C 41 13.46 40.40 35.78
N ASP C 42 12.59 39.40 35.89
CA ASP C 42 12.11 38.92 37.18
C ASP C 42 13.11 37.92 37.73
N VAL C 43 13.74 38.26 38.85
CA VAL C 43 14.68 37.40 39.54
C VAL C 43 14.17 36.99 40.92
N SER C 44 12.91 37.34 41.23
CA SER C 44 12.38 37.17 42.57
C SER C 44 12.21 35.70 42.99
N THR C 45 12.32 34.74 42.07
CA THR C 45 12.04 33.35 42.38
C THR C 45 13.26 32.43 42.26
N THR C 46 14.48 32.97 42.39
CA THR C 46 15.68 32.16 42.17
C THR C 46 16.15 31.41 43.42
N ARG C 47 15.66 31.76 44.60
CA ARG C 47 16.09 31.05 45.81
C ARG C 47 15.95 29.53 45.72
N PRO C 48 14.84 28.96 45.23
CA PRO C 48 14.82 27.50 45.04
C PRO C 48 15.84 27.00 44.03
N VAL C 49 16.16 27.80 43.01
CA VAL C 49 17.16 27.38 42.03
C VAL C 49 18.53 27.25 42.70
N ILE C 50 18.89 28.23 43.53
CA ILE C 50 20.18 28.19 44.23
C ILE C 50 20.27 26.94 45.09
N ALA C 51 19.25 26.69 45.91
CA ALA C 51 19.25 25.50 46.76
C ALA C 51 19.34 24.23 45.93
N ASN C 52 18.59 24.15 44.83
CA ASN C 52 18.62 22.94 44.02
C ASN C 52 19.98 22.73 43.37
N ILE C 53 20.66 23.81 42.99
CA ILE C 53 22.00 23.67 42.43
C ILE C 53 22.97 23.18 43.50
N GLN C 54 22.83 23.67 44.72
CA GLN C 54 23.63 23.15 45.83
C GLN C 54 23.45 21.64 45.98
N THR C 55 22.20 21.18 45.91
CA THR C 55 21.92 19.76 46.03
C THR C 55 22.52 18.97 44.88
N ALA C 56 22.41 19.50 43.66
CA ALA C 56 22.96 18.80 42.49
C ALA C 56 24.48 18.73 42.54
N VAL C 57 25.12 19.82 42.95
CA VAL C 57 26.58 19.85 43.01
C VAL C 57 27.09 18.83 44.03
N THR C 58 26.45 18.78 45.20
CA THR C 58 26.87 17.82 46.22
C THR C 58 26.76 16.39 45.71
N ALA C 59 25.68 16.08 45.00
CA ALA C 59 25.52 14.74 44.45
C ALA C 59 26.56 14.47 43.36
N ALA C 60 26.77 15.44 42.46
CA ALA C 60 27.68 15.21 41.34
C ALA C 60 29.10 15.00 41.85
N ARG C 61 29.54 15.83 42.81
CA ARG C 61 30.91 15.69 43.31
C ARG C 61 31.10 14.35 44.01
N ALA C 62 30.10 13.89 44.75
CA ALA C 62 30.21 12.60 45.42
C ALA C 62 30.25 11.43 44.43
N ALA C 63 29.67 11.62 43.25
CA ALA C 63 29.68 10.60 42.20
C ALA C 63 30.91 10.65 41.31
N GLY C 64 31.83 11.57 41.56
CA GLY C 64 33.02 11.67 40.73
C GLY C 64 32.82 12.43 39.45
N LEU C 66 32.94 15.79 37.30
CA LEU C 66 33.55 17.11 37.28
C LEU C 66 32.50 18.21 37.34
N ILE C 67 32.77 19.24 38.15
CA ILE C 67 31.91 20.41 38.27
C ILE C 67 32.58 21.57 37.56
N ILE C 68 31.87 22.20 36.63
CA ILE C 68 32.36 23.38 35.91
C ILE C 68 31.41 24.53 36.20
N TRP C 69 31.95 25.63 36.71
CA TRP C 69 31.22 26.85 37.00
C TRP C 69 31.56 27.88 35.94
N PHE C 70 30.54 28.40 35.26
CA PHE C 70 30.71 29.51 34.33
C PHE C 70 30.51 30.83 35.07
N GLN C 71 31.31 31.83 34.71
CA GLN C 71 31.07 33.21 35.09
C GLN C 71 31.09 34.03 33.81
N ASN C 72 29.98 34.67 33.51
CA ASN C 72 29.87 35.48 32.31
C ASN C 72 30.24 36.91 32.63
N GLY C 73 31.06 37.52 31.80
CA GLY C 73 31.34 38.94 31.94
C GLY C 73 32.69 39.30 31.37
N TRP C 74 33.12 40.51 31.70
CA TRP C 74 34.18 41.19 30.97
C TRP C 74 34.99 42.06 31.91
N ASP C 75 36.11 42.56 31.40
CA ASP C 75 36.85 43.62 32.09
C ASP C 75 35.94 44.83 32.30
N GLU C 76 36.24 45.61 33.33
CA GLU C 76 35.35 46.71 33.69
C GLU C 76 35.31 47.83 32.65
N GLN C 77 36.22 47.85 31.69
CA GLN C 77 36.13 48.77 30.56
C GLN C 77 35.38 48.18 29.38
N TYR C 78 34.97 46.91 29.47
CA TYR C 78 34.16 46.22 28.47
C TYR C 78 34.85 46.05 27.12
N VAL C 79 36.19 46.09 27.10
CA VAL C 79 36.93 45.74 25.88
C VAL C 79 36.53 44.36 25.41
N GLU C 80 36.41 43.41 26.34
CA GLU C 80 36.08 42.03 26.00
C GLU C 80 34.64 41.86 25.52
N ALA C 81 33.78 42.85 25.72
CA ALA C 81 32.42 42.74 25.21
C ALA C 81 32.35 43.02 23.71
N GLY C 82 33.44 43.47 23.10
CA GLY C 82 33.41 43.85 21.70
C GLY C 82 32.98 45.30 21.52
N GLY C 83 33.62 45.99 20.60
CA GLY C 83 33.25 47.37 20.35
C GLY C 83 32.00 47.46 19.51
N PRO C 84 31.73 48.64 18.96
CA PRO C 84 30.56 48.80 18.09
C PRO C 84 30.58 47.90 16.87
N GLY C 85 31.72 47.30 16.55
CA GLY C 85 31.79 46.34 15.47
C GLY C 85 31.30 44.95 15.79
N SER C 86 30.92 44.70 17.06
CA SER C 86 30.41 43.41 17.50
C SER C 86 28.91 43.49 17.75
N PRO C 87 28.13 42.50 17.32
CA PRO C 87 26.71 42.50 17.69
C PRO C 87 26.49 42.43 19.18
N ASN C 88 27.44 41.87 19.94
CA ASN C 88 27.27 41.81 21.39
C ASN C 88 27.19 43.21 21.99
N PHE C 89 27.93 44.16 21.44
CA PHE C 89 27.88 45.54 21.91
C PHE C 89 26.48 46.11 21.75
N HIS C 90 25.76 45.71 20.71
CA HIS C 90 24.44 46.26 20.43
C HIS C 90 23.32 45.46 21.06
N LYS C 91 23.55 44.18 21.37
CA LYS C 91 22.52 43.33 21.96
C LYS C 91 22.56 43.28 23.47
N SER C 92 23.74 43.43 24.07
CA SER C 92 23.91 43.18 25.49
C SER C 92 22.97 44.07 26.31
N ASN C 93 22.09 43.42 27.08
CA ASN C 93 21.19 44.16 27.95
C ASN C 93 21.92 44.78 29.13
N ALA C 94 23.06 44.21 29.52
CA ALA C 94 23.88 44.84 30.53
C ALA C 94 24.43 46.17 30.04
N LEU C 95 24.98 46.17 28.82
CA LEU C 95 25.47 47.41 28.23
C LEU C 95 24.33 48.41 28.04
N LYS C 96 23.17 47.94 27.58
CA LYS C 96 22.03 48.84 27.42
C LYS C 96 21.66 49.49 28.75
N THR C 97 21.64 48.70 29.82
CA THR C 97 21.26 49.24 31.12
C THR C 97 22.24 50.32 31.58
N ARG C 99 24.15 52.17 29.73
CA ARG C 99 24.00 53.37 28.92
C ARG C 99 22.88 54.25 29.44
N LYS C 100 21.78 53.65 29.91
CA LYS C 100 20.68 54.42 30.48
C LYS C 100 20.98 54.89 31.90
N GLN C 101 21.85 54.17 32.62
CA GLN C 101 22.11 54.43 34.04
C GLN C 101 23.62 54.52 34.23
N PRO C 102 24.20 55.69 33.94
CA PRO C 102 25.67 55.84 34.04
C PRO C 102 26.20 55.58 35.43
N GLN C 103 25.37 55.71 36.47
CA GLN C 103 25.82 55.34 37.82
C GLN C 103 26.35 53.91 37.86
N LEU C 104 25.83 53.03 37.00
CA LEU C 104 26.20 51.62 36.99
C LEU C 104 27.33 51.30 36.02
N GLN C 105 27.86 52.30 35.31
CA GLN C 105 28.91 52.03 34.34
C GLN C 105 30.10 51.38 35.02
N GLY C 106 30.54 50.26 34.45
CA GLY C 106 31.68 49.54 34.99
C GLY C 106 31.36 48.51 36.04
N LYS C 107 30.09 48.38 36.42
CA LYS C 107 29.69 47.46 37.49
C LYS C 107 29.02 46.19 37.01
N LEU C 108 28.17 46.27 35.99
CA LEU C 108 27.44 45.08 35.56
C LEU C 108 28.37 44.15 34.81
N LEU C 109 28.36 42.87 35.21
CA LEU C 109 29.11 41.82 34.53
C LEU C 109 30.60 42.15 34.45
N ALA C 110 31.10 42.90 35.42
CA ALA C 110 32.49 43.36 35.44
C ALA C 110 33.31 42.44 36.33
N LYS C 111 34.35 41.85 35.77
CA LYS C 111 35.26 41.01 36.55
C LYS C 111 35.72 41.76 37.81
N GLY C 112 35.68 41.07 38.95
CA GLY C 112 36.07 41.64 40.22
C GLY C 112 34.96 42.30 41.00
N SER C 113 33.77 42.45 40.41
CA SER C 113 32.68 43.21 41.00
C SER C 113 31.69 42.27 41.70
N TRP C 114 30.79 42.88 42.47
CA TRP C 114 29.75 42.12 43.14
C TRP C 114 28.80 41.46 42.15
N ASP C 115 28.41 42.20 41.10
CA ASP C 115 27.51 41.65 40.07
C ASP C 115 28.09 40.37 39.46
N TYR C 116 29.40 40.34 39.28
CA TYR C 116 30.06 39.23 38.62
C TYR C 116 30.32 38.05 39.55
N GLN C 117 30.35 38.28 40.86
CA GLN C 117 30.67 37.21 41.80
C GLN C 117 29.60 36.14 41.75
N LEU C 118 30.02 34.89 41.97
CA LEU C 118 29.05 33.85 42.20
C LEU C 118 28.25 34.17 43.46
N VAL C 119 26.98 33.78 43.46
CA VAL C 119 26.14 34.03 44.62
C VAL C 119 26.78 33.41 45.87
N ASP C 120 26.50 34.03 47.02
CA ASP C 120 27.20 33.68 48.26
C ASP C 120 27.08 32.20 48.58
N GLU C 121 25.93 31.61 48.25
CA GLU C 121 25.64 30.24 48.65
C GLU C 121 26.47 29.23 47.86
N LEU C 122 27.02 29.60 46.72
CA LEU C 122 27.65 28.66 45.80
C LEU C 122 29.15 28.90 45.79
N VAL C 123 29.88 27.95 46.37
CA VAL C 123 31.32 28.08 46.59
C VAL C 123 32.06 26.96 45.88
N PRO C 124 32.74 27.24 44.77
CA PRO C 124 33.53 26.20 44.11
C PRO C 124 34.58 25.61 45.03
N GLN C 125 34.85 24.34 44.83
CA GLN C 125 35.75 23.57 45.67
C GLN C 125 36.99 23.18 44.87
N PRO C 126 38.09 22.87 45.54
CA PRO C 126 39.27 22.35 44.83
C PRO C 126 38.89 21.16 43.97
N GLY C 127 39.42 21.14 42.75
CA GLY C 127 39.07 20.14 41.78
C GLY C 127 38.03 20.60 40.78
N ASP C 128 37.15 21.52 41.19
CA ASP C 128 36.23 22.11 40.23
C ASP C 128 36.98 23.01 39.26
N ILE C 129 36.34 23.30 38.14
CA ILE C 129 36.87 24.26 37.17
C ILE C 129 35.96 25.46 37.13
N VAL C 130 36.55 26.66 37.24
CA VAL C 130 35.80 27.89 37.10
C VAL C 130 36.23 28.55 35.80
N LEU C 131 35.28 28.75 34.88
CA LEU C 131 35.57 29.21 33.54
C LEU C 131 34.91 30.56 33.30
N PRO C 132 35.66 31.62 33.00
CA PRO C 132 35.04 32.85 32.51
C PRO C 132 34.63 32.67 31.06
N LYS C 133 33.56 33.36 30.67
CA LYS C 133 33.22 33.38 29.27
C LYS C 133 32.77 34.78 28.85
N PRO C 134 33.11 35.20 27.63
CA PRO C 134 32.74 36.54 27.17
C PRO C 134 31.44 36.62 26.39
N ARG C 135 30.82 35.48 26.03
CA ARG C 135 29.56 35.50 25.29
C ARG C 135 28.62 34.45 25.89
N TYR C 136 27.36 34.46 25.42
CA TYR C 136 26.34 33.63 26.05
C TYR C 136 26.76 32.16 26.09
N SER C 137 27.26 31.64 24.96
CA SER C 137 27.56 30.23 24.87
C SER C 137 28.95 29.92 25.45
N GLY C 138 29.00 28.94 26.35
CA GLY C 138 30.25 28.55 26.94
C GLY C 138 31.21 27.87 26.00
N PHE C 139 30.74 27.50 24.79
CA PHE C 139 31.58 26.80 23.84
C PHE C 139 32.34 27.71 22.89
N PHE C 140 31.95 28.97 22.77
CA PHE C 140 32.67 29.88 21.90
C PHE C 140 33.67 30.68 22.71
N ASN C 141 34.88 30.81 22.15
CA ASN C 141 35.94 31.69 22.67
C ASN C 141 36.55 31.19 23.98
N THR C 142 36.36 29.92 24.35
CA THR C 142 36.82 29.36 25.61
C THR C 142 37.50 28.03 25.39
N PRO C 143 38.18 27.50 26.42
CA PRO C 143 38.73 26.14 26.35
C PRO C 143 37.76 25.05 26.77
N LEU C 144 36.45 25.34 26.81
CA LEU C 144 35.49 24.36 27.35
C LEU C 144 35.55 23.03 26.60
N ASP C 145 35.48 23.07 25.27
CA ASP C 145 35.53 21.85 24.47
C ASP C 145 36.81 21.08 24.74
N SER C 146 37.94 21.78 24.76
CA SER C 146 39.23 21.16 25.04
C SER C 146 39.23 20.49 26.43
N ILE C 147 38.72 21.20 27.43
CA ILE C 147 38.67 20.65 28.79
C ILE C 147 37.89 19.34 28.80
N LEU C 148 36.75 19.33 28.14
CA LEU C 148 35.88 18.15 28.18
C LEU C 148 36.50 17.00 27.40
N ARG C 149 37.03 17.28 26.21
CA ARG C 149 37.64 16.23 25.40
C ARG C 149 38.85 15.63 26.10
N SER C 150 39.64 16.47 26.77
CA SER C 150 40.82 16.00 27.47
C SER C 150 40.49 14.98 28.54
N ARG C 151 39.25 15.01 29.04
CA ARG C 151 38.79 14.09 30.08
C ARG C 151 37.86 13.00 29.53
N GLY C 152 37.69 12.93 28.22
CA GLY C 152 36.79 11.95 27.62
C GLY C 152 35.35 12.13 28.00
N ILE C 153 34.92 13.35 28.28
CA ILE C 153 33.57 13.60 28.73
C ILE C 153 32.65 13.73 27.51
N ARG C 154 31.53 13.01 27.54
CA ARG C 154 30.55 13.10 26.47
C ARG C 154 29.16 13.51 26.93
N HIS C 155 28.89 13.55 28.23
CA HIS C 155 27.58 13.91 28.76
C HIS C 155 27.71 15.14 29.64
N LEU C 156 26.85 16.12 29.41
CA LEU C 156 26.84 17.38 30.15
C LEU C 156 25.49 17.54 30.82
N VAL C 157 25.51 17.83 32.11
CA VAL C 157 24.29 18.08 32.88
C VAL C 157 24.27 19.57 33.23
N PHE C 158 23.26 20.27 32.73
CA PHE C 158 23.23 21.73 32.79
C PHE C 158 22.32 22.23 33.91
N THR C 159 22.79 23.27 34.60
CA THR C 159 21.99 24.03 35.54
C THR C 159 22.34 25.49 35.35
N GLY C 160 21.49 26.38 35.89
CA GLY C 160 21.83 27.79 35.86
C GLY C 160 20.87 28.72 35.13
N ILE C 161 21.37 29.91 34.80
CA ILE C 161 20.55 31.01 34.29
C ILE C 161 21.34 31.69 33.17
N ALA C 162 20.67 32.07 32.08
CA ALA C 162 19.24 31.87 31.85
C ALA C 162 18.98 30.65 30.99
N THR C 163 17.89 29.93 31.30
CA THR C 163 17.54 28.71 30.59
C THR C 163 17.54 28.91 29.08
N ASN C 164 16.91 30.00 28.63
CA ASN C 164 16.72 30.26 27.22
C ASN C 164 17.91 30.97 26.55
N VAL C 165 18.90 31.41 27.32
CA VAL C 165 20.00 32.17 26.75
C VAL C 165 21.32 31.41 26.95
N CYS C 166 22.02 31.65 28.05
CA CYS C 166 23.33 31.03 28.21
C CYS C 166 23.23 29.51 28.35
N VAL C 167 22.23 29.02 29.09
CA VAL C 167 22.07 27.58 29.24
C VAL C 167 21.74 26.94 27.90
N GLU C 168 20.67 27.39 27.25
CA GLU C 168 20.26 26.76 26.00
C GLU C 168 21.33 26.90 24.92
N SER C 169 21.95 28.08 24.82
CA SER C 169 22.98 28.27 23.80
C SER C 169 24.12 27.29 24.00
N THR C 170 24.55 27.10 25.24
CA THR C 170 25.66 26.19 25.50
C THR C 170 25.24 24.75 25.21
N LEU C 171 24.01 24.39 25.56
CA LEU C 171 23.53 23.05 25.29
C LEU C 171 23.45 22.79 23.79
N ARG C 172 22.83 23.71 23.04
CA ARG C 172 22.74 23.56 21.58
C ARG C 172 24.13 23.41 20.97
N ASP C 173 25.06 24.29 21.37
CA ASP C 173 26.41 24.17 20.81
C ASP C 173 27.07 22.88 21.23
N GLY C 174 26.79 22.42 22.46
CA GLY C 174 27.27 21.11 22.87
C GLY C 174 26.77 20.02 21.94
N PHE C 175 25.48 20.08 21.58
CA PHE C 175 24.92 19.12 20.64
C PHE C 175 25.68 19.13 19.31
N PHE C 176 25.98 20.33 18.79
CA PHE C 176 26.71 20.41 17.53
C PHE C 176 28.14 19.91 17.65
N LEU C 177 28.69 19.88 18.87
CA LEU C 177 29.99 19.29 19.14
C LEU C 177 29.88 17.84 19.62
N GLU C 178 28.72 17.24 19.43
CA GLU C 178 28.48 15.81 19.68
C GLU C 178 28.42 15.45 21.16
N TYR C 179 28.10 16.41 22.03
CA TYR C 179 27.86 16.12 23.44
C TYR C 179 26.38 15.82 23.69
N PHE C 180 26.13 14.90 24.61
CA PHE C 180 24.78 14.59 25.07
C PHE C 180 24.46 15.49 26.27
N GLY C 181 23.47 16.38 26.11
CA GLY C 181 23.19 17.40 27.08
C GLY C 181 21.85 17.17 27.77
N VAL C 182 21.87 17.25 29.10
CA VAL C 182 20.67 17.17 29.92
C VAL C 182 20.57 18.46 30.71
N VAL C 183 19.35 19.00 30.82
CA VAL C 183 19.10 20.15 31.67
C VAL C 183 18.24 19.71 32.85
N LEU C 184 18.61 20.16 34.04
CA LEU C 184 17.82 19.93 35.25
C LEU C 184 16.89 21.13 35.41
N GLU C 185 15.61 20.93 35.05
CA GLU C 185 14.70 22.07 34.84
C GLU C 185 14.48 22.87 36.12
N ASP C 186 14.40 22.20 37.27
CA ASP C 186 14.17 22.92 38.51
C ASP C 186 15.44 23.57 39.06
N ALA C 187 16.56 23.43 38.36
CA ALA C 187 17.79 24.15 38.69
C ALA C 187 18.13 25.18 37.62
N THR C 188 17.11 25.73 36.96
CA THR C 188 17.29 26.77 35.95
C THR C 188 16.22 27.83 36.11
N HIS C 189 16.47 28.98 35.49
CA HIS C 189 15.47 30.03 35.45
C HIS C 189 15.68 30.84 34.17
N GLN C 190 14.59 31.24 33.54
CA GLN C 190 14.63 31.93 32.26
C GLN C 190 14.85 33.43 32.46
N ALA C 191 15.26 34.09 31.38
CA ALA C 191 15.28 35.54 31.30
C ALA C 191 14.15 35.95 30.35
N GLY C 192 13.08 36.49 30.92
CA GLY C 192 11.91 36.81 30.14
C GLY C 192 10.66 36.24 30.76
N PRO C 193 9.53 36.34 30.06
CA PRO C 193 8.28 35.75 30.56
C PRO C 193 8.39 34.25 30.72
N LYS C 194 7.44 33.69 31.46
CA LYS C 194 7.49 32.26 31.74
C LYS C 194 7.43 31.41 30.47
N PHE C 195 6.81 31.91 29.39
CA PHE C 195 6.82 31.14 28.15
C PHE C 195 8.24 30.87 27.66
N ALA C 196 9.20 31.73 28.04
CA ALA C 196 10.59 31.50 27.61
C ALA C 196 11.21 30.30 28.31
N GLN C 197 10.77 30.00 29.54
CA GLN C 197 11.21 28.79 30.21
C GLN C 197 10.61 27.56 29.53
N LYS C 198 9.28 27.56 29.36
CA LYS C 198 8.62 26.44 28.72
C LYS C 198 9.19 26.19 27.32
N ALA C 199 9.43 27.25 26.56
CA ALA C 199 9.90 27.06 25.19
C ALA C 199 11.32 26.54 25.14
N ALA C 200 12.19 27.02 26.04
CA ALA C 200 13.55 26.51 26.10
C ALA C 200 13.55 25.02 26.43
N LEU C 201 12.78 24.62 27.43
CA LEU C 201 12.69 23.20 27.76
C LEU C 201 12.09 22.40 26.60
N PHE C 202 11.10 22.97 25.90
CA PHE C 202 10.53 22.27 24.75
C PHE C 202 11.57 22.09 23.65
N ASN C 203 12.33 23.14 23.34
CA ASN C 203 13.34 23.02 22.29
C ASN C 203 14.41 22.02 22.67
N ILE C 204 14.84 22.00 23.93
CA ILE C 204 15.85 21.04 24.37
C ILE C 204 15.30 19.63 24.28
N GLU C 205 14.15 19.39 24.92
CA GLU C 205 13.58 18.05 24.95
C GLU C 205 13.30 17.54 23.53
N THR C 206 12.82 18.42 22.65
CA THR C 206 12.36 17.95 21.35
C THR C 206 13.47 17.81 20.32
N PHE C 207 14.54 18.63 20.41
CA PHE C 207 15.49 18.70 19.31
C PHE C 207 16.95 18.50 19.70
N PHE C 208 17.33 18.88 20.93
CA PHE C 208 18.75 19.04 21.27
C PHE C 208 19.26 18.15 22.38
N GLY C 209 18.43 17.77 23.34
CA GLY C 209 18.93 16.98 24.45
C GLY C 209 17.84 16.40 25.30
N TRP C 210 18.05 16.39 26.62
CA TRP C 210 17.14 15.75 27.55
C TRP C 210 16.83 16.68 28.72
N VAL C 211 15.64 16.51 29.31
CA VAL C 211 15.22 17.30 30.46
C VAL C 211 14.97 16.36 31.63
N SER C 212 15.57 16.67 32.77
CA SER C 212 15.33 15.93 34.00
C SER C 212 15.17 16.94 35.12
N ASP C 213 15.37 16.51 36.37
CA ASP C 213 15.26 17.40 37.52
C ASP C 213 16.27 16.96 38.57
N VAL C 214 16.45 17.82 39.59
CA VAL C 214 17.55 17.64 40.53
C VAL C 214 17.37 16.37 41.35
N GLU C 215 16.14 16.14 41.86
CA GLU C 215 15.94 14.96 42.70
C GLU C 215 16.12 13.67 41.91
N THR C 216 15.62 13.63 40.68
CA THR C 216 15.81 12.45 39.83
C THR C 216 17.30 12.24 39.54
N PHE C 217 18.00 13.33 39.23
CA PHE C 217 19.45 13.27 39.00
C PHE C 217 20.17 12.72 40.23
N CYS C 218 19.85 13.23 41.41
CA CYS C 218 20.55 12.81 42.62
C CYS C 218 20.27 11.34 42.92
N ASP C 219 19.03 10.92 42.71
CA ASP C 219 18.69 9.52 42.94
C ASP C 219 19.37 8.60 41.93
N ALA C 220 19.60 9.09 40.71
CA ALA C 220 20.33 8.28 39.74
C ALA C 220 21.77 8.05 40.17
N LEU C 221 22.38 9.03 40.84
CA LEU C 221 23.78 8.92 41.24
C LEU C 221 23.97 8.17 42.54
N SER C 222 22.90 7.98 43.31
CA SER C 222 23.03 7.38 44.63
C SER C 222 23.61 5.97 44.64
N PRO C 223 23.42 5.11 43.61
CA PRO C 223 24.10 3.81 43.71
C PRO C 223 25.62 3.89 43.70
N THR D 2 -10.42 -29.72 41.75
CA THR D 2 -9.33 -29.78 40.79
C THR D 2 -8.36 -28.63 41.01
N THR D 3 -7.07 -28.89 40.79
CA THR D 3 -6.03 -27.86 40.86
C THR D 3 -5.59 -27.52 39.45
N LEU D 4 -5.50 -26.24 39.14
CA LEU D 4 -4.99 -25.79 37.85
C LEU D 4 -3.68 -25.07 38.10
N THR D 5 -2.58 -25.65 37.63
CA THR D 5 -1.32 -24.94 37.63
C THR D 5 -1.49 -23.67 36.82
N ALA D 6 -1.15 -22.54 37.43
CA ALA D 6 -1.34 -21.25 36.79
C ALA D 6 -0.36 -20.28 37.41
N ARG D 7 -0.21 -19.14 36.77
CA ARG D 7 0.52 -18.04 37.33
C ARG D 7 -0.45 -16.96 37.80
N PRO D 8 -0.17 -16.29 38.92
CA PRO D 8 1.08 -16.37 39.69
C PRO D 8 1.19 -17.58 40.63
N GLU D 9 0.08 -18.26 40.88
CA GLU D 9 0.11 -19.49 41.65
C GLU D 9 -1.07 -20.35 41.24
N ALA D 10 -1.00 -21.63 41.61
CA ALA D 10 -2.08 -22.56 41.29
C ALA D 10 -3.37 -22.15 42.00
N ILE D 11 -4.49 -22.50 41.37
CA ILE D 11 -5.80 -22.26 41.94
C ILE D 11 -6.57 -23.56 41.95
N THR D 12 -7.60 -23.61 42.80
CA THR D 12 -8.50 -24.76 42.82
C THR D 12 -9.89 -24.34 42.34
N PHE D 13 -10.57 -25.27 41.69
CA PHE D 13 -11.87 -25.01 41.10
C PHE D 13 -12.57 -26.33 40.87
N ASP D 14 -13.90 -26.27 40.80
CA ASP D 14 -14.70 -27.41 40.41
C ASP D 14 -15.09 -27.22 38.96
N PRO D 15 -14.66 -28.08 38.03
CA PRO D 15 -15.02 -27.88 36.63
C PRO D 15 -16.51 -27.79 36.39
N GLN D 16 -17.31 -28.52 37.16
CA GLN D 16 -18.75 -28.45 36.97
C GLN D 16 -19.35 -27.14 37.47
N GLN D 17 -18.61 -26.37 38.26
CA GLN D 17 -19.01 -25.03 38.65
C GLN D 17 -18.17 -23.98 37.94
N SER D 18 -17.74 -24.29 36.71
CA SER D 18 -16.92 -23.39 35.92
C SER D 18 -17.49 -23.27 34.52
N ALA D 19 -17.03 -22.26 33.79
CA ALA D 19 -17.39 -22.11 32.38
C ALA D 19 -16.13 -21.83 31.58
N LEU D 20 -16.08 -22.39 30.37
CA LEU D 20 -15.06 -22.04 29.40
C LEU D 20 -15.70 -21.02 28.46
N ILE D 21 -15.13 -19.83 28.37
CA ILE D 21 -15.67 -18.74 27.56
C ILE D 21 -14.80 -18.62 26.32
N VAL D 22 -15.42 -18.67 25.15
CA VAL D 22 -14.72 -18.53 23.88
C VAL D 22 -15.10 -17.16 23.32
N VAL D 23 -14.17 -16.21 23.40
CA VAL D 23 -14.49 -14.82 23.09
C VAL D 23 -14.31 -14.55 21.60
N ASP D 24 -15.42 -14.29 20.92
CA ASP D 24 -15.43 -13.63 19.60
C ASP D 24 -14.56 -14.35 18.56
N GLN D 26 -14.87 -15.14 15.65
CA GLN D 26 -15.57 -14.86 14.43
C GLN D 26 -14.57 -14.53 13.33
N ASN D 27 -15.03 -14.61 12.08
CA ASN D 27 -14.15 -14.23 10.96
C ASN D 27 -13.64 -12.81 11.13
N ALA D 28 -14.46 -11.93 11.69
CA ALA D 28 -14.05 -10.55 11.98
C ALA D 28 -12.73 -10.50 12.73
N TYR D 29 -12.53 -11.41 13.68
CA TYR D 29 -11.39 -11.32 14.59
C TYR D 29 -10.27 -12.29 14.26
N ALA D 30 -10.53 -13.31 13.44
CA ALA D 30 -9.58 -14.39 13.26
C ALA D 30 -9.18 -14.66 11.82
N THR D 31 -9.92 -14.14 10.84
CA THR D 31 -9.77 -14.62 9.48
C THR D 31 -9.27 -13.53 8.55
N PRO D 32 -8.33 -13.85 7.66
CA PRO D 32 -7.93 -12.87 6.63
C PRO D 32 -9.14 -12.40 5.84
N GLY D 33 -9.20 -11.09 5.58
CA GLY D 33 -10.33 -10.49 4.92
C GLY D 33 -11.44 -10.07 5.84
N GLY D 34 -11.37 -10.45 7.11
CA GLY D 34 -12.33 -9.99 8.08
C GLY D 34 -12.01 -8.59 8.60
N TYR D 35 -12.89 -8.12 9.47
CA TYR D 35 -12.79 -6.78 10.06
C TYR D 35 -11.38 -6.44 10.53
N LEU D 36 -10.81 -7.22 11.46
CA LEU D 36 -9.54 -6.82 12.05
C LEU D 36 -8.46 -6.68 10.98
N ASP D 37 -8.41 -7.63 10.05
CA ASP D 37 -7.46 -7.59 8.94
C ASP D 37 -7.65 -6.32 8.12
N LEU D 38 -8.91 -6.01 7.77
CA LEU D 38 -9.21 -4.82 6.98
C LEU D 38 -8.85 -3.53 7.73
N ALA D 39 -8.96 -3.56 9.06
CA ALA D 39 -8.64 -2.39 9.88
C ALA D 39 -7.15 -2.23 10.14
N GLY D 40 -6.32 -3.12 9.61
CA GLY D 40 -4.89 -2.98 9.74
C GLY D 40 -4.25 -3.77 10.85
N PHE D 41 -5.00 -4.62 11.53
CA PHE D 41 -4.43 -5.49 12.55
C PHE D 41 -3.93 -6.78 11.91
N ASP D 42 -2.96 -7.41 12.56
CA ASP D 42 -2.35 -8.64 12.07
C ASP D 42 -3.17 -9.83 12.56
N VAL D 43 -3.78 -10.56 11.63
CA VAL D 43 -4.53 -11.77 11.93
C VAL D 43 -3.86 -13.01 11.35
N SER D 44 -2.60 -12.88 10.91
CA SER D 44 -1.96 -13.96 10.16
C SER D 44 -1.60 -15.17 11.01
N THR D 45 -1.71 -15.07 12.34
CA THR D 45 -1.19 -16.11 13.22
C THR D 45 -2.28 -16.78 14.05
N THR D 46 -3.52 -16.78 13.59
CA THR D 46 -4.62 -17.28 14.41
C THR D 46 -4.88 -18.77 14.23
N ARG D 47 -4.32 -19.41 13.20
CA ARG D 47 -4.47 -20.85 13.03
C ARG D 47 -4.15 -21.67 14.29
N PRO D 48 -3.01 -21.49 14.95
CA PRO D 48 -2.79 -22.25 16.19
C PRO D 48 -3.76 -21.89 17.29
N VAL D 49 -4.20 -20.64 17.36
CA VAL D 49 -5.19 -20.25 18.36
C VAL D 49 -6.49 -21.02 18.15
N ILE D 50 -6.94 -21.13 16.89
CA ILE D 50 -8.17 -21.89 16.61
C ILE D 50 -8.00 -23.34 17.04
N ALA D 51 -6.88 -23.96 16.68
CA ALA D 51 -6.66 -25.36 17.05
C ALA D 51 -6.60 -25.53 18.56
N ASN D 52 -5.96 -24.60 19.27
CA ASN D 52 -5.86 -24.73 20.71
C ASN D 52 -7.21 -24.53 21.39
N ILE D 53 -8.03 -23.65 20.86
CA ILE D 53 -9.38 -23.52 21.38
C ILE D 53 -10.17 -24.81 21.18
N GLN D 54 -10.03 -25.44 20.00
CA GLN D 54 -10.71 -26.71 19.79
C GLN D 54 -10.29 -27.73 20.86
N THR D 55 -8.99 -27.78 21.13
CA THR D 55 -8.49 -28.71 22.15
C THR D 55 -9.05 -28.38 23.53
N ALA D 56 -9.06 -27.10 23.89
CA ALA D 56 -9.61 -26.70 25.18
C ALA D 56 -11.10 -27.02 25.28
N VAL D 57 -11.85 -26.75 24.21
CA VAL D 57 -13.29 -26.98 24.23
C VAL D 57 -13.61 -28.45 24.43
N THR D 58 -12.90 -29.33 23.72
CA THR D 58 -13.13 -30.76 23.88
C THR D 58 -12.88 -31.21 25.30
N ALA D 59 -11.78 -30.72 25.90
CA ALA D 59 -11.47 -31.08 27.28
C ALA D 59 -12.50 -30.55 28.26
N ALA D 60 -12.92 -29.29 28.08
CA ALA D 60 -13.94 -28.73 28.97
C ALA D 60 -15.26 -29.47 28.87
N ARG D 61 -15.68 -29.80 27.65
CA ARG D 61 -16.92 -30.53 27.44
C ARG D 61 -16.89 -31.87 28.17
N ALA D 62 -15.79 -32.61 28.04
CA ALA D 62 -15.68 -33.91 28.66
C ALA D 62 -15.69 -33.83 30.19
N ALA D 63 -15.30 -32.69 30.76
CA ALA D 63 -15.26 -32.50 32.21
C ALA D 63 -16.57 -31.94 32.77
N GLY D 64 -17.58 -31.72 31.94
CA GLY D 64 -18.82 -31.14 32.42
C GLY D 64 -18.79 -29.64 32.61
N LEU D 66 -19.45 -25.92 31.38
CA LEU D 66 -20.25 -25.20 30.39
C LEU D 66 -19.37 -24.43 29.42
N ILE D 67 -19.77 -24.44 28.15
CA ILE D 67 -19.08 -23.69 27.10
C ILE D 67 -19.98 -22.53 26.69
N ILE D 68 -19.44 -21.32 26.75
CA ILE D 68 -20.14 -20.11 26.32
C ILE D 68 -19.34 -19.50 25.19
N TRP D 69 -20.00 -19.31 24.04
CA TRP D 69 -19.43 -18.66 22.87
C TRP D 69 -19.97 -17.25 22.78
N PHE D 70 -19.07 -16.26 22.71
CA PHE D 70 -19.47 -14.87 22.47
C PHE D 70 -19.43 -14.59 20.97
N GLN D 71 -20.42 -13.82 20.48
CA GLN D 71 -20.33 -13.19 19.17
C GLN D 71 -20.54 -11.70 19.36
N ASN D 72 -19.54 -10.92 18.98
CA ASN D 72 -19.64 -9.47 19.06
C ASN D 72 -20.22 -8.89 17.77
N GLY D 73 -21.13 -7.94 17.91
CA GLY D 73 -21.61 -7.22 16.74
C GLY D 73 -23.07 -6.84 16.86
N TRP D 74 -23.61 -6.38 15.73
CA TRP D 74 -24.81 -5.54 15.73
C TRP D 74 -25.70 -5.87 14.55
N ASP D 75 -26.92 -5.36 14.59
CA ASP D 75 -27.76 -5.29 13.40
C ASP D 75 -27.03 -4.58 12.26
N GLU D 76 -27.38 -4.92 11.02
CA GLU D 76 -26.64 -4.39 9.88
C GLU D 76 -26.82 -2.88 9.69
N GLN D 77 -27.79 -2.27 10.35
CA GLN D 77 -27.92 -0.81 10.38
C GLN D 77 -27.15 -0.16 11.51
N TYR D 78 -26.52 -0.95 12.38
CA TYR D 78 -25.70 -0.48 13.50
C TYR D 78 -26.47 0.33 14.54
N VAL D 79 -27.80 0.15 14.60
CA VAL D 79 -28.56 0.76 15.68
C VAL D 79 -27.99 0.34 17.03
N GLU D 80 -27.64 -0.93 17.15
CA GLU D 80 -27.15 -1.45 18.42
C GLU D 80 -25.73 -0.99 18.75
N ALA D 81 -25.03 -0.38 17.80
CA ALA D 81 -23.69 0.14 18.10
C ALA D 81 -23.74 1.50 18.80
N GLY D 82 -24.91 2.12 18.89
CA GLY D 82 -25.02 3.43 19.48
C GLY D 82 -24.85 4.49 18.40
N GLY D 83 -25.60 5.56 18.49
CA GLY D 83 -25.44 6.63 17.53
C GLY D 83 -24.29 7.51 17.94
N PRO D 84 -24.21 8.71 17.35
CA PRO D 84 -23.13 9.64 17.72
C PRO D 84 -23.14 10.03 19.18
N GLY D 85 -24.21 9.72 19.92
CA GLY D 85 -24.21 9.99 21.34
C GLY D 85 -23.50 8.95 22.17
N SER D 86 -23.00 7.89 21.54
CA SER D 86 -22.29 6.84 22.26
C SER D 86 -20.81 6.89 21.94
N PRO D 87 -19.92 6.73 22.93
CA PRO D 87 -18.49 6.62 22.61
C PRO D 87 -18.16 5.48 21.68
N ASN D 88 -18.98 4.41 21.68
CA ASN D 88 -18.70 3.26 20.83
C ASN D 88 -18.78 3.64 19.36
N PHE D 89 -19.69 4.56 19.03
CA PHE D 89 -19.81 5.03 17.65
C PHE D 89 -18.52 5.70 17.21
N HIS D 90 -17.85 6.39 18.13
CA HIS D 90 -16.64 7.14 17.81
C HIS D 90 -15.38 6.33 17.97
N LYS D 91 -15.39 5.24 18.75
CA LYS D 91 -14.20 4.42 18.96
C LYS D 91 -14.15 3.20 18.05
N SER D 92 -15.30 2.66 17.65
CA SER D 92 -15.31 1.38 16.98
C SER D 92 -14.48 1.42 15.72
N ASN D 93 -13.44 0.59 15.67
CA ASN D 93 -12.62 0.51 14.47
C ASN D 93 -13.36 -0.13 13.31
N ALA D 94 -14.37 -0.95 13.57
CA ALA D 94 -15.19 -1.46 12.49
C ALA D 94 -15.96 -0.33 11.83
N LEU D 95 -16.63 0.50 12.63
CA LEU D 95 -17.34 1.65 12.08
C LEU D 95 -16.40 2.59 11.36
N LYS D 96 -15.21 2.85 11.93
CA LYS D 96 -14.24 3.72 11.25
C LYS D 96 -13.86 3.15 9.89
N THR D 97 -13.61 1.85 9.82
CA THR D 97 -13.25 1.21 8.56
C THR D 97 -14.34 1.37 7.52
N ARG D 99 -16.64 3.71 7.39
CA ARG D 99 -16.73 5.10 6.97
C ARG D 99 -15.71 5.42 5.89
N LYS D 100 -14.50 4.85 6.00
CA LYS D 100 -13.48 5.05 4.97
C LYS D 100 -13.74 4.21 3.73
N GLN D 101 -14.38 3.06 3.88
CA GLN D 101 -14.61 2.12 2.79
C GLN D 101 -16.10 1.81 2.72
N PRO D 102 -16.89 2.70 2.09
CA PRO D 102 -18.35 2.50 2.08
C PRO D 102 -18.78 1.23 1.36
N GLN D 103 -17.92 0.63 0.53
CA GLN D 103 -18.23 -0.67 -0.04
C GLN D 103 -18.51 -1.70 1.06
N LEU D 104 -17.93 -1.52 2.24
CA LEU D 104 -18.09 -2.47 3.34
C LEU D 104 -19.23 -2.11 4.28
N GLN D 105 -19.95 -1.02 4.03
CA GLN D 105 -21.00 -0.60 4.95
C GLN D 105 -22.03 -1.71 5.12
N GLY D 106 -22.37 -2.03 6.35
CA GLY D 106 -23.34 -3.06 6.63
C GLY D 106 -22.78 -4.46 6.71
N LYS D 107 -21.47 -4.65 6.47
CA LYS D 107 -20.89 -5.98 6.47
C LYS D 107 -20.07 -6.31 7.71
N LEU D 108 -19.30 -5.37 8.26
CA LEU D 108 -18.44 -5.69 9.38
C LEU D 108 -19.25 -5.82 10.66
N LEU D 109 -19.01 -6.91 11.40
CA LEU D 109 -19.66 -7.16 12.69
C LEU D 109 -21.18 -7.13 12.60
N ALA D 110 -21.72 -7.50 11.44
CA ALA D 110 -23.15 -7.41 11.19
C ALA D 110 -23.78 -8.78 11.35
N LYS D 111 -24.77 -8.86 12.23
CA LYS D 111 -25.50 -10.10 12.46
C LYS D 111 -26.00 -10.66 11.14
N GLY D 112 -25.75 -11.96 10.93
CA GLY D 112 -26.14 -12.64 9.72
C GLY D 112 -25.08 -12.67 8.63
N SER D 113 -23.96 -11.96 8.80
CA SER D 113 -22.95 -11.81 7.76
C SER D 113 -21.79 -12.77 7.97
N TRP D 114 -20.97 -12.89 6.94
CA TRP D 114 -19.75 -13.69 7.03
C TRP D 114 -18.82 -13.20 8.12
N ASP D 115 -18.60 -11.87 8.21
CA ASP D 115 -17.71 -11.31 9.21
C ASP D 115 -18.12 -11.72 10.62
N TYR D 116 -19.42 -11.78 10.87
CA TYR D 116 -19.96 -12.06 12.19
C TYR D 116 -19.95 -13.55 12.54
N GLN D 117 -19.91 -14.42 11.53
CA GLN D 117 -19.99 -15.86 11.77
C GLN D 117 -18.78 -16.34 12.56
N LEU D 118 -19.02 -17.33 13.42
CA LEU D 118 -17.90 -18.05 14.02
C LEU D 118 -17.08 -18.70 12.92
N VAL D 119 -15.76 -18.77 13.15
CA VAL D 119 -14.89 -19.39 12.15
C VAL D 119 -15.33 -20.82 11.88
N ASP D 120 -15.05 -21.29 10.66
CA ASP D 120 -15.56 -22.58 10.20
C ASP D 120 -15.21 -23.71 11.16
N GLU D 121 -14.03 -23.65 11.76
CA GLU D 121 -13.52 -24.76 12.57
C GLU D 121 -14.24 -24.89 13.91
N LEU D 122 -14.96 -23.88 14.35
CA LEU D 122 -15.50 -23.84 15.71
C LEU D 122 -17.02 -23.91 15.64
N VAL D 123 -17.59 -25.01 16.12
CA VAL D 123 -18.99 -25.34 15.94
C VAL D 123 -19.61 -25.57 17.31
N PRO D 124 -20.40 -24.62 17.81
CA PRO D 124 -21.10 -24.86 19.08
C PRO D 124 -21.99 -26.10 19.00
N GLN D 125 -22.09 -26.79 20.12
CA GLN D 125 -22.83 -28.03 20.25
C GLN D 125 -24.03 -27.84 21.15
N PRO D 126 -25.04 -28.70 21.05
CA PRO D 126 -26.19 -28.61 21.96
C PRO D 126 -25.72 -28.65 23.41
N GLY D 127 -26.31 -27.77 24.23
CA GLY D 127 -25.88 -27.58 25.58
C GLY D 127 -24.99 -26.37 25.78
N ASP D 128 -24.24 -25.99 24.75
CA ASP D 128 -23.47 -24.76 24.83
C ASP D 128 -24.41 -23.55 24.81
N ILE D 129 -23.90 -22.43 25.28
CA ILE D 129 -24.62 -21.16 25.18
C ILE D 129 -23.88 -20.28 24.19
N VAL D 130 -24.62 -19.69 23.25
CA VAL D 130 -24.06 -18.71 22.33
C VAL D 130 -24.66 -17.37 22.68
N LEU D 131 -23.81 -16.41 23.03
CA LEU D 131 -24.27 -15.12 23.51
C LEU D 131 -23.83 -14.01 22.56
N PRO D 132 -24.76 -13.25 22.00
CA PRO D 132 -24.38 -12.01 21.32
C PRO D 132 -24.02 -10.96 22.35
N LYS D 133 -23.10 -10.07 21.98
CA LYS D 133 -22.85 -8.93 22.86
C LYS D 133 -22.64 -7.68 22.02
N PRO D 134 -23.09 -6.53 22.50
CA PRO D 134 -22.96 -5.28 21.73
C PRO D 134 -21.75 -4.42 22.04
N ARG D 135 -20.98 -4.76 23.07
CA ARG D 135 -19.80 -4.00 23.42
C ARG D 135 -18.70 -4.97 23.80
N TYR D 136 -17.49 -4.46 24.00
CA TYR D 136 -16.33 -5.33 24.16
C TYR D 136 -16.51 -6.30 25.33
N SER D 137 -17.01 -5.82 26.46
CA SER D 137 -17.11 -6.65 27.66
C SER D 137 -18.39 -7.49 27.61
N GLY D 138 -18.25 -8.81 27.80
CA GLY D 138 -19.39 -9.69 27.83
C GLY D 138 -20.31 -9.49 29.01
N PHE D 139 -19.88 -8.73 30.01
CA PHE D 139 -20.68 -8.53 31.22
C PHE D 139 -21.59 -7.31 31.16
N PHE D 140 -21.40 -6.40 30.22
CA PHE D 140 -22.29 -5.26 30.11
C PHE D 140 -23.37 -5.54 29.09
N ASN D 141 -24.61 -5.21 29.43
CA ASN D 141 -25.73 -5.20 28.50
C ASN D 141 -26.20 -6.58 28.08
N THR D 142 -25.80 -7.63 28.79
CA THR D 142 -26.11 -9.01 28.45
C THR D 142 -26.59 -9.76 29.68
N PRO D 143 -27.13 -10.98 29.49
CA PRO D 143 -27.46 -11.83 30.64
C PRO D 143 -26.33 -12.72 31.15
N LEU D 144 -25.08 -12.45 30.77
CA LEU D 144 -23.97 -13.32 31.15
C LEU D 144 -23.92 -13.54 32.67
N ASP D 145 -23.94 -12.46 33.45
CA ASP D 145 -23.86 -12.60 34.90
C ASP D 145 -25.00 -13.47 35.42
N SER D 146 -26.21 -13.24 34.93
CA SER D 146 -27.36 -14.01 35.38
C SER D 146 -27.21 -15.49 35.01
N ILE D 147 -26.75 -15.76 33.79
CA ILE D 147 -26.51 -17.14 33.34
C ILE D 147 -25.56 -17.86 34.30
N LEU D 148 -24.44 -17.20 34.63
CA LEU D 148 -23.43 -17.84 35.46
C LEU D 148 -23.92 -18.00 36.89
N ARG D 149 -24.58 -16.98 37.44
CA ARG D 149 -25.09 -17.05 38.80
C ARG D 149 -26.14 -18.14 38.94
N SER D 150 -27.01 -18.26 37.94
CA SER D 150 -28.06 -19.27 37.97
C SER D 150 -27.51 -20.68 38.05
N ARG D 151 -26.27 -20.88 37.62
CA ARG D 151 -25.63 -22.19 37.65
C ARG D 151 -24.58 -22.30 38.75
N GLY D 152 -24.50 -21.31 39.63
CA GLY D 152 -23.52 -21.33 40.69
C GLY D 152 -22.08 -21.33 40.23
N ILE D 153 -21.82 -20.75 39.06
CA ILE D 153 -20.47 -20.75 38.50
C ILE D 153 -19.68 -19.59 39.09
N ARG D 154 -18.49 -19.88 39.60
CA ARG D 154 -17.62 -18.83 40.10
C ARG D 154 -16.28 -18.74 39.38
N HIS D 155 -15.96 -19.71 38.51
CA HIS D 155 -14.67 -19.75 37.82
C HIS D 155 -14.89 -19.70 36.32
N LEU D 156 -14.17 -18.80 35.66
CA LEU D 156 -14.28 -18.58 34.22
C LEU D 156 -12.92 -18.81 33.59
N VAL D 157 -12.88 -19.61 32.53
CA VAL D 157 -11.65 -19.87 31.78
C VAL D 157 -11.81 -19.22 30.41
N PHE D 158 -10.94 -18.26 30.12
CA PHE D 158 -11.10 -17.39 28.95
C PHE D 158 -10.18 -17.83 27.82
N THR D 159 -10.73 -17.82 26.61
CA THR D 159 -9.98 -17.97 25.38
C THR D 159 -10.55 -16.97 24.40
N GLY D 160 -9.81 -16.73 23.30
CA GLY D 160 -10.37 -15.95 22.21
C GLY D 160 -9.63 -14.66 21.89
N ILE D 161 -10.31 -13.74 21.21
CA ILE D 161 -9.67 -12.55 20.64
C ILE D 161 -10.62 -11.38 20.86
N ALA D 162 -10.08 -10.20 21.19
CA ALA D 162 -8.66 -9.91 21.38
C ALA D 162 -8.29 -9.98 22.86
N THR D 163 -7.10 -10.52 23.13
CA THR D 163 -6.62 -10.67 24.51
C THR D 163 -6.76 -9.36 25.29
N ASN D 164 -6.39 -8.25 24.66
CA ASN D 164 -6.30 -6.95 25.32
C ASN D 164 -7.59 -6.17 25.30
N VAL D 165 -8.58 -6.63 24.56
CA VAL D 165 -9.82 -5.87 24.40
C VAL D 165 -10.97 -6.66 25.00
N CYS D 166 -11.62 -7.51 24.21
CA CYS D 166 -12.83 -8.19 24.70
C CYS D 166 -12.50 -9.22 25.77
N VAL D 167 -11.41 -9.98 25.58
CA VAL D 167 -11.02 -10.96 26.61
C VAL D 167 -10.71 -10.24 27.92
N GLU D 168 -9.74 -9.32 27.90
CA GLU D 168 -9.34 -8.66 29.14
C GLU D 168 -10.49 -7.87 29.76
N SER D 169 -11.32 -7.21 28.95
CA SER D 169 -12.40 -6.41 29.52
C SER D 169 -13.39 -7.30 30.25
N THR D 170 -13.73 -8.43 29.63
CA THR D 170 -14.67 -9.35 30.26
C THR D 170 -14.07 -9.96 31.52
N LEU D 171 -12.78 -10.28 31.50
CA LEU D 171 -12.14 -10.84 32.67
C LEU D 171 -12.07 -9.82 33.80
N ARG D 172 -11.68 -8.57 33.50
CA ARG D 172 -11.65 -7.53 34.52
C ARG D 172 -13.04 -7.33 35.13
N ASP D 173 -14.06 -7.19 34.28
CA ASP D 173 -15.40 -7.02 34.81
C ASP D 173 -15.85 -8.24 35.60
N GLY D 174 -15.46 -9.43 35.14
CA GLY D 174 -15.74 -10.61 35.94
C GLY D 174 -15.15 -10.51 37.33
N PHE D 175 -13.89 -10.06 37.41
CA PHE D 175 -13.26 -9.86 38.71
C PHE D 175 -14.08 -8.91 39.56
N PHE D 176 -14.60 -7.82 38.98
CA PHE D 176 -15.40 -6.88 39.77
C PHE D 176 -16.74 -7.47 40.18
N LEU D 177 -17.19 -8.53 39.50
CA LEU D 177 -18.38 -9.28 39.87
C LEU D 177 -18.04 -10.53 40.69
N GLU D 178 -16.81 -10.59 41.22
CA GLU D 178 -16.36 -11.63 42.13
C GLU D 178 -16.15 -12.98 41.45
N TYR D 179 -15.90 -12.99 40.14
CA TYR D 179 -15.53 -14.22 39.45
C TYR D 179 -14.02 -14.39 39.43
N PHE D 180 -13.57 -15.63 39.57
CA PHE D 180 -12.18 -16.00 39.42
C PHE D 180 -11.92 -16.32 37.95
N GLY D 181 -11.09 -15.52 37.31
CA GLY D 181 -10.87 -15.64 35.88
C GLY D 181 -9.46 -16.11 35.55
N VAL D 182 -9.39 -17.08 34.64
CA VAL D 182 -8.13 -17.61 34.13
C VAL D 182 -8.14 -17.42 32.63
N VAL D 183 -7.00 -17.03 32.06
CA VAL D 183 -6.86 -16.93 30.62
C VAL D 183 -5.87 -18.01 30.16
N LEU D 184 -6.20 -18.69 29.07
CA LEU D 184 -5.31 -19.69 28.48
C LEU D 184 -4.52 -18.98 27.40
N GLU D 185 -3.25 -18.69 27.68
CA GLU D 185 -2.52 -17.70 26.89
C GLU D 185 -2.35 -18.12 25.44
N ASP D 186 -2.11 -19.41 25.20
CA ASP D 186 -1.90 -19.90 23.83
C ASP D 186 -3.21 -20.12 23.08
N ALA D 187 -4.34 -19.75 23.67
CA ALA D 187 -5.64 -19.77 23.03
C ALA D 187 -6.22 -18.36 22.93
N THR D 188 -5.34 -17.36 22.90
CA THR D 188 -5.73 -15.97 22.72
C THR D 188 -4.81 -15.31 21.71
N HIS D 189 -5.26 -14.16 21.20
CA HIS D 189 -4.44 -13.34 20.33
C HIS D 189 -4.88 -11.89 20.49
N GLN D 190 -3.90 -10.99 20.51
CA GLN D 190 -4.14 -9.58 20.76
C GLN D 190 -4.54 -8.85 19.48
N ALA D 191 -5.13 -7.69 19.65
CA ALA D 191 -5.35 -6.75 18.55
C ALA D 191 -4.40 -5.59 18.79
N GLY D 192 -3.34 -5.52 17.98
CA GLY D 192 -2.31 -4.53 18.14
C GLY D 192 -0.94 -5.17 18.07
N PRO D 193 0.12 -4.41 18.35
CA PRO D 193 1.47 -4.98 18.37
C PRO D 193 1.60 -6.07 19.42
N LYS D 194 2.65 -6.88 19.26
CA LYS D 194 2.87 -8.01 20.15
C LYS D 194 2.92 -7.59 21.62
N PHE D 195 3.46 -6.40 21.90
CA PHE D 195 3.51 -5.96 23.29
C PHE D 195 2.14 -5.89 23.95
N ALA D 196 1.06 -5.78 23.16
CA ALA D 196 -0.27 -5.73 23.77
C ALA D 196 -0.69 -7.10 24.28
N GLN D 197 -0.18 -8.17 23.69
CA GLN D 197 -0.41 -9.50 24.23
C GLN D 197 0.29 -9.65 25.58
N LYS D 198 1.60 -9.40 25.60
CA LYS D 198 2.34 -9.47 26.86
C LYS D 198 1.72 -8.58 27.93
N ALA D 199 1.32 -7.35 27.58
CA ALA D 199 0.83 -6.43 28.60
C ALA D 199 -0.52 -6.88 29.15
N ALA D 200 -1.39 -7.43 28.30
CA ALA D 200 -2.67 -7.94 28.80
C ALA D 200 -2.44 -9.11 29.75
N LEU D 201 -1.57 -10.04 29.36
CA LEU D 201 -1.28 -11.17 30.25
C LEU D 201 -0.67 -10.68 31.56
N PHE D 202 0.19 -9.68 31.50
CA PHE D 202 0.76 -9.13 32.74
C PHE D 202 -0.32 -8.52 33.63
N ASN D 203 -1.22 -7.74 33.05
CA ASN D 203 -2.27 -7.13 33.87
C ASN D 203 -3.14 -8.19 34.50
N ILE D 204 -3.50 -9.23 33.73
CA ILE D 204 -4.32 -10.31 34.26
C ILE D 204 -3.59 -11.03 35.39
N GLU D 205 -2.38 -11.51 35.13
CA GLU D 205 -1.63 -12.26 36.14
C GLU D 205 -1.39 -11.43 37.39
N THR D 206 -1.09 -10.14 37.23
CA THR D 206 -0.62 -9.37 38.37
C THR D 206 -1.78 -8.82 39.19
N PHE D 207 -2.93 -8.52 38.56
CA PHE D 207 -3.96 -7.77 39.25
C PHE D 207 -5.35 -8.40 39.25
N PHE D 208 -5.71 -9.16 38.20
CA PHE D 208 -7.11 -9.50 37.97
C PHE D 208 -7.45 -10.97 38.01
N GLY D 209 -6.50 -11.85 37.71
CA GLY D 209 -6.83 -13.26 37.56
C GLY D 209 -5.60 -14.11 37.40
N TRP D 210 -5.70 -15.17 36.60
CA TRP D 210 -4.64 -16.15 36.49
C TRP D 210 -4.36 -16.41 35.01
N VAL D 211 -3.13 -16.83 34.72
CA VAL D 211 -2.71 -17.20 33.37
C VAL D 211 -2.28 -18.65 33.37
N SER D 212 -2.83 -19.43 32.44
CA SER D 212 -2.41 -20.81 32.26
C SER D 212 -2.28 -21.05 30.76
N ASP D 213 -2.27 -22.31 30.35
CA ASP D 213 -2.14 -22.67 28.94
C ASP D 213 -2.99 -23.91 28.68
N VAL D 214 -3.22 -24.20 27.39
CA VAL D 214 -4.20 -25.21 27.03
C VAL D 214 -3.76 -26.60 27.49
N GLU D 215 -2.48 -26.93 27.28
CA GLU D 215 -1.98 -28.24 27.70
C GLU D 215 -2.14 -28.44 29.20
N THR D 216 -1.81 -27.41 30.00
CA THR D 216 -1.96 -27.51 31.44
C THR D 216 -3.42 -27.67 31.83
N PHE D 217 -4.29 -26.90 31.17
CA PHE D 217 -5.72 -26.97 31.41
C PHE D 217 -6.26 -28.36 31.13
N CYS D 218 -5.91 -28.91 29.96
CA CYS D 218 -6.45 -30.21 29.58
C CYS D 218 -5.97 -31.31 30.53
N ASP D 219 -4.71 -31.25 30.94
CA ASP D 219 -4.18 -32.25 31.86
C ASP D 219 -4.80 -32.11 33.25
N ALA D 220 -5.11 -30.88 33.66
CA ALA D 220 -5.81 -30.68 34.93
C ALA D 220 -7.17 -31.34 34.93
N LEU D 221 -7.85 -31.33 33.77
CA LEU D 221 -9.18 -31.91 33.66
C LEU D 221 -9.14 -33.42 33.43
N SER D 222 -7.98 -33.96 33.05
CA SER D 222 -7.81 -35.40 32.83
C SER D 222 -8.46 -36.28 33.91
N PRO D 223 -8.26 -36.04 35.22
CA PRO D 223 -8.96 -36.87 36.20
C PRO D 223 -10.47 -36.64 36.19
N THR E 2 34.69 -0.61 -30.86
CA THR E 2 36.12 -0.60 -30.58
C THR E 2 36.87 -1.59 -31.46
N THR E 3 37.99 -1.16 -32.04
CA THR E 3 38.87 -2.04 -32.80
C THR E 3 40.12 -2.27 -31.98
N LEU E 4 40.45 -3.54 -31.74
CA LEU E 4 41.56 -3.92 -30.88
C LEU E 4 42.59 -4.66 -31.71
N THR E 5 43.79 -4.10 -31.80
CA THR E 5 44.90 -4.78 -32.46
C THR E 5 45.21 -6.08 -31.72
N ALA E 6 45.29 -7.17 -32.46
CA ALA E 6 45.42 -8.49 -31.84
C ALA E 6 46.04 -9.44 -32.86
N ARG E 7 46.47 -10.59 -32.36
CA ARG E 7 46.89 -11.71 -33.17
C ARG E 7 45.77 -12.75 -33.23
N PRO E 8 45.48 -13.34 -34.39
CA PRO E 8 46.18 -13.18 -35.67
C PRO E 8 45.73 -11.98 -36.52
N GLU E 9 44.65 -11.32 -36.11
CA GLU E 9 44.24 -10.07 -36.75
C GLU E 9 43.45 -9.24 -35.74
N ALA E 10 43.34 -7.95 -36.05
CA ALA E 10 42.56 -7.05 -35.20
C ALA E 10 41.10 -7.49 -35.20
N ILE E 11 40.44 -7.26 -34.07
CA ILE E 11 39.02 -7.58 -33.95
C ILE E 11 38.24 -6.38 -33.44
N THR E 12 36.94 -6.46 -33.60
CA THR E 12 36.02 -5.41 -33.18
C THR E 12 35.17 -5.93 -32.04
N PHE E 13 34.89 -5.06 -31.07
CA PHE E 13 33.93 -5.40 -30.03
C PHE E 13 33.31 -4.12 -29.49
N ASP E 14 32.10 -4.25 -28.96
CA ASP E 14 31.45 -3.17 -28.24
C ASP E 14 31.70 -3.38 -26.76
N PRO E 15 32.37 -2.45 -26.08
CA PRO E 15 32.64 -2.63 -24.64
C PRO E 15 31.40 -2.88 -23.80
N GLN E 16 30.29 -2.21 -24.07
CA GLN E 16 29.10 -2.45 -23.26
C GLN E 16 28.39 -3.76 -23.62
N GLN E 17 28.89 -4.49 -24.61
CA GLN E 17 28.46 -5.86 -24.90
C GLN E 17 29.60 -6.84 -24.68
N SER E 18 30.54 -6.49 -23.81
CA SER E 18 31.71 -7.31 -23.55
C SER E 18 31.94 -7.43 -22.05
N ALA E 19 32.77 -8.41 -21.68
CA ALA E 19 33.13 -8.61 -20.28
C ALA E 19 34.63 -8.83 -20.18
N LEU E 20 35.23 -8.24 -19.16
CA LEU E 20 36.60 -8.53 -18.78
C LEU E 20 36.54 -9.58 -17.67
N ILE E 21 37.16 -10.73 -17.92
CA ILE E 21 37.17 -11.82 -16.95
C ILE E 21 38.54 -11.87 -16.30
N VAL E 22 38.56 -11.82 -14.97
CA VAL E 22 39.77 -11.96 -14.17
C VAL E 22 39.76 -13.34 -13.56
N VAL E 23 40.60 -14.24 -14.08
CA VAL E 23 40.57 -15.65 -13.72
C VAL E 23 41.48 -15.90 -12.52
N ASP E 24 40.86 -16.22 -11.37
CA ASP E 24 41.52 -16.88 -10.25
C ASP E 24 42.73 -16.12 -9.72
N GLN E 26 43.77 -15.27 -7.01
CA GLN E 26 43.77 -15.57 -5.59
C GLN E 26 45.19 -15.84 -5.12
N ASN E 27 45.37 -15.78 -3.80
CA ASN E 27 46.70 -16.07 -3.25
C ASN E 27 47.17 -17.45 -3.68
N ALA E 28 46.24 -18.39 -3.85
CA ALA E 28 46.59 -19.74 -4.28
C ALA E 28 47.39 -19.73 -5.58
N TYR E 29 47.04 -18.83 -6.49
CA TYR E 29 47.62 -18.86 -7.82
C TYR E 29 48.70 -17.82 -8.03
N ALA E 30 48.81 -16.81 -7.16
CA ALA E 30 49.67 -15.67 -7.40
C ALA E 30 50.67 -15.38 -6.29
N THR E 31 50.48 -15.92 -5.09
CA THR E 31 51.23 -15.40 -3.97
C THR E 31 52.16 -16.46 -3.39
N PRO E 32 53.39 -16.07 -3.05
CA PRO E 32 54.28 -17.01 -2.34
C PRO E 32 53.60 -17.55 -1.09
N GLY E 33 53.80 -18.85 -0.83
CA GLY E 33 53.13 -19.51 0.26
C GLY E 33 51.73 -20.02 -0.06
N GLY E 34 51.19 -19.64 -1.22
CA GLY E 34 49.91 -20.16 -1.66
C GLY E 34 50.04 -21.53 -2.28
N TYR E 35 48.87 -22.08 -2.65
CA TYR E 35 48.79 -23.43 -3.20
C TYR E 35 49.83 -23.69 -4.28
N LEU E 36 49.83 -22.90 -5.37
CA LEU E 36 50.72 -23.20 -6.48
C LEU E 36 52.19 -23.23 -6.03
N ASP E 37 52.59 -22.25 -5.22
CA ASP E 37 53.95 -22.23 -4.68
C ASP E 37 54.23 -23.50 -3.89
N LEU E 38 53.30 -23.90 -3.02
CA LEU E 38 53.49 -25.09 -2.21
C LEU E 38 53.51 -26.35 -3.05
N ALA E 39 52.83 -26.34 -4.19
CA ALA E 39 52.80 -27.48 -5.09
C ALA E 39 53.99 -27.54 -6.04
N GLY E 40 54.94 -26.60 -5.94
CA GLY E 40 56.13 -26.65 -6.75
C GLY E 40 56.13 -25.77 -7.97
N PHE E 41 55.04 -25.05 -8.24
CA PHE E 41 55.00 -24.13 -9.37
C PHE E 41 55.64 -22.79 -8.99
N ASP E 42 56.12 -22.08 -10.01
CA ASP E 42 56.85 -20.83 -9.80
C ASP E 42 55.87 -19.65 -9.83
N VAL E 43 55.72 -18.98 -8.70
CA VAL E 43 54.88 -17.79 -8.59
C VAL E 43 55.70 -16.52 -8.40
N SER E 44 57.03 -16.60 -8.56
CA SER E 44 57.90 -15.49 -8.22
C SER E 44 57.78 -14.30 -9.17
N THR E 45 57.09 -14.46 -10.30
CA THR E 45 57.03 -13.40 -11.32
C THR E 45 55.62 -12.85 -11.55
N THR E 46 54.71 -13.02 -10.59
CA THR E 46 53.33 -12.62 -10.82
C THR E 46 53.04 -11.16 -10.46
N ARG E 47 53.95 -10.46 -9.78
CA ARG E 47 53.67 -9.07 -9.43
C ARG E 47 53.37 -8.19 -10.64
N PRO E 48 54.10 -8.27 -11.75
CA PRO E 48 53.70 -7.49 -12.94
C PRO E 48 52.35 -7.91 -13.49
N VAL E 49 51.97 -9.18 -13.35
CA VAL E 49 50.65 -9.61 -13.80
C VAL E 49 49.57 -8.92 -12.99
N ILE E 50 49.74 -8.89 -11.67
CA ILE E 50 48.78 -8.22 -10.79
C ILE E 50 48.63 -6.76 -11.20
N ALA E 51 49.75 -6.06 -11.38
CA ALA E 51 49.70 -4.65 -11.75
C ALA E 51 49.00 -4.47 -13.10
N ASN E 52 49.30 -5.33 -14.07
CA ASN E 52 48.69 -5.20 -15.39
C ASN E 52 47.20 -5.48 -15.35
N ILE E 53 46.75 -6.40 -14.50
CA ILE E 53 45.33 -6.65 -14.37
C ILE E 53 44.63 -5.46 -13.73
N GLN E 54 45.24 -4.87 -12.68
CA GLN E 54 44.68 -3.66 -12.10
C GLN E 54 44.51 -2.58 -13.16
N THR E 55 45.51 -2.41 -14.03
CA THR E 55 45.43 -1.43 -15.10
C THR E 55 44.32 -1.78 -16.10
N ALA E 56 44.21 -3.06 -16.46
CA ALA E 56 43.17 -3.46 -17.40
C ALA E 56 41.78 -3.27 -16.81
N VAL E 57 41.61 -3.58 -15.51
CA VAL E 57 40.32 -3.42 -14.86
C VAL E 57 39.89 -1.97 -14.85
N THR E 58 40.81 -1.07 -14.46
CA THR E 58 40.51 0.36 -14.48
C THR E 58 39.99 0.80 -15.85
N ALA E 59 40.69 0.38 -16.91
CA ALA E 59 40.30 0.80 -18.26
C ALA E 59 38.96 0.20 -18.67
N ALA E 60 38.77 -1.11 -18.43
CA ALA E 60 37.52 -1.75 -18.81
C ALA E 60 36.34 -1.15 -18.07
N ARG E 61 36.50 -0.91 -16.76
CA ARG E 61 35.44 -0.34 -15.95
C ARG E 61 35.04 1.04 -16.47
N ALA E 62 36.02 1.87 -16.82
CA ALA E 62 35.73 3.20 -17.33
C ALA E 62 35.02 3.16 -18.68
N ALA E 63 35.20 2.08 -19.44
CA ALA E 63 34.57 1.92 -20.75
C ALA E 63 33.22 1.22 -20.66
N GLY E 64 32.72 0.95 -19.46
CA GLY E 64 31.42 0.32 -19.31
C GLY E 64 31.42 -1.18 -19.49
N LEU E 66 31.63 -4.96 -18.26
CA LEU E 66 31.39 -5.74 -17.05
C LEU E 66 32.66 -6.46 -16.62
N ILE E 67 32.96 -6.40 -15.32
CA ILE E 67 34.11 -7.09 -14.75
C ILE E 67 33.61 -8.32 -14.02
N ILE E 68 34.13 -9.48 -14.39
CA ILE E 68 33.80 -10.76 -13.75
C ILE E 68 35.07 -11.33 -13.14
N TRP E 69 35.04 -11.59 -11.83
CA TRP E 69 36.15 -12.19 -11.11
C TRP E 69 35.80 -13.64 -10.80
N PHE E 70 36.69 -14.57 -11.17
CA PHE E 70 36.54 -15.97 -10.80
C PHE E 70 37.31 -16.24 -9.50
N GLN E 71 36.72 -17.06 -8.63
CA GLN E 71 37.48 -17.67 -7.53
C GLN E 71 37.28 -19.16 -7.62
N ASN E 72 38.39 -19.89 -7.79
CA ASN E 72 38.35 -21.33 -7.88
C ASN E 72 38.50 -21.94 -6.49
N GLY E 73 37.67 -22.90 -6.17
CA GLY E 73 37.86 -23.63 -4.94
C GLY E 73 36.54 -24.14 -4.38
N TRP E 74 36.60 -24.62 -3.13
CA TRP E 74 35.58 -25.51 -2.61
C TRP E 74 35.34 -25.25 -1.13
N ASP E 75 34.29 -25.86 -0.62
CA ASP E 75 34.08 -25.94 0.82
C ASP E 75 35.31 -26.59 1.47
N GLU E 76 35.55 -26.22 2.74
CA GLU E 76 36.76 -26.69 3.40
C GLU E 76 36.78 -28.19 3.65
N GLN E 77 35.64 -28.87 3.51
CA GLN E 77 35.60 -30.32 3.54
C GLN E 77 35.80 -30.96 2.16
N TYR E 78 35.88 -30.15 1.11
CA TYR E 78 36.15 -30.61 -0.26
C TYR E 78 35.04 -31.50 -0.83
N VAL E 79 33.84 -31.43 -0.26
CA VAL E 79 32.68 -32.08 -0.87
C VAL E 79 32.56 -31.65 -2.32
N GLU E 80 32.75 -30.36 -2.58
CA GLU E 80 32.55 -29.81 -3.91
C GLU E 80 33.68 -30.16 -4.88
N ALA E 81 34.79 -30.70 -4.39
CA ALA E 81 35.89 -31.12 -5.25
C ALA E 81 35.66 -32.50 -5.85
N GLY E 82 34.65 -33.24 -5.38
CA GLY E 82 34.43 -34.58 -5.81
C GLY E 82 35.26 -35.56 -5.00
N GLY E 83 34.69 -36.70 -4.65
CA GLY E 83 35.45 -37.74 -4.00
C GLY E 83 36.17 -38.59 -5.01
N PRO E 84 36.61 -39.78 -4.60
CA PRO E 84 37.40 -40.63 -5.51
C PRO E 84 36.67 -41.02 -6.80
N GLY E 85 35.36 -40.86 -6.86
CA GLY E 85 34.67 -41.10 -8.11
C GLY E 85 34.78 -40.00 -9.14
N SER E 86 35.45 -38.89 -8.80
CA SER E 86 35.65 -37.80 -9.73
C SER E 86 37.11 -37.74 -10.18
N PRO E 87 37.38 -37.55 -11.46
CA PRO E 87 38.78 -37.31 -11.87
C PRO E 87 39.40 -36.10 -11.19
N ASN E 88 38.60 -35.11 -10.78
CA ASN E 88 39.16 -33.95 -10.10
C ASN E 88 39.84 -34.34 -8.80
N PHE E 89 39.29 -35.31 -8.09
CA PHE E 89 39.91 -35.79 -6.86
C PHE E 89 41.30 -36.32 -7.12
N HIS E 90 41.50 -36.96 -8.27
CA HIS E 90 42.78 -37.58 -8.60
C HIS E 90 43.73 -36.65 -9.33
N LYS E 91 43.21 -35.60 -9.96
CA LYS E 91 44.05 -34.69 -10.73
C LYS E 91 44.46 -33.45 -9.96
N SER E 92 43.64 -32.99 -9.01
CA SER E 92 43.88 -31.69 -8.38
C SER E 92 45.21 -31.67 -7.67
N ASN E 93 46.10 -30.77 -8.09
CA ASN E 93 47.37 -30.65 -7.41
C ASN E 93 47.23 -30.08 -6.00
N ALA E 94 46.16 -29.35 -5.73
CA ALA E 94 45.92 -28.89 -4.37
C ALA E 94 45.55 -30.05 -3.46
N LEU E 95 44.64 -30.91 -3.93
CA LEU E 95 44.30 -32.09 -3.14
C LEU E 95 45.51 -33.00 -2.96
N LYS E 96 46.30 -33.16 -4.02
CA LYS E 96 47.54 -33.94 -3.90
C LYS E 96 48.46 -33.36 -2.84
N THR E 97 48.60 -32.04 -2.80
CA THR E 97 49.50 -31.41 -1.83
C THR E 97 49.03 -31.63 -0.40
N ARG E 99 47.18 -34.16 0.65
CA ARG E 99 47.37 -35.56 0.99
C ARG E 99 48.82 -35.82 1.43
N LYS E 100 49.78 -35.04 0.93
CA LYS E 100 51.16 -35.18 1.39
C LYS E 100 51.43 -34.38 2.66
N GLN E 101 50.72 -33.26 2.86
CA GLN E 101 50.96 -32.34 3.96
C GLN E 101 49.66 -32.15 4.73
N PRO E 102 49.36 -33.03 5.67
CA PRO E 102 48.09 -32.90 6.42
C PRO E 102 47.95 -31.60 7.20
N GLN E 103 49.06 -30.93 7.52
CA GLN E 103 48.95 -29.63 8.17
C GLN E 103 48.14 -28.65 7.34
N LEU E 104 48.16 -28.81 6.02
CA LEU E 104 47.44 -27.92 5.12
C LEU E 104 46.04 -28.38 4.81
N GLN E 105 45.58 -29.49 5.38
CA GLN E 105 44.25 -30.01 5.07
C GLN E 105 43.19 -28.97 5.41
N GLY E 106 42.32 -28.70 4.45
CA GLY E 106 41.24 -27.74 4.65
C GLY E 106 41.61 -26.30 4.38
N LYS E 107 42.85 -26.02 3.98
CA LYS E 107 43.31 -24.66 3.73
C LYS E 107 43.46 -24.31 2.26
N LEU E 108 43.96 -25.23 1.43
CA LEU E 108 44.18 -24.88 0.03
C LEU E 108 42.86 -24.79 -0.72
N LEU E 109 42.69 -23.69 -1.46
CA LEU E 109 41.49 -23.46 -2.29
C LEU E 109 40.19 -23.60 -1.50
N ALA E 110 40.22 -23.24 -0.22
CA ALA E 110 39.08 -23.44 0.66
C ALA E 110 38.33 -22.12 0.82
N LYS E 111 37.05 -22.12 0.48
CA LYS E 111 36.24 -20.93 0.61
C LYS E 111 36.38 -20.33 2.01
N GLY E 112 36.59 -19.01 2.05
CA GLY E 112 36.76 -18.31 3.31
C GLY E 112 38.19 -18.20 3.79
N SER E 113 39.14 -18.87 3.15
CA SER E 113 40.52 -18.95 3.61
C SER E 113 41.40 -17.93 2.89
N TRP E 114 42.63 -17.78 3.41
CA TRP E 114 43.61 -16.89 2.80
C TRP E 114 43.99 -17.36 1.39
N ASP E 115 44.20 -18.66 1.22
CA ASP E 115 44.57 -19.20 -0.09
C ASP E 115 43.53 -18.83 -1.13
N TYR E 116 42.25 -18.84 -0.74
CA TYR E 116 41.13 -18.60 -1.63
C TYR E 116 40.86 -17.12 -1.88
N GLN E 117 41.32 -16.25 -0.97
CA GLN E 117 41.08 -14.83 -1.11
C GLN E 117 41.73 -14.29 -2.38
N LEU E 118 41.08 -13.32 -3.00
CA LEU E 118 41.74 -12.55 -4.05
C LEU E 118 42.94 -11.81 -3.47
N VAL E 119 43.96 -11.62 -4.29
CA VAL E 119 45.17 -10.94 -3.82
C VAL E 119 44.83 -9.53 -3.34
N ASP E 120 45.67 -9.01 -2.42
CA ASP E 120 45.37 -7.77 -1.72
C ASP E 120 45.13 -6.61 -2.68
N GLU E 121 45.84 -6.59 -3.80
CA GLU E 121 45.81 -5.48 -4.74
C GLU E 121 44.56 -5.46 -5.61
N LEU E 122 43.80 -6.55 -5.68
CA LEU E 122 42.70 -6.69 -6.61
C LEU E 122 41.41 -6.82 -5.82
N VAL E 123 40.58 -5.79 -5.88
CA VAL E 123 39.40 -5.67 -5.02
C VAL E 123 38.18 -5.43 -5.89
N PRO E 124 37.27 -6.39 -6.00
CA PRO E 124 36.05 -6.17 -6.80
C PRO E 124 35.25 -5.01 -6.25
N GLN E 125 34.58 -4.31 -7.16
CA GLN E 125 33.75 -3.17 -6.83
C GLN E 125 32.28 -3.53 -6.92
N PRO E 126 31.40 -2.78 -6.24
CA PRO E 126 29.97 -3.00 -6.43
C PRO E 126 29.59 -2.95 -7.90
N GLY E 127 28.73 -3.88 -8.30
CA GLY E 127 28.36 -4.04 -9.68
C GLY E 127 29.17 -5.09 -10.41
N ASP E 128 30.38 -5.41 -9.94
CA ASP E 128 31.13 -6.51 -10.52
C ASP E 128 30.46 -7.83 -10.16
N ILE E 129 30.78 -8.86 -10.91
CA ILE E 129 30.30 -10.20 -10.63
C ILE E 129 31.47 -11.02 -10.12
N VAL E 130 31.28 -11.67 -8.97
CA VAL E 130 32.27 -12.55 -8.39
C VAL E 130 31.70 -13.95 -8.47
N LEU E 131 32.34 -14.81 -9.25
CA LEU E 131 31.82 -16.13 -9.55
C LEU E 131 32.70 -17.19 -8.90
N PRO E 132 32.19 -17.96 -7.94
CA PRO E 132 32.93 -19.15 -7.51
C PRO E 132 32.81 -20.20 -8.59
N LYS E 133 33.87 -20.98 -8.78
CA LYS E 133 33.78 -22.12 -9.67
C LYS E 133 34.45 -23.32 -9.05
N PRO E 134 33.89 -24.52 -9.26
CA PRO E 134 34.45 -25.74 -8.69
C PRO E 134 35.44 -26.50 -9.57
N ARG E 135 35.58 -26.12 -10.85
CA ARG E 135 36.48 -26.82 -11.75
C ARG E 135 37.23 -25.77 -12.58
N TYR E 136 38.21 -26.24 -13.36
CA TYR E 136 39.11 -25.31 -14.03
C TYR E 136 38.34 -24.34 -14.94
N SER E 137 37.39 -24.86 -15.72
CA SER E 137 36.66 -24.03 -16.66
C SER E 137 35.51 -23.30 -15.98
N GLY E 138 35.42 -21.99 -16.20
CA GLY E 138 34.33 -21.22 -15.63
C GLY E 138 32.98 -21.48 -16.27
N PHE E 139 32.94 -22.23 -17.37
CA PHE E 139 31.69 -22.49 -18.08
C PHE E 139 31.04 -23.80 -17.70
N PHE E 140 31.64 -24.59 -16.83
CA PHE E 140 31.00 -25.81 -16.37
C PHE E 140 30.56 -25.62 -14.93
N ASN E 141 29.32 -26.02 -14.63
CA ASN E 141 28.80 -26.08 -13.27
C ASN E 141 28.51 -24.72 -12.67
N THR E 142 28.44 -23.66 -13.47
CA THR E 142 28.28 -22.30 -12.99
C THR E 142 27.20 -21.58 -13.78
N PRO E 143 26.73 -20.42 -13.29
CA PRO E 143 25.82 -19.61 -14.10
C PRO E 143 26.52 -18.65 -15.07
N LEU E 144 27.81 -18.85 -15.38
CA LEU E 144 28.52 -17.88 -16.20
C LEU E 144 27.84 -17.65 -17.54
N ASP E 145 27.50 -18.72 -18.25
CA ASP E 145 26.86 -18.58 -19.56
C ASP E 145 25.55 -17.81 -19.45
N SER E 146 24.74 -18.17 -18.45
CA SER E 146 23.48 -17.46 -18.21
C SER E 146 23.71 -15.99 -17.95
N ILE E 147 24.70 -15.66 -17.10
CA ILE E 147 25.00 -14.27 -16.77
C ILE E 147 25.33 -13.48 -18.04
N LEU E 148 26.21 -14.03 -18.87
CA LEU E 148 26.62 -13.34 -20.09
C LEU E 148 25.47 -13.24 -21.07
N ARG E 149 24.71 -14.32 -21.26
CA ARG E 149 23.62 -14.27 -22.23
C ARG E 149 22.55 -13.27 -21.81
N SER E 150 22.25 -13.20 -20.52
CA SER E 150 21.26 -12.27 -20.02
C SER E 150 21.62 -10.82 -20.30
N ARG E 151 22.90 -10.54 -20.59
CA ARG E 151 23.36 -9.19 -20.89
C ARG E 151 23.74 -9.01 -22.34
N GLY E 152 23.49 -10.00 -23.19
CA GLY E 152 23.84 -9.90 -24.59
C GLY E 152 25.32 -9.85 -24.85
N ILE E 153 26.13 -10.41 -23.96
CA ILE E 153 27.58 -10.32 -24.07
C ILE E 153 28.07 -11.46 -24.95
N ARG E 154 28.83 -11.13 -25.99
CA ARG E 154 29.42 -12.12 -26.87
C ARG E 154 30.94 -12.06 -26.91
N HIS E 155 31.56 -11.02 -26.36
CA HIS E 155 33.01 -10.85 -26.39
C HIS E 155 33.56 -10.89 -24.98
N LEU E 156 34.57 -11.74 -24.77
CA LEU E 156 35.19 -11.94 -23.47
C LEU E 156 36.66 -11.62 -23.57
N VAL E 157 37.13 -10.76 -22.68
CA VAL E 157 38.56 -10.44 -22.58
C VAL E 157 39.10 -11.13 -21.34
N PHE E 158 40.08 -12.02 -21.53
CA PHE E 158 40.57 -12.88 -20.47
C PHE E 158 41.90 -12.40 -19.90
N THR E 159 42.00 -12.46 -18.57
CA THR E 159 43.23 -12.25 -17.83
C THR E 159 43.27 -13.28 -16.71
N GLY E 160 44.43 -13.42 -16.09
CA GLY E 160 44.55 -14.25 -14.90
C GLY E 160 45.45 -15.47 -15.03
N ILE E 161 45.24 -16.42 -14.13
CA ILE E 161 46.13 -17.56 -13.93
C ILE E 161 45.25 -18.80 -13.73
N ALA E 162 45.63 -19.93 -14.32
CA ALA E 162 46.81 -20.11 -15.16
C ALA E 162 46.41 -20.07 -16.63
N THR E 163 47.28 -19.44 -17.42
CA THR E 163 47.03 -19.28 -18.86
C THR E 163 46.62 -20.59 -19.50
N ASN E 164 47.36 -21.65 -19.20
CA ASN E 164 47.19 -22.95 -19.85
C ASN E 164 46.11 -23.82 -19.21
N VAL E 165 45.59 -23.44 -18.05
CA VAL E 165 44.63 -24.29 -17.35
C VAL E 165 43.29 -23.58 -17.28
N CYS E 166 43.07 -22.78 -16.23
CA CYS E 166 41.74 -22.18 -16.06
C CYS E 166 41.42 -21.15 -17.13
N VAL E 167 42.41 -20.34 -17.54
CA VAL E 167 42.16 -19.33 -18.56
C VAL E 167 41.85 -20.00 -19.90
N GLU E 168 42.74 -20.86 -20.38
CA GLU E 168 42.54 -21.49 -21.67
C GLU E 168 41.31 -22.40 -21.68
N SER E 169 41.07 -23.15 -20.60
CA SER E 169 39.87 -23.98 -20.57
C SER E 169 38.62 -23.14 -20.70
N THR E 170 38.56 -22.02 -19.97
CA THR E 170 37.38 -21.17 -20.05
C THR E 170 37.23 -20.55 -21.42
N LEU E 171 38.34 -20.12 -22.02
CA LEU E 171 38.28 -19.55 -23.37
C LEU E 171 37.86 -20.60 -24.39
N ARG E 172 38.44 -21.81 -24.30
CA ARG E 172 38.07 -22.87 -25.24
C ARG E 172 36.59 -23.18 -25.13
N ASP E 173 36.09 -23.36 -23.91
CA ASP E 173 34.68 -23.65 -23.74
C ASP E 173 33.82 -22.47 -24.16
N GLY E 174 34.31 -21.24 -23.94
CA GLY E 174 33.60 -20.09 -24.47
C GLY E 174 33.43 -20.17 -25.98
N PHE E 175 34.51 -20.56 -26.68
CA PHE E 175 34.43 -20.74 -28.13
C PHE E 175 33.36 -21.74 -28.51
N PHE E 176 33.24 -22.83 -27.77
CA PHE E 176 32.23 -23.85 -28.07
C PHE E 176 30.82 -23.36 -27.77
N LEU E 177 30.68 -22.36 -26.90
CA LEU E 177 29.42 -21.69 -26.65
C LEU E 177 29.27 -20.43 -27.50
N GLU E 178 30.10 -20.27 -28.53
CA GLU E 178 29.99 -19.21 -29.54
C GLU E 178 30.38 -17.83 -29.01
N TYR E 179 31.26 -17.77 -28.00
CA TYR E 179 31.82 -16.52 -27.54
C TYR E 179 33.14 -16.22 -28.26
N PHE E 180 33.38 -14.93 -28.48
CA PHE E 180 34.62 -14.45 -29.07
C PHE E 180 35.55 -14.08 -27.93
N GLY E 181 36.66 -14.80 -27.80
CA GLY E 181 37.54 -14.68 -26.65
C GLY E 181 38.88 -14.08 -27.05
N VAL E 182 39.30 -13.09 -26.26
CA VAL E 182 40.61 -12.45 -26.40
C VAL E 182 41.34 -12.57 -25.08
N VAL E 183 42.63 -12.88 -25.14
CA VAL E 183 43.47 -12.98 -23.95
C VAL E 183 44.51 -11.87 -23.98
N LEU E 184 44.71 -11.22 -22.84
CA LEU E 184 45.74 -10.18 -22.72
C LEU E 184 46.99 -10.85 -22.18
N GLU E 185 47.97 -11.10 -23.07
CA GLU E 185 49.06 -12.02 -22.76
C GLU E 185 49.85 -11.59 -21.53
N ASP E 186 50.15 -10.29 -21.40
CA ASP E 186 50.92 -9.81 -20.26
C ASP E 186 50.11 -9.68 -18.99
N ALA E 187 48.81 -10.01 -19.04
CA ALA E 187 47.97 -10.08 -17.85
C ALA E 187 47.64 -11.52 -17.49
N THR E 188 48.49 -12.46 -17.90
CA THR E 188 48.32 -13.87 -17.58
C THR E 188 49.64 -14.46 -17.14
N HIS E 189 49.57 -15.64 -16.51
CA HIS E 189 50.76 -16.39 -16.17
C HIS E 189 50.41 -17.86 -16.14
N GLN E 190 51.32 -18.70 -16.63
CA GLN E 190 51.09 -20.14 -16.77
C GLN E 190 51.43 -20.89 -15.50
N ALA E 191 50.92 -22.13 -15.42
CA ALA E 191 51.31 -23.10 -14.39
C ALA E 191 52.13 -24.18 -15.08
N GLY E 192 53.43 -24.20 -14.80
CA GLY E 192 54.34 -25.08 -15.47
C GLY E 192 55.49 -24.30 -16.08
N PRO E 193 56.28 -24.97 -16.91
CA PRO E 193 57.41 -24.29 -17.57
C PRO E 193 56.92 -23.23 -18.54
N LYS E 194 57.86 -22.38 -18.95
CA LYS E 194 57.50 -21.26 -19.83
C LYS E 194 56.90 -21.73 -21.16
N PHE E 195 57.26 -22.93 -21.62
CA PHE E 195 56.65 -23.43 -22.85
C PHE E 195 55.14 -23.55 -22.73
N ALA E 196 54.61 -23.71 -21.51
CA ALA E 196 53.16 -23.81 -21.34
C ALA E 196 52.48 -22.47 -21.60
N GLN E 197 53.17 -21.37 -21.35
CA GLN E 197 52.62 -20.05 -21.71
C GLN E 197 52.61 -19.89 -23.22
N LYS E 198 53.76 -20.12 -23.85
CA LYS E 198 53.86 -20.02 -25.31
C LYS E 198 52.83 -20.90 -25.99
N ALA E 199 52.66 -22.14 -25.53
CA ALA E 199 51.75 -23.04 -26.22
C ALA E 199 50.30 -22.65 -26.02
N ALA E 200 49.93 -22.18 -24.83
CA ALA E 200 48.55 -21.74 -24.60
C ALA E 200 48.21 -20.57 -25.51
N LEU E 201 49.10 -19.58 -25.58
CA LEU E 201 48.87 -18.45 -26.48
C LEU E 201 48.81 -18.91 -27.93
N PHE E 202 49.67 -19.86 -28.31
CA PHE E 202 49.64 -20.36 -29.68
C PHE E 202 48.31 -21.03 -29.99
N ASN E 203 47.85 -21.89 -29.08
CA ASN E 203 46.59 -22.58 -29.32
C ASN E 203 45.42 -21.60 -29.40
N ILE E 204 45.42 -20.59 -28.55
CA ILE E 204 44.36 -19.59 -28.59
C ILE E 204 44.40 -18.83 -29.92
N GLU E 205 45.57 -18.27 -30.26
CA GLU E 205 45.66 -17.47 -31.47
C GLU E 205 45.33 -18.29 -32.72
N THR E 206 45.74 -19.56 -32.74
CA THR E 206 45.62 -20.34 -33.97
C THR E 206 44.24 -20.96 -34.12
N PHE E 207 43.60 -21.34 -33.02
CA PHE E 207 42.40 -22.17 -33.12
C PHE E 207 41.16 -21.62 -32.45
N PHE E 208 41.30 -20.82 -31.39
CA PHE E 208 40.17 -20.54 -30.51
C PHE E 208 39.79 -19.09 -30.37
N GLY E 209 40.73 -18.16 -30.48
CA GLY E 209 40.44 -16.77 -30.20
C GLY E 209 41.56 -15.85 -30.63
N TRP E 210 41.80 -14.82 -29.83
CA TRP E 210 42.68 -13.73 -30.19
C TRP E 210 43.59 -13.40 -29.01
N VAL E 211 44.75 -12.85 -29.30
CA VAL E 211 45.74 -12.49 -28.28
C VAL E 211 46.10 -11.02 -28.47
N SER E 212 45.98 -10.24 -27.41
CA SER E 212 46.42 -8.84 -27.41
C SER E 212 47.21 -8.61 -26.12
N ASP E 213 47.40 -7.35 -25.75
CA ASP E 213 48.07 -7.02 -24.50
C ASP E 213 47.39 -5.85 -23.80
N VAL E 214 47.82 -5.57 -22.58
CA VAL E 214 47.12 -4.61 -21.74
C VAL E 214 47.19 -3.21 -22.32
N GLU E 215 48.38 -2.75 -22.73
CA GLU E 215 48.48 -1.39 -23.26
C GLU E 215 47.66 -1.21 -24.53
N THR E 216 47.66 -2.21 -25.42
CA THR E 216 46.85 -2.13 -26.62
C THR E 216 45.38 -2.05 -26.25
N PHE E 217 44.97 -2.86 -25.28
CA PHE E 217 43.59 -2.90 -24.81
C PHE E 217 43.18 -1.54 -24.24
N CYS E 218 44.00 -0.99 -23.34
CA CYS E 218 43.65 0.28 -22.72
C CYS E 218 43.59 1.41 -23.75
N ASP E 219 44.56 1.42 -24.68
CA ASP E 219 44.55 2.46 -25.70
C ASP E 219 43.32 2.33 -26.61
N ALA E 220 42.89 1.10 -26.89
CA ALA E 220 41.72 0.92 -27.74
C ALA E 220 40.45 1.41 -27.06
N LEU E 221 40.37 1.32 -25.73
CA LEU E 221 39.19 1.74 -25.00
C LEU E 221 39.11 3.25 -24.78
N SER E 222 40.16 3.98 -25.14
CA SER E 222 40.19 5.44 -24.96
C SER E 222 38.93 6.16 -25.42
N PRO E 223 38.43 5.97 -26.66
CA PRO E 223 37.27 6.76 -27.09
C PRO E 223 35.99 6.45 -26.34
N THR E 224 35.82 5.21 -25.85
CA THR E 224 34.57 4.84 -25.17
C THR E 224 34.43 5.58 -23.85
N SER E 225 35.43 5.47 -22.99
CA SER E 225 35.40 6.11 -21.68
C SER E 225 35.15 7.61 -21.78
N THR F 2 -31.61 19.13 -35.90
CA THR F 2 -30.19 19.14 -35.58
C THR F 2 -29.45 18.19 -36.52
N THR F 3 -28.34 18.65 -37.09
CA THR F 3 -27.49 17.81 -37.91
C THR F 3 -26.22 17.53 -37.12
N LEU F 4 -25.93 16.25 -36.87
CA LEU F 4 -24.80 15.85 -36.05
C LEU F 4 -23.79 15.12 -36.93
N THR F 5 -22.58 15.66 -37.03
CA THR F 5 -21.51 14.96 -37.69
C THR F 5 -21.22 13.66 -36.95
N ALA F 6 -21.09 12.57 -37.70
CA ALA F 6 -20.94 11.26 -37.09
C ALA F 6 -20.33 10.32 -38.13
N ARG F 7 -19.89 9.16 -37.64
CA ARG F 7 -19.47 8.04 -38.45
C ARG F 7 -20.60 7.02 -38.48
N PRO F 8 -20.89 6.42 -39.64
CA PRO F 8 -20.18 6.58 -40.92
C PRO F 8 -20.59 7.79 -41.74
N GLU F 9 -21.65 8.49 -41.31
CA GLU F 9 -22.06 9.74 -41.95
C GLU F 9 -22.84 10.57 -40.95
N ALA F 10 -22.95 11.85 -41.26
CA ALA F 10 -23.72 12.76 -40.44
C ALA F 10 -25.19 12.36 -40.44
N ILE F 11 -25.87 12.62 -39.33
CA ILE F 11 -27.26 12.26 -39.17
C ILE F 11 -28.06 13.45 -38.65
N THR F 12 -29.38 13.32 -38.76
CA THR F 12 -30.32 14.33 -38.32
C THR F 12 -31.14 13.76 -37.17
N PHE F 13 -31.42 14.60 -36.18
CA PHE F 13 -32.40 14.26 -35.15
C PHE F 13 -33.01 15.54 -34.61
N ASP F 14 -34.23 15.41 -34.10
CA ASP F 14 -34.88 16.50 -33.38
C ASP F 14 -34.64 16.30 -31.89
N PRO F 15 -33.96 17.22 -31.21
CA PRO F 15 -33.73 17.04 -29.76
C PRO F 15 -35.01 16.81 -28.97
N GLN F 16 -36.10 17.47 -29.33
CA GLN F 16 -37.36 17.27 -28.62
C GLN F 16 -37.93 15.86 -28.80
N GLN F 17 -37.47 15.12 -29.82
CA GLN F 17 -37.87 13.73 -30.02
C GLN F 17 -36.69 12.79 -29.85
N SER F 18 -35.76 13.14 -28.97
CA SER F 18 -34.58 12.33 -28.72
C SER F 18 -34.34 12.23 -27.22
N ALA F 19 -33.58 11.22 -26.83
CA ALA F 19 -33.21 11.06 -25.43
C ALA F 19 -31.70 10.86 -25.33
N LEU F 20 -31.10 11.42 -24.28
CA LEU F 20 -29.72 11.14 -23.92
C LEU F 20 -29.76 10.08 -22.82
N ILE F 21 -29.13 8.93 -23.06
CA ILE F 21 -29.12 7.83 -22.11
C ILE F 21 -27.74 7.77 -21.48
N VAL F 22 -27.71 7.78 -20.15
CA VAL F 22 -26.47 7.68 -19.39
C VAL F 22 -26.48 6.29 -18.76
N VAL F 23 -25.69 5.38 -19.35
CA VAL F 23 -25.70 3.98 -18.95
C VAL F 23 -24.80 3.77 -17.73
N ASP F 24 -25.43 3.43 -16.59
CA ASP F 24 -24.77 2.77 -15.47
C ASP F 24 -23.55 3.53 -14.94
N GLN F 26 -22.43 4.37 -12.22
CA GLN F 26 -22.44 4.03 -10.81
C GLN F 26 -21.03 3.75 -10.34
N ASN F 27 -20.83 3.83 -9.02
CA ASN F 27 -19.50 3.52 -8.49
C ASN F 27 -19.04 2.14 -8.92
N ALA F 28 -19.98 1.19 -9.05
CA ALA F 28 -19.67 -0.15 -9.53
C ALA F 28 -18.85 -0.12 -10.82
N TYR F 29 -19.19 0.79 -11.73
CA TYR F 29 -18.63 0.75 -13.08
C TYR F 29 -17.55 1.81 -13.31
N ALA F 30 -17.46 2.83 -12.44
CA ALA F 30 -16.58 3.95 -12.69
C ALA F 30 -15.58 4.27 -11.58
N THR F 31 -15.72 3.68 -10.40
CA THR F 31 -14.96 4.21 -9.27
C THR F 31 -14.03 3.16 -8.69
N PRO F 32 -12.79 3.53 -8.36
CA PRO F 32 -11.91 2.59 -7.65
C PRO F 32 -12.60 2.05 -6.39
N GLY F 33 -12.43 0.74 -6.16
CA GLY F 33 -13.07 0.07 -5.06
C GLY F 33 -14.47 -0.43 -5.34
N GLY F 34 -15.04 -0.06 -6.49
CA GLY F 34 -16.31 -0.59 -6.92
C GLY F 34 -16.18 -1.96 -7.54
N TYR F 35 -17.34 -2.53 -7.90
CA TYR F 35 -17.41 -3.87 -8.46
C TYR F 35 -16.37 -4.12 -9.56
N LEU F 36 -16.41 -3.32 -10.65
CA LEU F 36 -15.51 -3.62 -11.77
C LEU F 36 -14.06 -3.66 -11.33
N ASP F 37 -13.64 -2.70 -10.51
CA ASP F 37 -12.27 -2.69 -9.99
C ASP F 37 -11.98 -3.95 -9.20
N LEU F 38 -12.90 -4.33 -8.31
CA LEU F 38 -12.71 -5.53 -7.50
C LEU F 38 -12.66 -6.79 -8.34
N ALA F 39 -13.35 -6.78 -9.48
CA ALA F 39 -13.41 -7.93 -10.37
C ALA F 39 -12.24 -7.98 -11.34
N GLY F 40 -11.31 -7.05 -11.23
CA GLY F 40 -10.11 -7.06 -12.04
C GLY F 40 -10.13 -6.22 -13.30
N PHE F 41 -11.15 -5.42 -13.51
CA PHE F 41 -11.19 -4.50 -14.64
C PHE F 41 -10.53 -3.18 -14.25
N ASP F 42 -10.07 -2.45 -15.26
CA ASP F 42 -9.33 -1.21 -15.07
C ASP F 42 -10.31 -0.05 -15.11
N VAL F 43 -10.50 0.62 -13.97
CA VAL F 43 -11.35 1.81 -13.88
C VAL F 43 -10.52 3.07 -13.63
N SER F 44 -9.21 3.00 -13.80
CA SER F 44 -8.31 4.09 -13.45
C SER F 44 -8.44 5.30 -14.36
N THR F 45 -9.14 5.19 -15.50
CA THR F 45 -9.17 6.26 -16.49
C THR F 45 -10.57 6.81 -16.74
N THR F 46 -11.51 6.64 -15.81
CA THR F 46 -12.89 7.05 -16.04
C THR F 46 -13.17 8.50 -15.68
N ARG F 47 -12.27 9.19 -14.98
CA ARG F 47 -12.53 10.59 -14.65
C ARG F 47 -12.88 11.45 -15.87
N PRO F 48 -12.17 11.36 -17.00
CA PRO F 48 -12.58 12.18 -18.16
C PRO F 48 -13.93 11.77 -18.72
N VAL F 49 -14.31 10.51 -18.54
CA VAL F 49 -15.62 10.07 -19.01
C VAL F 49 -16.73 10.72 -18.18
N ILE F 50 -16.54 10.77 -16.85
CA ILE F 50 -17.50 11.43 -15.98
C ILE F 50 -17.67 12.88 -16.37
N ALA F 51 -16.54 13.56 -16.60
CA ALA F 51 -16.61 14.98 -16.95
C ALA F 51 -17.29 15.18 -18.29
N ASN F 52 -16.99 14.32 -19.28
CA ASN F 52 -17.61 14.46 -20.59
C ASN F 52 -19.10 14.18 -20.52
N ILE F 53 -19.52 13.24 -19.67
CA ILE F 53 -20.96 13.00 -19.50
C ILE F 53 -21.64 14.21 -18.87
N GLN F 54 -21.04 14.79 -17.83
CA GLN F 54 -21.61 16.00 -17.25
C GLN F 54 -21.80 17.08 -18.31
N THR F 55 -20.80 17.24 -19.19
CA THR F 55 -20.88 18.24 -20.26
C THR F 55 -22.00 17.90 -21.23
N ALA F 56 -22.10 16.64 -21.63
CA ALA F 56 -23.15 16.22 -22.56
C ALA F 56 -24.54 16.40 -21.97
N VAL F 57 -24.71 16.09 -20.68
CA VAL F 57 -26.00 16.24 -20.03
C VAL F 57 -26.42 17.71 -20.00
N THR F 58 -25.50 18.61 -19.62
CA THR F 58 -25.80 20.04 -19.64
C THR F 58 -26.33 20.48 -20.99
N ALA F 59 -25.64 20.07 -22.07
CA ALA F 59 -26.04 20.50 -23.41
C ALA F 59 -27.38 19.89 -23.81
N ALA F 60 -27.54 18.59 -23.57
CA ALA F 60 -28.77 17.91 -23.96
C ALA F 60 -29.96 18.51 -23.22
N ARG F 61 -29.80 18.76 -21.91
CA ARG F 61 -30.86 19.33 -21.11
C ARG F 61 -31.25 20.71 -21.61
N ALA F 62 -30.26 21.55 -21.94
CA ALA F 62 -30.55 22.89 -22.44
C ALA F 62 -31.31 22.85 -23.75
N ALA F 63 -31.17 21.77 -24.52
CA ALA F 63 -31.85 21.63 -25.80
C ALA F 63 -33.21 20.94 -25.70
N GLY F 64 -33.64 20.57 -24.49
CA GLY F 64 -34.94 19.95 -24.35
C GLY F 64 -34.95 18.46 -24.61
N LEU F 66 -34.75 14.65 -23.38
CA LEU F 66 -34.98 13.84 -22.19
C LEU F 66 -33.68 13.16 -21.75
N ILE F 67 -33.35 13.25 -20.47
CA ILE F 67 -32.21 12.55 -19.90
C ILE F 67 -32.71 11.30 -19.19
N ILE F 68 -32.15 10.15 -19.54
CA ILE F 68 -32.49 8.88 -18.91
C ILE F 68 -31.22 8.30 -18.29
N TRP F 69 -31.26 8.03 -16.99
CA TRP F 69 -30.15 7.43 -16.26
C TRP F 69 -30.47 5.98 -15.97
N PHE F 70 -29.58 5.07 -16.36
CA PHE F 70 -29.73 3.67 -16.01
C PHE F 70 -28.96 3.40 -14.73
N GLN F 71 -29.51 2.57 -13.86
CA GLN F 71 -28.74 1.97 -12.76
C GLN F 71 -28.93 0.46 -12.83
N ASN F 72 -27.83 -0.25 -13.00
CA ASN F 72 -27.87 -1.71 -13.08
C ASN F 72 -27.74 -2.30 -11.69
N GLY F 73 -28.57 -3.28 -11.39
CA GLY F 73 -28.40 -4.00 -10.14
C GLY F 73 -29.71 -4.53 -9.59
N TRP F 74 -29.64 -5.01 -8.35
CA TRP F 74 -30.62 -5.94 -7.80
C TRP F 74 -30.84 -5.66 -6.33
N ASP F 75 -31.92 -6.25 -5.81
CA ASP F 75 -32.10 -6.34 -4.37
C ASP F 75 -30.86 -6.99 -3.73
N GLU F 76 -30.62 -6.65 -2.46
CA GLU F 76 -29.42 -7.13 -1.77
C GLU F 76 -29.40 -8.66 -1.57
N GLN F 77 -30.55 -9.32 -1.70
CA GLN F 77 -30.58 -10.78 -1.69
C GLN F 77 -30.39 -11.40 -3.07
N TYR F 78 -30.33 -10.58 -4.12
CA TYR F 78 -30.09 -11.02 -5.50
C TYR F 78 -31.20 -11.90 -6.05
N VAL F 79 -32.40 -11.85 -5.48
CA VAL F 79 -33.55 -12.49 -6.10
C VAL F 79 -33.68 -12.05 -7.55
N GLU F 80 -33.49 -10.75 -7.80
CA GLU F 80 -33.69 -10.20 -9.13
C GLU F 80 -32.56 -10.55 -10.10
N ALA F 81 -31.44 -11.08 -9.61
CA ALA F 81 -30.35 -11.50 -10.48
C ALA F 81 -30.59 -12.87 -11.10
N GLY F 82 -31.58 -13.60 -10.62
CA GLY F 82 -31.80 -14.95 -11.08
C GLY F 82 -30.99 -15.93 -10.26
N GLY F 83 -31.59 -17.06 -9.95
CA GLY F 83 -30.89 -18.12 -9.29
C GLY F 83 -30.15 -18.97 -10.30
N PRO F 84 -29.73 -20.16 -9.89
CA PRO F 84 -28.93 -21.01 -10.78
C PRO F 84 -29.63 -21.41 -12.07
N GLY F 85 -30.96 -21.25 -12.17
CA GLY F 85 -31.63 -21.49 -13.42
C GLY F 85 -31.51 -20.37 -14.44
N SER F 86 -30.85 -19.25 -14.08
CA SER F 86 -30.66 -18.15 -15.00
C SER F 86 -29.21 -18.06 -15.44
N PRO F 87 -28.93 -17.88 -16.73
CA PRO F 87 -27.53 -17.66 -17.14
C PRO F 87 -26.90 -16.45 -16.48
N ASN F 88 -27.70 -15.46 -16.05
CA ASN F 88 -27.13 -14.29 -15.38
C ASN F 88 -26.43 -14.67 -14.08
N PHE F 89 -26.97 -15.66 -13.37
CA PHE F 89 -26.35 -16.10 -12.13
C PHE F 89 -24.97 -16.68 -12.41
N HIS F 90 -24.80 -17.33 -13.56
CA HIS F 90 -23.54 -17.95 -13.91
C HIS F 90 -22.58 -17.00 -14.62
N LYS F 91 -23.09 -15.94 -15.23
CA LYS F 91 -22.23 -15.03 -15.98
C LYS F 91 -21.83 -13.80 -15.21
N SER F 92 -22.66 -13.34 -14.28
CA SER F 92 -22.40 -12.06 -13.64
C SER F 92 -21.06 -12.09 -12.92
N ASN F 93 -20.16 -11.19 -13.34
CA ASN F 93 -18.88 -11.08 -12.65
C ASN F 93 -19.02 -10.50 -11.26
N ALA F 94 -20.07 -9.74 -10.99
CA ALA F 94 -20.31 -9.29 -9.62
C ALA F 94 -20.67 -10.48 -8.73
N LEU F 95 -21.58 -11.34 -9.21
CA LEU F 95 -21.90 -12.53 -8.42
C LEU F 95 -20.69 -13.44 -8.26
N LYS F 96 -19.89 -13.60 -9.32
CA LYS F 96 -18.65 -14.38 -9.20
C LYS F 96 -17.74 -13.79 -8.12
N THR F 97 -17.60 -12.47 -8.07
CA THR F 97 -16.70 -11.86 -7.10
C THR F 97 -17.18 -12.10 -5.68
N ARG F 99 -19.03 -14.63 -4.64
CA ARG F 99 -18.86 -16.05 -4.31
C ARG F 99 -17.44 -16.32 -3.85
N LYS F 100 -16.47 -15.55 -4.34
CA LYS F 100 -15.07 -15.70 -3.93
C LYS F 100 -14.79 -14.93 -2.65
N GLN F 101 -15.51 -13.82 -2.43
CA GLN F 101 -15.25 -12.88 -1.34
C GLN F 101 -16.53 -12.65 -0.57
N PRO F 102 -16.86 -13.55 0.37
CA PRO F 102 -18.13 -13.42 1.10
C PRO F 102 -18.24 -12.16 1.93
N GLN F 103 -17.13 -11.50 2.25
CA GLN F 103 -17.21 -10.20 2.91
C GLN F 103 -18.01 -9.22 2.08
N LEU F 104 -18.01 -9.37 0.75
CA LEU F 104 -18.71 -8.47 -0.15
C LEU F 104 -20.14 -8.90 -0.44
N GLN F 105 -20.59 -10.04 0.09
CA GLN F 105 -21.94 -10.53 -0.18
C GLN F 105 -22.98 -9.48 0.18
N GLY F 106 -23.86 -9.19 -0.76
CA GLY F 106 -24.92 -8.24 -0.54
C GLY F 106 -24.56 -6.81 -0.85
N LYS F 107 -23.31 -6.53 -1.25
CA LYS F 107 -22.86 -5.16 -1.52
C LYS F 107 -22.72 -4.81 -2.98
N LEU F 108 -22.22 -5.71 -3.83
CA LEU F 108 -22.00 -5.34 -5.23
C LEU F 108 -23.33 -5.24 -5.96
N LEU F 109 -23.51 -4.15 -6.71
CA LEU F 109 -24.71 -3.94 -7.53
C LEU F 109 -25.99 -4.06 -6.73
N ALA F 110 -25.95 -3.72 -5.44
CA ALA F 110 -27.09 -3.90 -4.54
C ALA F 110 -27.82 -2.57 -4.39
N LYS F 111 -29.12 -2.57 -4.72
CA LYS F 111 -29.92 -1.36 -4.59
C LYS F 111 -29.78 -0.78 -3.18
N GLY F 112 -29.54 0.53 -3.12
CA GLY F 112 -29.36 1.20 -1.85
C GLY F 112 -27.93 1.34 -1.38
N SER F 113 -27.00 0.65 -2.01
CA SER F 113 -25.62 0.57 -1.56
C SER F 113 -24.75 1.59 -2.27
N TRP F 114 -23.53 1.74 -1.76
CA TRP F 114 -22.54 2.63 -2.38
C TRP F 114 -22.20 2.17 -3.79
N ASP F 115 -21.98 0.86 -3.97
CA ASP F 115 -21.63 0.34 -5.30
C ASP F 115 -22.67 0.75 -6.33
N TYR F 116 -23.93 0.75 -5.93
CA TYR F 116 -25.05 0.96 -6.83
C TYR F 116 -25.32 2.44 -7.09
N GLN F 117 -24.86 3.31 -6.19
CA GLN F 117 -25.11 4.74 -6.32
C GLN F 117 -24.45 5.30 -7.57
N LEU F 118 -25.10 6.29 -8.17
CA LEU F 118 -24.46 7.06 -9.21
C LEU F 118 -23.24 7.78 -8.65
N VAL F 119 -22.20 7.93 -9.47
CA VAL F 119 -21.00 8.62 -9.03
C VAL F 119 -21.35 10.03 -8.55
N ASP F 120 -20.54 10.53 -7.61
CA ASP F 120 -20.86 11.78 -6.91
C ASP F 120 -21.09 12.94 -7.88
N GLU F 121 -20.36 12.97 -9.00
CA GLU F 121 -20.42 14.11 -9.90
C GLU F 121 -21.69 14.16 -10.75
N LEU F 122 -22.43 13.05 -10.84
CA LEU F 122 -23.55 12.94 -11.78
C LEU F 122 -24.84 12.81 -10.97
N VAL F 123 -25.66 13.85 -11.02
CA VAL F 123 -26.86 13.93 -10.19
C VAL F 123 -28.09 14.16 -11.07
N PRO F 124 -29.00 13.20 -11.14
CA PRO F 124 -30.23 13.41 -11.92
C PRO F 124 -31.02 14.60 -11.37
N GLN F 125 -31.72 15.26 -12.29
CA GLN F 125 -32.55 16.41 -11.96
C GLN F 125 -34.02 16.05 -12.06
N PRO F 126 -34.89 16.82 -11.42
CA PRO F 126 -36.34 16.60 -11.57
C PRO F 126 -36.74 16.62 -13.04
N GLY F 127 -37.60 15.67 -13.40
CA GLY F 127 -37.99 15.48 -14.78
C GLY F 127 -37.16 14.47 -15.54
N ASP F 128 -35.93 14.19 -15.10
CA ASP F 128 -35.19 13.10 -15.70
C ASP F 128 -35.83 11.78 -15.33
N ILE F 129 -35.50 10.74 -16.10
CA ILE F 129 -35.97 9.40 -15.80
C ILE F 129 -34.79 8.61 -15.28
N VAL F 130 -34.98 7.94 -14.15
CA VAL F 130 -33.97 7.07 -13.55
C VAL F 130 -34.54 5.66 -13.60
N LEU F 131 -33.90 4.79 -14.38
CA LEU F 131 -34.43 3.47 -14.67
C LEU F 131 -33.54 2.42 -14.01
N PRO F 132 -34.04 1.65 -13.06
CA PRO F 132 -33.28 0.47 -12.62
C PRO F 132 -33.44 -0.58 -13.69
N LYS F 133 -32.37 -1.33 -13.93
CA LYS F 133 -32.49 -2.46 -14.85
C LYS F 133 -31.81 -3.68 -14.26
N PRO F 134 -32.38 -4.87 -14.48
CA PRO F 134 -31.82 -6.09 -13.90
C PRO F 134 -30.84 -6.85 -14.79
N ARG F 135 -30.69 -6.45 -16.05
CA ARG F 135 -29.79 -7.14 -16.97
C ARG F 135 -29.06 -6.10 -17.81
N TYR F 136 -28.07 -6.56 -18.58
CA TYR F 136 -27.18 -5.61 -19.26
C TYR F 136 -27.96 -4.66 -20.17
N SER F 137 -28.90 -5.20 -20.95
CA SER F 137 -29.68 -4.38 -21.90
C SER F 137 -30.79 -3.61 -21.20
N GLY F 138 -30.86 -2.30 -21.44
CA GLY F 138 -31.93 -1.50 -20.87
C GLY F 138 -33.29 -1.77 -21.47
N PHE F 139 -33.35 -2.48 -22.59
CA PHE F 139 -34.62 -2.75 -23.24
C PHE F 139 -35.33 -4.01 -22.75
N PHE F 140 -34.63 -4.92 -22.11
CA PHE F 140 -35.29 -6.12 -21.60
C PHE F 140 -35.72 -5.92 -20.15
N ASN F 141 -36.94 -6.34 -19.85
CA ASN F 141 -37.44 -6.43 -18.48
C ASN F 141 -37.76 -5.07 -17.87
N THR F 142 -37.86 -4.01 -18.67
CA THR F 142 -38.03 -2.64 -18.19
C THR F 142 -39.12 -1.94 -18.98
N PRO F 143 -39.55 -0.75 -18.50
CA PRO F 143 -40.48 0.07 -19.30
C PRO F 143 -39.78 1.03 -20.26
N LEU F 144 -38.50 0.82 -20.56
CA LEU F 144 -37.77 1.79 -21.39
C LEU F 144 -38.47 2.03 -22.74
N ASP F 145 -38.79 0.95 -23.46
CA ASP F 145 -39.44 1.09 -24.76
C ASP F 145 -40.75 1.85 -24.63
N SER F 146 -41.55 1.52 -23.62
CA SER F 146 -42.82 2.19 -23.38
C SER F 146 -42.61 3.68 -23.11
N ILE F 147 -41.61 4.01 -22.27
CA ILE F 147 -41.33 5.41 -21.95
C ILE F 147 -40.99 6.20 -23.20
N LEU F 148 -40.14 5.62 -24.06
CA LEU F 148 -39.70 6.33 -25.25
C LEU F 148 -40.85 6.46 -26.25
N ARG F 149 -41.61 5.39 -26.45
CA ARG F 149 -42.72 5.45 -27.40
C ARG F 149 -43.79 6.44 -26.96
N SER F 150 -44.07 6.49 -25.66
CA SER F 150 -45.08 7.41 -25.15
C SER F 150 -44.71 8.86 -25.41
N ARG F 151 -43.44 9.13 -25.72
CA ARG F 151 -42.97 10.48 -26.02
C ARG F 151 -42.60 10.67 -27.47
N GLY F 152 -42.86 9.67 -28.32
CA GLY F 152 -42.51 9.76 -29.72
C GLY F 152 -41.03 9.83 -29.99
N ILE F 153 -40.21 9.32 -29.07
CA ILE F 153 -38.76 9.40 -29.21
C ILE F 153 -38.28 8.26 -30.10
N ARG F 154 -37.49 8.60 -31.11
CA ARG F 154 -36.93 7.59 -32.01
C ARG F 154 -35.42 7.66 -32.10
N HIS F 155 -34.78 8.69 -31.55
CA HIS F 155 -33.34 8.84 -31.61
C HIS F 155 -32.77 8.79 -30.20
N LEU F 156 -31.74 7.97 -30.00
CA LEU F 156 -31.14 7.75 -28.70
C LEU F 156 -29.65 8.07 -28.78
N VAL F 157 -29.17 8.89 -27.86
CA VAL F 157 -27.76 9.24 -27.79
C VAL F 157 -27.19 8.59 -26.54
N PHE F 158 -26.22 7.70 -26.72
CA PHE F 158 -25.74 6.82 -25.66
C PHE F 158 -24.42 7.32 -25.08
N THR F 159 -24.32 7.23 -23.76
CA THR F 159 -23.08 7.46 -23.04
C THR F 159 -23.02 6.43 -21.93
N GLY F 160 -21.84 6.26 -21.34
CA GLY F 160 -21.75 5.44 -20.14
C GLY F 160 -20.84 4.22 -20.24
N ILE F 161 -21.02 3.27 -19.32
CA ILE F 161 -20.13 2.12 -19.15
C ILE F 161 -21.00 0.88 -18.95
N ALA F 162 -20.63 -0.24 -19.57
CA ALA F 162 -19.47 -0.42 -20.44
C ALA F 162 -19.87 -0.36 -21.90
N THR F 163 -18.99 0.22 -22.71
CA THR F 163 -19.27 0.41 -24.13
C THR F 163 -19.68 -0.90 -24.79
N ASN F 164 -18.95 -1.97 -24.50
CA ASN F 164 -19.13 -3.27 -25.13
C ASN F 164 -20.21 -4.12 -24.49
N VAL F 165 -20.72 -3.74 -23.32
CA VAL F 165 -21.68 -4.60 -22.62
C VAL F 165 -23.04 -3.90 -22.53
N CYS F 166 -23.26 -3.11 -21.48
CA CYS F 166 -24.59 -2.52 -21.32
C CYS F 166 -24.88 -1.46 -22.38
N VAL F 167 -23.88 -0.65 -22.76
CA VAL F 167 -24.12 0.35 -23.80
C VAL F 167 -24.45 -0.32 -25.12
N GLU F 168 -23.54 -1.18 -25.59
CA GLU F 168 -23.75 -1.83 -26.89
C GLU F 168 -25.00 -2.69 -26.91
N SER F 169 -25.25 -3.45 -25.84
CA SER F 169 -26.46 -4.28 -25.82
C SER F 169 -27.72 -3.44 -25.94
N THR F 170 -27.78 -2.32 -25.20
CA THR F 170 -28.95 -1.47 -25.29
C THR F 170 -29.09 -0.86 -26.66
N LEU F 171 -27.98 -0.43 -27.27
CA LEU F 171 -28.04 0.15 -28.60
C LEU F 171 -28.46 -0.89 -29.64
N ARG F 172 -27.88 -2.09 -29.59
CA ARG F 172 -28.27 -3.14 -30.52
C ARG F 172 -29.75 -3.47 -30.39
N ASP F 173 -30.22 -3.63 -29.15
CA ASP F 173 -31.64 -3.94 -28.97
C ASP F 173 -32.52 -2.77 -29.41
N GLY F 174 -32.06 -1.54 -29.19
CA GLY F 174 -32.76 -0.39 -29.73
C GLY F 174 -32.91 -0.47 -31.23
N PHE F 175 -31.83 -0.84 -31.92
CA PHE F 175 -31.88 -1.01 -33.36
C PHE F 175 -32.96 -2.02 -33.76
N PHE F 176 -33.06 -3.15 -33.04
CA PHE F 176 -34.08 -4.14 -33.34
C PHE F 176 -35.49 -3.66 -33.02
N LEU F 177 -35.61 -2.61 -32.20
CA LEU F 177 -36.88 -1.97 -31.90
C LEU F 177 -37.07 -0.69 -32.70
N GLU F 178 -36.28 -0.53 -33.75
CA GLU F 178 -36.40 0.54 -34.75
C GLU F 178 -35.96 1.90 -34.23
N TYR F 179 -35.10 1.95 -33.22
CA TYR F 179 -34.51 3.19 -32.75
C TYR F 179 -33.22 3.49 -33.49
N PHE F 180 -32.96 4.77 -33.69
CA PHE F 180 -31.71 5.26 -34.25
C PHE F 180 -30.78 5.63 -33.10
N GLY F 181 -29.67 4.92 -32.99
CA GLY F 181 -28.78 5.06 -31.84
C GLY F 181 -27.44 5.64 -32.25
N VAL F 182 -27.00 6.63 -31.47
CA VAL F 182 -25.69 7.27 -31.62
C VAL F 182 -24.96 7.13 -30.30
N VAL F 183 -23.68 6.78 -30.36
CA VAL F 183 -22.86 6.70 -29.15
C VAL F 183 -21.84 7.82 -29.19
N LEU F 184 -21.65 8.49 -28.05
CA LEU F 184 -20.63 9.53 -27.94
C LEU F 184 -19.37 8.86 -27.39
N GLU F 185 -18.40 8.62 -28.27
CA GLU F 185 -17.33 7.68 -27.97
C GLU F 185 -16.49 8.13 -26.77
N ASP F 186 -16.23 9.44 -26.65
CA ASP F 186 -15.40 9.90 -25.54
C ASP F 186 -16.19 10.04 -24.25
N ALA F 187 -17.46 9.64 -24.24
CA ALA F 187 -18.27 9.57 -23.04
C ALA F 187 -18.65 8.13 -22.70
N THR F 188 -17.82 7.18 -23.14
CA THR F 188 -17.99 5.77 -22.82
C THR F 188 -16.65 5.19 -22.39
N HIS F 189 -16.70 4.02 -21.76
CA HIS F 189 -15.50 3.27 -21.43
C HIS F 189 -15.86 1.79 -21.42
N GLN F 190 -14.94 0.96 -21.91
CA GLN F 190 -15.20 -0.46 -22.07
C GLN F 190 -14.88 -1.22 -20.78
N ALA F 191 -15.37 -2.46 -20.71
CA ALA F 191 -14.98 -3.41 -19.68
C ALA F 191 -14.17 -4.50 -20.36
N GLY F 192 -12.87 -4.52 -20.11
CA GLY F 192 -11.96 -5.43 -20.77
C GLY F 192 -10.81 -4.69 -21.41
N PRO F 193 -10.04 -5.37 -22.25
CA PRO F 193 -8.92 -4.70 -22.92
C PRO F 193 -9.41 -3.62 -23.87
N LYS F 194 -8.48 -2.74 -24.25
CA LYS F 194 -8.84 -1.61 -25.11
C LYS F 194 -9.43 -2.07 -26.44
N PHE F 195 -9.06 -3.25 -26.94
CA PHE F 195 -9.68 -3.72 -28.18
C PHE F 195 -11.19 -3.84 -28.05
N ALA F 196 -11.71 -4.00 -26.84
CA ALA F 196 -13.16 -4.10 -26.66
C ALA F 196 -13.83 -2.76 -26.92
N GLN F 197 -13.13 -1.66 -26.66
CA GLN F 197 -13.67 -0.34 -27.00
C GLN F 197 -13.70 -0.17 -28.51
N LYS F 198 -12.57 -0.41 -29.16
CA LYS F 198 -12.47 -0.28 -30.61
C LYS F 198 -13.49 -1.18 -31.31
N ALA F 199 -13.66 -2.40 -30.82
CA ALA F 199 -14.56 -3.32 -31.50
C ALA F 199 -16.00 -2.92 -31.31
N ALA F 200 -16.36 -2.41 -30.12
CA ALA F 200 -17.74 -1.99 -29.90
C ALA F 200 -18.08 -0.82 -30.79
N LEU F 201 -17.19 0.16 -30.89
CA LEU F 201 -17.45 1.29 -31.78
C LEU F 201 -17.50 0.84 -33.23
N PHE F 202 -16.62 -0.07 -33.63
CA PHE F 202 -16.65 -0.58 -34.99
C PHE F 202 -17.99 -1.26 -35.29
N ASN F 203 -18.43 -2.12 -34.38
CA ASN F 203 -19.70 -2.82 -34.59
C ASN F 203 -20.87 -1.85 -34.68
N ILE F 204 -20.87 -0.82 -33.84
CA ILE F 204 -21.95 0.15 -33.86
C ILE F 204 -21.93 0.93 -35.18
N GLU F 205 -20.77 1.49 -35.53
CA GLU F 205 -20.66 2.29 -36.74
C GLU F 205 -20.97 1.48 -37.99
N THR F 206 -20.57 0.21 -38.00
CA THR F 206 -20.68 -0.57 -39.22
C THR F 206 -22.05 -1.23 -39.38
N PHE F 207 -22.71 -1.61 -38.29
CA PHE F 207 -23.92 -2.42 -38.39
C PHE F 207 -25.15 -1.86 -37.71
N PHE F 208 -25.02 -1.06 -36.65
CA PHE F 208 -26.15 -0.78 -35.77
C PHE F 208 -26.54 0.67 -35.63
N GLY F 209 -25.60 1.60 -35.73
CA GLY F 209 -25.93 3.00 -35.52
C GLY F 209 -24.79 3.92 -35.91
N TRP F 210 -24.55 4.95 -35.09
CA TRP F 210 -23.64 6.03 -35.44
C TRP F 210 -22.74 6.34 -34.27
N VAL F 211 -21.56 6.89 -34.56
CA VAL F 211 -20.59 7.27 -33.54
C VAL F 211 -20.25 8.74 -33.72
N SER F 212 -20.35 9.50 -32.63
CA SER F 212 -19.93 10.89 -32.62
C SER F 212 -19.13 11.11 -31.34
N ASP F 213 -19.00 12.37 -30.92
CA ASP F 213 -18.28 12.68 -29.70
C ASP F 213 -18.94 13.86 -29.00
N VAL F 214 -18.49 14.12 -27.77
CA VAL F 214 -19.18 15.09 -26.92
C VAL F 214 -19.11 16.49 -27.50
N GLU F 215 -17.93 16.90 -27.98
CA GLU F 215 -17.79 18.27 -28.49
C GLU F 215 -18.68 18.49 -29.72
N THR F 216 -18.70 17.52 -30.64
CA THR F 216 -19.56 17.64 -31.81
C THR F 216 -21.02 17.70 -31.41
N PHE F 217 -21.43 16.86 -30.46
CA PHE F 217 -22.79 16.84 -29.97
C PHE F 217 -23.18 18.20 -29.37
N CYS F 218 -22.35 18.74 -28.48
CA CYS F 218 -22.70 20.00 -27.82
C CYS F 218 -22.77 21.14 -28.83
N ASP F 219 -21.86 21.15 -29.80
CA ASP F 219 -21.90 22.20 -30.82
C ASP F 219 -23.12 22.06 -31.70
N ALA F 220 -23.53 20.82 -32.01
CA ALA F 220 -24.68 20.62 -32.87
C ALA F 220 -25.98 21.09 -32.22
N LEU F 221 -26.07 20.99 -30.89
CA LEU F 221 -27.25 21.42 -30.15
C LEU F 221 -27.31 22.92 -29.89
N SER F 222 -26.19 23.63 -30.05
CA SER F 222 -26.15 25.05 -29.72
C SER F 222 -27.29 25.87 -30.30
N PRO F 223 -27.63 25.77 -31.60
CA PRO F 223 -28.78 26.55 -32.10
C PRO F 223 -30.12 26.12 -31.54
N THR F 224 -30.21 24.99 -30.85
CA THR F 224 -31.48 24.60 -30.22
C THR F 224 -31.67 25.28 -28.88
N SER F 225 -30.64 25.27 -28.04
CA SER F 225 -30.72 25.90 -26.72
C SER F 225 -30.71 27.42 -26.85
N THR G 2 46.66 -1.80 21.09
CA THR G 2 47.72 -1.97 20.09
C THR G 2 48.84 -0.98 20.35
N THR G 3 50.06 -1.48 20.45
CA THR G 3 51.23 -0.66 20.70
C THR G 3 51.99 -0.48 19.40
N LEU G 4 52.23 0.77 19.00
CA LEU G 4 52.86 1.09 17.73
C LEU G 4 54.21 1.76 18.01
N THR G 5 55.28 1.13 17.54
CA THR G 5 56.59 1.76 17.59
C THR G 5 56.59 3.02 16.75
N ALA G 6 57.08 4.11 17.34
CA ALA G 6 57.04 5.41 16.69
C ALA G 6 58.07 6.31 17.36
N ARG G 7 58.36 7.43 16.70
CA ARG G 7 59.13 8.52 17.26
C ARG G 7 58.18 9.62 17.75
N PRO G 8 58.44 10.26 18.89
CA PRO G 8 59.63 10.07 19.73
C PRO G 8 59.54 8.88 20.66
N GLU G 9 58.38 8.22 20.74
CA GLU G 9 58.24 7.01 21.53
C GLU G 9 57.04 6.22 21.04
N ALA G 10 56.97 4.97 21.47
CA ALA G 10 55.85 4.10 21.10
C ALA G 10 54.56 4.62 21.70
N ILE G 11 53.45 4.35 21.02
CA ILE G 11 52.15 4.80 21.49
C ILE G 11 51.13 3.68 21.38
N THR G 12 50.05 3.84 22.13
CA THR G 12 48.95 2.87 22.16
C THR G 12 47.74 3.46 21.45
N PHE G 13 47.05 2.62 20.68
CA PHE G 13 45.74 2.99 20.15
C PHE G 13 44.91 1.74 19.93
N ASP G 14 43.60 1.90 20.03
CA ASP G 14 42.66 0.84 19.66
C ASP G 14 42.27 1.04 18.21
N PRO G 15 42.58 0.09 17.32
CA PRO G 15 42.22 0.28 15.90
C PRO G 15 40.74 0.54 15.68
N GLN G 16 39.86 -0.04 16.49
CA GLN G 16 38.43 0.23 16.35
C GLN G 16 38.03 1.62 16.82
N GLN G 17 38.91 2.33 17.54
CA GLN G 17 38.69 3.72 17.92
C GLN G 17 39.68 4.66 17.22
N SER G 18 40.12 4.28 16.02
CA SER G 18 41.09 5.06 15.27
C SER G 18 40.65 5.14 13.82
N ALA G 19 41.23 6.09 13.09
CA ALA G 19 40.97 6.26 11.67
C ALA G 19 42.28 6.40 10.93
N LEU G 20 42.35 5.78 9.74
CA LEU G 20 43.41 6.02 8.78
C LEU G 20 42.92 7.08 7.81
N ILE G 21 43.63 8.21 7.74
CA ILE G 21 43.27 9.31 6.86
C ILE G 21 44.21 9.30 5.67
N VAL G 22 43.64 9.28 4.46
CA VAL G 22 44.40 9.35 3.22
C VAL G 22 44.19 10.75 2.66
N VAL G 23 45.21 11.60 2.76
CA VAL G 23 45.08 13.00 2.42
C VAL G 23 45.36 13.19 0.94
N ASP G 24 44.31 13.53 0.18
CA ASP G 24 44.44 14.18 -1.13
C ASP G 24 45.26 13.37 -2.12
N GLN G 26 45.02 12.52 -5.03
CA GLN G 26 44.41 12.84 -6.29
C GLN G 26 45.48 13.07 -7.36
N ASN G 27 45.06 13.02 -8.61
CA ASN G 27 45.99 13.27 -9.70
C ASN G 27 46.65 14.64 -9.55
N ALA G 28 45.91 15.61 -8.99
CA ALA G 28 46.46 16.93 -8.74
C ALA G 28 47.75 16.86 -7.95
N TYR G 29 47.82 15.95 -6.98
CA TYR G 29 48.92 15.96 -6.03
C TYR G 29 49.95 14.88 -6.28
N ALA G 30 49.62 13.87 -7.10
CA ALA G 30 50.47 12.69 -7.25
C ALA G 30 50.84 12.34 -8.69
N THR G 31 50.22 12.93 -9.70
CA THR G 31 50.35 12.38 -11.05
C THR G 31 50.97 13.40 -11.99
N PRO G 32 51.92 12.98 -12.84
CA PRO G 32 52.44 13.88 -13.86
C PRO G 32 51.31 14.46 -14.71
N GLY G 33 51.42 15.76 -15.01
CA GLY G 33 50.36 16.47 -15.71
C GLY G 33 49.26 17.00 -14.81
N GLY G 34 49.27 16.65 -13.54
CA GLY G 34 48.33 17.21 -12.59
C GLY G 34 48.75 18.60 -12.12
N TYR G 35 47.92 19.18 -11.26
CA TYR G 35 48.14 20.53 -10.75
C TYR G 35 49.56 20.74 -10.22
N LEU G 36 49.99 19.92 -9.25
CA LEU G 36 51.29 20.18 -8.63
C LEU G 36 52.41 20.17 -9.66
N ASP G 37 52.38 19.20 -10.58
CA ASP G 37 53.34 19.15 -11.66
C ASP G 37 53.28 20.43 -12.50
N LEU G 38 52.08 20.84 -12.88
CA LEU G 38 51.93 22.03 -13.71
C LEU G 38 52.39 23.28 -12.97
N ALA G 39 52.25 23.31 -11.64
CA ALA G 39 52.66 24.42 -10.81
C ALA G 39 54.16 24.41 -10.48
N GLY G 40 54.90 23.41 -10.98
CA GLY G 40 56.34 23.39 -10.82
C GLY G 40 56.87 22.56 -9.67
N PHE G 41 56.02 21.83 -8.97
CA PHE G 41 56.47 20.94 -7.91
C PHE G 41 56.83 19.57 -8.49
N ASP G 42 57.68 18.85 -7.77
CA ASP G 42 58.17 17.55 -8.22
C ASP G 42 57.22 16.45 -7.72
N VAL G 43 56.57 15.76 -8.65
CA VAL G 43 55.71 14.63 -8.36
C VAL G 43 56.21 13.34 -9.01
N SER G 44 57.44 13.34 -9.50
CA SER G 44 57.97 12.19 -10.23
C SER G 44 58.25 10.98 -9.35
N THR G 45 58.18 11.12 -8.02
CA THR G 45 58.58 10.05 -7.12
C THR G 45 57.41 9.51 -6.28
N THR G 46 56.17 9.70 -6.73
CA THR G 46 55.03 9.33 -5.90
C THR G 46 54.63 7.87 -6.00
N ARG G 47 55.16 7.12 -6.96
CA ARG G 47 54.79 5.71 -7.08
C ARG G 47 54.93 4.92 -5.78
N PRO G 48 56.06 4.97 -5.06
CA PRO G 48 56.14 4.19 -3.81
C PRO G 48 55.16 4.67 -2.76
N VAL G 49 54.79 5.95 -2.80
CA VAL G 49 53.84 6.47 -1.82
C VAL G 49 52.45 5.88 -2.07
N ILE G 50 52.03 5.82 -3.33
CA ILE G 50 50.78 5.19 -3.69
C ILE G 50 50.77 3.73 -3.25
N ALA G 51 51.86 3.02 -3.55
CA ALA G 51 51.94 1.61 -3.16
C ALA G 51 51.85 1.44 -1.66
N ASN G 52 52.56 2.26 -0.91
CA ASN G 52 52.57 2.14 0.55
C ASN G 52 51.21 2.48 1.15
N ILE G 53 50.50 3.44 0.57
CA ILE G 53 49.16 3.75 1.04
C ILE G 53 48.21 2.59 0.77
N GLN G 54 48.29 1.99 -0.42
CA GLN G 54 47.48 0.81 -0.70
C GLN G 54 47.75 -0.28 0.35
N THR G 55 49.02 -0.46 0.71
CA THR G 55 49.39 -1.44 1.72
C THR G 55 48.81 -1.08 3.08
N ALA G 56 48.92 0.19 3.47
CA ALA G 56 48.40 0.63 4.77
C ALA G 56 46.88 0.53 4.82
N VAL G 57 46.21 0.83 3.71
CA VAL G 57 44.75 0.78 3.71
C VAL G 57 44.27 -0.67 3.87
N THR G 58 44.91 -1.61 3.18
CA THR G 58 44.57 -3.02 3.34
C THR G 58 44.68 -3.45 4.80
N ALA G 59 45.80 -3.10 5.44
CA ALA G 59 46.01 -3.51 6.83
C ALA G 59 45.05 -2.82 7.79
N ALA G 60 44.83 -1.52 7.60
CA ALA G 60 43.90 -0.81 8.48
C ALA G 60 42.49 -1.35 8.33
N ARG G 61 42.08 -1.62 7.09
CA ARG G 61 40.73 -2.14 6.84
C ARG G 61 40.53 -3.49 7.51
N ALA G 62 41.52 -4.37 7.39
CA ALA G 62 41.43 -5.70 8.00
C ALA G 62 41.36 -5.61 9.52
N ALA G 63 41.93 -4.56 10.10
CA ALA G 63 41.91 -4.38 11.56
C ALA G 63 40.68 -3.64 12.06
N GLY G 64 39.78 -3.24 11.16
CA GLY G 64 38.58 -2.56 11.59
C GLY G 64 38.73 -1.07 11.78
N LEU G 66 38.47 2.72 10.53
CA LEU G 66 37.78 3.54 9.55
C LEU G 66 38.79 4.17 8.60
N ILE G 67 38.50 4.10 7.30
CA ILE G 67 39.33 4.75 6.28
C ILE G 67 38.62 6.02 5.85
N ILE G 68 39.32 7.14 5.90
CA ILE G 68 38.79 8.44 5.47
C ILE G 68 39.67 8.95 4.35
N TRP G 69 39.06 9.21 3.19
CA TRP G 69 39.74 9.76 2.03
C TRP G 69 39.39 11.23 1.90
N PHE G 70 40.40 12.10 1.87
CA PHE G 70 40.19 13.52 1.60
C PHE G 70 40.33 13.74 0.09
N GLN G 71 39.48 14.60 -0.46
CA GLN G 71 39.70 15.17 -1.78
C GLN G 71 39.62 16.68 -1.65
N ASN G 72 40.72 17.35 -2.00
CA ASN G 72 40.77 18.80 -1.94
C ASN G 72 40.32 19.39 -3.27
N GLY G 73 39.47 20.41 -3.20
CA GLY G 73 39.09 21.11 -4.40
C GLY G 73 37.71 21.72 -4.29
N TRP G 74 37.23 22.23 -5.42
CA TRP G 74 36.13 23.17 -5.44
C TRP G 74 35.27 22.92 -6.66
N ASP G 75 34.12 23.60 -6.69
CA ASP G 75 33.30 23.66 -7.88
C ASP G 75 34.10 24.25 -9.04
N GLU G 76 33.70 23.89 -10.26
CA GLU G 76 34.40 24.31 -11.47
C GLU G 76 34.48 25.82 -11.63
N GLN G 77 33.58 26.58 -10.98
CA GLN G 77 33.63 28.03 -11.02
C GLN G 77 34.45 28.64 -9.89
N TYR G 78 34.96 27.81 -8.97
CA TYR G 78 35.81 28.25 -7.86
C TYR G 78 35.11 29.18 -6.88
N VAL G 79 33.78 29.18 -6.86
CA VAL G 79 33.04 29.87 -5.80
C VAL G 79 33.55 29.43 -4.43
N GLU G 80 33.75 28.13 -4.27
CA GLU G 80 34.15 27.56 -2.99
C GLU G 80 35.61 27.85 -2.63
N ALA G 81 36.43 28.32 -3.58
CA ALA G 81 37.81 28.68 -3.31
C ALA G 81 37.95 30.06 -2.69
N GLY G 82 36.87 30.84 -2.68
CA GLY G 82 36.92 32.20 -2.19
C GLY G 82 37.30 33.16 -3.29
N GLY G 83 36.72 34.34 -3.27
CA GLY G 83 37.07 35.38 -4.20
C GLY G 83 38.25 36.17 -3.69
N PRO G 84 38.50 37.32 -4.33
CA PRO G 84 39.64 38.15 -3.91
C PRO G 84 39.61 38.56 -2.45
N GLY G 85 38.46 38.43 -1.77
CA GLY G 85 38.38 38.70 -0.35
C GLY G 85 38.91 37.60 0.55
N SER G 86 39.27 36.45 -0.02
CA SER G 86 39.84 35.32 0.72
C SER G 86 41.34 35.22 0.48
N PRO G 87 42.16 35.01 1.52
CA PRO G 87 43.58 34.74 1.27
C PRO G 87 43.81 33.49 0.41
N ASN G 88 42.87 32.54 0.40
CA ASN G 88 43.04 31.35 -0.45
C ASN G 88 43.09 31.72 -1.91
N PHE G 89 42.30 32.73 -2.32
CA PHE G 89 42.32 33.18 -3.71
C PHE G 89 43.71 33.65 -4.10
N HIS G 90 44.41 34.31 -3.17
CA HIS G 90 45.73 34.85 -3.44
C HIS G 90 46.86 33.88 -3.18
N LYS G 91 46.63 32.86 -2.35
CA LYS G 91 47.68 31.90 -2.03
C LYS G 91 47.65 30.65 -2.89
N SER G 92 46.47 30.19 -3.33
CA SER G 92 46.37 28.91 -4.02
C SER G 92 47.25 28.89 -5.25
N ASN G 93 48.20 27.95 -5.30
CA ASN G 93 49.03 27.79 -6.48
C ASN G 93 48.23 27.23 -7.65
N ALA G 94 47.14 26.50 -7.40
CA ALA G 94 46.27 26.07 -8.48
C ALA G 94 45.61 27.26 -9.15
N LEU G 95 45.07 28.18 -8.34
CA LEU G 95 44.46 29.37 -8.91
C LEU G 95 45.50 30.22 -9.62
N LYS G 96 46.70 30.32 -9.06
CA LYS G 96 47.78 31.05 -9.71
C LYS G 96 48.10 30.45 -11.07
N THR G 97 48.15 29.13 -11.16
CA THR G 97 48.50 28.48 -12.42
C THR G 97 47.46 28.77 -13.49
N ARG G 99 45.43 31.37 -13.64
CA ARG G 99 45.45 32.76 -14.06
C ARG G 99 46.55 32.99 -15.09
N LYS G 100 47.62 32.19 -15.06
CA LYS G 100 48.67 32.25 -16.06
C LYS G 100 48.34 31.45 -17.30
N GLN G 101 47.51 30.42 -17.19
CA GLN G 101 47.20 29.51 -18.29
C GLN G 101 45.69 29.36 -18.41
N PRO G 102 45.03 30.26 -19.13
CA PRO G 102 43.56 30.19 -19.23
C PRO G 102 43.03 28.91 -19.84
N GLN G 103 43.85 28.19 -20.62
CA GLN G 103 43.43 26.88 -21.13
C GLN G 103 43.04 25.94 -20.00
N LEU G 104 43.69 26.07 -18.85
CA LEU G 104 43.41 25.21 -17.72
C LEU G 104 42.28 25.71 -16.83
N GLN G 105 41.67 26.85 -17.14
CA GLN G 105 40.63 27.39 -16.26
C GLN G 105 39.50 26.39 -16.10
N GLY G 106 39.11 26.14 -14.85
CA GLY G 106 38.03 25.21 -14.57
C GLY G 106 38.47 23.78 -14.43
N LYS G 107 39.74 23.47 -14.62
CA LYS G 107 40.21 22.09 -14.58
C LYS G 107 40.97 21.74 -13.32
N LEU G 108 41.81 22.63 -12.80
CA LEU G 108 42.64 22.26 -11.65
C LEU G 108 41.77 22.20 -10.39
N LEU G 109 41.89 21.08 -9.66
CA LEU G 109 41.18 20.89 -8.40
C LEU G 109 39.68 21.09 -8.53
N ALA G 110 39.12 20.78 -9.69
CA ALA G 110 37.71 21.01 -9.97
C ALA G 110 36.94 19.71 -9.74
N LYS G 111 35.93 19.77 -8.88
CA LYS G 111 35.08 18.61 -8.65
C LYS G 111 34.58 18.04 -9.97
N GLY G 112 34.67 16.70 -10.10
CA GLY G 112 34.27 16.02 -11.31
C GLY G 112 35.36 15.83 -12.35
N SER G 113 36.49 16.50 -12.21
CA SER G 113 37.53 16.51 -13.23
C SER G 113 38.59 15.44 -12.95
N TRP G 114 39.45 15.23 -13.96
CA TRP G 114 40.56 14.30 -13.82
C TRP G 114 41.54 14.73 -12.74
N ASP G 115 41.85 16.03 -12.70
CA ASP G 115 42.78 16.52 -11.68
C ASP G 115 42.29 16.18 -10.27
N TYR G 116 40.99 16.28 -10.06
CA TYR G 116 40.39 16.08 -8.75
C TYR G 116 40.25 14.61 -8.37
N GLN G 117 40.21 13.72 -9.36
CA GLN G 117 39.98 12.30 -9.13
C GLN G 117 41.10 11.70 -8.29
N LEU G 118 40.74 10.73 -7.45
CA LEU G 118 41.76 9.92 -6.80
C LEU G 118 42.55 9.15 -7.85
N VAL G 119 43.85 8.96 -7.56
CA VAL G 119 44.69 8.20 -8.49
C VAL G 119 44.11 6.82 -8.75
N ASP G 120 44.40 6.27 -9.93
CA ASP G 120 43.77 5.04 -10.40
C ASP G 120 43.93 3.90 -9.40
N GLU G 121 45.07 3.85 -8.71
CA GLU G 121 45.39 2.72 -7.85
C GLU G 121 44.62 2.73 -6.53
N LEU G 122 44.02 3.84 -6.15
CA LEU G 122 43.42 4.03 -4.83
C LEU G 122 41.93 4.21 -5.01
N VAL G 123 41.16 3.22 -4.58
CA VAL G 123 39.72 3.19 -4.82
C VAL G 123 38.99 2.99 -3.51
N PRO G 124 38.26 3.99 -3.01
CA PRO G 124 37.51 3.82 -1.77
C PRO G 124 36.50 2.68 -1.90
N GLN G 125 36.26 2.03 -0.78
CA GLN G 125 35.32 0.93 -0.71
C GLN G 125 34.07 1.38 0.04
N PRO G 126 32.97 0.63 -0.10
CA PRO G 126 31.78 0.94 0.69
C PRO G 126 32.08 0.90 2.18
N GLY G 127 31.56 1.87 2.91
CA GLY G 127 31.85 2.03 4.30
C GLY G 127 32.98 2.99 4.61
N ASP G 128 33.87 3.24 3.66
CA ASP G 128 34.84 4.31 3.82
C ASP G 128 34.12 5.65 3.76
N ILE G 129 34.79 6.66 4.27
CA ILE G 129 34.29 8.03 4.20
C ILE G 129 35.15 8.80 3.21
N VAL G 130 34.51 9.48 2.28
CA VAL G 130 35.18 10.33 1.30
C VAL G 130 34.78 11.75 1.62
N LEU G 131 35.75 12.58 1.96
CA LEU G 131 35.54 13.93 2.50
C LEU G 131 36.03 14.95 1.49
N PRO G 132 35.17 15.71 0.82
CA PRO G 132 35.66 16.88 0.10
C PRO G 132 36.09 17.92 1.12
N LYS G 133 37.15 18.65 0.81
CA LYS G 133 37.52 19.75 1.68
C LYS G 133 37.91 20.95 0.83
N PRO G 134 37.54 22.15 1.25
CA PRO G 134 37.83 23.35 0.46
C PRO G 134 39.13 24.06 0.82
N ARG G 135 39.81 23.68 1.91
CA ARG G 135 41.06 24.32 2.30
C ARG G 135 42.04 23.24 2.75
N TYR G 136 43.29 23.65 2.99
CA TYR G 136 44.34 22.67 3.25
C TYR G 136 44.00 21.74 4.39
N SER G 137 43.48 22.29 5.50
CA SER G 137 43.21 21.50 6.70
C SER G 137 41.86 20.79 6.59
N GLY G 138 41.86 19.49 6.85
CA GLY G 138 40.60 18.78 6.84
C GLY G 138 39.68 19.09 8.01
N PHE G 139 40.16 19.84 9.00
CA PHE G 139 39.39 20.16 10.20
C PHE G 139 38.77 21.55 10.17
N PHE G 140 38.87 22.27 9.07
CA PHE G 140 38.13 23.52 8.92
C PHE G 140 37.10 23.34 7.82
N ASN G 141 35.88 23.82 8.07
CA ASN G 141 34.82 23.92 7.07
C ASN G 141 34.21 22.59 6.68
N THR G 142 34.44 21.52 7.45
CA THR G 142 34.02 20.17 7.10
C THR G 142 33.36 19.50 8.28
N PRO G 143 32.71 18.34 8.06
CA PRO G 143 32.21 17.56 9.19
C PRO G 143 33.21 16.56 9.78
N LEU G 144 34.51 16.71 9.50
CA LEU G 144 35.49 15.71 9.94
C LEU G 144 35.43 15.49 11.46
N ASP G 145 35.54 16.57 12.23
CA ASP G 145 35.51 16.45 13.69
C ASP G 145 34.24 15.76 14.17
N SER G 146 33.09 16.15 13.60
CA SER G 146 31.82 15.51 13.95
C SER G 146 31.85 14.01 13.64
N ILE G 147 32.36 13.64 12.47
CA ILE G 147 32.41 12.24 12.08
C ILE G 147 33.25 11.44 13.06
N LEU G 148 34.41 11.96 13.42
CA LEU G 148 35.29 11.25 14.34
C LEU G 148 34.69 11.16 15.74
N ARG G 149 34.13 12.27 16.25
CA ARG G 149 33.58 12.28 17.59
C ARG G 149 32.39 11.34 17.71
N SER G 150 31.55 11.28 16.67
CA SER G 150 30.39 10.40 16.68
C SER G 150 30.77 8.93 16.81
N ARG G 151 32.01 8.59 16.49
CA ARG G 151 32.51 7.22 16.57
C ARG G 151 33.49 7.03 17.72
N GLY G 152 33.68 8.04 18.55
CA GLY G 152 34.62 7.94 19.64
C GLY G 152 36.06 7.80 19.21
N ILE G 153 36.39 8.29 18.03
CA ILE G 153 37.75 8.14 17.52
C ILE G 153 38.63 9.25 18.08
N ARG G 154 39.75 8.87 18.66
CA ARG G 154 40.71 9.84 19.19
C ARG G 154 42.09 9.71 18.58
N HIS G 155 42.36 8.66 17.81
CA HIS G 155 43.66 8.44 17.19
C HIS G 155 43.54 8.47 15.69
N LEU G 156 44.40 9.25 15.05
CA LEU G 156 44.39 9.46 13.62
C LEU G 156 45.73 9.06 13.05
N VAL G 157 45.73 8.20 12.04
CA VAL G 157 46.94 7.80 11.34
C VAL G 157 46.92 8.44 9.96
N PHE G 158 47.93 9.26 9.68
CA PHE G 158 47.94 10.13 8.50
C PHE G 158 48.85 9.59 7.41
N THR G 159 48.37 9.67 6.18
CA THR G 159 49.14 9.41 4.97
C THR G 159 48.74 10.45 3.94
N GLY G 160 49.51 10.56 2.87
CA GLY G 160 49.12 11.37 1.73
C GLY G 160 50.01 12.56 1.46
N ILE G 161 49.48 13.53 0.72
CA ILE G 161 50.24 14.64 0.15
C ILE G 161 49.42 15.91 0.32
N ALA G 162 50.07 17.03 0.67
CA ALA G 162 51.51 17.14 0.93
C ALA G 162 51.82 17.10 2.40
N THR G 163 52.93 16.46 2.75
CA THR G 163 53.31 16.27 4.14
C THR G 163 53.28 17.58 4.91
N ASN G 164 53.84 18.64 4.31
CA ASN G 164 54.02 19.91 4.97
C ASN G 164 52.81 20.82 4.85
N VAL G 165 51.84 20.46 4.02
CA VAL G 165 50.72 21.37 3.80
C VAL G 165 49.44 20.74 4.33
N CYS G 166 48.72 19.97 3.51
CA CYS G 166 47.44 19.44 3.97
C CYS G 166 47.62 18.40 5.06
N VAL G 167 48.66 17.56 4.98
CA VAL G 167 48.86 16.54 6.03
C VAL G 167 49.16 17.22 7.37
N GLU G 168 50.22 18.03 7.40
CA GLU G 168 50.61 18.67 8.66
C GLU G 168 49.53 19.60 9.18
N SER G 169 48.86 20.35 8.29
CA SER G 169 47.81 21.25 8.78
C SER G 169 46.70 20.48 9.47
N THR G 170 46.30 19.37 8.87
CA THR G 170 45.24 18.55 9.47
C THR G 170 45.71 17.93 10.78
N LEU G 171 46.95 17.45 10.82
CA LEU G 171 47.47 16.89 12.06
C LEU G 171 47.58 17.95 13.14
N ARG G 172 48.11 19.13 12.81
CA ARG G 172 48.23 20.20 13.79
C ARG G 172 46.86 20.57 14.34
N ASP G 173 45.89 20.77 13.43
CA ASP G 173 44.56 21.13 13.90
C ASP G 173 43.93 20.00 14.70
N GLY G 174 44.20 18.75 14.31
CA GLY G 174 43.75 17.63 15.12
C GLY G 174 44.28 17.71 16.54
N PHE G 175 45.56 18.08 16.68
CA PHE G 175 46.15 18.24 18.01
C PHE G 175 45.38 19.28 18.82
N PHE G 176 45.05 20.42 18.20
CA PHE G 176 44.29 21.45 18.90
C PHE G 176 42.87 21.00 19.23
N LEU G 177 42.34 20.00 18.53
CA LEU G 177 41.06 19.40 18.86
C LEU G 177 41.20 18.15 19.71
N GLU G 178 42.39 17.95 20.29
CA GLU G 178 42.67 16.89 21.27
C GLU G 178 42.74 15.50 20.64
N TYR G 179 43.10 15.41 19.36
CA TYR G 179 43.35 14.13 18.71
C TYR G 179 44.83 13.78 18.76
N PHE G 180 45.10 12.48 18.87
CA PHE G 180 46.45 11.94 18.85
C PHE G 180 46.76 11.54 17.41
N GLY G 181 47.72 12.20 16.79
CA GLY G 181 48.00 12.02 15.37
C GLY G 181 49.36 11.39 15.13
N VAL G 182 49.36 10.39 14.25
CA VAL G 182 50.57 9.68 13.83
C VAL G 182 50.66 9.76 12.32
N VAL G 183 51.84 10.08 11.80
CA VAL G 183 52.07 10.14 10.37
C VAL G 183 52.97 8.97 9.96
N LEU G 184 52.58 8.26 8.90
CA LEU G 184 53.40 7.20 8.32
C LEU G 184 54.31 7.83 7.27
N GLU G 185 55.58 8.03 7.64
CA GLU G 185 56.44 8.93 6.86
C GLU G 185 56.63 8.45 5.42
N ASP G 186 56.77 7.13 5.22
CA ASP G 186 56.99 6.59 3.88
C ASP G 186 55.70 6.48 3.07
N ALA G 187 54.57 6.94 3.63
CA ALA G 187 53.32 7.08 2.90
C ALA G 187 52.91 8.53 2.74
N THR G 188 53.88 9.45 2.75
CA THR G 188 53.65 10.86 2.50
C THR G 188 54.69 11.37 1.52
N HIS G 189 54.39 12.53 0.93
CA HIS G 189 55.36 13.24 0.12
C HIS G 189 55.09 14.73 0.24
N GLN G 190 56.15 15.52 0.26
CA GLN G 190 56.06 16.94 0.49
C GLN G 190 55.81 17.71 -0.80
N ALA G 191 55.37 18.96 -0.64
CA ALA G 191 55.33 19.93 -1.73
C ALA G 191 56.43 20.95 -1.47
N GLY G 192 57.47 20.91 -2.29
CA GLY G 192 58.64 21.74 -2.09
C GLY G 192 59.90 20.91 -2.04
N PRO G 193 61.02 21.53 -1.67
CA PRO G 193 62.28 20.80 -1.57
C PRO G 193 62.24 19.75 -0.46
N LYS G 194 63.26 18.88 -0.47
CA LYS G 194 63.30 17.80 0.51
C LYS G 194 63.30 18.31 1.93
N PHE G 195 63.87 19.50 2.18
CA PHE G 195 63.84 20.03 3.54
C PHE G 195 62.43 20.21 4.06
N ALA G 196 61.45 20.36 3.16
CA ALA G 196 60.07 20.51 3.61
C ALA G 196 59.51 19.21 4.17
N GLN G 197 59.99 18.06 3.66
CA GLN G 197 59.62 16.79 4.25
C GLN G 197 60.28 16.63 5.61
N LYS G 198 61.59 16.89 5.68
CA LYS G 198 62.32 16.77 6.94
C LYS G 198 61.72 17.68 8.02
N ALA G 199 61.39 18.93 7.66
CA ALA G 199 60.89 19.86 8.67
C ALA G 199 59.49 19.48 9.14
N ALA G 200 58.63 19.01 8.24
CA ALA G 200 57.29 18.61 8.66
C ALA G 200 57.36 17.45 9.64
N LEU G 201 58.19 16.45 9.35
CA LEU G 201 58.33 15.32 10.26
C LEU G 201 58.95 15.75 11.58
N PHE G 202 59.95 16.64 11.53
CA PHE G 202 60.54 17.17 12.76
C PHE G 202 59.49 17.89 13.60
N ASN G 203 58.71 18.76 12.97
CA ASN G 203 57.70 19.52 13.72
C ASN G 203 56.65 18.60 14.31
N ILE G 204 56.21 17.60 13.54
CA ILE G 204 55.23 16.65 14.05
C ILE G 204 55.80 15.89 15.25
N GLU G 205 56.96 15.26 15.06
CA GLU G 205 57.53 14.43 16.12
C GLU G 205 57.85 15.25 17.36
N THR G 206 58.31 16.48 17.17
CA THR G 206 58.80 17.28 18.29
C THR G 206 57.65 17.97 19.05
N PHE G 207 56.61 18.39 18.37
CA PHE G 207 55.60 19.25 19.00
C PHE G 207 54.16 18.75 18.94
N PHE G 208 53.78 17.98 17.90
CA PHE G 208 52.37 17.77 17.61
C PHE G 208 51.90 16.33 17.67
N GLY G 209 52.75 15.36 17.37
CA GLY G 209 52.27 13.99 17.25
C GLY G 209 53.41 12.99 17.17
N TRP G 210 53.22 11.93 16.38
CA TRP G 210 54.14 10.81 16.33
C TRP G 210 54.42 10.46 14.86
N VAL G 211 55.56 9.84 14.63
CA VAL G 211 55.99 9.43 13.29
C VAL G 211 56.29 7.94 13.32
N SER G 212 55.71 7.21 12.39
CA SER G 212 56.01 5.79 12.24
C SER G 212 56.14 5.52 10.74
N ASP G 213 56.02 4.26 10.33
CA ASP G 213 56.13 3.90 8.92
C ASP G 213 55.15 2.76 8.62
N VAL G 214 54.94 2.48 7.33
CA VAL G 214 53.89 1.55 6.92
C VAL G 214 54.18 0.15 7.44
N GLU G 215 55.42 -0.32 7.31
CA GLU G 215 55.73 -1.69 7.75
C GLU G 215 55.46 -1.87 9.23
N THR G 216 55.92 -0.92 10.05
CA THR G 216 55.65 -0.99 11.48
C THR G 216 54.16 -0.96 11.77
N PHE G 217 53.43 -0.11 11.07
CA PHE G 217 51.99 0.01 11.23
C PHE G 217 51.30 -1.30 10.89
N CYS G 218 51.64 -1.91 9.75
CA CYS G 218 51.01 -3.16 9.35
C CYS G 218 51.34 -4.29 10.32
N ASP G 219 52.59 -4.36 10.78
CA ASP G 219 52.95 -5.40 11.75
C ASP G 219 52.19 -5.21 13.05
N ALA G 220 52.03 -3.96 13.50
CA ALA G 220 51.34 -3.70 14.75
C ALA G 220 49.87 -4.12 14.68
N LEU G 221 49.25 -4.01 13.51
CA LEU G 221 47.84 -4.36 13.35
C LEU G 221 47.60 -5.86 13.22
N SER G 222 48.65 -6.65 12.96
CA SER G 222 48.50 -8.10 12.73
C SER G 222 47.60 -8.82 13.73
N PRO G 223 47.71 -8.63 15.05
CA PRO G 223 46.84 -9.39 15.96
C PRO G 223 45.37 -9.02 15.86
N THR G 224 45.04 -7.76 15.58
CA THR G 224 43.64 -7.37 15.46
C THR G 224 43.00 -8.03 14.25
N SER G 225 43.63 -7.90 13.08
CA SER G 225 43.25 -8.58 11.86
C SER G 225 42.90 -10.06 12.09
N THR H 2 -19.69 17.58 15.05
CA THR H 2 -18.53 17.59 14.18
C THR H 2 -17.46 18.50 14.74
N THR H 3 -16.23 18.00 14.84
CA THR H 3 -15.07 18.81 15.17
C THR H 3 -14.28 19.01 13.88
N LEU H 4 -14.04 20.28 13.54
CA LEU H 4 -13.40 20.63 12.28
C LEU H 4 -12.06 21.30 12.59
N THR H 5 -10.96 20.66 12.18
CA THR H 5 -9.66 21.30 12.27
C THR H 5 -9.68 22.59 11.44
N ALA H 6 -9.21 23.67 12.04
CA ALA H 6 -9.26 24.97 11.39
C ALA H 6 -8.21 25.86 12.04
N ARG H 7 -7.94 26.99 11.40
CA ARG H 7 -7.17 28.09 11.96
C ARG H 7 -8.12 29.17 12.46
N PRO H 8 -7.87 29.78 13.62
CA PRO H 8 -6.67 29.58 14.44
C PRO H 8 -6.75 28.37 15.38
N GLU H 9 -7.90 27.73 15.47
CA GLU H 9 -8.03 26.50 16.24
C GLU H 9 -9.22 25.72 15.71
N ALA H 10 -9.26 24.43 16.06
CA ALA H 10 -10.38 23.60 15.66
C ALA H 10 -11.66 24.09 16.32
N ILE H 11 -12.78 23.88 15.62
CA ILE H 11 -14.08 24.30 16.13
C ILE H 11 -15.06 23.15 16.00
N THR H 12 -16.17 23.30 16.71
CA THR H 12 -17.24 22.31 16.72
C THR H 12 -18.48 22.91 16.09
N PHE H 13 -19.20 22.09 15.32
CA PHE H 13 -20.51 22.47 14.82
C PHE H 13 -21.32 21.20 14.58
N ASP H 14 -22.64 21.36 14.69
CA ASP H 14 -23.57 20.31 14.36
C ASP H 14 -24.01 20.54 12.93
N PRO H 15 -23.73 19.63 12.00
CA PRO H 15 -24.11 19.87 10.59
C PRO H 15 -25.57 20.16 10.39
N GLN H 16 -26.45 19.50 11.15
CA GLN H 16 -27.87 19.75 11.01
C GLN H 16 -28.29 21.13 11.52
N GLN H 17 -27.40 21.83 12.24
CA GLN H 17 -27.61 23.21 12.63
C GLN H 17 -26.62 24.14 11.92
N SER H 18 -26.19 23.77 10.72
CA SER H 18 -25.23 24.57 9.98
C SER H 18 -25.67 24.67 8.53
N ALA H 19 -25.09 25.63 7.81
CA ALA H 19 -25.37 25.81 6.40
C ALA H 19 -24.05 25.97 5.65
N LEU H 20 -24.00 25.40 4.45
CA LEU H 20 -22.93 25.65 3.50
C LEU H 20 -23.42 26.72 2.54
N ILE H 21 -22.69 27.82 2.44
CA ILE H 21 -23.07 28.93 1.58
C ILE H 21 -22.12 28.94 0.41
N VAL H 22 -22.68 28.94 -0.81
CA VAL H 22 -21.91 29.00 -2.04
C VAL H 22 -22.14 30.40 -2.60
N VAL H 23 -21.13 31.27 -2.45
CA VAL H 23 -21.27 32.67 -2.80
C VAL H 23 -20.99 32.85 -4.30
N ASP H 24 -22.04 33.19 -5.05
CA ASP H 24 -21.92 33.85 -6.35
C ASP H 24 -21.10 33.04 -7.35
N GLN H 26 -21.34 32.21 -10.29
CA GLN H 26 -21.98 32.58 -11.53
C GLN H 26 -20.92 32.81 -12.59
N ASN H 27 -21.34 32.76 -13.86
CA ASN H 27 -20.38 32.99 -14.95
C ASN H 27 -19.71 34.35 -14.79
N ALA H 28 -20.46 35.33 -14.26
CA ALA H 28 -19.89 36.64 -13.99
C ALA H 28 -18.61 36.56 -13.17
N TYR H 29 -18.57 35.66 -12.19
CA TYR H 29 -17.46 35.64 -11.25
C TYR H 29 -16.43 34.57 -11.54
N ALA H 30 -16.78 33.55 -12.34
CA ALA H 30 -15.93 32.38 -12.46
C ALA H 30 -15.53 32.01 -13.89
N THR H 31 -16.15 32.60 -14.91
CA THR H 31 -16.00 32.06 -16.24
C THR H 31 -15.39 33.07 -17.19
N PRO H 32 -14.46 32.65 -18.05
CA PRO H 32 -13.94 33.55 -19.09
C PRO H 32 -15.08 34.15 -19.91
N GLY H 33 -14.95 35.44 -20.21
CA GLY H 33 -15.99 36.17 -20.90
C GLY H 33 -17.08 36.73 -20.02
N GLY H 34 -17.10 36.37 -18.73
CA GLY H 34 -18.03 36.95 -17.79
C GLY H 34 -17.58 38.31 -17.30
N TYR H 35 -18.45 38.92 -16.50
CA TYR H 35 -18.21 40.25 -15.95
C TYR H 35 -16.77 40.45 -15.43
N LEU H 36 -16.34 39.64 -14.45
CA LEU H 36 -15.03 39.91 -13.86
C LEU H 36 -13.92 39.89 -14.91
N ASP H 37 -13.96 38.92 -15.81
CA ASP H 37 -12.98 38.86 -16.89
C ASP H 37 -13.03 40.13 -17.74
N LEU H 38 -14.23 40.55 -18.13
CA LEU H 38 -14.38 41.76 -18.94
C LEU H 38 -13.93 43.01 -18.19
N ALA H 39 -14.05 43.01 -16.86
CA ALA H 39 -13.64 44.14 -16.04
C ALA H 39 -12.15 44.12 -15.70
N GLY H 40 -11.39 43.18 -16.24
CA GLY H 40 -9.96 43.15 -16.06
C GLY H 40 -9.44 42.27 -14.93
N PHE H 41 -10.32 41.54 -14.25
CA PHE H 41 -9.88 40.62 -13.21
C PHE H 41 -9.50 39.27 -13.82
N ASP H 42 -8.66 38.54 -13.10
CA ASP H 42 -8.13 37.27 -13.58
C ASP H 42 -9.04 36.13 -13.11
N VAL H 43 -9.72 35.50 -14.06
CA VAL H 43 -10.58 34.35 -13.78
C VAL H 43 -10.01 33.06 -14.35
N SER H 44 -8.76 33.07 -14.83
CA SER H 44 -8.17 31.93 -15.52
C SER H 44 -7.87 30.75 -14.59
N THR H 45 -7.96 30.92 -13.26
CA THR H 45 -7.58 29.88 -12.32
C THR H 45 -8.75 29.37 -11.48
N THR H 46 -9.98 29.51 -11.95
CA THR H 46 -11.15 29.15 -11.13
C THR H 46 -11.59 27.70 -11.27
N ARG H 47 -11.08 26.96 -12.25
CA ARG H 47 -11.51 25.57 -12.41
C ARG H 47 -11.37 24.74 -11.14
N PRO H 48 -10.26 24.80 -10.39
CA PRO H 48 -10.18 24.00 -9.15
C PRO H 48 -11.17 24.45 -8.10
N VAL H 49 -11.52 25.74 -8.08
CA VAL H 49 -12.50 26.23 -7.14
C VAL H 49 -13.86 25.60 -7.40
N ILE H 50 -14.27 25.57 -8.67
CA ILE H 50 -15.55 24.96 -9.04
C ILE H 50 -15.56 23.49 -8.61
N ALA H 51 -14.47 22.76 -8.91
CA ALA H 51 -14.41 21.35 -8.55
C ALA H 51 -14.49 21.17 -7.04
N ASN H 52 -13.75 21.98 -6.28
CA ASN H 52 -13.76 21.85 -4.83
C ASN H 52 -15.11 22.19 -4.23
N ILE H 53 -15.82 23.16 -4.82
CA ILE H 53 -17.17 23.47 -4.34
C ILE H 53 -18.12 22.30 -4.59
N GLN H 54 -18.05 21.68 -5.76
CA GLN H 54 -18.88 20.51 -6.02
C GLN H 54 -18.61 19.42 -4.97
N THR H 55 -17.34 19.21 -4.65
CA THR H 55 -16.97 18.21 -3.64
C THR H 55 -17.50 18.59 -2.27
N ALA H 56 -17.36 19.86 -1.89
CA ALA H 56 -17.87 20.31 -0.59
C ALA H 56 -19.39 20.19 -0.52
N VAL H 57 -20.08 20.49 -1.62
CA VAL H 57 -21.55 20.42 -1.61
C VAL H 57 -22.01 18.97 -1.43
N THR H 58 -21.41 18.03 -2.17
CA THR H 58 -21.73 16.62 -1.99
C THR H 58 -21.62 16.21 -0.52
N ALA H 59 -20.51 16.58 0.13
CA ALA H 59 -20.29 16.16 1.52
C ALA H 59 -21.26 16.86 2.47
N ALA H 60 -21.45 18.17 2.29
CA ALA H 60 -22.37 18.89 3.18
C ALA H 60 -23.78 18.33 3.04
N ARG H 61 -24.19 18.05 1.80
CA ARG H 61 -25.52 17.53 1.56
C ARG H 61 -25.71 16.17 2.23
N ALA H 62 -24.73 15.28 2.09
CA ALA H 62 -24.83 13.96 2.70
C ALA H 62 -24.89 14.03 4.21
N ALA H 63 -24.37 15.10 4.82
CA ALA H 63 -24.37 15.25 6.27
C ALA H 63 -25.59 15.97 6.80
N GLY H 64 -26.53 16.35 5.94
CA GLY H 64 -27.71 17.05 6.37
C GLY H 64 -27.57 18.54 6.51
N LEU H 66 -27.80 22.34 5.28
CA LEU H 66 -28.51 23.15 4.30
C LEU H 66 -27.52 23.78 3.34
N ILE H 67 -27.82 23.72 2.03
CA ILE H 67 -27.01 24.36 1.00
C ILE H 67 -27.73 25.63 0.56
N ILE H 68 -27.04 26.77 0.66
CA ILE H 68 -27.57 28.06 0.22
C ILE H 68 -26.67 28.58 -0.89
N TRP H 69 -27.26 28.88 -2.05
CA TRP H 69 -26.54 29.43 -3.20
C TRP H 69 -26.93 30.89 -3.33
N PHE H 70 -25.93 31.77 -3.36
CA PHE H 70 -26.17 33.18 -3.64
C PHE H 70 -26.02 33.43 -5.13
N GLN H 71 -26.87 34.31 -5.67
CA GLN H 71 -26.68 34.86 -7.01
C GLN H 71 -26.74 36.37 -6.89
N ASN H 72 -25.65 37.04 -7.22
CA ASN H 72 -25.59 38.49 -7.15
C ASN H 72 -26.05 39.09 -8.47
N GLY H 73 -26.86 40.14 -8.39
CA GLY H 73 -27.25 40.84 -9.59
C GLY H 73 -28.65 41.42 -9.49
N TRP H 74 -29.14 41.90 -10.64
CA TRP H 74 -30.23 42.87 -10.68
C TRP H 74 -31.08 42.61 -11.91
N ASP H 75 -32.26 43.25 -11.91
CA ASP H 75 -33.06 43.36 -13.12
C ASP H 75 -32.22 43.96 -14.25
N GLU H 76 -32.57 43.63 -15.48
CA GLU H 76 -31.77 44.08 -16.63
C GLU H 76 -31.81 45.58 -16.87
N GLN H 77 -32.73 46.32 -16.25
CA GLN H 77 -32.70 47.78 -16.27
C GLN H 77 -31.88 48.39 -15.12
N TYR H 78 -31.38 47.56 -14.21
CA TYR H 78 -30.53 47.98 -13.10
C TYR H 78 -31.23 48.86 -12.09
N VAL H 79 -32.58 48.82 -12.06
CA VAL H 79 -33.32 49.51 -11.01
C VAL H 79 -32.83 49.07 -9.64
N GLU H 80 -32.62 47.77 -9.48
CA GLU H 80 -32.23 47.21 -8.19
C GLU H 80 -30.78 47.51 -7.82
N ALA H 81 -29.98 48.03 -8.76
CA ALA H 81 -28.60 48.38 -8.47
C ALA H 81 -28.46 49.76 -7.85
N GLY H 82 -29.54 50.55 -7.87
CA GLY H 82 -29.49 51.91 -7.37
C GLY H 82 -29.11 52.88 -8.46
N GLY H 83 -29.74 54.04 -8.50
CA GLY H 83 -29.34 55.08 -9.41
C GLY H 83 -28.20 55.87 -8.83
N PRO H 84 -27.94 57.06 -9.38
CA PRO H 84 -26.78 57.85 -8.93
C PRO H 84 -26.83 58.24 -7.46
N GLY H 85 -27.98 58.12 -6.80
CA GLY H 85 -28.04 58.38 -5.38
C GLY H 85 -27.50 57.26 -4.51
N SER H 86 -27.09 56.13 -5.10
CA SER H 86 -26.57 55.01 -4.34
C SER H 86 -25.08 54.87 -4.60
N PRO H 87 -24.27 54.65 -3.57
CA PRO H 87 -22.85 54.37 -3.84
C PRO H 87 -22.63 53.15 -4.73
N ASN H 88 -23.56 52.19 -4.73
CA ASN H 88 -23.39 51.01 -5.57
C ASN H 88 -23.33 51.39 -7.04
N PHE H 89 -24.11 52.40 -7.44
CA PHE H 89 -24.08 52.86 -8.82
C PHE H 89 -22.69 53.33 -9.20
N HIS H 90 -21.99 53.97 -8.27
CA HIS H 90 -20.69 54.56 -8.52
C HIS H 90 -19.55 53.59 -8.30
N LYS H 91 -19.76 52.55 -7.49
CA LYS H 91 -18.72 51.58 -7.18
C LYS H 91 -18.76 50.33 -8.04
N SER H 92 -19.93 49.91 -8.53
CA SER H 92 -20.04 48.61 -9.18
C SER H 92 -19.15 48.58 -10.42
N ASN H 93 -18.22 47.62 -10.46
CA ASN H 93 -17.38 47.49 -11.64
C ASN H 93 -18.15 46.93 -12.83
N ALA H 94 -19.25 46.20 -12.59
CA ALA H 94 -20.09 45.80 -13.70
C ALA H 94 -20.74 47.02 -14.33
N LEU H 95 -21.26 47.93 -13.51
CA LEU H 95 -21.86 49.15 -14.07
C LEU H 95 -20.83 50.00 -14.79
N LYS H 96 -19.62 50.12 -14.23
CA LYS H 96 -18.56 50.85 -14.91
C LYS H 96 -18.24 50.24 -16.26
N THR H 97 -18.17 48.90 -16.33
CA THR H 97 -17.84 48.25 -17.60
C THR H 97 -18.90 48.55 -18.65
N ARG H 99 -20.92 51.13 -18.75
CA ARG H 99 -20.85 52.54 -19.13
C ARG H 99 -19.78 52.76 -20.20
N LYS H 100 -18.72 51.94 -20.21
CA LYS H 100 -17.68 52.02 -21.22
C LYS H 100 -18.00 51.23 -22.47
N GLN H 101 -18.80 50.17 -22.34
CA GLN H 101 -19.10 49.25 -23.44
C GLN H 101 -20.61 49.07 -23.55
N PRO H 102 -21.29 49.98 -24.26
CA PRO H 102 -22.76 49.90 -24.35
C PRO H 102 -23.27 48.64 -25.04
N GLN H 103 -22.43 47.95 -25.81
CA GLN H 103 -22.82 46.64 -26.34
C GLN H 103 -23.22 45.69 -25.22
N LEU H 104 -22.63 45.86 -24.03
CA LEU H 104 -22.88 44.98 -22.90
C LEU H 104 -24.03 45.45 -22.03
N GLN H 105 -24.65 46.60 -22.35
CA GLN H 105 -25.70 47.14 -21.50
C GLN H 105 -26.83 46.14 -21.32
N GLY H 106 -27.23 45.92 -20.06
CA GLY H 106 -28.29 44.99 -19.75
C GLY H 106 -27.85 43.54 -19.65
N LYS H 107 -26.57 43.26 -19.83
CA LYS H 107 -26.09 41.87 -19.81
C LYS H 107 -25.35 41.49 -18.54
N LEU H 108 -24.50 42.37 -17.99
CA LEU H 108 -23.70 41.97 -16.84
C LEU H 108 -24.56 41.91 -15.59
N LEU H 109 -24.44 40.80 -14.85
CA LEU H 109 -25.14 40.62 -13.56
C LEU H 109 -26.65 40.81 -13.70
N ALA H 110 -27.19 40.49 -14.88
CA ALA H 110 -28.60 40.72 -15.17
C ALA H 110 -29.38 39.41 -14.98
N LYS H 111 -30.38 39.45 -14.10
CA LYS H 111 -31.24 38.29 -13.88
C LYS H 111 -31.76 37.76 -15.21
N GLY H 112 -31.68 36.44 -15.38
CA GLY H 112 -32.08 35.78 -16.62
C GLY H 112 -30.98 35.61 -17.65
N SER H 113 -29.84 36.26 -17.47
CA SER H 113 -28.79 36.26 -18.48
C SER H 113 -27.76 35.17 -18.22
N TRP H 114 -26.87 34.98 -19.21
CA TRP H 114 -25.75 34.06 -19.07
C TRP H 114 -24.80 34.49 -17.97
N ASP H 115 -24.45 35.77 -17.91
CA ASP H 115 -23.53 36.25 -16.88
C ASP H 115 -24.03 35.89 -15.49
N TYR H 116 -25.35 35.96 -15.29
CA TYR H 116 -25.95 35.77 -13.98
C TYR H 116 -26.11 34.29 -13.63
N GLN H 117 -26.13 33.41 -14.62
CA GLN H 117 -26.37 31.99 -14.36
C GLN H 117 -25.25 31.40 -13.53
N LEU H 118 -25.63 30.44 -12.67
CA LEU H 118 -24.62 29.61 -12.02
C LEU H 118 -23.82 28.85 -13.07
N VAL H 119 -22.53 28.66 -12.80
CA VAL H 119 -21.69 27.92 -13.73
C VAL H 119 -22.25 26.54 -13.99
N ASP H 120 -21.96 26.01 -15.18
CA ASP H 120 -22.61 24.78 -15.65
C ASP H 120 -22.44 23.63 -14.68
N GLU H 121 -21.29 23.55 -14.00
CA GLU H 121 -20.99 22.40 -13.16
C GLU H 121 -21.76 22.40 -11.85
N LEU H 122 -22.36 23.52 -11.45
CA LEU H 122 -22.93 23.68 -10.12
C LEU H 122 -24.43 23.86 -10.23
N VAL H 123 -25.16 22.85 -9.81
CA VAL H 123 -26.61 22.81 -10.02
C VAL H 123 -27.32 22.63 -8.70
N PRO H 124 -28.05 23.64 -8.23
CA PRO H 124 -28.85 23.47 -7.00
C PRO H 124 -29.84 22.32 -7.12
N GLN H 125 -30.06 21.67 -6.00
CA GLN H 125 -30.99 20.56 -5.89
C GLN H 125 -32.23 21.00 -5.13
N PRO H 126 -33.35 20.29 -5.31
CA PRO H 126 -34.56 20.60 -4.53
C PRO H 126 -34.24 20.56 -3.04
N GLY H 127 -34.78 21.53 -2.30
CA GLY H 127 -34.49 21.69 -0.91
C GLY H 127 -33.36 22.66 -0.62
N ASP H 128 -32.46 22.89 -1.58
CA ASP H 128 -31.50 23.96 -1.41
C ASP H 128 -32.21 25.30 -1.45
N ILE H 129 -31.57 26.32 -0.89
CA ILE H 129 -32.08 27.68 -1.00
C ILE H 129 -31.22 28.43 -2.00
N VAL H 130 -31.87 29.09 -2.95
CA VAL H 130 -31.20 29.95 -3.92
C VAL H 130 -31.63 31.37 -3.62
N LEU H 131 -30.66 32.21 -3.21
CA LEU H 131 -30.94 33.55 -2.73
C LEU H 131 -30.39 34.56 -3.71
N PRO H 132 -31.22 35.36 -4.38
CA PRO H 132 -30.69 36.50 -5.12
C PRO H 132 -30.29 37.54 -4.10
N LYS H 133 -29.23 38.27 -4.39
CA LYS H 133 -28.90 39.39 -3.53
C LYS H 133 -28.51 40.60 -4.38
N PRO H 134 -28.89 41.80 -3.95
CA PRO H 134 -28.58 43.00 -4.73
C PRO H 134 -27.29 43.72 -4.35
N ARG H 135 -26.61 43.31 -3.27
CA ARG H 135 -25.36 43.95 -2.90
C ARG H 135 -24.37 42.88 -2.46
N TYR H 136 -23.13 43.29 -2.23
CA TYR H 136 -22.08 42.30 -1.97
C TYR H 136 -22.43 41.39 -0.80
N SER H 137 -22.94 41.95 0.30
CA SER H 137 -23.22 41.17 1.50
C SER H 137 -24.55 40.44 1.39
N GLY H 138 -24.52 39.12 1.60
CA GLY H 138 -25.76 38.36 1.64
C GLY H 138 -26.69 38.70 2.79
N PHE H 139 -26.21 39.43 3.80
CA PHE H 139 -27.00 39.74 4.98
C PHE H 139 -27.71 41.09 4.91
N PHE H 140 -27.49 41.88 3.88
CA PHE H 140 -28.24 43.10 3.72
C PHE H 140 -29.29 42.93 2.63
N ASN H 141 -30.50 43.41 2.92
CA ASN H 141 -31.57 43.53 1.92
C ASN H 141 -32.17 42.19 1.51
N THR H 142 -31.93 41.12 2.28
CA THR H 142 -32.33 39.77 1.93
C THR H 142 -32.98 39.10 3.13
N PRO H 143 -33.63 37.94 2.92
CA PRO H 143 -34.11 37.15 4.05
C PRO H 143 -33.11 36.15 4.59
N LEU H 144 -31.81 36.32 4.32
CA LEU H 144 -30.83 35.31 4.75
C LEU H 144 -30.87 35.09 6.26
N ASP H 145 -30.78 36.17 7.04
CA ASP H 145 -30.80 36.04 8.50
C ASP H 145 -32.07 35.32 8.95
N SER H 146 -33.22 35.71 8.41
CA SER H 146 -34.48 35.07 8.78
C SER H 146 -34.45 33.58 8.47
N ILE H 147 -33.97 33.21 7.27
CA ILE H 147 -33.91 31.80 6.87
C ILE H 147 -33.07 31.00 7.86
N LEU H 148 -31.90 31.53 8.23
CA LEU H 148 -31.01 30.81 9.12
C LEU H 148 -31.60 30.72 10.53
N ARG H 149 -32.15 31.83 11.02
CA ARG H 149 -32.72 31.83 12.37
C ARG H 149 -33.92 30.89 12.46
N SER H 150 -34.72 30.82 11.41
CA SER H 150 -35.89 29.93 11.41
C SER H 150 -35.51 28.46 11.53
N ARG H 151 -34.26 28.13 11.23
CA ARG H 151 -33.77 26.76 11.32
C ARG H 151 -32.80 26.57 12.47
N GLY H 152 -32.62 27.60 13.30
CA GLY H 152 -31.70 27.49 14.42
C GLY H 152 -30.26 27.36 14.00
N ILE H 153 -29.90 27.85 12.82
CA ILE H 153 -28.55 27.68 12.30
C ILE H 153 -27.68 28.79 12.86
N ARG H 154 -26.54 28.42 13.43
CA ARG H 154 -25.59 29.39 13.96
C ARG H 154 -24.21 29.29 13.34
N HIS H 155 -23.94 28.24 12.56
CA HIS H 155 -22.64 28.00 11.97
C HIS H 155 -22.76 28.03 10.45
N LEU H 156 -21.92 28.83 9.81
CA LEU H 156 -21.95 29.01 8.37
C LEU H 156 -20.60 28.63 7.79
N VAL H 157 -20.61 27.77 6.77
CA VAL H 157 -19.39 27.40 6.07
C VAL H 157 -19.41 28.07 4.70
N PHE H 158 -18.40 28.90 4.43
CA PHE H 158 -18.40 29.76 3.25
C PHE H 158 -17.50 29.23 2.15
N THR H 159 -18.00 29.29 0.91
CA THR H 159 -17.23 29.04 -0.29
C THR H 159 -17.63 30.10 -1.30
N GLY H 160 -16.84 30.23 -2.37
CA GLY H 160 -17.24 31.06 -3.49
C GLY H 160 -16.36 32.25 -3.81
N ILE H 161 -16.89 33.20 -4.58
CA ILE H 161 -16.13 34.31 -5.13
C ILE H 161 -16.94 35.59 -4.91
N ALA H 162 -16.29 36.72 -4.58
CA ALA H 162 -14.86 36.84 -4.32
C ALA H 162 -14.56 36.77 -2.83
N THR H 163 -13.42 36.15 -2.49
CA THR H 163 -13.07 35.94 -1.09
C THR H 163 -13.08 37.24 -0.32
N ASN H 164 -12.53 38.31 -0.91
CA ASN H 164 -12.35 39.58 -0.25
C ASN H 164 -13.56 40.50 -0.36
N VAL H 165 -14.56 40.14 -1.17
CA VAL H 165 -15.67 41.03 -1.41
C VAL H 165 -16.96 40.41 -0.87
N CYS H 166 -17.66 39.63 -1.70
CA CYS H 166 -18.94 39.09 -1.25
C CYS H 166 -18.77 38.04 -0.15
N VAL H 167 -17.75 37.19 -0.25
CA VAL H 167 -17.53 36.18 0.79
C VAL H 167 -17.22 36.85 2.12
N GLU H 168 -16.18 37.69 2.14
CA GLU H 168 -15.75 38.27 3.41
C GLU H 168 -16.82 39.23 3.95
N SER H 169 -17.50 39.97 3.08
CA SER H 169 -18.52 40.89 3.59
C SER H 169 -19.63 40.12 4.28
N THR H 170 -20.05 39.00 3.68
CA THR H 170 -21.13 38.21 4.25
C THR H 170 -20.67 37.56 5.55
N LEU H 171 -19.43 37.06 5.60
CA LEU H 171 -18.91 36.49 6.83
C LEU H 171 -18.79 37.54 7.92
N ARG H 172 -18.24 38.72 7.60
CA ARG H 172 -18.12 39.77 8.61
C ARG H 172 -19.49 40.15 9.17
N ASP H 173 -20.46 40.35 8.28
CA ASP H 173 -21.80 40.71 8.74
C ASP H 173 -22.44 39.58 9.53
N GLY H 174 -22.18 38.33 9.13
CA GLY H 174 -22.63 37.21 9.94
C GLY H 174 -22.07 37.27 11.34
N PHE H 175 -20.80 37.63 11.47
CA PHE H 175 -20.19 37.78 12.79
C PHE H 175 -20.95 38.82 13.62
N PHE H 176 -21.33 39.95 13.00
CA PHE H 176 -22.06 40.96 13.75
C PHE H 176 -23.48 40.51 14.08
N LEU H 177 -23.98 39.51 13.38
CA LEU H 177 -25.26 38.90 13.67
C LEU H 177 -25.11 37.65 14.53
N GLU H 178 -23.93 37.45 15.11
CA GLU H 178 -23.63 36.39 16.08
C GLU H 178 -23.56 35.00 15.45
N TYR H 179 -23.21 34.93 14.16
CA TYR H 179 -22.95 33.65 13.52
C TYR H 179 -21.46 33.30 13.58
N PHE H 180 -21.19 32.00 13.65
CA PHE H 180 -19.83 31.46 13.61
C PHE H 180 -19.52 31.08 12.16
N GLY H 181 -18.59 31.80 11.53
CA GLY H 181 -18.30 31.62 10.12
C GLY H 181 -16.95 30.97 9.90
N VAL H 182 -16.94 29.98 9.01
CA VAL H 182 -15.73 29.28 8.58
C VAL H 182 -15.65 29.42 7.07
N VAL H 183 -14.46 29.68 6.55
CA VAL H 183 -14.25 29.75 5.10
C VAL H 183 -13.37 28.58 4.69
N LEU H 184 -13.76 27.89 3.61
CA LEU H 184 -12.95 26.81 3.06
C LEU H 184 -12.04 27.44 2.00
N GLU H 185 -10.76 27.62 2.35
CA GLU H 185 -9.89 28.52 1.58
C GLU H 185 -9.72 28.05 0.14
N ASP H 186 -9.59 26.75 -0.08
CA ASP H 186 -9.38 26.25 -1.43
C ASP H 186 -10.65 26.16 -2.25
N ALA H 187 -11.78 26.58 -1.68
CA ALA H 187 -13.04 26.73 -2.39
C ALA H 187 -13.44 28.20 -2.54
N THR H 188 -12.45 29.09 -2.57
CA THR H 188 -12.70 30.51 -2.78
C THR H 188 -11.67 31.06 -3.75
N HIS H 189 -12.00 32.22 -4.31
CA HIS H 189 -11.03 32.94 -5.12
C HIS H 189 -11.31 34.43 -4.99
N GLN H 190 -10.25 35.21 -5.00
CA GLN H 190 -10.34 36.65 -4.75
C GLN H 190 -10.62 37.39 -6.05
N ALA H 191 -11.01 38.66 -5.88
CA ALA H 191 -11.06 39.63 -6.98
C ALA H 191 -9.97 40.65 -6.73
N GLY H 192 -8.89 40.57 -7.50
CA GLY H 192 -7.74 41.40 -7.33
C GLY H 192 -6.47 40.60 -7.28
N PRO H 193 -5.37 41.23 -6.88
CA PRO H 193 -4.08 40.52 -6.80
C PRO H 193 -4.10 39.48 -5.69
N LYS H 194 -3.06 38.65 -5.69
CA LYS H 194 -2.98 37.57 -4.71
C LYS H 194 -3.04 38.08 -3.27
N PHE H 195 -2.51 39.28 -3.01
CA PHE H 195 -2.59 39.81 -1.65
C PHE H 195 -4.02 39.94 -1.15
N ALA H 196 -4.98 40.07 -2.05
CA ALA H 196 -6.38 40.19 -1.62
C ALA H 196 -6.90 38.87 -1.07
N GLN H 197 -6.44 37.74 -1.62
CA GLN H 197 -6.77 36.44 -1.03
C GLN H 197 -6.10 36.29 0.32
N LYS H 198 -4.80 36.58 0.38
CA LYS H 198 -4.06 36.44 1.63
C LYS H 198 -4.68 37.30 2.73
N ALA H 199 -4.99 38.55 2.41
CA ALA H 199 -5.47 39.44 3.46
C ALA H 199 -6.88 39.08 3.93
N ALA H 200 -7.74 38.62 3.00
CA ALA H 200 -9.07 38.20 3.39
C ALA H 200 -9.01 37.04 4.38
N LEU H 201 -8.18 36.04 4.08
CA LEU H 201 -8.02 34.92 4.99
C LEU H 201 -7.39 35.37 6.31
N PHE H 202 -6.43 36.28 6.25
CA PHE H 202 -5.83 36.79 7.48
C PHE H 202 -6.88 37.50 8.34
N ASN H 203 -7.68 38.37 7.72
CA ASN H 203 -8.67 39.11 8.48
C ASN H 203 -9.72 38.18 9.07
N ILE H 204 -10.15 37.18 8.30
CA ILE H 204 -11.12 36.22 8.82
C ILE H 204 -10.53 35.44 10.00
N GLU H 205 -9.35 34.85 9.80
CA GLU H 205 -8.76 34.01 10.84
C GLU H 205 -8.46 34.82 12.11
N THR H 206 -8.03 36.06 11.94
CA THR H 206 -7.56 36.81 13.10
C THR H 206 -8.70 37.51 13.84
N PHE H 207 -9.73 37.98 13.12
CA PHE H 207 -10.74 38.82 13.75
C PHE H 207 -12.17 38.31 13.68
N PHE H 208 -12.55 37.52 12.68
CA PHE H 208 -13.96 37.30 12.40
C PHE H 208 -14.43 35.86 12.48
N GLY H 209 -13.57 34.89 12.17
CA GLY H 209 -14.03 33.53 12.07
C GLY H 209 -12.90 32.54 11.96
N TRP H 210 -13.09 31.50 11.15
CA TRP H 210 -12.17 30.38 11.08
C TRP H 210 -11.89 30.04 9.62
N VAL H 211 -10.73 29.45 9.37
CA VAL H 211 -10.35 29.04 8.02
C VAL H 211 -10.03 27.55 8.05
N SER H 212 -10.65 26.81 7.13
CA SER H 212 -10.33 25.40 6.95
C SER H 212 -10.18 25.15 5.44
N ASP H 213 -10.27 23.90 5.02
CA ASP H 213 -10.21 23.57 3.61
C ASP H 213 -11.15 22.40 3.30
N VAL H 214 -11.32 22.15 2.00
CA VAL H 214 -12.35 21.20 1.56
C VAL H 214 -12.07 19.79 2.07
N GLU H 215 -10.82 19.32 1.95
CA GLU H 215 -10.53 17.95 2.36
C GLU H 215 -10.78 17.75 3.85
N THR H 216 -10.33 18.71 4.67
CA THR H 216 -10.57 18.63 6.11
C THR H 216 -12.06 18.61 6.41
N PHE H 217 -12.82 19.46 5.71
CA PHE H 217 -14.26 19.56 5.91
C PHE H 217 -14.95 18.24 5.58
N CYS H 218 -14.65 17.67 4.42
CA CYS H 218 -15.31 16.44 4.00
C CYS H 218 -14.97 15.30 4.95
N ASP H 219 -13.70 15.21 5.37
CA ASP H 219 -13.29 14.17 6.32
C ASP H 219 -14.01 14.33 7.65
N ALA H 220 -14.13 15.57 8.13
CA ALA H 220 -14.81 15.82 9.40
C ALA H 220 -16.27 15.42 9.35
N LEU H 221 -16.91 15.54 8.18
CA LEU H 221 -18.33 15.20 8.06
C LEU H 221 -18.59 13.72 7.90
N SER H 222 -17.57 12.92 7.57
CA SER H 222 -17.76 11.50 7.30
C SER H 222 -18.61 10.76 8.32
N PRO H 223 -18.38 10.87 9.63
CA PRO H 223 -19.22 10.10 10.56
C PRO H 223 -20.69 10.52 10.58
N THR H 224 -20.98 11.77 10.21
CA THR H 224 -22.37 12.24 10.21
C THR H 224 -23.16 11.59 9.08
N SER H 225 -22.68 11.74 7.85
CA SER H 225 -23.36 11.21 6.67
C SER H 225 -23.60 9.70 6.78
N THR I 2 24.41 1.70 33.00
CA THR I 2 23.01 1.29 33.07
C THR I 2 22.67 0.96 34.52
N THR I 3 21.47 1.36 34.96
CA THR I 3 20.96 1.00 36.27
C THR I 3 19.94 -0.13 36.12
N LEU I 4 20.10 -1.18 36.92
CA LEU I 4 19.14 -2.28 37.01
C LEU I 4 18.50 -2.23 38.39
N THR I 5 17.19 -1.99 38.42
CA THR I 5 16.44 -2.09 39.66
C THR I 5 16.49 -3.52 40.16
N ALA I 6 16.77 -3.69 41.45
CA ALA I 6 16.95 -5.02 42.02
C ALA I 6 16.80 -4.94 43.54
N ARG I 7 16.66 -6.11 44.15
CA ARG I 7 16.75 -6.22 45.60
C ARG I 7 18.15 -6.70 45.98
N PRO I 8 18.74 -6.18 47.06
CA PRO I 8 18.13 -5.25 48.01
C PRO I 8 18.17 -3.78 47.58
N GLU I 9 18.95 -3.48 46.54
CA GLU I 9 18.99 -2.14 45.98
C GLU I 9 19.41 -2.24 44.52
N ALA I 10 19.16 -1.16 43.78
CA ALA I 10 19.54 -1.12 42.37
C ALA I 10 21.06 -1.16 42.23
N ILE I 11 21.52 -1.72 41.12
CA ILE I 11 22.95 -1.75 40.81
C ILE I 11 23.18 -1.08 39.47
N THR I 12 24.43 -0.69 39.24
CA THR I 12 24.84 -0.17 37.94
C THR I 12 25.83 -1.13 37.31
N PHE I 13 25.75 -1.23 35.98
CA PHE I 13 26.62 -2.14 35.25
C PHE I 13 26.66 -1.71 33.80
N ASP I 14 27.63 -2.25 33.07
CA ASP I 14 27.75 -2.03 31.63
C ASP I 14 27.37 -3.34 30.95
N PRO I 15 26.27 -3.39 30.20
CA PRO I 15 25.88 -4.66 29.56
C PRO I 15 26.95 -5.26 28.67
N GLN I 16 27.77 -4.44 28.01
CA GLN I 16 28.84 -4.99 27.19
C GLN I 16 29.96 -5.60 28.02
N GLN I 17 30.02 -5.32 29.32
CA GLN I 17 30.96 -5.98 30.22
C GLN I 17 30.24 -6.95 31.14
N SER I 18 29.19 -7.59 30.63
CA SER I 18 28.35 -8.47 31.42
C SER I 18 28.05 -9.70 30.59
N ALA I 19 27.57 -10.74 31.25
CA ALA I 19 27.19 -11.97 30.58
C ALA I 19 25.90 -12.48 31.17
N LEU I 20 25.01 -12.98 30.30
CA LEU I 20 23.80 -13.65 30.71
C LEU I 20 24.10 -15.14 30.72
N ILE I 21 23.88 -15.79 31.86
CA ILE I 21 24.19 -17.20 32.01
C ILE I 21 22.87 -17.95 32.10
N VAL I 22 22.69 -18.93 31.21
CA VAL I 22 21.51 -19.77 31.19
C VAL I 22 21.94 -21.14 31.74
N VAL I 23 21.56 -21.42 32.97
CA VAL I 23 22.04 -22.60 33.69
C VAL I 23 21.16 -23.81 33.36
N ASP I 24 21.74 -24.78 32.66
CA ASP I 24 21.21 -26.15 32.62
C ASP I 24 19.76 -26.22 32.14
N GLN I 26 18.19 -27.88 30.16
CA GLN I 26 18.16 -29.16 29.46
C GLN I 26 16.88 -29.88 29.79
N ASN I 27 16.54 -30.88 28.97
CA ASN I 27 15.34 -31.67 29.25
C ASN I 27 15.41 -32.29 30.63
N ALA I 28 16.61 -32.61 31.11
CA ALA I 28 16.78 -33.20 32.44
C ALA I 28 16.15 -32.33 33.52
N TYR I 29 16.26 -31.01 33.39
CA TYR I 29 15.88 -30.09 34.45
C TYR I 29 14.55 -29.38 34.21
N ALA I 30 14.04 -29.41 32.98
CA ALA I 30 12.88 -28.60 32.63
C ALA I 30 11.72 -29.37 32.01
N THR I 31 11.92 -30.59 31.53
CA THR I 31 10.91 -31.22 30.70
C THR I 31 10.31 -32.43 31.39
N PRO I 32 9.00 -32.65 31.26
CA PRO I 32 8.43 -33.91 31.77
C PRO I 32 9.14 -35.11 31.16
N GLY I 33 9.42 -36.11 32.00
CA GLY I 33 10.16 -37.27 31.57
C GLY I 33 11.66 -37.11 31.65
N GLY I 34 12.15 -35.91 31.98
CA GLY I 34 13.56 -35.71 32.22
C GLY I 34 13.96 -36.17 33.60
N TYR I 35 15.27 -36.09 33.83
CA TYR I 35 15.86 -36.56 35.09
C TYR I 35 15.10 -36.06 36.32
N LEU I 36 14.89 -34.74 36.42
CA LEU I 36 14.27 -34.21 37.64
C LEU I 36 12.87 -34.78 37.83
N ASP I 37 12.08 -34.84 36.75
CA ASP I 37 10.75 -35.44 36.82
C ASP I 37 10.81 -36.89 37.26
N LEU I 38 11.72 -37.68 36.67
CA LEU I 38 11.81 -39.09 37.03
C LEU I 38 12.27 -39.27 38.47
N ALA I 39 13.09 -38.36 38.98
CA ALA I 39 13.60 -38.42 40.34
C ALA I 39 12.60 -37.93 41.37
N GLY I 40 11.44 -37.45 40.95
CA GLY I 40 10.38 -37.09 41.86
C GLY I 40 10.23 -35.61 42.13
N PHE I 41 11.05 -34.76 41.52
CA PHE I 41 10.87 -33.33 41.65
C PHE I 41 9.77 -32.86 40.69
N ASP I 42 9.18 -31.72 41.02
CA ASP I 42 8.10 -31.15 40.22
C ASP I 42 8.67 -30.21 39.17
N VAL I 43 8.36 -30.48 37.90
CA VAL I 43 8.76 -29.65 36.77
C VAL I 43 7.57 -29.09 36.02
N SER I 44 6.36 -29.20 36.57
CA SER I 44 5.13 -28.89 35.86
C SER I 44 4.93 -27.41 35.59
N THR I 45 5.83 -26.54 36.06
CA THR I 45 5.67 -25.10 35.94
C THR I 45 6.81 -24.43 35.18
N THR I 46 7.55 -25.19 34.37
CA THR I 46 8.71 -24.63 33.69
C THR I 46 8.39 -23.91 32.37
N ARG I 47 7.18 -24.10 31.83
CA ARG I 47 6.80 -23.38 30.61
C ARG I 47 7.07 -21.89 30.68
N PRO I 48 6.57 -21.13 31.68
CA PRO I 48 6.90 -19.70 31.71
C PRO I 48 8.37 -19.41 31.94
N VAL I 49 9.08 -20.32 32.60
CA VAL I 49 10.51 -20.11 32.81
C VAL I 49 11.24 -20.12 31.47
N ILE I 50 10.91 -21.10 30.63
CA ILE I 50 11.51 -21.17 29.29
C ILE I 50 11.21 -19.90 28.52
N ALA I 51 9.93 -19.47 28.50
CA ALA I 51 9.56 -18.27 27.77
C ALA I 51 10.31 -17.05 28.30
N ASN I 52 10.44 -16.94 29.63
CA ASN I 52 11.09 -15.79 30.22
C ASN I 52 12.59 -15.78 29.92
N ILE I 53 13.19 -16.97 29.82
CA ILE I 53 14.59 -17.04 29.41
C ILE I 53 14.74 -16.59 27.97
N GLN I 54 13.83 -17.01 27.09
CA GLN I 54 13.86 -16.53 25.71
C GLN I 54 13.80 -15.00 25.66
N THR I 55 12.90 -14.41 26.46
CA THR I 55 12.79 -12.96 26.50
C THR I 55 14.09 -12.33 26.96
N ALA I 56 14.68 -12.88 28.03
CA ALA I 56 15.91 -12.31 28.57
C ALA I 56 17.08 -12.45 27.59
N VAL I 57 17.16 -13.59 26.92
CA VAL I 57 18.23 -13.83 25.95
C VAL I 57 18.13 -12.83 24.80
N THR I 58 16.92 -12.63 24.28
CA THR I 58 16.72 -11.64 23.22
C THR I 58 17.20 -10.26 23.65
N ALA I 59 16.83 -9.83 24.86
CA ALA I 59 17.23 -8.51 25.32
C ALA I 59 18.74 -8.42 25.51
N ALA I 60 19.34 -9.43 26.14
CA ALA I 60 20.78 -9.40 26.37
C ALA I 60 21.54 -9.35 25.06
N ARG I 61 21.15 -10.16 24.07
CA ARG I 61 21.87 -10.13 22.80
C ARG I 61 21.76 -8.78 22.11
N ALA I 62 20.59 -8.14 22.21
CA ALA I 62 20.42 -6.83 21.59
C ALA I 62 21.27 -5.76 22.28
N ALA I 63 21.61 -5.96 23.54
CA ALA I 63 22.42 -5.01 24.30
C ALA I 63 23.91 -5.30 24.21
N GLY I 64 24.31 -6.33 23.47
CA GLY I 64 25.71 -6.68 23.37
C GLY I 64 26.23 -7.52 24.52
N LEU I 66 27.17 -10.97 26.23
CA LEU I 66 27.50 -12.36 25.91
C LEU I 66 26.52 -13.30 26.59
N ILE I 67 26.10 -14.33 25.84
CA ILE I 67 25.23 -15.39 26.35
C ILE I 67 26.07 -16.63 26.54
N ILE I 68 26.00 -17.21 27.74
CA ILE I 68 26.69 -18.45 28.08
C ILE I 68 25.63 -19.46 28.49
N TRP I 69 25.61 -20.61 27.82
CA TRP I 69 24.68 -21.69 28.13
C TRP I 69 25.46 -22.80 28.83
N PHE I 70 24.95 -23.26 29.97
CA PHE I 70 25.51 -24.41 30.67
C PHE I 70 24.77 -25.68 30.26
N GLN I 71 25.50 -26.77 30.13
CA GLN I 71 24.91 -28.11 30.07
C GLN I 71 25.60 -28.98 31.11
N ASN I 72 24.82 -29.48 32.06
CA ASN I 72 25.36 -30.33 33.11
C ASN I 72 25.26 -31.80 32.71
N GLY I 73 26.31 -32.56 32.97
CA GLY I 73 26.26 -33.98 32.71
C GLY I 73 27.62 -34.54 32.30
N TRP I 74 27.58 -35.81 31.88
CA TRP I 74 28.79 -36.62 31.82
C TRP I 74 28.75 -37.53 30.60
N ASP I 75 29.87 -38.21 30.38
CA ASP I 75 29.90 -39.31 29.42
C ASP I 75 28.87 -40.36 29.84
N GLU I 76 28.42 -41.15 28.86
CA GLU I 76 27.34 -42.10 29.09
C GLU I 76 27.76 -43.22 30.05
N GLN I 77 29.05 -43.43 30.25
CA GLN I 77 29.56 -44.35 31.25
C GLN I 77 29.75 -43.71 32.62
N TYR I 78 29.53 -42.40 32.72
CA TYR I 78 29.57 -41.65 33.98
C TYR I 78 30.94 -41.61 34.63
N VAL I 79 32.00 -41.86 33.84
CA VAL I 79 33.36 -41.67 34.35
C VAL I 79 33.53 -40.28 34.91
N GLU I 80 32.99 -39.28 34.20
CA GLU I 80 33.16 -37.89 34.59
C GLU I 80 32.35 -37.51 35.82
N ALA I 81 31.44 -38.37 36.25
CA ALA I 81 30.68 -38.10 37.48
C ALA I 81 31.48 -38.45 38.73
N GLY I 82 32.66 -39.04 38.57
CA GLY I 82 33.44 -39.49 39.71
C GLY I 82 33.00 -40.86 40.17
N GLY I 83 33.94 -41.69 40.58
CA GLY I 83 33.59 -42.98 41.11
C GLY I 83 33.27 -42.88 42.58
N PRO I 84 33.29 -44.02 43.29
CA PRO I 84 32.88 -44.01 44.69
C PRO I 84 33.77 -43.17 45.59
N GLY I 85 34.95 -42.78 45.13
CA GLY I 85 35.78 -41.87 45.86
C GLY I 85 35.34 -40.42 45.79
N SER I 86 34.30 -40.10 45.00
CA SER I 86 33.82 -38.74 44.90
C SER I 86 32.47 -38.59 45.61
N PRO I 87 32.27 -37.52 46.39
CA PRO I 87 30.93 -37.31 46.96
C PRO I 87 29.85 -37.16 45.92
N ASN I 88 30.20 -36.71 44.70
CA ASN I 88 29.19 -36.59 43.65
C ASN I 88 28.58 -37.93 43.30
N PHE I 89 29.38 -39.01 43.32
CA PHE I 89 28.87 -40.36 43.06
C PHE I 89 27.79 -40.75 44.06
N HIS I 90 27.92 -40.28 45.30
CA HIS I 90 27.00 -40.63 46.39
C HIS I 90 25.85 -39.65 46.55
N LYS I 91 25.99 -38.43 46.03
CA LYS I 91 24.95 -37.43 46.19
C LYS I 91 24.07 -37.25 44.97
N SER I 92 24.61 -37.49 43.76
CA SER I 92 23.88 -37.22 42.54
C SER I 92 22.54 -37.95 42.52
N ASN I 93 21.44 -37.19 42.46
CA ASN I 93 20.14 -37.82 42.39
C ASN I 93 19.88 -38.48 41.04
N ALA I 94 20.59 -38.05 39.99
CA ALA I 94 20.51 -38.74 38.70
C ALA I 94 21.06 -40.15 38.83
N LEU I 95 22.24 -40.29 39.42
CA LEU I 95 22.82 -41.62 39.63
C LEU I 95 21.96 -42.45 40.57
N LYS I 96 21.48 -41.84 41.67
CA LYS I 96 20.56 -42.55 42.55
C LYS I 96 19.34 -43.05 41.81
N THR I 97 18.78 -42.20 40.94
CA THR I 97 17.59 -42.59 40.19
C THR I 97 17.87 -43.75 39.26
N ARG I 99 20.26 -46.01 39.66
CA ARG I 99 20.52 -47.21 40.45
C ARG I 99 19.23 -47.85 40.92
N LYS I 100 18.16 -47.08 41.09
CA LYS I 100 16.86 -47.65 41.42
C LYS I 100 16.08 -48.13 40.21
N GLN I 101 16.23 -47.45 39.06
CA GLN I 101 15.55 -47.83 37.81
C GLN I 101 16.60 -48.18 36.78
N PRO I 102 17.07 -49.43 36.75
CA PRO I 102 18.19 -49.78 35.85
C PRO I 102 17.89 -49.57 34.38
N GLN I 103 16.62 -49.58 33.96
CA GLN I 103 16.32 -49.31 32.56
C GLN I 103 16.71 -47.90 32.15
N LEU I 104 16.90 -47.00 33.12
CA LEU I 104 17.35 -45.64 32.86
C LEU I 104 18.87 -45.51 32.82
N GLN I 105 19.61 -46.60 33.01
CA GLN I 105 21.06 -46.53 33.02
C GLN I 105 21.56 -45.97 31.69
N GLY I 106 22.43 -44.96 31.78
CA GLY I 106 22.97 -44.31 30.60
C GLY I 106 22.06 -43.32 29.93
N LYS I 107 20.85 -43.09 30.46
CA LYS I 107 19.88 -42.22 29.82
C LYS I 107 19.81 -40.83 30.42
N LEU I 108 20.27 -40.65 31.66
CA LEU I 108 20.12 -39.39 32.36
C LEU I 108 21.43 -38.63 32.36
N LEU I 109 21.38 -37.35 31.98
CA LEU I 109 22.53 -36.46 32.05
C LEU I 109 23.73 -36.99 31.28
N ALA I 110 23.48 -37.74 30.22
CA ALA I 110 24.52 -38.37 29.43
C ALA I 110 24.70 -37.61 28.12
N LYS I 111 25.94 -37.22 27.82
CA LYS I 111 26.22 -36.55 26.56
C LYS I 111 25.71 -37.39 25.39
N GLY I 112 24.97 -36.74 24.50
CA GLY I 112 24.32 -37.42 23.39
C GLY I 112 22.89 -37.84 23.64
N SER I 113 22.43 -37.83 24.88
CA SER I 113 21.09 -38.28 25.21
C SER I 113 20.09 -37.13 25.06
N TRP I 114 18.82 -37.51 24.91
CA TRP I 114 17.75 -36.51 24.91
C TRP I 114 17.72 -35.75 26.22
N ASP I 115 17.92 -36.46 27.33
CA ASP I 115 17.89 -35.83 28.65
C ASP I 115 18.89 -34.68 28.74
N TYR I 116 20.04 -34.84 28.10
CA TYR I 116 21.14 -33.88 28.20
C TYR I 116 20.98 -32.69 27.27
N GLN I 117 20.18 -32.83 26.20
CA GLN I 117 20.00 -31.76 25.24
C GLN I 117 19.35 -30.54 25.88
N LEU I 118 19.71 -29.36 25.41
CA LEU I 118 18.93 -28.18 25.74
C LEU I 118 17.51 -28.33 25.22
N VAL I 119 16.56 -27.76 25.96
CA VAL I 119 15.17 -27.86 25.55
C VAL I 119 15.01 -27.29 24.14
N ASP I 120 14.03 -27.84 23.41
CA ASP I 120 13.86 -27.49 21.99
C ASP I 120 13.72 -25.99 21.79
N GLU I 121 13.10 -25.29 22.73
CA GLU I 121 12.79 -23.88 22.56
C GLU I 121 14.00 -22.95 22.72
N LEU I 122 15.12 -23.45 23.22
CA LEU I 122 16.27 -22.60 23.53
C LEU I 122 17.43 -23.03 22.64
N VAL I 123 17.78 -22.15 21.69
CA VAL I 123 18.73 -22.50 20.65
C VAL I 123 19.90 -21.53 20.69
N PRO I 124 21.09 -21.96 21.14
CA PRO I 124 22.25 -21.06 21.12
C PRO I 124 22.53 -20.57 19.70
N GLN I 125 23.02 -19.35 19.63
CA GLN I 125 23.29 -18.66 18.37
C GLN I 125 24.79 -18.51 18.18
N PRO I 126 25.24 -18.37 16.94
CA PRO I 126 26.66 -18.04 16.70
C PRO I 126 27.06 -16.83 17.55
N GLY I 127 28.20 -16.95 18.20
CA GLY I 127 28.66 -15.96 19.15
C GLY I 127 28.40 -16.30 20.60
N ASP I 128 27.39 -17.12 20.88
CA ASP I 128 27.17 -17.59 22.24
C ASP I 128 28.24 -18.62 22.58
N ILE I 129 28.41 -18.85 23.88
CA ILE I 129 29.30 -19.90 24.36
C ILE I 129 28.46 -20.97 25.03
N VAL I 130 28.70 -22.23 24.67
CA VAL I 130 28.03 -23.37 25.30
C VAL I 130 29.08 -24.13 26.07
N LEU I 131 28.87 -24.27 27.38
CA LEU I 131 29.86 -24.86 28.26
C LEU I 131 29.30 -26.12 28.93
N PRO I 132 29.94 -27.27 28.77
CA PRO I 132 29.60 -28.42 29.61
C PRO I 132 30.18 -28.23 30.99
N LYS I 133 29.54 -28.82 31.99
CA LYS I 133 30.15 -28.83 33.31
C LYS I 133 29.86 -30.15 34.01
N PRO I 134 30.80 -30.63 34.83
CA PRO I 134 30.63 -31.95 35.45
C PRO I 134 30.07 -31.94 36.87
N ARG I 135 29.92 -30.76 37.47
CA ARG I 135 29.37 -30.62 38.81
C ARG I 135 28.45 -29.42 38.84
N TYR I 136 27.76 -29.24 39.98
CA TYR I 136 26.69 -28.24 40.04
C TYR I 136 27.21 -26.84 39.69
N SER I 137 28.36 -26.45 40.23
CA SER I 137 28.85 -25.08 40.06
C SER I 137 29.56 -24.96 38.73
N GLY I 138 29.16 -23.94 37.95
CA GLY I 138 29.84 -23.71 36.68
C GLY I 138 31.25 -23.19 36.81
N PHE I 139 31.68 -22.85 38.02
CA PHE I 139 33.01 -22.29 38.22
C PHE I 139 34.06 -23.33 38.57
N PHE I 140 33.66 -24.52 38.99
CA PHE I 140 34.63 -25.55 39.28
C PHE I 140 34.83 -26.46 38.07
N ASN I 141 36.09 -26.77 37.78
CA ASN I 141 36.47 -27.76 36.76
C ASN I 141 36.21 -27.30 35.32
N THR I 142 36.00 -26.01 35.09
CA THR I 142 35.67 -25.48 33.77
C THR I 142 36.52 -24.26 33.46
N PRO I 143 36.49 -23.80 32.20
CA PRO I 143 37.14 -22.53 31.85
C PRO I 143 36.25 -21.30 32.05
N LEU I 144 35.18 -21.38 32.84
CA LEU I 144 34.23 -20.26 32.90
C LEU I 144 34.90 -18.98 33.40
N ASP I 145 35.66 -19.08 34.48
CA ASP I 145 36.35 -17.90 35.02
C ASP I 145 37.29 -17.31 33.98
N SER I 146 38.06 -18.16 33.30
CA SER I 146 38.97 -17.67 32.27
C SER I 146 38.22 -16.99 31.13
N ILE I 147 37.09 -17.56 30.71
CA ILE I 147 36.30 -16.98 29.64
C ILE I 147 35.85 -15.58 30.03
N LEU I 148 35.33 -15.44 31.25
CA LEU I 148 34.81 -14.14 31.70
C LEU I 148 35.94 -13.13 31.87
N ARG I 149 37.04 -13.55 32.49
CA ARG I 149 38.17 -12.64 32.71
C ARG I 149 38.76 -12.16 31.39
N SER I 150 38.83 -13.06 30.40
CA SER I 150 39.41 -12.71 29.11
C SER I 150 38.61 -11.63 28.40
N ARG I 151 37.35 -11.41 28.79
CA ARG I 151 36.49 -10.41 28.18
C ARG I 151 36.22 -9.24 29.12
N GLY I 152 36.89 -9.20 30.28
CA GLY I 152 36.69 -8.12 31.21
C GLY I 152 35.30 -8.07 31.83
N ILE I 153 34.64 -9.22 31.91
CA ILE I 153 33.26 -9.26 32.40
C ILE I 153 33.28 -9.33 33.92
N ARG I 154 32.53 -8.44 34.57
CA ARG I 154 32.42 -8.45 36.02
C ARG I 154 31.01 -8.64 36.53
N HIS I 155 29.99 -8.56 35.67
CA HIS I 155 28.60 -8.73 36.08
C HIS I 155 28.01 -9.93 35.38
N LEU I 156 27.34 -10.78 36.15
CA LEU I 156 26.73 -12.02 35.65
C LEU I 156 25.26 -11.98 35.97
N VAL I 157 24.43 -12.23 34.96
CA VAL I 157 22.98 -12.27 35.15
C VAL I 157 22.55 -13.71 34.97
N PHE I 158 22.00 -14.29 36.05
CA PHE I 158 21.72 -15.72 36.10
C PHE I 158 20.26 -16.02 35.80
N THR I 159 20.05 -17.07 35.00
CA THR I 159 18.75 -17.69 34.82
C THR I 159 18.96 -19.20 34.86
N GLY I 160 17.86 -19.95 34.97
CA GLY I 160 17.96 -21.38 34.80
C GLY I 160 17.53 -22.22 35.99
N ILE I 161 17.95 -23.48 36.00
CA ILE I 161 17.47 -24.48 36.95
C ILE I 161 18.70 -25.27 37.42
N ALA I 162 18.79 -25.58 38.72
CA ALA I 162 17.81 -25.20 39.74
C ALA I 162 18.31 -24.00 40.54
N THR I 163 17.37 -23.15 40.93
CA THR I 163 17.71 -21.93 41.65
C THR I 163 18.62 -22.20 42.84
N ASN I 164 18.28 -23.23 43.61
CA ASN I 164 18.95 -23.49 44.89
C ASN I 164 20.18 -24.36 44.77
N VAL I 165 20.45 -24.90 43.58
CA VAL I 165 21.54 -25.84 43.38
C VAL I 165 22.54 -25.25 42.38
N CYS I 166 22.38 -25.53 41.09
CA CYS I 166 23.40 -25.07 40.14
C CYS I 166 23.41 -23.56 39.99
N VAL I 167 22.23 -22.91 40.01
CA VAL I 167 22.22 -21.46 39.90
C VAL I 167 22.89 -20.82 41.10
N GLU I 168 22.38 -21.11 42.30
CA GLU I 168 22.94 -20.51 43.51
C GLU I 168 24.41 -20.87 43.70
N SER I 169 24.77 -22.12 43.41
CA SER I 169 26.16 -22.52 43.62
C SER I 169 27.08 -21.73 42.71
N THR I 170 26.68 -21.55 41.45
CA THR I 170 27.49 -20.80 40.51
C THR I 170 27.54 -19.33 40.90
N LEU I 171 26.42 -18.79 41.38
CA LEU I 171 26.39 -17.39 41.81
C LEU I 171 27.26 -17.18 43.05
N ARG I 172 27.12 -18.06 44.05
CA ARG I 172 27.95 -17.97 45.25
C ARG I 172 29.43 -18.03 44.90
N ASP I 173 29.81 -19.01 44.07
CA ASP I 173 31.21 -19.13 43.67
C ASP I 173 31.65 -17.92 42.85
N GLY I 174 30.74 -17.39 42.03
CA GLY I 174 31.03 -16.15 41.33
C GLY I 174 31.38 -15.03 42.29
N PHE I 175 30.58 -14.87 43.34
CA PHE I 175 30.87 -13.89 44.38
C PHE I 175 32.27 -14.09 44.94
N PHE I 176 32.66 -15.34 45.23
CA PHE I 176 34.00 -15.58 45.78
C PHE I 176 35.11 -15.29 44.77
N LEU I 177 34.79 -15.26 43.49
CA LEU I 177 35.71 -14.85 42.43
C LEU I 177 35.50 -13.39 42.04
N GLU I 178 34.79 -12.64 42.87
CA GLU I 178 34.63 -11.18 42.76
C GLU I 178 33.73 -10.75 41.61
N TYR I 179 32.82 -11.63 41.19
CA TYR I 179 31.79 -11.27 40.22
C TYR I 179 30.54 -10.78 40.93
N PHE I 180 29.93 -9.74 40.37
CA PHE I 180 28.65 -9.23 40.82
C PHE I 180 27.55 -10.03 40.11
N GLY I 181 26.77 -10.77 40.88
CA GLY I 181 25.79 -11.70 40.33
C GLY I 181 24.37 -11.24 40.61
N VAL I 182 23.55 -11.29 39.57
CA VAL I 182 22.12 -10.97 39.65
C VAL I 182 21.37 -12.18 39.15
N VAL I 183 20.30 -12.55 39.86
CA VAL I 183 19.42 -13.60 39.40
C VAL I 183 18.08 -12.99 38.99
N LEU I 184 17.58 -13.43 37.85
CA LEU I 184 16.25 -13.01 37.37
C LEU I 184 15.27 -14.06 37.87
N GLU I 185 14.53 -13.69 38.92
CA GLU I 185 13.82 -14.69 39.72
C GLU I 185 12.76 -15.43 38.91
N ASP I 186 12.09 -14.73 37.99
CA ASP I 186 11.04 -15.38 37.20
C ASP I 186 11.58 -16.17 36.02
N ALA I 187 12.91 -16.25 35.89
CA ALA I 187 13.56 -17.09 34.90
C ALA I 187 14.34 -18.22 35.56
N THR I 188 13.94 -18.61 36.76
CA THR I 188 14.55 -19.72 37.49
C THR I 188 13.46 -20.63 38.03
N HIS I 189 13.86 -21.84 38.40
CA HIS I 189 12.95 -22.74 39.11
C HIS I 189 13.78 -23.62 40.03
N GLN I 190 13.23 -23.91 41.21
CA GLN I 190 13.97 -24.64 42.23
C GLN I 190 13.82 -26.15 42.05
N ALA I 191 14.74 -26.89 42.68
CA ALA I 191 14.62 -28.34 42.82
C ALA I 191 14.29 -28.62 44.29
N GLY I 192 13.03 -28.96 44.55
CA GLY I 192 12.59 -29.18 45.91
C GLY I 192 11.29 -28.45 46.17
N PRO I 193 10.89 -28.39 47.44
CA PRO I 193 9.65 -27.68 47.79
C PRO I 193 9.78 -26.21 47.47
N LYS I 194 8.62 -25.55 47.42
CA LYS I 194 8.59 -24.14 47.03
C LYS I 194 9.44 -23.27 47.95
N PHE I 195 9.57 -23.64 49.22
CA PHE I 195 10.42 -22.87 50.13
C PHE I 195 11.86 -22.81 49.67
N ALA I 196 12.31 -23.79 48.87
CA ALA I 196 13.68 -23.76 48.39
C ALA I 196 13.90 -22.62 47.39
N GLN I 197 12.86 -22.22 46.66
CA GLN I 197 12.95 -21.06 45.79
C GLN I 197 13.09 -19.79 46.61
N LYS I 198 12.17 -19.58 47.55
CA LYS I 198 12.21 -18.40 48.41
C LYS I 198 13.53 -18.30 49.17
N ALA I 199 14.01 -19.43 49.69
CA ALA I 199 15.21 -19.39 50.49
C ALA I 199 16.45 -19.08 49.66
N ALA I 200 16.54 -19.63 48.45
CA ALA I 200 17.69 -19.34 47.60
C ALA I 200 17.72 -17.87 47.22
N LEU I 201 16.58 -17.30 46.86
CA LEU I 201 16.53 -15.88 46.56
C LEU I 201 16.85 -15.04 47.79
N PHE I 202 16.38 -15.46 48.98
CA PHE I 202 16.74 -14.77 50.21
C PHE I 202 18.26 -14.76 50.42
N ASN I 203 18.89 -15.93 50.28
CA ASN I 203 20.32 -16.01 50.50
C ASN I 203 21.07 -15.14 49.49
N ILE I 204 20.64 -15.17 48.23
CA ILE I 204 21.29 -14.35 47.22
C ILE I 204 21.14 -12.87 47.56
N GLU I 205 19.90 -12.42 47.74
CA GLU I 205 19.66 -10.99 47.99
C GLU I 205 20.36 -10.53 49.26
N THR I 206 20.37 -11.36 50.30
CA THR I 206 20.87 -10.90 51.60
C THR I 206 22.39 -10.95 51.68
N PHE I 207 23.03 -11.92 51.02
CA PHE I 207 24.44 -12.16 51.28
C PHE I 207 25.35 -12.15 50.05
N PHE I 208 24.85 -12.55 48.88
CA PHE I 208 25.72 -12.91 47.77
C PHE I 208 25.56 -12.06 46.53
N GLY I 209 24.39 -11.50 46.28
CA GLY I 209 24.18 -10.80 45.04
C GLY I 209 22.88 -10.04 45.01
N TRP I 210 22.23 -10.02 43.85
CA TRP I 210 21.05 -9.18 43.67
C TRP I 210 19.97 -10.00 42.98
N VAL I 211 18.72 -9.65 43.26
CA VAL I 211 17.57 -10.32 42.65
C VAL I 211 16.79 -9.30 41.84
N SER I 212 16.52 -9.62 40.58
CA SER I 212 15.67 -8.79 39.75
C SER I 212 14.73 -9.72 38.99
N ASP I 213 14.18 -9.25 37.87
CA ASP I 213 13.26 -10.06 37.09
C ASP I 213 13.40 -9.69 35.62
N VAL I 214 12.82 -10.54 34.75
CA VAL I 214 13.10 -10.44 33.32
C VAL I 214 12.62 -9.12 32.74
N GLU I 215 11.37 -8.73 33.02
CA GLU I 215 10.89 -7.50 32.41
C GLU I 215 11.61 -6.25 32.94
N THR I 216 12.01 -6.25 34.22
CA THR I 216 12.83 -5.15 34.72
C THR I 216 14.17 -5.12 33.99
N PHE I 217 14.77 -6.30 33.81
CA PHE I 217 16.02 -6.43 33.07
C PHE I 217 15.87 -5.89 31.65
N CYS I 218 14.76 -6.22 30.97
CA CYS I 218 14.55 -5.74 29.61
C CYS I 218 14.45 -4.23 29.56
N ASP I 219 13.70 -3.63 30.50
CA ASP I 219 13.59 -2.17 30.54
C ASP I 219 14.94 -1.52 30.81
N ALA I 220 15.77 -2.13 31.66
CA ALA I 220 17.09 -1.60 31.93
C ALA I 220 17.94 -1.54 30.67
N LEU I 221 17.81 -2.57 29.82
CA LEU I 221 18.62 -2.69 28.62
C LEU I 221 18.10 -1.87 27.45
N SER I 222 16.85 -1.42 27.51
CA SER I 222 16.24 -0.79 26.35
C SER I 222 16.99 0.43 25.82
N PRO I 223 17.49 1.36 26.64
CA PRO I 223 18.10 2.57 26.06
C PRO I 223 19.30 2.30 25.18
N THR I 224 20.11 1.28 25.48
CA THR I 224 21.36 1.01 24.77
C THR I 224 21.25 -0.16 23.81
N SER I 225 20.05 -0.50 23.36
CA SER I 225 19.88 -1.57 22.39
C SER I 225 19.51 -1.03 21.01
N THR J 2 -18.49 70.59 -3.35
CA THR J 2 -17.06 70.42 -3.13
C THR J 2 -16.59 69.14 -3.82
N THR J 3 -15.44 69.20 -4.49
CA THR J 3 -14.83 68.01 -5.08
C THR J 3 -13.68 67.58 -4.18
N LEU J 4 -13.62 66.27 -3.90
CA LEU J 4 -12.49 65.67 -3.20
C LEU J 4 -11.75 64.77 -4.16
N THR J 5 -10.50 65.09 -4.44
CA THR J 5 -9.67 64.21 -5.24
C THR J 5 -9.46 62.91 -4.48
N ALA J 6 -9.67 61.80 -5.15
CA ALA J 6 -9.67 60.51 -4.48
C ALA J 6 -9.41 59.41 -5.49
N ARG J 7 -9.04 58.24 -4.99
CA ARG J 7 -9.01 57.02 -5.79
C ARG J 7 -10.31 56.27 -5.56
N PRO J 8 -10.90 55.67 -6.61
CA PRO J 8 -10.33 55.57 -7.97
C PRO J 8 -10.65 56.77 -8.85
N GLU J 9 -11.53 57.66 -8.39
CA GLU J 9 -11.79 58.91 -9.07
C GLU J 9 -12.33 59.90 -8.05
N ALA J 10 -12.33 61.17 -8.44
CA ALA J 10 -12.80 62.21 -7.54
C ALA J 10 -14.29 62.07 -7.29
N ILE J 11 -14.72 62.52 -6.12
CA ILE J 11 -16.12 62.54 -5.76
C ILE J 11 -16.51 63.97 -5.39
N THR J 12 -17.80 64.25 -5.49
CA THR J 12 -18.33 65.52 -5.00
C THR J 12 -19.23 65.25 -3.80
N PHE J 13 -19.33 66.24 -2.92
CA PHE J 13 -20.06 66.09 -1.67
C PHE J 13 -20.25 67.46 -1.06
N ASP J 14 -21.20 67.53 -0.13
CA ASP J 14 -21.44 68.74 0.65
C ASP J 14 -20.89 68.50 2.06
N PRO J 15 -19.85 69.22 2.48
CA PRO J 15 -19.31 68.98 3.83
C PRO J 15 -20.33 69.13 4.93
N GLN J 16 -21.33 70.01 4.77
CA GLN J 16 -22.34 70.16 5.80
C GLN J 16 -23.31 68.99 5.85
N GLN J 17 -23.37 68.18 4.79
CA GLN J 17 -24.11 66.93 4.80
C GLN J 17 -23.19 65.72 4.95
N SER J 18 -22.08 65.90 5.65
CA SER J 18 -21.07 64.87 5.78
C SER J 18 -20.69 64.74 7.25
N ALA J 19 -20.04 63.64 7.58
CA ALA J 19 -19.51 63.44 8.91
C ALA J 19 -18.10 62.88 8.78
N LEU J 20 -17.22 63.33 9.68
CA LEU J 20 -15.90 62.75 9.85
C LEU J 20 -15.97 61.81 11.04
N ILE J 21 -15.64 60.54 10.81
CA ILE J 21 -15.73 59.51 11.83
C ILE J 21 -14.32 59.16 12.26
N VAL J 22 -14.06 59.27 13.56
CA VAL J 22 -12.76 58.93 14.14
C VAL J 22 -12.93 57.59 14.84
N VAL J 23 -12.45 56.53 14.22
CA VAL J 23 -12.69 55.17 14.70
C VAL J 23 -11.64 54.82 15.75
N ASP J 24 -12.10 54.70 17.01
CA ASP J 24 -11.39 53.91 18.03
C ASP J 24 -9.99 54.44 18.32
N GLN J 26 -8.31 55.15 20.77
CA GLN J 26 -8.12 54.87 22.18
C GLN J 26 -6.71 54.36 22.43
N ASN J 27 -6.25 54.45 23.69
CA ASN J 27 -4.94 53.91 24.03
C ASN J 27 -4.83 52.44 23.61
N ALA J 28 -5.94 51.69 23.71
CA ALA J 28 -5.97 50.30 23.27
C ALA J 28 -5.41 50.12 21.87
N TYR J 29 -5.76 51.03 20.96
CA TYR J 29 -5.43 50.86 19.55
C TYR J 29 -4.25 51.69 19.09
N ALA J 30 -3.84 52.71 19.86
CA ALA J 30 -2.88 53.68 19.36
C ALA J 30 -1.67 53.93 20.25
N THR J 31 -1.62 53.36 21.46
CA THR J 31 -0.60 53.77 22.40
C THR J 31 0.23 52.57 22.85
N PRO J 32 1.55 52.72 22.97
CA PRO J 32 2.36 51.64 23.55
C PRO J 32 1.81 51.26 24.93
N GLY J 33 1.80 49.95 25.19
CA GLY J 33 1.19 49.44 26.41
C GLY J 33 -0.32 49.25 26.33
N GLY J 34 -0.95 49.66 25.23
CA GLY J 34 -2.34 49.39 25.04
C GLY J 34 -2.59 47.97 24.56
N TYR J 35 -3.87 47.62 24.46
CA TYR J 35 -4.29 46.29 24.05
C TYR J 35 -3.55 45.79 22.82
N LEU J 36 -3.58 46.54 21.72
CA LEU J 36 -2.97 46.03 20.49
C LEU J 36 -1.49 45.72 20.71
N ASP J 37 -0.78 46.63 21.37
CA ASP J 37 0.63 46.41 21.70
C ASP J 37 0.82 45.14 22.52
N LEU J 38 0.02 45.00 23.60
CA LEU J 38 0.13 43.83 24.46
C LEU J 38 -0.21 42.55 23.73
N ALA J 39 -1.08 42.62 22.73
CA ALA J 39 -1.48 41.44 21.97
C ALA J 39 -0.49 41.09 20.87
N GLY J 40 0.56 41.87 20.70
CA GLY J 40 1.58 41.56 19.72
C GLY J 40 1.49 42.30 18.42
N PHE J 41 0.55 43.25 18.28
CA PHE J 41 0.48 44.07 17.09
C PHE J 41 1.44 45.24 17.22
N ASP J 42 1.89 45.75 16.08
CA ASP J 42 2.83 46.86 16.05
C ASP J 42 2.07 48.18 16.09
N VAL J 43 2.35 49.00 17.12
CA VAL J 43 1.77 50.32 17.28
C VAL J 43 2.83 51.42 17.27
N SER J 44 4.07 51.09 16.89
CA SER J 44 5.18 52.02 17.02
C SER J 44 5.11 53.18 16.02
N THR J 45 4.20 53.13 15.05
CA THR J 45 4.14 54.14 14.00
C THR J 45 2.85 54.95 14.02
N THR J 46 2.15 54.98 15.15
CA THR J 46 0.85 55.63 15.20
C THR J 46 0.91 57.12 15.55
N ARG J 47 2.05 57.64 16.00
CA ARG J 47 2.12 59.07 16.30
C ARG J 47 1.75 59.95 15.11
N PRO J 48 2.24 59.70 13.89
CA PRO J 48 1.79 60.53 12.75
C PRO J 48 0.31 60.37 12.47
N VAL J 49 -0.27 59.21 12.78
CA VAL J 49 -1.71 59.01 12.59
C VAL J 49 -2.48 59.94 13.50
N ILE J 50 -2.07 60.04 14.77
CA ILE J 50 -2.74 60.91 15.71
C ILE J 50 -2.68 62.35 15.22
N ALA J 51 -1.50 62.79 14.79
CA ALA J 51 -1.33 64.16 14.32
C ALA J 51 -2.20 64.41 13.10
N ASN J 52 -2.25 63.45 12.18
CA ASN J 52 -3.03 63.63 10.97
C ASN J 52 -4.52 63.69 11.27
N ILE J 53 -4.96 62.92 12.26
CA ILE J 53 -6.37 62.98 12.66
C ILE J 53 -6.70 64.35 13.24
N GLN J 54 -5.82 64.88 14.09
CA GLN J 54 -6.03 66.24 14.61
C GLN J 54 -6.20 67.24 13.47
N THR J 55 -5.34 67.13 12.46
CA THR J 55 -5.42 68.04 11.32
C THR J 55 -6.75 67.89 10.58
N ALA J 56 -7.18 66.65 10.35
CA ALA J 56 -8.44 66.43 9.64
C ALA J 56 -9.63 66.94 10.46
N VAL J 57 -9.61 66.70 11.77
CA VAL J 57 -10.71 67.14 12.63
C VAL J 57 -10.84 68.65 12.64
N THR J 58 -9.72 69.36 12.76
CA THR J 58 -9.76 70.83 12.69
C THR J 58 -10.37 71.30 11.38
N ALA J 59 -9.97 70.70 10.26
CA ALA J 59 -10.50 71.12 8.97
C ALA J 59 -11.98 70.79 8.86
N ALA J 60 -12.38 69.60 9.29
CA ALA J 60 -13.78 69.21 9.21
C ALA J 60 -14.65 70.12 10.05
N ARG J 61 -14.22 70.39 11.29
CA ARG J 61 -14.95 71.32 12.15
C ARG J 61 -15.17 72.67 11.48
N ALA J 62 -14.09 73.24 10.92
CA ALA J 62 -14.20 74.55 10.31
C ALA J 62 -15.13 74.56 9.10
N ALA J 63 -15.34 73.41 8.47
CA ALA J 63 -16.20 73.30 7.30
C ALA J 63 -17.64 72.94 7.65
N GLY J 64 -17.98 72.84 8.93
CA GLY J 64 -19.32 72.48 9.33
C GLY J 64 -19.63 71.01 9.29
N LEU J 66 -19.94 67.39 10.89
CA LEU J 66 -20.08 66.68 12.17
C LEU J 66 -18.90 65.73 12.41
N ILE J 67 -18.38 65.76 13.64
CA ILE J 67 -17.35 64.82 14.07
C ILE J 67 -17.99 63.77 14.97
N ILE J 68 -17.79 62.50 14.63
CA ILE J 68 -18.25 61.38 15.44
C ILE J 68 -17.03 60.59 15.90
N TRP J 69 -16.89 60.41 17.21
CA TRP J 69 -15.80 59.63 17.80
C TRP J 69 -16.35 58.30 18.28
N PHE J 70 -15.73 57.20 17.90
CA PHE J 70 -16.10 55.91 18.45
C PHE J 70 -15.12 55.47 19.53
N GLN J 71 -15.66 54.80 20.53
CA GLN J 71 -14.87 54.09 21.52
C GLN J 71 -15.35 52.65 21.54
N ASN J 72 -14.47 51.72 21.24
CA ASN J 72 -14.83 50.31 21.24
C ASN J 72 -14.53 49.71 22.60
N GLY J 73 -15.45 48.89 23.11
CA GLY J 73 -15.19 48.17 24.34
C GLY J 73 -16.45 47.98 25.14
N TRP J 74 -16.24 47.54 26.38
CA TRP J 74 -17.28 46.86 27.15
C TRP J 74 -17.19 47.24 28.62
N ASP J 75 -18.20 46.83 29.37
CA ASP J 75 -18.14 46.87 30.82
C ASP J 75 -16.96 46.03 31.30
N GLU J 76 -16.48 46.33 32.52
CA GLU J 76 -15.27 45.70 33.02
C GLU J 76 -15.46 44.20 33.28
N GLN J 77 -16.70 43.71 33.36
CA GLN J 77 -16.96 42.28 33.49
C GLN J 77 -17.11 41.60 32.14
N TYR J 78 -17.08 42.37 31.05
CA TYR J 78 -17.17 41.87 29.67
C TYR J 78 -18.51 41.21 29.35
N VAL J 79 -19.56 41.49 30.13
CA VAL J 79 -20.90 41.04 29.75
C VAL J 79 -21.26 41.47 28.32
N GLU J 80 -20.93 42.73 27.98
CA GLU J 80 -21.27 43.29 26.68
C GLU J 80 -20.47 42.70 25.53
N ALA J 81 -19.37 41.99 25.81
CA ALA J 81 -18.60 41.31 24.78
C ALA J 81 -19.25 40.02 24.31
N GLY J 82 -20.31 39.58 24.98
CA GLY J 82 -20.97 38.34 24.67
C GLY J 82 -20.33 37.20 25.42
N GLY J 83 -21.13 36.23 25.82
CA GLY J 83 -20.57 35.06 26.45
C GLY J 83 -20.07 34.07 25.41
N PRO J 84 -19.82 32.83 25.84
CA PRO J 84 -19.32 31.81 24.90
C PRO J 84 -20.28 31.52 23.76
N GLY J 85 -21.53 31.94 23.84
CA GLY J 85 -22.44 31.78 22.72
C GLY J 85 -22.28 32.80 21.61
N SER J 86 -21.37 33.76 21.78
CA SER J 86 -21.08 34.78 20.78
C SER J 86 -19.74 34.50 20.12
N PRO J 87 -19.63 34.58 18.80
CA PRO J 87 -18.30 34.49 18.19
C PRO J 87 -17.34 35.55 18.67
N ASN J 88 -17.84 36.73 19.07
CA ASN J 88 -16.94 37.76 19.60
C ASN J 88 -16.13 37.25 20.79
N PHE J 89 -16.75 36.45 21.66
CA PHE J 89 -16.04 35.90 22.82
C PHE J 89 -14.86 35.06 22.38
N HIS J 90 -14.99 34.36 21.27
CA HIS J 90 -13.95 33.45 20.79
C HIS J 90 -12.98 34.12 19.83
N LYS J 91 -13.35 35.26 19.26
CA LYS J 91 -12.47 35.93 18.31
C LYS J 91 -11.70 37.09 18.90
N SER J 92 -12.24 37.74 19.93
CA SER J 92 -11.66 38.99 20.42
C SER J 92 -10.22 38.74 20.87
N ASN J 93 -9.29 39.43 20.24
CA ASN J 93 -7.89 39.32 20.65
C ASN J 93 -7.62 39.97 21.99
N ALA J 94 -8.47 40.91 22.41
CA ALA J 94 -8.35 41.46 23.75
C ALA J 94 -8.73 40.41 24.79
N LEU J 95 -9.84 39.70 24.56
CA LEU J 95 -10.22 38.62 25.46
C LEU J 95 -9.16 37.52 25.47
N LYS J 96 -8.61 37.18 24.30
CA LYS J 96 -7.56 36.16 24.24
C LYS J 96 -6.34 36.60 25.03
N THR J 97 -5.96 37.87 24.92
CA THR J 97 -4.77 38.36 25.61
C THR J 97 -4.94 38.27 27.12
N ARG J 99 -6.94 36.23 28.74
CA ARG J 99 -6.97 34.84 29.16
C ARG J 99 -5.56 34.26 29.29
N LYS J 100 -4.62 34.73 28.47
CA LYS J 100 -3.23 34.28 28.57
C LYS J 100 -2.48 35.02 29.68
N GLN J 101 -2.76 36.31 29.87
CA GLN J 101 -2.10 37.14 30.89
C GLN J 101 -3.17 37.58 31.88
N PRO J 102 -3.45 36.77 32.91
CA PRO J 102 -4.55 37.10 33.84
C PRO J 102 -4.37 38.42 34.57
N GLN J 103 -3.13 38.91 34.71
CA GLN J 103 -2.90 40.21 35.33
C GLN J 103 -3.58 41.33 34.56
N LEU J 104 -3.93 41.09 33.29
CA LEU J 104 -4.59 42.09 32.47
C LEU J 104 -6.12 41.99 32.54
N GLN J 105 -6.68 41.07 33.31
CA GLN J 105 -8.12 40.90 33.33
C GLN J 105 -8.81 42.16 33.82
N GLY J 106 -9.81 42.62 33.06
CA GLY J 106 -10.52 43.83 33.37
C GLY J 106 -9.81 45.11 32.96
N LYS J 107 -8.61 45.00 32.39
CA LYS J 107 -7.83 46.18 32.04
C LYS J 107 -7.94 46.58 30.58
N LEU J 108 -8.28 45.65 29.68
CA LEU J 108 -8.31 45.95 28.25
C LEU J 108 -9.74 46.24 27.80
N LEU J 109 -9.89 47.32 27.03
CA LEU J 109 -11.17 47.66 26.41
C LEU J 109 -12.32 47.75 27.41
N ALA J 110 -12.01 48.15 28.65
CA ALA J 110 -13.00 48.21 29.72
C ALA J 110 -13.36 49.65 30.00
N LYS J 111 -14.66 49.97 29.95
CA LYS J 111 -15.13 51.28 30.31
C LYS J 111 -14.57 51.68 31.67
N GLY J 112 -14.02 52.89 31.76
CA GLY J 112 -13.37 53.36 32.95
C GLY J 112 -11.87 53.15 32.99
N SER J 113 -11.32 52.33 32.12
CA SER J 113 -9.90 51.99 32.14
C SER J 113 -9.10 52.95 31.27
N TRP J 114 -7.80 53.01 31.55
CA TRP J 114 -6.90 53.80 30.71
C TRP J 114 -6.91 53.28 29.27
N ASP J 115 -6.94 51.95 29.10
CA ASP J 115 -6.90 51.35 27.78
C ASP J 115 -8.06 51.85 26.92
N TYR J 116 -9.23 52.02 27.53
CA TYR J 116 -10.45 52.39 26.82
C TYR J 116 -10.52 53.88 26.48
N GLN J 117 -9.78 54.71 27.21
CA GLN J 117 -9.84 56.15 27.02
C GLN J 117 -9.34 56.52 25.63
N LEU J 118 -9.92 57.56 25.06
CA LEU J 118 -9.32 58.18 23.89
C LEU J 118 -7.94 58.70 24.25
N VAL J 119 -7.03 58.64 23.28
CA VAL J 119 -5.66 59.10 23.53
C VAL J 119 -5.68 60.57 23.98
N ASP J 120 -4.68 60.94 24.80
CA ASP J 120 -4.65 62.27 25.41
C ASP J 120 -4.74 63.37 24.37
N GLU J 121 -4.13 63.18 23.19
CA GLU J 121 -4.04 64.25 22.20
C GLU J 121 -5.38 64.55 21.52
N LEU J 122 -6.35 63.64 21.59
CA LEU J 122 -7.60 63.77 20.83
C LEU J 122 -8.73 64.05 21.81
N VAL J 123 -9.28 65.27 21.74
CA VAL J 123 -10.25 65.74 22.72
C VAL J 123 -11.55 66.13 22.03
N PRO J 124 -12.62 65.35 22.18
CA PRO J 124 -13.91 65.76 21.61
C PRO J 124 -14.36 67.11 22.16
N GLN J 125 -15.00 67.87 21.30
CA GLN J 125 -15.48 69.21 21.60
C GLN J 125 -16.99 69.22 21.67
N PRO J 126 -17.58 70.20 22.35
CA PRO J 126 -19.05 70.31 22.36
C PRO J 126 -19.58 70.34 20.93
N GLY J 127 -20.69 69.64 20.72
CA GLY J 127 -21.24 69.47 19.40
C GLY J 127 -20.78 68.21 18.70
N ASP J 128 -19.63 67.65 19.06
CA ASP J 128 -19.27 66.34 18.55
C ASP J 128 -20.15 65.27 19.19
N ILE J 129 -20.19 64.10 18.56
CA ILE J 129 -20.86 62.94 19.12
C ILE J 129 -19.80 61.90 19.47
N VAL J 130 -19.86 61.37 20.68
CA VAL J 130 -18.99 60.28 21.12
C VAL J 130 -19.87 59.05 21.29
N LEU J 131 -19.60 58.01 20.52
CA LEU J 131 -20.43 56.81 20.50
C LEU J 131 -19.64 55.60 20.99
N PRO J 132 -20.15 54.87 21.97
CA PRO J 132 -19.54 53.58 22.30
C PRO J 132 -20.05 52.54 21.32
N LYS J 133 -19.24 51.51 21.10
CA LYS J 133 -19.72 50.39 20.29
C LYS J 133 -19.18 49.08 20.85
N PRO J 134 -19.98 48.00 20.76
CA PRO J 134 -19.57 46.73 21.37
C PRO J 134 -18.95 45.74 20.41
N ARG J 135 -18.95 46.05 19.11
CA ARG J 135 -18.36 45.18 18.10
C ARG J 135 -17.62 46.03 17.08
N TYR J 136 -16.89 45.37 16.18
CA TYR J 136 -15.99 46.08 15.29
C TYR J 136 -16.71 47.15 14.47
N SER J 137 -17.85 46.81 13.89
CA SER J 137 -18.54 47.75 13.00
C SER J 137 -19.37 48.74 13.81
N GLY J 138 -19.21 50.02 13.52
CA GLY J 138 -20.00 51.04 14.18
C GLY J 138 -21.47 51.04 13.81
N PHE J 139 -21.86 50.29 12.78
CA PHE J 139 -23.25 50.27 12.32
C PHE J 139 -24.07 49.14 12.91
N PHE J 140 -23.48 48.24 13.66
CA PHE J 140 -24.26 47.22 14.32
C PHE J 140 -24.39 47.57 15.80
N ASN J 141 -25.59 47.39 16.33
CA ASN J 141 -25.87 47.51 17.76
C ASN J 141 -25.79 48.93 18.30
N THR J 142 -25.83 49.95 17.44
CA THR J 142 -25.66 51.34 17.83
C THR J 142 -26.70 52.21 17.15
N PRO J 143 -26.82 53.48 17.57
CA PRO J 143 -27.69 54.43 16.87
C PRO J 143 -26.98 55.18 15.74
N LEU J 144 -25.83 54.69 15.27
CA LEU J 144 -25.07 55.44 14.28
C LEU J 144 -25.91 55.76 13.04
N ASP J 145 -26.55 54.76 12.45
CA ASP J 145 -27.36 55.00 11.26
C ASP J 145 -28.45 56.03 11.54
N SER J 146 -29.11 55.91 12.70
CA SER J 146 -30.17 56.85 13.05
C SER J 146 -29.63 58.27 13.19
N ILE J 147 -28.48 58.43 13.84
CA ILE J 147 -27.85 59.74 13.99
C ILE J 147 -27.59 60.37 12.62
N LEU J 148 -27.01 59.60 11.70
CA LEU J 148 -26.65 60.14 10.40
C LEU J 148 -27.89 60.49 9.59
N ARG J 149 -28.86 59.57 9.57
CA ARG J 149 -30.09 59.81 8.83
C ARG J 149 -30.84 61.02 9.35
N SER J 150 -30.85 61.20 10.67
CA SER J 150 -31.56 62.32 11.28
C SER J 150 -31.00 63.66 10.84
N ARG J 151 -29.75 63.69 10.37
CA ARG J 151 -29.08 64.90 9.90
C ARG J 151 -28.93 64.95 8.39
N GLY J 152 -29.51 64.01 7.66
CA GLY J 152 -29.40 64.01 6.22
C GLY J 152 -28.01 63.77 5.71
N ILE J 153 -27.17 63.07 6.48
CA ILE J 153 -25.78 62.86 6.12
C ILE J 153 -25.69 61.65 5.20
N ARG J 154 -25.01 61.82 4.06
CA ARG J 154 -24.83 60.70 3.14
C ARG J 154 -23.37 60.40 2.83
N HIS J 155 -22.45 61.26 3.24
CA HIS J 155 -21.02 61.04 3.02
C HIS J 155 -20.31 60.91 4.35
N LEU J 156 -19.47 59.89 4.46
CA LEU J 156 -18.72 59.60 5.67
C LEU J 156 -17.23 59.60 5.33
N VAL J 157 -16.45 60.34 6.11
CA VAL J 157 -15.00 60.38 5.94
C VAL J 157 -14.38 59.67 7.13
N PHE J 158 -13.69 58.56 6.86
CA PHE J 158 -13.22 57.67 7.90
C PHE J 158 -11.75 57.88 8.21
N THR J 159 -11.43 57.88 9.51
CA THR J 159 -10.08 57.85 10.04
C THR J 159 -10.07 56.87 11.21
N GLY J 160 -8.88 56.50 11.65
CA GLY J 160 -8.74 55.69 12.84
C GLY J 160 -8.12 54.32 12.64
N ILE J 161 -8.35 53.44 13.60
CA ILE J 161 -7.68 52.15 13.71
C ILE J 161 -8.71 51.14 14.17
N ALA J 162 -8.69 49.92 13.59
CA ALA J 162 -7.74 49.47 12.58
C ALA J 162 -8.34 49.55 11.18
N THR J 163 -7.50 49.96 10.22
CA THR J 163 -7.96 50.14 8.84
C THR J 163 -8.73 48.92 8.35
N ASN J 164 -8.19 47.72 8.59
CA ASN J 164 -8.73 46.48 8.05
C ASN J 164 -9.84 45.89 8.92
N VAL J 165 -10.05 46.42 10.12
CA VAL J 165 -11.02 45.82 11.03
C VAL J 165 -12.17 46.78 11.29
N CYS J 166 -12.07 47.61 12.31
CA CYS J 166 -13.21 48.48 12.63
C CYS J 166 -13.45 49.54 11.55
N VAL J 167 -12.40 50.10 10.96
CA VAL J 167 -12.60 51.11 9.93
C VAL J 167 -13.28 50.49 8.71
N GLU J 168 -12.64 49.45 8.13
CA GLU J 168 -13.19 48.85 6.92
C GLU J 168 -14.56 48.23 7.17
N SER J 169 -14.76 47.60 8.33
CA SER J 169 -16.08 47.02 8.59
C SER J 169 -17.15 48.09 8.61
N THR J 170 -16.88 49.22 9.28
CA THR J 170 -17.88 50.28 9.35
C THR J 170 -18.10 50.89 7.96
N LEU J 171 -17.04 51.06 7.18
CA LEU J 171 -17.20 51.59 5.83
C LEU J 171 -18.00 50.63 4.95
N ARG J 172 -17.67 49.32 4.98
CA ARG J 172 -18.44 48.35 4.19
C ARG J 172 -19.91 48.39 4.58
N ASP J 173 -20.19 48.36 5.88
CA ASP J 173 -21.59 48.37 6.31
C ASP J 173 -22.26 49.69 5.95
N GLY J 174 -21.53 50.81 6.03
CA GLY J 174 -22.07 52.07 5.53
C GLY J 174 -22.49 51.97 4.07
N PHE J 175 -21.63 51.36 3.25
CA PHE J 175 -21.96 51.14 1.84
C PHE J 175 -23.27 50.37 1.68
N PHE J 176 -23.47 49.31 2.49
CA PHE J 176 -24.72 48.55 2.40
C PHE J 176 -25.91 49.34 2.90
N LEU J 177 -25.67 50.39 3.68
CA LEU J 177 -26.71 51.30 4.13
C LEU J 177 -26.77 52.55 3.26
N GLU J 178 -26.14 52.51 2.09
CA GLU J 178 -26.22 53.55 1.06
C GLU J 178 -25.45 54.82 1.43
N TYR J 179 -24.42 54.70 2.26
CA TYR J 179 -23.52 55.82 2.52
C TYR J 179 -22.31 55.78 1.60
N PHE J 180 -21.87 56.97 1.17
CA PHE J 180 -20.65 57.16 0.41
C PHE J 180 -19.50 57.32 1.40
N GLY J 181 -18.58 56.37 1.40
CA GLY J 181 -17.51 56.34 2.39
C GLY J 181 -16.16 56.62 1.77
N VAL J 182 -15.43 57.53 2.41
CA VAL J 182 -14.05 57.86 2.03
C VAL J 182 -13.17 57.53 3.23
N VAL J 183 -11.99 56.96 2.97
CA VAL J 183 -10.99 56.76 4.00
C VAL J 183 -9.80 57.67 3.71
N LEU J 184 -9.29 58.32 4.75
CA LEU J 184 -8.09 59.14 4.62
C LEU J 184 -6.94 58.24 5.03
N GLU J 185 -6.21 57.73 4.03
CA GLU J 185 -5.31 56.60 4.26
C GLU J 185 -4.20 56.93 5.25
N ASP J 186 -3.70 58.17 5.26
CA ASP J 186 -2.62 58.52 6.17
C ASP J 186 -3.11 58.89 7.56
N ALA J 187 -4.41 58.77 7.80
CA ALA J 187 -5.01 58.93 9.11
C ALA J 187 -5.62 57.62 9.59
N THR J 188 -5.09 56.50 9.09
CA THR J 188 -5.47 55.17 9.54
C THR J 188 -4.20 54.36 9.79
N HIS J 189 -4.39 53.25 10.51
CA HIS J 189 -3.32 52.27 10.68
C HIS J 189 -3.96 50.90 10.86
N GLN J 190 -3.33 49.89 10.26
CA GLN J 190 -3.87 48.53 10.25
C GLN J 190 -3.53 47.78 11.54
N ALA J 191 -4.27 46.70 11.79
CA ALA J 191 -3.91 45.71 12.80
C ALA J 191 -3.42 44.48 12.07
N GLY J 192 -2.10 44.27 12.06
CA GLY J 192 -1.50 43.16 11.36
C GLY J 192 -0.32 43.61 10.53
N PRO J 193 0.17 42.72 9.66
CA PRO J 193 1.28 43.12 8.79
C PRO J 193 0.87 44.25 7.85
N LYS J 194 1.89 44.88 7.26
CA LYS J 194 1.65 46.00 6.37
C LYS J 194 0.74 45.65 5.21
N PHE J 195 0.75 44.39 4.75
CA PHE J 195 -0.12 44.03 3.65
C PHE J 195 -1.59 44.24 3.99
N ALA J 196 -1.94 44.21 5.28
CA ALA J 196 -3.34 44.40 5.65
C ALA J 196 -3.78 45.85 5.44
N GLN J 197 -2.85 46.80 5.50
CA GLN J 197 -3.18 48.17 5.16
C GLN J 197 -3.42 48.31 3.67
N LYS J 198 -2.48 47.83 2.86
CA LYS J 198 -2.63 47.90 1.42
C LYS J 198 -3.89 47.19 0.97
N ALA J 199 -4.18 46.03 1.55
CA ALA J 199 -5.33 45.25 1.08
C ALA J 199 -6.65 45.90 1.47
N ALA J 200 -6.73 46.49 2.66
CA ALA J 200 -7.94 47.17 3.07
C ALA J 200 -8.21 48.37 2.15
N LEU J 201 -7.16 49.15 1.86
CA LEU J 201 -7.34 50.29 0.96
C LEU J 201 -7.72 49.84 -0.44
N PHE J 202 -7.13 48.73 -0.92
CA PHE J 202 -7.50 48.19 -2.21
C PHE J 202 -8.98 47.80 -2.24
N ASN J 203 -9.44 47.08 -1.22
CA ASN J 203 -10.84 46.69 -1.19
C ASN J 203 -11.75 47.91 -1.17
N ILE J 204 -11.41 48.92 -0.37
CA ILE J 204 -12.24 50.12 -0.30
C ILE J 204 -12.28 50.80 -1.67
N GLU J 205 -11.11 51.11 -2.23
CA GLU J 205 -11.04 51.82 -3.50
C GLU J 205 -11.73 51.03 -4.62
N THR J 206 -11.53 49.72 -4.65
CA THR J 206 -12.02 48.96 -5.80
C THR J 206 -13.50 48.63 -5.70
N PHE J 207 -14.02 48.43 -4.50
CA PHE J 207 -15.37 47.89 -4.36
C PHE J 207 -16.35 48.71 -3.52
N PHE J 208 -15.86 49.42 -2.50
CA PHE J 208 -16.77 49.92 -1.46
C PHE J 208 -16.82 51.42 -1.30
N GLY J 209 -15.77 52.14 -1.65
CA GLY J 209 -15.75 53.58 -1.41
C GLY J 209 -14.58 54.25 -2.07
N TRP J 210 -14.00 55.26 -1.41
CA TRP J 210 -12.96 56.07 -1.99
C TRP J 210 -11.81 56.23 -1.00
N VAL J 211 -10.61 56.46 -1.53
CA VAL J 211 -9.42 56.66 -0.73
C VAL J 211 -8.84 58.02 -1.05
N SER J 212 -8.60 58.82 -0.02
CA SER J 212 -7.94 60.11 -0.20
C SER J 212 -6.91 60.23 0.93
N ASP J 213 -6.48 61.46 1.22
CA ASP J 213 -5.52 61.66 2.30
C ASP J 213 -5.81 62.99 2.98
N VAL J 214 -5.13 63.22 4.11
CA VAL J 214 -5.48 64.35 4.97
C VAL J 214 -5.22 65.67 4.27
N GLU J 215 -4.07 65.80 3.60
CA GLU J 215 -3.74 67.06 2.93
C GLU J 215 -4.75 67.37 1.84
N THR J 216 -5.13 66.36 1.04
CA THR J 216 -6.11 66.57 -0.01
C THR J 216 -7.46 66.95 0.57
N PHE J 217 -7.87 66.28 1.65
CA PHE J 217 -9.12 66.58 2.33
C PHE J 217 -9.15 68.03 2.83
N CYS J 218 -8.11 68.44 3.55
CA CYS J 218 -8.10 69.80 4.09
C CYS J 218 -8.10 70.84 2.97
N ASP J 219 -7.35 70.58 1.90
CA ASP J 219 -7.37 71.49 0.77
C ASP J 219 -8.76 71.56 0.14
N ALA J 220 -9.44 70.41 0.03
CA ALA J 220 -10.77 70.41 -0.56
C ALA J 220 -11.75 71.24 0.28
N LEU J 221 -11.56 71.26 1.61
CA LEU J 221 -12.48 71.96 2.49
C LEU J 221 -12.18 73.46 2.61
N SER J 222 -11.01 73.90 2.18
CA SER J 222 -10.62 75.29 2.45
C SER J 222 -11.55 76.34 1.88
N PRO J 223 -12.08 76.24 0.65
CA PRO J 223 -12.91 77.34 0.14
C PRO J 223 -14.16 77.61 0.95
N THR J 224 -14.68 76.61 1.67
CA THR J 224 -15.94 76.73 2.39
C THR J 224 -15.74 76.77 3.91
N SER J 225 -14.61 77.27 4.36
CA SER J 225 -14.33 77.38 5.79
C SER J 225 -14.07 78.83 6.19
N THR K 2 8.92 -5.37 -33.57
CA THR K 2 7.61 -5.96 -33.73
C THR K 2 7.01 -6.32 -32.38
N THR K 3 5.71 -6.12 -32.23
CA THR K 3 4.98 -6.55 -31.05
C THR K 3 4.14 -7.77 -31.40
N LEU K 4 4.24 -8.81 -30.57
CA LEU K 4 3.38 -9.98 -30.68
C LEU K 4 2.46 -10.00 -29.47
N THR K 5 1.16 -9.87 -29.72
CA THR K 5 0.18 -10.06 -28.67
C THR K 5 0.26 -11.51 -28.19
N ALA K 6 0.28 -11.69 -26.87
CA ALA K 6 0.48 -13.00 -26.28
C ALA K 6 -0.03 -13.00 -24.85
N ARG K 7 -0.18 -14.18 -24.30
CA ARG K 7 -0.45 -14.38 -22.88
C ARG K 7 0.84 -14.77 -22.18
N PRO K 8 1.12 -14.26 -20.97
CA PRO K 8 0.25 -13.40 -20.15
C PRO K 8 0.23 -11.93 -20.58
N GLU K 9 1.19 -11.51 -21.40
CA GLU K 9 1.23 -10.15 -21.91
C GLU K 9 1.98 -10.13 -23.22
N ALA K 10 1.82 -9.03 -23.97
CA ALA K 10 2.48 -8.90 -25.26
C ALA K 10 4.00 -8.81 -25.07
N ILE K 11 4.73 -9.30 -26.07
CA ILE K 11 6.18 -9.23 -26.07
C ILE K 11 6.62 -8.52 -27.35
N THR K 12 7.86 -8.04 -27.33
CA THR K 12 8.46 -7.44 -28.52
C THR K 12 9.66 -8.27 -28.95
N PHE K 13 9.89 -8.28 -30.25
CA PHE K 13 10.96 -9.12 -30.80
C PHE K 13 11.29 -8.64 -32.20
N ASP K 14 12.45 -9.06 -32.68
CA ASP K 14 12.89 -8.81 -34.03
C ASP K 14 12.75 -10.10 -34.81
N PRO K 15 11.89 -10.16 -35.83
CA PRO K 15 11.72 -11.42 -36.58
C PRO K 15 13.00 -11.93 -37.20
N GLN K 16 13.92 -11.03 -37.58
CA GLN K 16 15.18 -11.48 -38.15
C GLN K 16 16.13 -12.04 -37.10
N GLN K 17 15.87 -11.77 -35.82
CA GLN K 17 16.58 -12.39 -34.72
C GLN K 17 15.73 -13.42 -34.00
N SER K 18 14.88 -14.12 -34.75
CA SER K 18 13.97 -15.11 -34.22
C SER K 18 14.00 -16.34 -35.10
N ALA K 19 13.49 -17.44 -34.56
CA ALA K 19 13.35 -18.68 -35.32
C ALA K 19 11.97 -19.27 -35.07
N LEU K 20 11.35 -19.76 -36.14
CA LEU K 20 10.16 -20.59 -36.04
C LEU K 20 10.61 -22.04 -35.98
N ILE K 21 10.22 -22.75 -34.92
CA ILE K 21 10.60 -24.14 -34.72
C ILE K 21 9.38 -25.00 -34.95
N VAL K 22 9.49 -25.94 -35.89
CA VAL K 22 8.43 -26.90 -36.18
C VAL K 22 8.85 -28.23 -35.55
N VAL K 23 8.21 -28.59 -34.44
CA VAL K 23 8.62 -29.74 -33.65
C VAL K 23 7.92 -31.00 -34.16
N ASP K 24 8.71 -31.90 -34.75
CA ASP K 24 8.34 -33.31 -34.94
C ASP K 24 7.05 -33.51 -35.72
N GLN K 26 6.11 -35.23 -38.01
CA GLN K 26 6.32 -36.49 -38.70
C GLN K 26 5.06 -37.34 -38.63
N ASN K 27 4.96 -38.33 -39.52
CA ASN K 27 3.80 -39.20 -39.49
C ASN K 27 3.65 -39.88 -38.13
N ALA K 28 4.78 -40.13 -37.46
CA ALA K 28 4.76 -40.71 -36.12
C ALA K 28 3.86 -39.92 -35.17
N TYR K 29 3.90 -38.59 -35.26
CA TYR K 29 3.21 -37.75 -34.29
C TYR K 29 1.90 -37.18 -34.80
N ALA K 30 1.67 -37.18 -36.12
CA ALA K 30 0.55 -36.46 -36.71
C ALA K 30 -0.39 -37.31 -37.55
N THR K 31 -0.02 -38.53 -37.92
CA THR K 31 -0.78 -39.24 -38.94
C THR K 31 -1.38 -40.53 -38.39
N PRO K 32 -2.63 -40.84 -38.76
CA PRO K 32 -3.19 -42.14 -38.40
C PRO K 32 -2.32 -43.27 -38.94
N GLY K 33 -2.15 -44.30 -38.11
CA GLY K 33 -1.26 -45.40 -38.42
C GLY K 33 0.17 -45.19 -38.01
N GLY K 34 0.53 -43.98 -37.58
CA GLY K 34 1.87 -43.71 -37.09
C GLY K 34 2.04 -44.14 -35.65
N TYR K 35 3.25 -43.90 -35.14
CA TYR K 35 3.62 -44.28 -33.79
C TYR K 35 2.57 -43.89 -32.75
N LEU K 36 2.29 -42.58 -32.62
CA LEU K 36 1.40 -42.14 -31.54
C LEU K 36 0.05 -42.85 -31.61
N ASP K 37 -0.52 -42.95 -32.82
CA ASP K 37 -1.77 -43.67 -33.01
C ASP K 37 -1.65 -45.12 -32.55
N LEU K 38 -0.60 -45.82 -32.98
CA LEU K 38 -0.41 -47.21 -32.58
C LEU K 38 -0.21 -47.37 -31.10
N ALA K 39 0.39 -46.36 -30.45
CA ALA K 39 0.62 -46.42 -29.00
C ALA K 39 -0.60 -46.05 -28.19
N GLY K 40 -1.71 -45.68 -28.82
CA GLY K 40 -2.94 -45.41 -28.12
C GLY K 40 -3.26 -43.95 -27.88
N PHE K 41 -2.49 -43.02 -28.42
CA PHE K 41 -2.82 -41.60 -28.34
C PHE K 41 -3.71 -41.22 -29.51
N ASP K 42 -4.50 -40.16 -29.31
CA ASP K 42 -5.44 -39.69 -30.32
C ASP K 42 -4.75 -38.70 -31.25
N VAL K 43 -4.65 -39.05 -32.53
CA VAL K 43 -4.08 -38.18 -33.56
C VAL K 43 -5.12 -37.80 -34.60
N SER K 44 -6.39 -38.00 -34.30
CA SER K 44 -7.45 -37.82 -35.30
C SER K 44 -7.74 -36.36 -35.62
N THR K 45 -7.21 -35.41 -34.85
CA THR K 45 -7.55 -34.00 -35.01
C THR K 45 -6.36 -33.14 -35.40
N THR K 46 -5.38 -33.72 -36.10
CA THR K 46 -4.18 -32.98 -36.44
C THR K 46 -4.27 -32.21 -37.75
N ARG K 47 -5.31 -32.43 -38.56
CA ARG K 47 -5.46 -31.70 -39.82
C ARG K 47 -5.40 -30.18 -39.65
N PRO K 48 -6.12 -29.56 -38.70
CA PRO K 48 -5.98 -28.10 -38.54
C PRO K 48 -4.59 -27.68 -38.06
N VAL K 49 -3.90 -28.51 -37.29
CA VAL K 49 -2.54 -28.15 -36.86
C VAL K 49 -1.60 -28.09 -38.05
N ILE K 50 -1.70 -29.05 -38.97
CA ILE K 50 -0.85 -29.05 -40.16
C ILE K 50 -1.10 -27.80 -40.99
N ALA K 51 -2.38 -27.46 -41.21
CA ALA K 51 -2.69 -26.28 -42.01
C ALA K 51 -2.22 -24.99 -41.33
N ASN K 52 -2.38 -24.91 -40.00
CA ASN K 52 -1.92 -23.73 -39.28
C ASN K 52 -0.40 -23.61 -39.29
N ILE K 53 0.30 -24.74 -39.25
CA ILE K 53 1.75 -24.69 -39.34
C ILE K 53 2.18 -24.20 -40.72
N GLN K 54 1.51 -24.67 -41.77
CA GLN K 54 1.80 -24.18 -43.12
C GLN K 54 1.68 -22.67 -43.17
N THR K 55 0.59 -22.13 -42.58
CA THR K 55 0.37 -20.69 -42.59
C THR K 55 1.46 -19.95 -41.83
N ALA K 56 1.85 -20.46 -40.66
CA ALA K 56 2.91 -19.82 -39.88
C ALA K 56 4.25 -19.86 -40.62
N VAL K 57 4.55 -20.99 -41.26
CA VAL K 57 5.82 -21.13 -41.96
C VAL K 57 5.92 -20.14 -43.11
N THR K 58 4.84 -19.99 -43.88
CA THR K 58 4.86 -19.04 -45.00
C THR K 58 5.11 -17.62 -44.52
N ALA K 59 4.44 -17.22 -43.43
CA ALA K 59 4.60 -15.87 -42.90
C ALA K 59 6.00 -15.67 -42.31
N ALA K 60 6.48 -16.64 -41.52
CA ALA K 60 7.83 -16.52 -40.96
C ALA K 60 8.88 -16.44 -42.06
N ARG K 61 8.73 -17.26 -43.10
CA ARG K 61 9.62 -17.22 -44.26
C ARG K 61 9.66 -15.83 -44.87
N ALA K 62 8.49 -15.24 -45.10
CA ALA K 62 8.41 -13.94 -45.75
C ALA K 62 8.95 -12.81 -44.89
N ALA K 63 9.02 -13.01 -43.58
CA ALA K 63 9.55 -12.01 -42.66
C ALA K 63 11.04 -12.18 -42.39
N GLY K 64 11.70 -13.14 -43.05
CA GLY K 64 13.11 -13.36 -42.82
C GLY K 64 13.43 -14.14 -41.56
N LEU K 66 14.24 -17.48 -39.58
CA LEU K 66 14.76 -18.83 -39.80
C LEU K 66 13.71 -19.88 -39.43
N ILE K 67 13.57 -20.91 -40.27
CA ILE K 67 12.71 -22.05 -40.01
C ILE K 67 13.57 -23.24 -39.66
N ILE K 68 13.29 -23.86 -38.52
CA ILE K 68 13.98 -25.07 -38.09
C ILE K 68 12.93 -26.17 -37.95
N TRP K 69 13.15 -27.28 -38.65
CA TRP K 69 12.28 -28.44 -38.55
C TRP K 69 13.01 -29.52 -37.77
N PHE K 70 12.38 -30.03 -36.72
CA PHE K 70 12.93 -31.16 -35.99
C PHE K 70 12.31 -32.46 -36.46
N GLN K 71 13.14 -33.50 -36.52
CA GLN K 71 12.69 -34.88 -36.71
C GLN K 71 13.25 -35.70 -35.56
N ASN K 72 12.36 -36.28 -34.76
CA ASN K 72 12.76 -37.10 -33.63
C ASN K 72 12.85 -38.55 -34.09
N GLY K 73 13.92 -39.23 -33.69
CA GLY K 73 14.05 -40.64 -34.02
C GLY K 73 15.50 -41.07 -34.10
N TRP K 74 15.67 -42.32 -34.52
CA TRP K 74 16.92 -43.05 -34.33
C TRP K 74 17.19 -43.92 -35.54
N ASP K 75 18.42 -44.47 -35.58
CA ASP K 75 18.71 -45.55 -36.49
C ASP K 75 17.74 -46.71 -36.26
N GLU K 76 17.52 -47.49 -37.33
CA GLU K 76 16.51 -48.56 -37.26
C GLU K 76 16.89 -49.68 -36.29
N GLN K 77 18.13 -49.72 -35.82
CA GLN K 77 18.53 -50.65 -34.77
C GLN K 77 18.40 -50.06 -33.39
N TYR K 78 18.01 -48.79 -33.29
CA TYR K 78 17.80 -48.07 -32.03
C TYR K 78 19.05 -47.95 -31.16
N VAL K 79 20.25 -48.05 -31.76
CA VAL K 79 21.47 -47.76 -31.01
C VAL K 79 21.39 -46.37 -30.40
N GLU K 80 20.90 -45.40 -31.17
CA GLU K 80 20.84 -44.02 -30.72
C GLU K 80 19.77 -43.78 -29.66
N ALA K 81 18.85 -44.72 -29.44
CA ALA K 81 17.86 -44.58 -28.39
C ALA K 81 18.42 -44.89 -27.01
N GLY K 82 19.64 -45.42 -26.94
CA GLY K 82 20.23 -45.78 -25.67
C GLY K 82 19.93 -47.22 -25.33
N GLY K 83 20.87 -47.91 -24.73
CA GLY K 83 20.64 -49.29 -24.34
C GLY K 83 19.81 -49.33 -23.08
N PRO K 84 19.74 -50.51 -22.44
CA PRO K 84 19.04 -50.61 -21.16
C PRO K 84 19.64 -49.75 -20.07
N GLY K 85 20.84 -49.19 -20.27
CA GLY K 85 21.40 -48.26 -19.33
C GLY K 85 20.88 -46.85 -19.42
N SER K 86 19.99 -46.56 -20.38
CA SER K 86 19.41 -45.24 -20.56
C SER K 86 17.96 -45.24 -20.16
N PRO K 87 17.49 -44.24 -19.41
CA PRO K 87 16.04 -44.18 -19.12
C PRO K 87 15.19 -44.08 -20.37
N ASN K 88 15.73 -43.58 -21.48
CA ASN K 88 14.94 -43.48 -22.71
C ASN K 88 14.53 -44.87 -23.21
N PHE K 89 15.41 -45.85 -23.04
CA PHE K 89 15.09 -47.23 -23.44
C PHE K 89 13.88 -47.74 -22.67
N HIS K 90 13.75 -47.34 -21.41
CA HIS K 90 12.67 -47.81 -20.55
C HIS K 90 11.42 -46.94 -20.61
N LYS K 91 11.55 -45.69 -21.04
CA LYS K 91 10.42 -44.77 -21.11
C LYS K 91 9.80 -44.67 -22.50
N SER K 92 10.56 -44.90 -23.56
CA SER K 92 10.07 -44.61 -24.90
C SER K 92 8.83 -45.43 -25.21
N ASN K 93 7.71 -44.75 -25.48
CA ASN K 93 6.50 -45.48 -25.84
C ASN K 93 6.60 -46.11 -27.22
N ALA K 94 7.47 -45.59 -28.08
CA ALA K 94 7.71 -46.25 -29.37
C ALA K 94 8.36 -47.60 -29.16
N LEU K 95 9.39 -47.65 -28.30
CA LEU K 95 10.05 -48.91 -28.01
C LEU K 95 9.10 -49.88 -27.32
N LYS K 96 8.29 -49.39 -26.38
CA LYS K 96 7.30 -50.26 -25.74
C LYS K 96 6.33 -50.85 -26.75
N THR K 97 5.85 -50.02 -27.68
CA THR K 97 4.91 -50.51 -28.69
C THR K 97 5.52 -51.61 -29.53
N ARG K 99 7.98 -53.59 -28.70
CA ARG K 99 8.18 -54.79 -27.89
C ARG K 99 6.90 -55.60 -27.79
N LYS K 100 5.73 -54.94 -27.77
CA LYS K 100 4.46 -55.65 -27.76
C LYS K 100 4.06 -56.11 -29.16
N GLN K 101 4.51 -55.41 -30.20
CA GLN K 101 4.14 -55.72 -31.58
C GLN K 101 5.40 -55.90 -32.39
N PRO K 102 5.97 -57.11 -32.40
CA PRO K 102 7.22 -57.34 -33.13
C PRO K 102 7.12 -57.06 -34.62
N GLN K 103 5.92 -57.15 -35.19
CA GLN K 103 5.73 -56.79 -36.59
C GLN K 103 6.22 -55.37 -36.88
N LEU K 104 6.20 -54.50 -35.87
CA LEU K 104 6.58 -53.10 -36.05
C LEU K 104 8.04 -52.82 -35.71
N GLN K 105 8.81 -53.83 -35.31
CA GLN K 105 10.18 -53.58 -34.89
C GLN K 105 11.00 -52.99 -36.03
N GLY K 106 11.71 -51.91 -35.72
CA GLY K 106 12.53 -51.24 -36.71
C GLY K 106 11.81 -50.21 -37.54
N LYS K 107 10.50 -50.01 -37.31
CA LYS K 107 9.73 -49.07 -38.12
C LYS K 107 9.39 -47.77 -37.42
N LEU K 108 9.09 -47.81 -36.12
CA LEU K 108 8.68 -46.60 -35.42
C LEU K 108 9.88 -45.69 -35.15
N LEU K 109 9.73 -44.42 -35.50
CA LEU K 109 10.75 -43.40 -35.24
C LEU K 109 12.12 -43.79 -35.83
N ALA K 110 12.10 -44.54 -36.93
CA ALA K 110 13.32 -45.07 -37.54
C ALA K 110 13.71 -44.19 -38.72
N LYS K 111 14.93 -43.67 -38.70
CA LYS K 111 15.41 -42.84 -39.79
C LYS K 111 15.25 -43.56 -41.12
N GLY K 112 14.73 -42.85 -42.11
CA GLY K 112 14.50 -43.40 -43.42
C GLY K 112 13.17 -44.07 -43.63
N SER K 113 12.35 -44.19 -42.59
CA SER K 113 11.07 -44.88 -42.64
C SER K 113 9.92 -43.90 -42.81
N TRP K 114 8.74 -44.44 -43.10
CA TRP K 114 7.55 -43.62 -43.26
C TRP K 114 7.18 -42.94 -41.95
N ASP K 115 7.26 -43.65 -40.84
CA ASP K 115 6.92 -43.07 -39.53
C ASP K 115 7.76 -41.84 -39.26
N TYR K 116 9.01 -41.85 -39.69
CA TYR K 116 9.97 -40.79 -39.39
C TYR K 116 9.84 -39.59 -40.32
N GLN K 117 9.30 -39.78 -41.54
CA GLN K 117 9.20 -38.71 -42.50
C GLN K 117 8.29 -37.61 -42.00
N LEU K 118 8.63 -36.37 -42.36
CA LEU K 118 7.70 -35.27 -42.19
C LEU K 118 6.42 -35.56 -42.96
N VAL K 119 5.30 -35.07 -42.44
CA VAL K 119 4.03 -35.29 -43.11
C VAL K 119 4.08 -34.71 -44.53
N ASP K 120 3.27 -35.27 -45.43
CA ASP K 120 3.36 -34.92 -46.84
C ASP K 120 3.17 -33.43 -47.08
N GLU K 121 2.34 -32.78 -46.26
CA GLU K 121 2.00 -31.39 -46.50
C GLU K 121 3.12 -30.42 -46.14
N LEU K 122 4.08 -30.84 -45.33
CA LEU K 122 5.11 -29.96 -44.79
C LEU K 122 6.44 -30.27 -45.47
N VAL K 123 6.91 -29.33 -46.28
CA VAL K 123 8.10 -29.55 -47.11
C VAL K 123 9.12 -28.47 -46.82
N PRO K 124 10.20 -28.77 -46.09
CA PRO K 124 11.25 -27.77 -45.86
C PRO K 124 11.82 -27.27 -47.18
N GLN K 125 12.22 -26.00 -47.16
CA GLN K 125 12.74 -25.31 -48.32
C GLN K 125 14.22 -24.99 -48.13
N PRO K 126 14.95 -24.75 -49.22
CA PRO K 126 16.34 -24.28 -49.07
C PRO K 126 16.40 -23.05 -48.19
N GLY K 127 17.38 -23.02 -47.30
CA GLY K 127 17.51 -21.99 -46.30
C GLY K 127 16.99 -22.40 -44.94
N ASP K 128 16.03 -23.32 -44.90
CA ASP K 128 15.58 -23.89 -43.64
C ASP K 128 16.63 -24.85 -43.10
N ILE K 129 16.54 -25.14 -41.81
CA ILE K 129 17.40 -26.12 -41.16
C ILE K 129 16.52 -27.29 -40.73
N VAL K 130 16.93 -28.50 -41.08
CA VAL K 130 16.27 -29.71 -40.63
C VAL K 130 17.22 -30.39 -39.65
N LEU K 131 16.78 -30.54 -38.41
CA LEU K 131 17.61 -31.07 -37.34
C LEU K 131 17.06 -32.41 -36.85
N PRO K 132 17.85 -33.47 -36.87
CA PRO K 132 17.46 -34.69 -36.16
C PRO K 132 17.75 -34.52 -34.68
N LYS K 133 16.91 -35.14 -33.85
CA LYS K 133 17.21 -35.17 -32.44
C LYS K 133 16.94 -36.55 -31.85
N PRO K 134 17.75 -36.98 -30.88
CA PRO K 134 17.58 -38.32 -30.30
C PRO K 134 16.73 -38.38 -29.04
N ARG K 135 16.35 -37.25 -28.46
CA ARG K 135 15.54 -37.23 -27.25
C ARG K 135 14.50 -36.12 -27.38
N TYR K 136 13.58 -36.07 -26.41
CA TYR K 136 12.43 -35.17 -26.53
C TYR K 136 12.86 -33.72 -26.75
N SER K 137 13.80 -33.24 -25.94
CA SER K 137 14.20 -31.85 -26.00
C SER K 137 15.21 -31.61 -27.13
N GLY K 138 14.90 -30.64 -28.00
CA GLY K 138 15.80 -30.29 -29.07
C GLY K 138 17.10 -29.66 -28.63
N PHE K 139 17.22 -29.29 -27.36
CA PHE K 139 18.41 -28.64 -26.83
C PHE K 139 19.44 -29.59 -26.25
N PHE K 140 19.15 -30.87 -26.15
CA PHE K 140 20.11 -31.82 -25.63
C PHE K 140 20.65 -32.67 -26.78
N ASN K 141 21.96 -32.83 -26.82
CA ASN K 141 22.64 -33.75 -27.74
C ASN K 141 22.63 -33.27 -29.19
N THR K 142 22.34 -31.99 -29.44
CA THR K 142 22.23 -31.43 -30.77
C THR K 142 23.01 -30.14 -30.88
N PRO K 143 23.17 -29.59 -32.10
CA PRO K 143 23.75 -28.25 -32.26
C PRO K 143 22.75 -27.11 -32.25
N LEU K 144 21.54 -27.33 -31.69
CA LEU K 144 20.50 -26.31 -31.78
C LEU K 144 20.94 -25.00 -31.14
N ASP K 145 21.44 -25.08 -29.90
CA ASP K 145 21.89 -23.87 -29.21
C ASP K 145 22.99 -23.16 -30.01
N SER K 146 23.96 -23.93 -30.54
CA SER K 146 25.01 -23.34 -31.37
C SER K 146 24.42 -22.64 -32.58
N ILE K 147 23.47 -23.29 -33.26
CA ILE K 147 22.87 -22.72 -34.46
C ILE K 147 22.23 -21.38 -34.15
N LEU K 148 21.48 -21.32 -33.05
CA LEU K 148 20.76 -20.10 -32.71
C LEU K 148 21.72 -18.99 -32.29
N ARG K 149 22.70 -19.32 -31.44
CA ARG K 149 23.65 -18.33 -30.99
C ARG K 149 24.47 -17.77 -32.15
N SER K 150 24.89 -18.62 -33.09
CA SER K 150 25.66 -18.16 -34.22
C SER K 150 24.91 -17.14 -35.06
N ARG K 151 23.58 -17.12 -34.97
CA ARG K 151 22.76 -16.18 -35.72
C ARG K 151 22.20 -15.07 -34.84
N GLY K 152 22.61 -15.00 -33.58
CA GLY K 152 22.11 -13.98 -32.68
C GLY K 152 20.65 -14.08 -32.34
N ILE K 153 20.10 -15.28 -32.38
CA ILE K 153 18.66 -15.47 -32.18
C ILE K 153 18.37 -15.57 -30.69
N ARG K 154 17.39 -14.80 -30.22
CA ARG K 154 16.97 -14.86 -28.82
C ARG K 154 15.49 -15.20 -28.63
N HIS K 155 14.70 -15.21 -29.69
CA HIS K 155 13.28 -15.52 -29.60
C HIS K 155 12.97 -16.75 -30.44
N LEU K 156 12.24 -17.68 -29.84
CA LEU K 156 11.87 -18.94 -30.49
C LEU K 156 10.36 -19.03 -30.49
N VAL K 157 9.79 -19.28 -31.67
CA VAL K 157 8.35 -19.46 -31.82
C VAL K 157 8.10 -20.93 -32.14
N PHE K 158 7.41 -21.61 -31.23
CA PHE K 158 7.29 -23.07 -31.29
C PHE K 158 5.95 -23.48 -31.88
N THR K 159 5.99 -24.54 -32.68
CA THR K 159 4.83 -25.25 -33.17
C THR K 159 5.15 -26.74 -33.16
N GLY K 160 4.09 -27.56 -33.28
CA GLY K 160 4.28 -28.99 -33.45
C GLY K 160 3.74 -29.87 -32.34
N ILE K 161 4.28 -31.08 -32.24
CA ILE K 161 3.74 -32.17 -31.41
C ILE K 161 4.92 -32.88 -30.75
N ALA K 162 4.78 -33.24 -29.47
CA ALA K 162 3.60 -32.99 -28.64
C ALA K 162 3.79 -31.77 -27.75
N THR K 163 2.70 -31.00 -27.58
CA THR K 163 2.74 -29.78 -26.77
C THR K 163 3.41 -30.03 -25.43
N ASN K 164 3.03 -31.12 -24.76
CA ASN K 164 3.46 -31.40 -23.39
C ASN K 164 4.79 -32.14 -23.32
N VAL K 165 5.32 -32.61 -24.43
CA VAL K 165 6.52 -33.43 -24.39
C VAL K 165 7.65 -32.71 -25.11
N CYS K 166 7.80 -32.96 -26.41
CA CYS K 166 8.94 -32.38 -27.13
C CYS K 166 8.84 -30.85 -27.22
N VAL K 167 7.64 -30.32 -27.44
CA VAL K 167 7.49 -28.88 -27.53
C VAL K 167 7.82 -28.22 -26.19
N GLU K 168 7.09 -28.63 -25.13
CA GLU K 168 7.31 -28.01 -23.82
C GLU K 168 8.73 -28.22 -23.33
N SER K 169 9.29 -29.42 -23.54
CA SER K 169 10.66 -29.68 -23.08
C SER K 169 11.65 -28.75 -23.76
N THR K 170 11.52 -28.56 -25.08
CA THR K 170 12.45 -27.70 -25.78
C THR K 170 12.29 -26.25 -25.36
N LEU K 171 11.04 -25.82 -25.12
CA LEU K 171 10.80 -24.46 -24.66
C LEU K 171 11.36 -24.25 -23.25
N ARG K 172 11.08 -25.19 -22.34
CA ARG K 172 11.62 -25.08 -20.98
C ARG K 172 13.15 -25.00 -21.00
N ASP K 173 13.79 -25.89 -21.77
CA ASP K 173 15.25 -25.85 -21.85
C ASP K 173 15.73 -24.57 -22.53
N GLY K 174 15.00 -24.11 -23.54
CA GLY K 174 15.30 -22.80 -24.12
C GLY K 174 15.29 -21.71 -23.09
N PHE K 175 14.28 -21.72 -22.20
CA PHE K 175 14.21 -20.73 -21.14
C PHE K 175 15.45 -20.77 -20.27
N PHE K 176 15.92 -21.98 -19.93
CA PHE K 176 17.11 -22.12 -19.10
C PHE K 176 18.38 -21.68 -19.82
N LEU K 177 18.36 -21.65 -21.16
CA LEU K 177 19.44 -21.13 -21.97
C LEU K 177 19.19 -19.68 -22.40
N GLU K 178 18.24 -19.02 -21.75
CA GLU K 178 17.98 -17.59 -21.86
C GLU K 178 17.30 -17.20 -23.17
N TYR K 179 16.55 -18.13 -23.76
CA TYR K 179 15.74 -17.84 -24.93
C TYR K 179 14.32 -17.48 -24.51
N PHE K 180 13.76 -16.49 -25.19
CA PHE K 180 12.37 -16.13 -25.02
C PHE K 180 11.52 -17.01 -25.94
N GLY K 181 10.68 -17.86 -25.35
CA GLY K 181 9.95 -18.86 -26.09
C GLY K 181 8.46 -18.59 -26.12
N VAL K 182 7.89 -18.64 -27.32
CA VAL K 182 6.46 -18.46 -27.54
C VAL K 182 5.93 -19.73 -28.20
N VAL K 183 4.76 -20.17 -27.77
CA VAL K 183 4.08 -21.29 -28.41
C VAL K 183 2.83 -20.77 -29.11
N LEU K 184 2.61 -21.20 -30.35
CA LEU K 184 1.38 -20.89 -31.07
C LEU K 184 0.42 -22.04 -30.81
N GLU K 185 -0.58 -21.79 -29.94
CA GLU K 185 -1.34 -22.89 -29.36
C GLU K 185 -2.12 -23.66 -30.41
N ASP K 186 -2.67 -22.96 -31.41
CA ASP K 186 -3.46 -23.65 -32.43
C ASP K 186 -2.61 -24.35 -33.48
N ALA K 187 -1.29 -24.33 -33.32
CA ALA K 187 -0.36 -25.08 -34.16
C ALA K 187 0.34 -26.17 -33.38
N THR K 188 -0.30 -26.67 -32.32
CA THR K 188 0.28 -27.73 -31.49
C THR K 188 -0.82 -28.73 -31.12
N HIS K 189 -0.38 -29.89 -30.66
CA HIS K 189 -1.30 -30.92 -30.20
C HIS K 189 -0.59 -31.78 -29.17
N GLN K 190 -1.30 -32.17 -28.13
CA GLN K 190 -0.71 -32.87 -27.00
C GLN K 190 -0.66 -34.37 -27.25
N ALA K 191 0.19 -35.05 -26.48
CA ALA K 191 0.20 -36.50 -26.39
C ALA K 191 -0.41 -36.87 -25.04
N GLY K 192 -1.64 -37.37 -25.05
CA GLY K 192 -2.37 -37.62 -23.84
C GLY K 192 -3.76 -37.01 -23.88
N PRO K 193 -4.47 -37.05 -22.75
CA PRO K 193 -5.78 -36.43 -22.69
C PRO K 193 -5.71 -34.92 -22.93
N LYS K 194 -6.89 -34.34 -23.17
CA LYS K 194 -6.99 -32.92 -23.44
C LYS K 194 -6.40 -32.09 -22.31
N PHE K 195 -6.51 -32.56 -21.05
CA PHE K 195 -5.94 -31.78 -19.95
C PHE K 195 -4.45 -31.56 -20.11
N ALA K 196 -3.75 -32.46 -20.82
CA ALA K 196 -2.31 -32.27 -21.03
C ALA K 196 -2.03 -31.09 -21.94
N GLN K 197 -2.94 -30.77 -22.85
CA GLN K 197 -2.80 -29.57 -23.66
C GLN K 197 -2.97 -28.33 -22.80
N LYS K 198 -4.07 -28.26 -22.05
CA LYS K 198 -4.31 -27.14 -21.15
C LYS K 198 -3.17 -26.97 -20.16
N ALA K 199 -2.67 -28.06 -19.59
CA ALA K 199 -1.66 -27.93 -18.56
C ALA K 199 -0.32 -27.47 -19.12
N ALA K 200 0.04 -27.93 -20.33
CA ALA K 200 1.29 -27.48 -20.94
C ALA K 200 1.21 -25.99 -21.26
N LEU K 201 0.10 -25.54 -21.83
CA LEU K 201 -0.06 -24.12 -22.08
C LEU K 201 -0.05 -23.33 -20.77
N PHE K 202 -0.68 -23.87 -19.72
CA PHE K 202 -0.66 -23.18 -18.43
C PHE K 202 0.77 -23.03 -17.92
N ASN K 203 1.54 -24.12 -17.94
CA ASN K 203 2.91 -24.04 -17.44
C ASN K 203 3.75 -23.08 -18.26
N ILE K 204 3.55 -23.06 -19.58
CA ILE K 204 4.33 -22.16 -20.43
C ILE K 204 3.96 -20.71 -20.14
N GLU K 205 2.66 -20.39 -20.16
CA GLU K 205 2.24 -19.03 -19.92
C GLU K 205 2.62 -18.55 -18.53
N THR K 206 2.51 -19.43 -17.52
CA THR K 206 2.68 -18.98 -16.16
C THR K 206 4.14 -18.91 -15.74
N PHE K 207 5.00 -19.80 -16.25
CA PHE K 207 6.35 -19.96 -15.71
C PHE K 207 7.49 -19.80 -16.71
N PHE K 208 7.30 -20.16 -17.99
CA PHE K 208 8.41 -20.38 -18.90
C PHE K 208 8.44 -19.49 -20.13
N GLY K 209 7.29 -19.07 -20.64
CA GLY K 209 7.28 -18.35 -21.90
C GLY K 209 5.96 -17.70 -22.19
N TRP K 210 5.58 -17.65 -23.46
CA TRP K 210 4.39 -16.92 -23.89
C TRP K 210 3.56 -17.82 -24.79
N VAL K 211 2.26 -17.54 -24.83
CA VAL K 211 1.31 -18.28 -25.66
C VAL K 211 0.62 -17.30 -26.61
N SER K 212 0.70 -17.58 -27.90
CA SER K 212 -0.04 -16.82 -28.90
C SER K 212 -0.75 -17.80 -29.84
N ASP K 213 -1.15 -17.34 -31.01
CA ASP K 213 -1.76 -18.20 -32.02
C ASP K 213 -1.32 -17.78 -33.42
N VAL K 214 -1.65 -18.62 -34.40
CA VAL K 214 -1.07 -18.47 -35.73
C VAL K 214 -1.52 -17.17 -36.39
N GLU K 215 -2.81 -16.84 -36.32
CA GLU K 215 -3.29 -15.63 -36.96
C GLU K 215 -2.68 -14.38 -36.34
N THR K 216 -2.54 -14.35 -35.00
CA THR K 216 -1.90 -13.21 -34.36
C THR K 216 -0.45 -13.10 -34.78
N PHE K 217 0.23 -14.24 -34.85
CA PHE K 217 1.61 -14.29 -35.29
C PHE K 217 1.76 -13.74 -36.70
N CYS K 218 0.94 -14.24 -37.63
CA CYS K 218 1.06 -13.84 -39.02
C CYS K 218 0.77 -12.36 -39.21
N ASP K 219 -0.22 -11.83 -38.48
CA ASP K 219 -0.54 -10.42 -38.61
C ASP K 219 0.53 -9.54 -37.98
N ALA K 220 1.22 -10.03 -36.94
CA ALA K 220 2.33 -9.29 -36.39
C ALA K 220 3.48 -9.18 -37.37
N LEU K 221 3.65 -10.19 -38.23
CA LEU K 221 4.73 -10.17 -39.20
C LEU K 221 4.40 -9.35 -40.43
N SER K 222 3.12 -9.05 -40.66
CA SER K 222 2.67 -8.32 -41.84
C SER K 222 3.54 -7.12 -42.22
N PRO K 223 3.83 -6.17 -41.31
CA PRO K 223 4.54 -4.95 -41.76
C PRO K 223 5.98 -5.18 -42.20
N THR K 224 6.59 -6.31 -41.83
CA THR K 224 7.98 -6.56 -42.16
C THR K 224 8.15 -7.87 -42.93
N THR L 2 -24.18 -34.35 -16.61
CA THR L 2 -22.74 -34.16 -16.52
C THR L 2 -21.99 -35.41 -16.97
N THR L 3 -20.70 -35.24 -17.29
CA THR L 3 -19.86 -36.34 -17.77
C THR L 3 -18.88 -36.69 -16.68
N LEU L 4 -18.74 -37.99 -16.40
CA LEU L 4 -17.72 -38.49 -15.48
C LEU L 4 -16.71 -39.29 -16.27
N THR L 5 -15.47 -38.80 -16.33
CA THR L 5 -14.41 -39.59 -16.92
C THR L 5 -14.23 -40.85 -16.10
N ALA L 6 -14.14 -41.98 -16.78
CA ALA L 6 -14.09 -43.26 -16.10
C ALA L 6 -13.51 -44.29 -17.06
N ARG L 7 -13.11 -45.43 -16.50
CA ARG L 7 -12.76 -46.60 -17.29
C ARG L 7 -13.93 -47.57 -17.33
N PRO L 8 -14.20 -48.22 -18.47
CA PRO L 8 -13.42 -48.19 -19.70
C PRO L 8 -13.70 -46.98 -20.62
N GLU L 9 -14.73 -46.19 -20.31
CA GLU L 9 -14.99 -44.95 -21.03
C GLU L 9 -15.82 -44.04 -20.12
N ALA L 10 -15.90 -42.77 -20.51
CA ALA L 10 -16.69 -41.81 -19.75
C ALA L 10 -18.17 -42.14 -19.84
N ILE L 11 -18.90 -41.79 -18.78
CA ILE L 11 -20.35 -41.95 -18.77
C ILE L 11 -20.99 -40.60 -18.48
N THR L 12 -22.28 -40.51 -18.79
CA THR L 12 -23.07 -39.35 -18.44
C THR L 12 -24.10 -39.72 -17.39
N PHE L 13 -24.46 -38.75 -16.56
CA PHE L 13 -25.37 -38.99 -15.45
C PHE L 13 -25.83 -37.65 -14.91
N ASP L 14 -26.96 -37.68 -14.22
CA ASP L 14 -27.49 -36.51 -13.54
C ASP L 14 -27.23 -36.71 -12.05
N PRO L 15 -26.41 -35.88 -11.42
CA PRO L 15 -26.12 -36.06 -9.99
C PRO L 15 -27.36 -36.07 -9.12
N GLN L 16 -28.40 -35.33 -9.49
CA GLN L 16 -29.62 -35.35 -8.70
C GLN L 16 -30.44 -36.61 -8.90
N GLN L 17 -30.13 -37.41 -9.93
CA GLN L 17 -30.69 -38.75 -10.11
C GLN L 17 -29.65 -39.82 -9.81
N SER L 18 -28.74 -39.54 -8.88
CA SER L 18 -27.67 -40.46 -8.52
C SER L 18 -27.56 -40.55 -7.01
N ALA L 19 -26.86 -41.57 -6.53
CA ALA L 19 -26.60 -41.68 -5.11
C ALA L 19 -25.15 -42.08 -4.91
N LEU L 20 -24.53 -41.50 -3.88
CA LEU L 20 -23.22 -41.91 -3.43
C LEU L 20 -23.42 -42.91 -2.30
N ILE L 21 -22.88 -44.11 -2.45
CA ILE L 21 -23.04 -45.18 -1.47
C ILE L 21 -21.72 -45.35 -0.73
N VAL L 22 -21.77 -45.25 0.59
CA VAL L 22 -20.59 -45.43 1.43
C VAL L 22 -20.75 -46.79 2.10
N VAL L 23 -20.05 -47.79 1.59
CA VAL L 23 -20.24 -49.17 2.03
C VAL L 23 -19.41 -49.45 3.28
N ASP L 24 -20.10 -49.66 4.41
CA ASP L 24 -19.53 -50.35 5.59
C ASP L 24 -18.28 -49.68 6.17
N GLN L 26 -17.16 -48.87 8.88
CA GLN L 26 -17.30 -49.14 10.30
C GLN L 26 -15.93 -49.53 10.87
N ASN L 27 -15.80 -49.43 12.20
CA ASN L 27 -14.54 -49.86 12.81
C ASN L 27 -14.21 -51.29 12.44
N ALA L 28 -15.24 -52.14 12.29
CA ALA L 28 -15.04 -53.53 11.87
C ALA L 28 -14.17 -53.62 10.63
N TYR L 29 -14.38 -52.73 9.66
CA TYR L 29 -13.77 -52.87 8.36
C TYR L 29 -12.58 -51.94 8.12
N ALA L 30 -12.39 -50.92 8.96
CA ALA L 30 -11.41 -49.88 8.69
C ALA L 30 -10.43 -49.62 9.81
N THR L 31 -10.67 -50.09 11.03
CA THR L 31 -9.91 -49.61 12.17
C THR L 31 -9.10 -50.74 12.81
N PRO L 32 -7.85 -50.48 13.19
CA PRO L 32 -7.09 -51.49 13.93
C PRO L 32 -7.83 -51.93 15.17
N GLY L 33 -7.80 -53.24 15.43
CA GLY L 33 -8.54 -53.81 16.52
C GLY L 33 -9.97 -54.16 16.19
N GLY L 34 -10.47 -53.76 15.02
CA GLY L 34 -11.76 -54.17 14.55
C GLY L 34 -11.75 -55.60 14.00
N TYR L 35 -12.95 -56.03 13.61
CA TYR L 35 -13.18 -57.36 13.08
C TYR L 35 -12.13 -57.78 12.03
N LEU L 36 -12.01 -57.01 10.94
CA LEU L 36 -11.13 -57.47 9.86
C LEU L 36 -9.71 -57.64 10.35
N ASP L 37 -9.24 -56.68 11.16
CA ASP L 37 -7.91 -56.78 11.75
C ASP L 37 -7.79 -58.06 12.57
N LEU L 38 -8.79 -58.33 13.41
CA LEU L 38 -8.73 -59.51 14.28
C LEU L 38 -8.83 -60.79 13.48
N ALA L 39 -9.49 -60.76 12.33
CA ALA L 39 -9.62 -61.94 11.47
C ALA L 39 -8.40 -62.15 10.59
N GLY L 40 -7.41 -61.27 10.67
CA GLY L 40 -6.16 -61.46 9.95
C GLY L 40 -6.01 -60.66 8.68
N PHE L 41 -6.96 -59.77 8.36
CA PHE L 41 -6.86 -58.92 7.18
C PHE L 41 -6.11 -57.65 7.53
N ASP L 42 -5.43 -57.07 6.53
CA ASP L 42 -4.61 -55.88 6.71
C ASP L 42 -5.49 -54.64 6.60
N VAL L 43 -5.66 -53.92 7.71
CA VAL L 43 -6.41 -52.67 7.73
C VAL L 43 -5.50 -51.47 8.00
N SER L 44 -4.18 -51.65 7.88
CA SER L 44 -3.22 -50.64 8.31
C SER L 44 -3.17 -49.41 7.41
N THR L 45 -3.78 -49.46 6.21
CA THR L 45 -3.64 -48.37 5.24
C THR L 45 -4.98 -47.75 4.87
N THR L 46 -5.94 -47.74 5.80
CA THR L 46 -7.26 -47.21 5.48
C THR L 46 -7.38 -45.70 5.70
N ARG L 47 -6.40 -45.06 6.35
CA ARG L 47 -6.43 -43.61 6.55
C ARG L 47 -6.71 -42.82 5.28
N PRO L 48 -6.03 -43.05 4.15
CA PRO L 48 -6.37 -42.29 2.94
C PRO L 48 -7.75 -42.60 2.40
N VAL L 49 -8.22 -43.83 2.56
CA VAL L 49 -9.57 -44.17 2.12
C VAL L 49 -10.59 -43.31 2.86
N ILE L 50 -10.44 -43.20 4.18
CA ILE L 50 -11.36 -42.39 4.98
C ILE L 50 -11.36 -40.94 4.49
N ALA L 51 -10.16 -40.37 4.32
CA ALA L 51 -10.07 -38.99 3.85
C ALA L 51 -10.70 -38.82 2.47
N ASN L 52 -10.48 -39.78 1.58
CA ASN L 52 -11.03 -39.66 0.23
C ASN L 52 -12.55 -39.77 0.23
N ILE L 53 -13.10 -40.62 1.11
CA ILE L 53 -14.54 -40.69 1.26
C ILE L 53 -15.11 -39.36 1.77
N GLN L 54 -14.45 -38.76 2.77
CA GLN L 54 -14.88 -37.45 3.25
C GLN L 54 -14.96 -36.45 2.11
N THR L 55 -13.92 -36.43 1.27
CA THR L 55 -13.90 -35.51 0.13
C THR L 55 -15.04 -35.81 -0.84
N ALA L 56 -15.28 -37.08 -1.13
CA ALA L 56 -16.36 -37.44 -2.05
C ALA L 56 -17.73 -37.09 -1.48
N VAL L 57 -17.93 -37.36 -0.19
CA VAL L 57 -19.22 -37.04 0.44
C VAL L 57 -19.50 -35.54 0.37
N THR L 58 -18.49 -34.72 0.68
CA THR L 58 -18.68 -33.27 0.63
C THR L 58 -19.10 -32.83 -0.77
N ALA L 59 -18.45 -33.36 -1.80
CA ALA L 59 -18.79 -32.98 -3.16
C ALA L 59 -20.18 -33.46 -3.54
N ALA L 60 -20.52 -34.71 -3.20
CA ALA L 60 -21.83 -35.24 -3.56
C ALA L 60 -22.95 -34.47 -2.87
N ARG L 61 -22.76 -34.14 -1.59
CA ARG L 61 -23.76 -33.35 -0.87
C ARG L 61 -23.99 -32.01 -1.57
N ALA L 62 -22.91 -31.32 -1.93
CA ALA L 62 -23.04 -30.01 -2.55
C ALA L 62 -23.67 -30.08 -3.94
N ALA L 63 -23.61 -31.23 -4.61
CA ALA L 63 -24.25 -31.42 -5.90
C ALA L 63 -25.69 -31.88 -5.79
N GLY L 64 -26.21 -32.08 -4.59
CA GLY L 64 -27.57 -32.58 -4.44
C GLY L 64 -27.72 -34.07 -4.64
N LEU L 66 -27.88 -37.82 -3.29
CA LEU L 66 -28.19 -38.51 -2.04
C LEU L 66 -27.00 -39.33 -1.57
N ILE L 67 -26.76 -39.30 -0.25
CA ILE L 67 -25.73 -40.09 0.39
C ILE L 67 -26.39 -41.22 1.14
N ILE L 68 -25.96 -42.46 0.87
CA ILE L 68 -26.45 -43.63 1.58
C ILE L 68 -25.27 -44.29 2.27
N TRP L 69 -25.36 -44.43 3.59
CA TRP L 69 -24.35 -45.10 4.40
C TRP L 69 -24.85 -46.50 4.75
N PHE L 70 -24.05 -47.52 4.44
CA PHE L 70 -24.36 -48.89 4.85
C PHE L 70 -23.68 -49.17 6.18
N GLN L 71 -24.37 -49.89 7.07
CA GLN L 71 -23.74 -50.54 8.20
C GLN L 71 -24.08 -52.01 8.15
N ASN L 72 -23.05 -52.86 8.08
CA ASN L 72 -23.23 -54.29 8.04
C ASN L 72 -23.17 -54.86 9.44
N GLY L 73 -24.07 -55.80 9.75
CA GLY L 73 -24.02 -56.48 11.02
C GLY L 73 -25.39 -56.83 11.54
N TRP L 74 -25.42 -57.27 12.79
CA TRP L 74 -26.53 -58.04 13.32
C TRP L 74 -26.77 -57.70 14.78
N ASP L 75 -27.89 -58.19 15.30
CA ASP L 75 -28.11 -58.21 16.73
C ASP L 75 -26.98 -58.96 17.43
N GLU L 76 -26.75 -58.63 18.70
CA GLU L 76 -25.61 -59.17 19.43
C GLU L 76 -25.73 -60.67 19.70
N GLN L 77 -26.94 -61.24 19.59
CA GLN L 77 -27.12 -62.69 19.64
C GLN L 77 -26.98 -63.35 18.28
N TYR L 78 -26.81 -62.56 17.21
CA TYR L 78 -26.59 -63.04 15.85
C TYR L 78 -27.76 -63.81 15.27
N VAL L 79 -28.98 -63.60 15.78
CA VAL L 79 -30.16 -64.18 15.15
C VAL L 79 -30.21 -63.77 13.68
N GLU L 80 -29.91 -62.51 13.41
CA GLU L 80 -29.99 -61.98 12.05
C GLU L 80 -28.89 -62.51 11.14
N ALA L 81 -27.85 -63.14 11.68
CA ALA L 81 -26.83 -63.74 10.83
C ALA L 81 -27.26 -65.08 10.26
N GLY L 82 -28.39 -65.61 10.73
CA GLY L 82 -28.85 -66.92 10.29
C GLY L 82 -28.23 -67.97 11.19
N GLY L 83 -28.98 -69.01 11.52
CA GLY L 83 -28.40 -70.09 12.27
C GLY L 83 -27.64 -71.02 11.36
N PRO L 84 -27.39 -72.25 11.83
CA PRO L 84 -26.62 -73.21 11.02
C PRO L 84 -27.28 -73.61 9.72
N GLY L 85 -28.55 -73.26 9.52
CA GLY L 85 -29.20 -73.50 8.25
C GLY L 85 -28.88 -72.48 7.17
N SER L 86 -28.14 -71.43 7.51
CA SER L 86 -27.75 -70.40 6.56
C SER L 86 -26.28 -70.57 6.18
N PRO L 87 -25.92 -70.46 4.90
CA PRO L 87 -24.48 -70.42 4.56
C PRO L 87 -23.75 -69.25 5.21
N ASN L 88 -24.45 -68.15 5.54
CA ASN L 88 -23.78 -67.02 6.19
C ASN L 88 -23.20 -67.42 7.54
N PHE L 89 -23.89 -68.30 8.26
CA PHE L 89 -23.39 -68.78 9.54
C PHE L 89 -22.08 -69.53 9.38
N HIS L 90 -21.92 -70.24 8.26
CA HIS L 90 -20.72 -71.03 8.03
C HIS L 90 -19.61 -70.26 7.33
N LYS L 91 -19.95 -69.17 6.63
CA LYS L 91 -18.95 -68.38 5.89
C LYS L 91 -18.43 -67.19 6.66
N SER L 92 -19.25 -66.58 7.50
CA SER L 92 -18.89 -65.32 8.14
C SER L 92 -17.56 -65.44 8.87
N ASN L 93 -16.58 -64.65 8.43
CA ASN L 93 -15.32 -64.62 9.16
C ASN L 93 -15.44 -63.96 10.52
N ALA L 94 -16.44 -63.10 10.71
CA ALA L 94 -16.68 -62.55 12.04
C ALA L 94 -17.13 -63.64 12.98
N LEU L 95 -18.07 -64.48 12.56
CA LEU L 95 -18.48 -65.58 13.40
C LEU L 95 -17.35 -66.57 13.64
N LYS L 96 -16.55 -66.86 12.61
CA LYS L 96 -15.42 -67.76 12.80
C LYS L 96 -14.44 -67.22 13.83
N THR L 97 -14.17 -65.91 13.79
CA THR L 97 -13.23 -65.31 14.74
C THR L 97 -13.76 -65.43 16.16
N ARG L 99 -15.90 -67.70 17.31
CA ARG L 99 -15.82 -69.10 17.74
C ARG L 99 -14.42 -69.43 18.25
N LYS L 100 -13.39 -68.88 17.60
CA LYS L 100 -12.03 -69.13 18.05
C LYS L 100 -11.69 -68.34 19.31
N GLN L 101 -12.29 -67.16 19.46
CA GLN L 101 -11.96 -66.24 20.54
C GLN L 101 -13.26 -65.86 21.26
N PRO L 102 -13.72 -66.70 22.19
CA PRO L 102 -15.00 -66.44 22.86
C PRO L 102 -15.02 -65.15 23.65
N GLN L 103 -13.87 -64.60 24.01
CA GLN L 103 -13.83 -63.28 24.63
C GLN L 103 -14.52 -62.24 23.78
N LEU L 104 -14.55 -62.43 22.45
CA LEU L 104 -15.14 -61.46 21.54
C LEU L 104 -16.59 -61.77 21.20
N GLN L 105 -17.17 -62.82 21.76
CA GLN L 105 -18.52 -63.22 21.39
C GLN L 105 -19.49 -62.09 21.69
N GLY L 106 -20.33 -61.75 20.72
CA GLY L 106 -21.27 -60.66 20.90
C GLY L 106 -20.74 -59.28 20.57
N LYS L 107 -19.46 -59.15 20.22
CA LYS L 107 -18.89 -57.84 19.93
C LYS L 107 -18.68 -57.54 18.45
N LEU L 108 -18.29 -58.51 17.64
CA LEU L 108 -17.99 -58.21 16.24
C LEU L 108 -19.28 -58.02 15.45
N LEU L 109 -19.34 -56.95 14.66
CA LEU L 109 -20.49 -56.68 13.79
C LEU L 109 -21.81 -56.64 14.55
N ALA L 110 -21.76 -56.29 15.83
CA ALA L 110 -22.93 -56.30 16.70
C ALA L 110 -23.51 -54.90 16.80
N LYS L 111 -24.79 -54.77 16.43
CA LYS L 111 -25.49 -53.50 16.53
C LYS L 111 -25.31 -52.92 17.93
N GLY L 112 -24.95 -51.64 17.98
CA GLY L 112 -24.76 -50.96 19.24
C GLY L 112 -23.35 -50.99 19.79
N SER L 113 -22.45 -51.74 19.17
CA SER L 113 -21.09 -51.94 19.66
C SER L 113 -20.10 -51.04 18.92
N TRP L 114 -18.89 -50.97 19.47
CA TRP L 114 -17.83 -50.19 18.84
C TRP L 114 -17.50 -50.71 17.44
N ASP L 115 -17.40 -52.04 17.29
CA ASP L 115 -17.06 -52.65 16.00
C ASP L 115 -18.04 -52.19 14.91
N TYR L 116 -19.31 -52.07 15.27
CA TYR L 116 -20.36 -51.77 14.32
C TYR L 116 -20.46 -50.29 14.00
N GLN L 117 -19.95 -49.41 14.87
CA GLN L 117 -20.08 -47.97 14.65
C GLN L 117 -19.34 -47.55 13.40
N LEU L 118 -19.89 -46.55 12.71
CA LEU L 118 -19.12 -45.88 11.69
C LEU L 118 -17.87 -45.27 12.32
N VAL L 119 -16.79 -45.23 11.53
CA VAL L 119 -15.54 -44.65 12.03
C VAL L 119 -15.75 -43.20 12.46
N ASP L 120 -14.94 -42.76 13.42
CA ASP L 120 -15.14 -41.45 14.04
C ASP L 120 -15.21 -40.33 13.01
N GLU L 121 -14.42 -40.43 11.95
CA GLU L 121 -14.28 -39.36 10.97
C GLU L 121 -15.52 -39.15 10.11
N LEU L 122 -16.38 -40.16 9.99
CA LEU L 122 -17.47 -40.15 9.01
C LEU L 122 -18.78 -40.04 9.76
N VAL L 123 -19.45 -38.91 9.59
CA VAL L 123 -20.64 -38.55 10.39
C VAL L 123 -21.80 -38.28 9.44
N PRO L 124 -22.77 -39.18 9.33
CA PRO L 124 -23.94 -38.91 8.50
C PRO L 124 -24.66 -37.64 8.95
N GLN L 125 -25.24 -36.95 7.98
CA GLN L 125 -25.90 -35.68 8.20
C GLN L 125 -27.40 -35.82 7.93
N PRO L 126 -28.22 -34.91 8.46
CA PRO L 126 -29.65 -34.92 8.12
C PRO L 126 -29.84 -34.89 6.61
N GLY L 127 -30.78 -35.71 6.14
CA GLY L 127 -31.01 -35.90 4.74
C GLY L 127 -30.33 -37.15 4.17
N ASP L 128 -29.21 -37.57 4.76
CA ASP L 128 -28.60 -38.83 4.35
C ASP L 128 -29.48 -39.99 4.82
N ILE L 129 -29.28 -41.14 4.19
CA ILE L 129 -29.93 -42.37 4.61
C ILE L 129 -28.88 -43.30 5.18
N VAL L 130 -29.14 -43.85 6.37
CA VAL L 130 -28.26 -44.84 6.96
C VAL L 130 -29.01 -46.17 6.95
N LEU L 131 -28.49 -47.13 6.20
CA LEU L 131 -29.16 -48.41 5.99
C LEU L 131 -28.39 -49.53 6.67
N PRO L 132 -29.01 -50.28 7.56
CA PRO L 132 -28.39 -51.52 8.04
C PRO L 132 -28.60 -52.62 7.00
N LYS L 133 -27.64 -53.53 6.94
CA LYS L 133 -27.84 -54.68 6.06
C LYS L 133 -27.30 -55.94 6.73
N PRO L 134 -28.00 -57.07 6.54
CA PRO L 134 -27.60 -58.33 7.19
C PRO L 134 -26.68 -59.22 6.38
N ARG L 135 -26.41 -58.90 5.11
CA ARG L 135 -25.56 -59.72 4.26
C ARG L 135 -24.68 -58.79 3.43
N TYR L 136 -23.70 -59.39 2.73
CA TYR L 136 -22.70 -58.57 2.05
C TYR L 136 -23.34 -57.58 1.08
N SER L 137 -24.31 -58.03 0.30
CA SER L 137 -24.90 -57.18 -0.74
C SER L 137 -25.99 -56.29 -0.15
N GLY L 138 -25.89 -54.98 -0.41
CA GLY L 138 -26.89 -54.05 0.07
C GLY L 138 -28.25 -54.23 -0.58
N PHE L 139 -28.32 -54.99 -1.68
CA PHE L 139 -29.58 -55.13 -2.39
C PHE L 139 -30.44 -56.28 -1.91
N PHE L 140 -29.89 -57.21 -1.13
CA PHE L 140 -30.69 -58.31 -0.63
C PHE L 140 -31.18 -58.02 0.78
N ASN L 141 -32.45 -58.29 1.03
CA ASN L 141 -33.06 -58.24 2.35
C ASN L 141 -33.23 -56.82 2.89
N THR L 142 -33.18 -55.80 2.02
CA THR L 142 -33.22 -54.40 2.45
C THR L 142 -34.16 -53.59 1.57
N PRO L 143 -34.49 -52.35 1.98
CA PRO L 143 -35.27 -51.47 1.11
C PRO L 143 -34.45 -50.66 0.11
N LEU L 144 -33.19 -51.03 -0.13
CA LEU L 144 -32.32 -50.20 -0.96
C LEU L 144 -32.91 -49.96 -2.35
N ASP L 145 -33.30 -51.04 -3.05
CA ASP L 145 -33.88 -50.89 -4.37
C ASP L 145 -35.10 -49.97 -4.34
N SER L 146 -35.97 -50.17 -3.35
CA SER L 146 -37.17 -49.33 -3.22
C SER L 146 -36.79 -47.86 -3.02
N ILE L 147 -35.81 -47.60 -2.15
CA ILE L 147 -35.36 -46.23 -1.89
C ILE L 147 -34.88 -45.58 -3.18
N LEU L 148 -34.05 -46.28 -3.94
CA LEU L 148 -33.50 -45.70 -5.16
C LEU L 148 -34.60 -45.50 -6.21
N ARG L 149 -35.46 -46.49 -6.40
CA ARG L 149 -36.52 -46.37 -7.39
C ARG L 149 -37.48 -45.23 -7.03
N SER L 150 -37.78 -45.07 -5.75
CA SER L 150 -38.70 -44.02 -5.32
C SER L 150 -38.19 -42.64 -5.67
N ARG L 151 -36.89 -42.50 -5.88
CA ARG L 151 -36.25 -41.23 -6.19
C ARG L 151 -35.80 -41.13 -7.64
N GLY L 152 -36.17 -42.10 -8.48
CA GLY L 152 -35.74 -42.09 -9.87
C GLY L 152 -34.25 -42.23 -10.06
N ILE L 153 -33.54 -42.85 -9.12
CA ILE L 153 -32.10 -42.92 -9.20
C ILE L 153 -31.69 -44.09 -10.08
N ARG L 154 -30.79 -43.84 -11.03
CA ARG L 154 -30.28 -44.88 -11.90
C ARG L 154 -28.75 -45.04 -11.88
N HIS L 155 -28.03 -44.12 -11.26
CA HIS L 155 -26.58 -44.17 -11.21
C HIS L 155 -26.13 -44.24 -9.75
N LEU L 156 -25.22 -45.16 -9.47
CA LEU L 156 -24.73 -45.39 -8.12
C LEU L 156 -23.21 -45.23 -8.11
N VAL L 157 -22.69 -44.40 -7.20
CA VAL L 157 -21.26 -44.18 -7.08
C VAL L 157 -20.82 -44.83 -5.76
N PHE L 158 -19.99 -45.85 -5.86
CA PHE L 158 -19.65 -46.70 -4.72
C PHE L 158 -18.31 -46.31 -4.12
N THR L 159 -18.27 -46.32 -2.79
CA THR L 159 -17.04 -46.19 -2.02
C THR L 159 -17.14 -47.16 -0.87
N GLY L 160 -16.01 -47.43 -0.21
CA GLY L 160 -16.02 -48.22 1.01
C GLY L 160 -15.28 -49.54 0.98
N ILE L 161 -15.62 -50.44 1.90
CA ILE L 161 -14.86 -51.67 2.17
C ILE L 161 -15.86 -52.80 2.40
N ALA L 162 -15.58 -54.00 1.88
CA ALA L 162 -14.42 -54.33 1.06
C ALA L 162 -14.75 -54.29 -0.44
N THR L 163 -13.78 -53.79 -1.22
CA THR L 163 -13.95 -53.65 -2.66
C THR L 163 -14.48 -54.93 -3.29
N ASN L 164 -13.88 -56.07 -2.92
CA ASN L 164 -14.15 -57.36 -3.51
C ASN L 164 -15.34 -58.09 -2.90
N VAL L 165 -15.87 -57.58 -1.78
CA VAL L 165 -16.94 -58.29 -1.10
C VAL L 165 -18.22 -57.45 -1.12
N CYS L 166 -18.41 -56.59 -0.12
CA CYS L 166 -19.67 -55.87 -0.04
C CYS L 166 -19.81 -54.83 -1.15
N VAL L 167 -18.72 -54.15 -1.51
CA VAL L 167 -18.80 -53.16 -2.59
C VAL L 167 -19.14 -53.85 -3.90
N GLU L 168 -18.29 -54.80 -4.31
CA GLU L 168 -18.51 -55.48 -5.58
C GLU L 168 -19.84 -56.22 -5.63
N SER L 169 -20.24 -56.86 -4.52
CA SER L 169 -21.52 -57.59 -4.52
C SER L 169 -22.67 -56.63 -4.75
N THR L 170 -22.66 -55.50 -4.05
CA THR L 170 -23.74 -54.53 -4.22
C THR L 170 -23.73 -53.96 -5.63
N LEU L 171 -22.54 -53.72 -6.19
CA LEU L 171 -22.46 -53.17 -7.54
C LEU L 171 -22.94 -54.19 -8.57
N ARG L 172 -22.49 -55.44 -8.46
CA ARG L 172 -22.97 -56.48 -9.37
C ARG L 172 -24.48 -56.62 -9.31
N ASP L 173 -25.04 -56.67 -8.09
CA ASP L 173 -26.49 -56.81 -7.99
C ASP L 173 -27.20 -55.57 -8.52
N GLY L 174 -26.63 -54.39 -8.29
CA GLY L 174 -27.17 -53.19 -8.91
C GLY L 174 -27.22 -53.31 -10.42
N PHE L 175 -26.16 -53.85 -11.02
CA PHE L 175 -26.15 -54.09 -12.46
C PHE L 175 -27.32 -54.98 -12.87
N PHE L 176 -27.57 -56.05 -12.09
CA PHE L 176 -28.69 -56.93 -12.41
C PHE L 176 -30.04 -56.28 -12.20
N LEU L 177 -30.12 -55.23 -11.38
CA LEU L 177 -31.31 -54.41 -11.22
C LEU L 177 -31.30 -53.18 -12.12
N GLU L 178 -30.42 -53.17 -13.13
CA GLU L 178 -30.35 -52.14 -14.17
C GLU L 178 -29.85 -50.80 -13.68
N TYR L 179 -29.06 -50.78 -12.61
CA TYR L 179 -28.38 -49.57 -12.17
C TYR L 179 -27.01 -49.48 -12.83
N PHE L 180 -26.61 -48.26 -13.17
CA PHE L 180 -25.27 -47.96 -13.66
C PHE L 180 -24.40 -47.67 -12.45
N GLY L 181 -23.39 -48.51 -12.21
CA GLY L 181 -22.57 -48.44 -11.01
C GLY L 181 -21.15 -48.02 -11.32
N VAL L 182 -20.64 -47.04 -10.57
CA VAL L 182 -19.27 -46.58 -10.67
C VAL L 182 -18.60 -46.80 -9.32
N VAL L 183 -17.35 -47.22 -9.34
CA VAL L 183 -16.58 -47.32 -8.11
C VAL L 183 -15.46 -46.30 -8.14
N LEU L 184 -15.24 -45.62 -7.02
CA LEU L 184 -14.14 -44.66 -6.90
C LEU L 184 -12.99 -45.43 -6.26
N GLU L 185 -12.01 -45.81 -7.08
CA GLU L 185 -11.06 -46.84 -6.66
C GLU L 185 -10.22 -46.40 -5.46
N ASP L 186 -9.87 -45.12 -5.38
CA ASP L 186 -9.04 -44.63 -4.29
C ASP L 186 -9.84 -44.35 -3.03
N ALA L 187 -11.14 -44.63 -3.05
CA ALA L 187 -12.02 -44.57 -1.88
C ALA L 187 -12.52 -45.96 -1.50
N THR L 188 -11.76 -47.01 -1.84
CA THR L 188 -12.11 -48.37 -1.49
C THR L 188 -10.89 -49.10 -0.98
N HIS L 189 -11.13 -50.23 -0.32
CA HIS L 189 -10.03 -51.09 0.10
C HIS L 189 -10.57 -52.51 0.16
N GLN L 190 -9.73 -53.46 -0.24
CA GLN L 190 -10.11 -54.86 -0.37
C GLN L 190 -9.95 -55.59 0.96
N ALA L 191 -10.60 -56.76 1.06
CA ALA L 191 -10.36 -57.71 2.14
C ALA L 191 -9.62 -58.89 1.53
N GLY L 192 -8.33 -59.00 1.82
CA GLY L 192 -7.51 -60.02 1.22
C GLY L 192 -6.25 -59.42 0.65
N PRO L 193 -5.47 -60.23 -0.07
CA PRO L 193 -4.25 -59.73 -0.71
C PRO L 193 -4.55 -58.62 -1.71
N LYS L 194 -3.50 -57.87 -2.06
CA LYS L 194 -3.66 -56.74 -2.97
C LYS L 194 -4.27 -57.16 -4.30
N PHE L 195 -4.00 -58.39 -4.76
CA PHE L 195 -4.59 -58.83 -6.02
C PHE L 195 -6.12 -58.83 -5.99
N ALA L 196 -6.72 -58.90 -4.80
CA ALA L 196 -8.18 -58.86 -4.72
C ALA L 196 -8.71 -57.46 -5.03
N GLN L 197 -7.92 -56.42 -4.77
CA GLN L 197 -8.32 -55.09 -5.18
C GLN L 197 -8.26 -54.97 -6.69
N LYS L 198 -7.12 -55.36 -7.28
CA LYS L 198 -6.97 -55.31 -8.72
C LYS L 198 -8.03 -56.13 -9.43
N ALA L 199 -8.33 -57.32 -8.92
CA ALA L 199 -9.30 -58.17 -9.61
C ALA L 199 -10.72 -57.63 -9.49
N ALA L 200 -11.09 -57.05 -8.34
CA ALA L 200 -12.42 -56.46 -8.22
C ALA L 200 -12.59 -55.31 -9.19
N LEU L 201 -11.59 -54.44 -9.27
CA LEU L 201 -11.66 -53.34 -10.21
C LEU L 201 -11.67 -53.85 -11.65
N PHE L 202 -10.90 -54.91 -11.92
CA PHE L 202 -10.92 -55.50 -13.26
C PHE L 202 -12.31 -56.02 -13.61
N ASN L 203 -12.93 -56.75 -12.69
CA ASN L 203 -14.25 -57.30 -12.97
C ASN L 203 -15.28 -56.20 -13.15
N ILE L 204 -15.20 -55.15 -12.32
CA ILE L 204 -16.14 -54.04 -12.45
C ILE L 204 -15.96 -53.34 -13.79
N GLU L 205 -14.72 -52.95 -14.11
CA GLU L 205 -14.46 -52.22 -15.34
C GLU L 205 -14.80 -53.05 -16.57
N THR L 206 -14.51 -54.35 -16.54
CA THR L 206 -14.66 -55.15 -17.74
C THR L 206 -16.09 -55.64 -17.95
N PHE L 207 -16.84 -55.88 -16.87
CA PHE L 207 -18.11 -56.59 -17.00
C PHE L 207 -19.34 -55.90 -16.43
N PHE L 208 -19.19 -55.11 -15.36
CA PHE L 208 -20.34 -54.72 -14.55
C PHE L 208 -20.56 -53.22 -14.43
N GLY L 209 -19.53 -52.41 -14.55
CA GLY L 209 -19.72 -51.00 -14.31
C GLY L 209 -18.51 -50.19 -14.71
N TRP L 210 -18.22 -49.16 -13.95
CA TRP L 210 -17.19 -48.19 -14.33
C TRP L 210 -16.29 -47.92 -13.13
N VAL L 211 -15.05 -47.53 -13.42
CA VAL L 211 -14.09 -47.18 -12.39
C VAL L 211 -13.62 -45.75 -12.62
N SER L 212 -13.68 -44.94 -11.58
CA SER L 212 -13.16 -43.58 -11.61
C SER L 212 -12.42 -43.35 -10.29
N ASP L 213 -12.20 -42.10 -9.94
CA ASP L 213 -11.50 -41.78 -8.70
C ASP L 213 -12.10 -40.53 -8.09
N VAL L 214 -11.70 -40.22 -6.85
CA VAL L 214 -12.36 -39.15 -6.09
C VAL L 214 -12.13 -37.79 -6.76
N GLU L 215 -10.89 -37.52 -7.17
CA GLU L 215 -10.61 -36.22 -7.78
C GLU L 215 -11.42 -36.03 -9.07
N THR L 216 -11.52 -37.08 -9.89
CA THR L 216 -12.30 -36.95 -11.12
C THR L 216 -13.77 -36.75 -10.82
N PHE L 217 -14.28 -37.50 -9.83
CA PHE L 217 -15.66 -37.36 -9.38
C PHE L 217 -15.93 -35.94 -8.90
N CYS L 218 -15.05 -35.42 -8.03
CA CYS L 218 -15.26 -34.07 -7.50
C CYS L 218 -15.21 -33.03 -8.61
N ASP L 219 -14.32 -33.20 -9.59
CA ASP L 219 -14.25 -32.24 -10.68
C ASP L 219 -15.50 -32.31 -11.55
N ALA L 220 -16.02 -33.51 -11.79
CA ALA L 220 -17.23 -33.66 -12.58
C ALA L 220 -18.40 -32.93 -11.94
N LEU L 221 -18.45 -32.90 -10.60
CA LEU L 221 -19.56 -32.29 -9.89
C LEU L 221 -19.40 -30.79 -9.69
N SER L 222 -18.19 -30.26 -9.89
CA SER L 222 -17.96 -28.84 -9.64
C SER L 222 -18.87 -27.88 -10.39
N PRO L 223 -19.22 -28.11 -11.66
CA PRO L 223 -20.08 -27.12 -12.35
C PRO L 223 -21.47 -27.00 -11.75
N THR L 224 -22.02 -28.07 -11.19
CA THR L 224 -23.38 -28.05 -10.66
C THR L 224 -23.39 -27.98 -9.14
N THR M 2 17.22 -52.67 -4.61
CA THR M 2 15.88 -52.44 -4.09
C THR M 2 14.89 -52.34 -5.24
N THR M 3 13.80 -53.10 -5.15
CA THR M 3 12.71 -52.99 -6.12
C THR M 3 11.61 -52.13 -5.51
N LEU M 4 11.17 -51.12 -6.26
CA LEU M 4 10.18 -50.16 -5.80
C LEU M 4 8.97 -50.24 -6.71
N THR M 5 7.80 -50.55 -6.13
CA THR M 5 6.57 -50.49 -6.91
C THR M 5 6.31 -49.06 -7.35
N ALA M 6 6.04 -48.88 -8.64
CA ALA M 6 5.84 -47.54 -9.18
C ALA M 6 4.95 -47.64 -10.41
N ARG M 7 4.47 -46.48 -10.85
CA ARG M 7 3.81 -46.32 -12.12
C ARG M 7 4.82 -45.80 -13.14
N PRO M 8 4.81 -46.32 -14.38
CA PRO M 8 3.88 -47.31 -14.92
C PRO M 8 4.25 -48.74 -14.57
N GLU M 9 5.44 -48.96 -14.01
CA GLU M 9 5.84 -50.29 -13.59
C GLU M 9 6.95 -50.15 -12.55
N ALA M 10 7.17 -51.24 -11.82
CA ALA M 10 8.16 -51.23 -10.75
C ALA M 10 9.56 -51.07 -11.32
N ILE M 11 10.45 -50.50 -10.51
CA ILE M 11 11.83 -50.26 -10.93
C ILE M 11 12.79 -50.62 -9.82
N THR M 12 14.03 -50.93 -10.22
CA THR M 12 15.08 -51.31 -9.31
C THR M 12 16.10 -50.17 -9.22
N PHE M 13 16.57 -49.92 -8.00
CA PHE M 13 17.67 -48.99 -7.79
C PHE M 13 18.46 -49.44 -6.58
N ASP M 14 19.75 -49.10 -6.58
CA ASP M 14 20.60 -49.31 -5.42
C ASP M 14 20.56 -48.05 -4.58
N PRO M 15 20.05 -48.09 -3.35
CA PRO M 15 19.99 -46.86 -2.53
C PRO M 15 21.33 -46.16 -2.38
N GLN M 16 22.42 -46.91 -2.28
CA GLN M 16 23.74 -46.31 -2.14
C GLN M 16 24.27 -45.72 -3.45
N GLN M 17 23.57 -45.95 -4.56
CA GLN M 17 23.86 -45.28 -5.82
C GLN M 17 22.71 -44.37 -6.24
N SER M 18 21.98 -43.82 -5.27
CA SER M 18 20.79 -43.03 -5.53
C SER M 18 20.82 -41.78 -4.67
N ALA M 19 20.00 -40.81 -5.04
CA ALA M 19 19.88 -39.57 -4.28
C ALA M 19 18.41 -39.23 -4.11
N LEU M 20 18.06 -38.77 -2.91
CA LEU M 20 16.78 -38.14 -2.68
C LEU M 20 16.97 -36.64 -2.80
N ILE M 21 16.17 -36.00 -3.66
CA ILE M 21 16.27 -34.57 -3.88
C ILE M 21 15.03 -33.92 -3.29
N VAL M 22 15.24 -32.96 -2.39
CA VAL M 22 14.17 -32.18 -1.79
C VAL M 22 14.17 -30.83 -2.49
N VAL M 23 13.20 -30.61 -3.36
CA VAL M 23 13.17 -29.41 -4.21
C VAL M 23 12.47 -28.28 -3.47
N ASP M 24 13.24 -27.24 -3.15
CA ASP M 24 12.71 -25.90 -2.81
C ASP M 24 11.71 -25.92 -1.67
N GLN M 26 11.21 -24.28 0.84
CA GLN M 26 11.41 -23.00 1.50
C GLN M 26 10.06 -22.38 1.86
N ASN M 27 10.11 -21.40 2.76
CA ASN M 27 8.89 -20.70 3.14
C ASN M 27 8.20 -20.08 1.94
N ALA M 28 8.98 -19.68 0.93
CA ALA M 28 8.43 -19.12 -0.30
C ALA M 28 7.41 -20.07 -0.94
N TYR M 29 7.69 -21.38 -0.91
CA TYR M 29 6.90 -22.33 -1.66
C TYR M 29 5.94 -23.15 -0.80
N ALA M 30 6.09 -23.11 0.53
CA ALA M 30 5.32 -23.98 1.40
C ALA M 30 4.63 -23.32 2.56
N THR M 31 4.98 -22.09 2.88
CA THR M 31 4.51 -21.56 4.14
C THR M 31 3.56 -20.41 3.87
N PRO M 32 2.46 -20.31 4.61
CA PRO M 32 1.58 -19.15 4.47
C PRO M 32 2.37 -17.86 4.64
N GLY M 33 2.04 -16.86 3.82
CA GLY M 33 2.77 -15.62 3.81
C GLY M 33 4.05 -15.64 2.99
N GLY M 34 4.40 -16.79 2.41
CA GLY M 34 5.53 -16.88 1.51
C GLY M 34 5.17 -16.41 0.11
N TYR M 35 6.19 -16.42 -0.76
CA TYR M 35 6.04 -15.91 -2.11
C TYR M 35 4.82 -16.50 -2.82
N LEU M 36 4.73 -17.83 -2.89
CA LEU M 36 3.63 -18.45 -3.63
C LEU M 36 2.28 -18.00 -3.10
N ASP M 37 2.14 -17.93 -1.77
CA ASP M 37 0.90 -17.45 -1.17
C ASP M 37 0.64 -16.00 -1.56
N LEU M 38 1.66 -15.15 -1.48
CA LEU M 38 1.50 -13.74 -1.83
C LEU M 38 1.25 -13.56 -3.32
N ALA M 39 1.72 -14.49 -4.16
CA ALA M 39 1.52 -14.41 -5.60
C ALA M 39 0.16 -14.90 -6.05
N GLY M 40 -0.64 -15.47 -5.15
CA GLY M 40 -1.98 -15.92 -5.49
C GLY M 40 -2.13 -17.42 -5.68
N PHE M 41 -1.11 -18.21 -5.40
CA PHE M 41 -1.23 -19.66 -5.42
C PHE M 41 -1.72 -20.17 -4.08
N ASP M 42 -2.31 -21.36 -4.10
CA ASP M 42 -2.90 -21.97 -2.91
C ASP M 42 -1.84 -22.79 -2.17
N VAL M 43 -1.43 -22.30 -1.01
CA VAL M 43 -0.51 -23.02 -0.13
C VAL M 43 -1.25 -23.68 1.04
N SER M 44 -2.59 -23.67 1.01
CA SER M 44 -3.40 -24.21 2.09
C SER M 44 -2.99 -25.64 2.45
N THR M 45 -2.66 -26.44 1.44
CA THR M 45 -2.65 -27.89 1.57
C THR M 45 -1.25 -28.49 1.61
N THR M 46 -0.24 -27.71 2.01
CA THR M 46 1.13 -28.19 1.96
C THR M 46 1.63 -28.78 3.28
N ARG M 47 0.93 -28.55 4.39
CA ARG M 47 1.32 -29.18 5.66
C ARG M 47 1.54 -30.69 5.55
N PRO M 48 0.65 -31.48 4.92
CA PRO M 48 0.94 -32.91 4.78
C PRO M 48 2.16 -33.20 3.94
N VAL M 49 2.47 -32.35 2.95
CA VAL M 49 3.65 -32.55 2.12
C VAL M 49 4.91 -32.46 2.97
N ILE M 50 4.97 -31.48 3.87
CA ILE M 50 6.14 -31.31 4.73
C ILE M 50 6.37 -32.57 5.57
N ALA M 51 5.30 -33.07 6.19
CA ALA M 51 5.42 -34.26 7.02
C ALA M 51 5.88 -35.47 6.20
N ASN M 52 5.35 -35.61 4.99
CA ASN M 52 5.71 -36.75 4.16
C ASN M 52 7.17 -36.68 3.71
N ILE M 53 7.68 -35.47 3.50
CA ILE M 53 9.09 -35.32 3.15
C ILE M 53 9.98 -35.72 4.33
N GLN M 54 9.59 -35.34 5.55
CA GLN M 54 10.36 -35.77 6.72
C GLN M 54 10.43 -37.29 6.78
N THR M 55 9.32 -37.96 6.51
CA THR M 55 9.29 -39.42 6.53
C THR M 55 10.21 -39.99 5.45
N ALA M 56 10.13 -39.46 4.23
CA ALA M 56 10.96 -39.98 3.14
C ALA M 56 12.44 -39.70 3.38
N VAL M 57 12.76 -38.52 3.91
CA VAL M 57 14.17 -38.19 4.16
C VAL M 57 14.75 -39.09 5.23
N THR M 58 13.99 -39.35 6.30
CA THR M 58 14.46 -40.24 7.35
C THR M 58 14.79 -41.62 6.80
N ALA M 59 13.91 -42.16 5.95
CA ALA M 59 14.14 -43.48 5.38
C ALA M 59 15.31 -43.48 4.42
N ALA M 60 15.40 -42.48 3.55
CA ALA M 60 16.45 -42.44 2.55
C ALA M 60 17.82 -42.33 3.20
N ARG M 61 17.98 -41.41 4.16
CA ARG M 61 19.26 -41.28 4.84
C ARG M 61 19.64 -42.56 5.56
N ALA M 62 18.65 -43.23 6.17
CA ALA M 62 18.92 -44.49 6.86
C ALA M 62 19.32 -45.60 5.90
N ALA M 63 18.91 -45.51 4.64
CA ALA M 63 19.26 -46.51 3.63
C ALA M 63 20.54 -46.18 2.88
N GLY M 64 21.25 -45.12 3.25
CA GLY M 64 22.48 -44.74 2.60
C GLY M 64 22.34 -43.83 1.42
N LEU M 66 22.16 -40.37 -0.57
CA LEU M 66 22.53 -38.97 -0.45
C LEU M 66 21.27 -38.10 -0.50
N ILE M 67 21.19 -37.13 0.40
CA ILE M 67 20.07 -36.18 0.45
C ILE M 67 20.56 -34.85 -0.09
N ILE M 68 19.89 -34.33 -1.12
CA ILE M 68 20.20 -33.03 -1.69
C ILE M 68 19.01 -32.11 -1.48
N TRP M 69 19.25 -30.97 -0.84
CA TRP M 69 18.24 -29.94 -0.62
C TRP M 69 18.51 -28.79 -1.57
N PHE M 70 17.49 -28.36 -2.29
CA PHE M 70 17.62 -27.20 -3.16
C PHE M 70 17.00 -25.97 -2.50
N GLN M 71 17.63 -24.82 -2.71
CA GLN M 71 17.08 -23.53 -2.32
C GLN M 71 17.11 -22.65 -3.56
N ASN M 72 15.93 -22.29 -4.05
CA ASN M 72 15.82 -21.47 -5.23
C ASN M 72 15.81 -20.01 -4.80
N GLY M 73 16.52 -19.17 -5.53
CA GLY M 73 16.49 -17.75 -5.24
C GLY M 73 17.83 -17.09 -5.54
N TRP M 74 17.92 -15.83 -5.11
CA TRP M 74 18.92 -14.91 -5.63
C TRP M 74 19.42 -13.98 -4.54
N ASP M 75 20.45 -13.21 -4.89
CA ASP M 75 20.86 -12.10 -4.05
C ASP M 75 19.71 -11.12 -3.87
N GLU M 76 19.74 -10.37 -2.76
CA GLU M 76 18.67 -9.42 -2.46
C GLU M 76 18.49 -8.34 -3.52
N GLN M 77 19.52 -8.09 -4.33
CA GLN M 77 19.40 -7.13 -5.43
C GLN M 77 18.91 -7.78 -6.73
N TYR M 78 18.81 -9.11 -6.76
CA TYR M 78 18.26 -9.85 -7.89
C TYR M 78 19.10 -9.79 -9.16
N VAL M 79 20.38 -9.42 -9.02
CA VAL M 79 21.32 -9.53 -10.13
C VAL M 79 21.32 -10.94 -10.71
N GLU M 80 21.28 -11.95 -9.82
CA GLU M 80 21.35 -13.34 -10.25
C GLU M 80 20.06 -13.80 -10.92
N ALA M 81 18.96 -13.05 -10.76
CA ALA M 81 17.72 -13.39 -11.46
C ALA M 81 17.75 -13.00 -12.93
N GLY M 82 18.75 -12.26 -13.36
CA GLY M 82 18.80 -11.72 -14.70
C GLY M 82 18.06 -10.40 -14.82
N GLY M 83 18.58 -9.53 -15.67
CA GLY M 83 17.90 -8.29 -15.98
C GLY M 83 16.91 -8.50 -17.10
N PRO M 84 16.43 -7.40 -17.67
CA PRO M 84 15.41 -7.50 -18.73
C PRO M 84 15.87 -8.27 -19.96
N GLY M 85 17.17 -8.51 -20.11
CA GLY M 85 17.65 -9.35 -21.19
C GLY M 85 17.48 -10.84 -20.97
N SER M 86 16.94 -11.24 -19.80
CA SER M 86 16.72 -12.63 -19.49
C SER M 86 15.22 -12.91 -19.41
N PRO M 87 14.73 -13.99 -19.99
CA PRO M 87 13.31 -14.32 -19.84
C PRO M 87 12.90 -14.54 -18.39
N ASN M 88 13.83 -14.91 -17.51
CA ASN M 88 13.49 -15.11 -16.10
C ASN M 88 13.01 -13.82 -15.46
N PHE M 89 13.60 -12.69 -15.86
CA PHE M 89 13.17 -11.39 -15.35
C PHE M 89 11.70 -11.15 -15.68
N HIS M 90 11.27 -11.59 -16.86
CA HIS M 90 9.91 -11.36 -17.32
C HIS M 90 8.93 -12.44 -16.88
N LYS M 91 9.41 -13.63 -16.55
CA LYS M 91 8.53 -14.74 -16.18
C LYS M 91 8.37 -14.93 -14.69
N SER M 92 9.41 -14.64 -13.90
CA SER M 92 9.39 -14.96 -12.47
C SER M 92 8.20 -14.30 -11.79
N ASN M 93 7.32 -15.12 -11.22
CA ASN M 93 6.17 -14.56 -10.52
C ASN M 93 6.57 -13.84 -9.24
N ALA M 94 7.74 -14.17 -8.67
CA ALA M 94 8.21 -13.42 -7.51
C ALA M 94 8.62 -12.01 -7.90
N LEU M 95 9.36 -11.88 -9.01
CA LEU M 95 9.71 -10.56 -9.51
C LEU M 95 8.48 -9.78 -9.93
N LYS M 96 7.54 -10.46 -10.60
CA LYS M 96 6.27 -9.83 -10.94
C LYS M 96 5.57 -9.30 -9.69
N THR M 97 5.51 -10.13 -8.65
CA THR M 97 4.81 -9.74 -7.43
C THR M 97 5.46 -8.52 -6.78
N ARG M 99 7.29 -6.24 -8.26
CA ARG M 99 6.98 -5.07 -9.09
C ARG M 99 5.56 -4.57 -8.84
N LYS M 100 4.64 -5.47 -8.50
CA LYS M 100 3.28 -5.04 -8.16
C LYS M 100 3.21 -4.44 -6.77
N GLN M 101 3.98 -4.97 -5.82
CA GLN M 101 3.97 -4.55 -4.42
C GLN M 101 5.38 -4.17 -4.01
N PRO M 102 5.74 -2.88 -4.09
CA PRO M 102 7.11 -2.47 -3.74
C PRO M 102 7.48 -2.73 -2.29
N GLN M 103 6.50 -2.83 -1.40
CA GLN M 103 6.80 -3.16 -0.01
C GLN M 103 7.44 -4.53 0.13
N LEU M 104 7.26 -5.41 -0.85
CA LEU M 104 7.86 -6.74 -0.86
C LEU M 104 9.23 -6.75 -1.53
N GLN M 105 9.69 -5.63 -2.07
CA GLN M 105 10.94 -5.61 -2.81
C GLN M 105 12.11 -6.04 -1.93
N GLY M 106 12.88 -7.01 -2.43
CA GLY M 106 14.00 -7.55 -1.70
C GLY M 106 13.66 -8.62 -0.68
N LYS M 107 12.37 -8.96 -0.52
CA LYS M 107 11.95 -9.89 0.51
C LYS M 107 11.60 -11.28 0.01
N LEU M 108 11.36 -11.46 -1.28
CA LEU M 108 10.96 -12.74 -1.84
C LEU M 108 12.16 -13.42 -2.50
N LEU M 109 12.38 -14.69 -2.16
CA LEU M 109 13.42 -15.50 -2.80
C LEU M 109 14.78 -14.83 -2.74
N ALA M 110 15.05 -14.13 -1.64
CA ALA M 110 16.31 -13.42 -1.46
C ALA M 110 17.14 -14.12 -0.40
N LYS M 111 18.38 -14.46 -0.76
CA LYS M 111 19.30 -15.06 0.19
C LYS M 111 19.40 -14.18 1.43
N GLY M 112 19.22 -14.80 2.60
CA GLY M 112 19.21 -14.08 3.85
C GLY M 112 17.84 -13.69 4.36
N SER M 113 16.80 -13.90 3.57
CA SER M 113 15.44 -13.57 3.97
C SER M 113 14.72 -14.78 4.55
N TRP M 114 13.65 -14.51 5.30
CA TRP M 114 12.80 -15.59 5.80
C TRP M 114 12.20 -16.38 4.65
N ASP M 115 11.77 -15.67 3.60
CA ASP M 115 11.14 -16.34 2.46
C ASP M 115 12.05 -17.40 1.85
N TYR M 116 13.36 -17.13 1.83
CA TYR M 116 14.32 -18.01 1.19
C TYR M 116 14.70 -19.20 2.05
N GLN M 117 14.51 -19.11 3.37
CA GLN M 117 14.94 -20.17 4.26
C GLN M 117 14.13 -21.44 4.03
N LEU M 118 14.78 -22.59 4.24
CA LEU M 118 14.04 -23.83 4.33
C LEU M 118 13.04 -23.76 5.48
N VAL M 119 11.92 -24.46 5.33
CA VAL M 119 10.89 -24.44 6.36
C VAL M 119 11.46 -25.00 7.67
N ASP M 120 10.91 -24.52 8.78
CA ASP M 120 11.47 -24.87 10.09
C ASP M 120 11.51 -26.36 10.32
N GLU M 121 10.53 -27.11 9.78
CA GLU M 121 10.44 -28.54 10.06
C GLU M 121 11.50 -29.35 9.34
N LEU M 122 12.13 -28.80 8.31
CA LEU M 122 13.08 -29.54 7.48
C LEU M 122 14.49 -29.03 7.76
N VAL M 123 15.30 -29.84 8.41
CA VAL M 123 16.62 -29.43 8.87
C VAL M 123 17.69 -30.32 8.23
N PRO M 124 18.44 -29.82 7.25
CA PRO M 124 19.50 -30.62 6.65
C PRO M 124 20.51 -31.06 7.70
N GLN M 125 21.03 -32.26 7.50
CA GLN M 125 21.93 -32.89 8.46
C GLN M 125 23.33 -33.01 7.89
N PRO M 126 24.34 -33.13 8.74
CA PRO M 126 25.70 -33.40 8.26
C PRO M 126 25.71 -34.59 7.30
N GLY M 127 26.41 -34.41 6.18
CA GLY M 127 26.41 -35.37 5.12
C GLY M 127 25.50 -35.00 3.96
N ASP M 128 24.40 -34.30 4.24
CA ASP M 128 23.54 -33.82 3.18
C ASP M 128 24.25 -32.73 2.38
N ILE M 129 23.71 -32.45 1.21
CA ILE M 129 24.19 -31.35 0.37
C ILE M 129 23.05 -30.36 0.21
N VAL M 130 23.33 -29.08 0.45
CA VAL M 130 22.37 -28.01 0.22
C VAL M 130 22.86 -27.18 -0.95
N LEU M 131 22.06 -27.12 -2.01
CA LEU M 131 22.47 -26.50 -3.26
C LEU M 131 21.58 -25.30 -3.58
N PRO M 132 22.14 -24.11 -3.78
CA PRO M 132 21.36 -23.01 -4.33
C PRO M 132 21.16 -23.21 -5.83
N LYS M 133 20.05 -22.67 -6.34
CA LYS M 133 19.88 -22.65 -7.79
C LYS M 133 19.24 -21.35 -8.24
N PRO M 134 19.66 -20.81 -9.39
CA PRO M 134 19.12 -19.53 -9.83
C PRO M 134 17.94 -19.63 -10.80
N ARG M 135 17.61 -20.83 -11.27
CA ARG M 135 16.48 -21.03 -12.17
C ARG M 135 15.73 -22.28 -11.74
N TYR M 136 14.57 -22.52 -12.38
CA TYR M 136 13.69 -23.59 -11.92
C TYR M 136 14.40 -24.95 -11.89
N SER M 137 15.17 -25.26 -12.95
CA SER M 137 15.77 -26.58 -13.07
C SER M 137 17.07 -26.65 -12.31
N GLY M 138 17.20 -27.66 -11.44
CA GLY M 138 18.42 -27.83 -10.68
C GLY M 138 19.60 -28.29 -11.49
N PHE M 139 19.40 -28.64 -12.77
CA PHE M 139 20.47 -29.12 -13.64
C PHE M 139 21.04 -28.05 -14.54
N PHE M 140 20.53 -26.82 -14.49
CA PHE M 140 21.11 -25.72 -15.23
C PHE M 140 21.81 -24.78 -14.27
N ASN M 141 23.03 -24.38 -14.65
CA ASN M 141 23.79 -23.36 -13.94
C ASN M 141 24.30 -23.82 -12.56
N THR M 142 24.29 -25.11 -12.30
CA THR M 142 24.67 -25.65 -10.99
C THR M 142 25.66 -26.79 -11.14
N PRO M 143 26.26 -27.23 -10.03
CA PRO M 143 27.09 -28.44 -10.06
C PRO M 143 26.32 -29.73 -9.77
N LEU M 144 25.00 -29.75 -9.91
CA LEU M 144 24.23 -30.94 -9.56
C LEU M 144 24.70 -32.16 -10.34
N ASP M 145 24.82 -32.02 -11.67
CA ASP M 145 25.23 -33.15 -12.49
C ASP M 145 26.60 -33.66 -12.05
N SER M 146 27.55 -32.75 -11.86
CA SER M 146 28.89 -33.13 -11.40
C SER M 146 28.85 -33.84 -10.06
N ILE M 147 28.02 -33.35 -9.13
CA ILE M 147 27.91 -33.96 -7.80
C ILE M 147 27.43 -35.40 -7.92
N LEU M 148 26.39 -35.63 -8.74
CA LEU M 148 25.83 -36.97 -8.88
C LEU M 148 26.80 -37.89 -9.61
N ARG M 149 27.38 -37.43 -10.71
CA ARG M 149 28.33 -38.26 -11.45
C ARG M 149 29.53 -38.65 -10.59
N SER M 150 30.02 -37.72 -9.77
CA SER M 150 31.18 -38.00 -8.94
C SER M 150 30.92 -39.12 -7.95
N ARG M 151 29.66 -39.44 -7.68
CA ARG M 151 29.31 -40.53 -6.77
C ARG M 151 28.70 -41.71 -7.51
N GLY M 152 28.70 -41.69 -8.85
CA GLY M 152 28.11 -42.78 -9.60
C GLY M 152 26.61 -42.91 -9.43
N ILE M 153 25.93 -41.83 -9.09
CA ILE M 153 24.49 -41.87 -8.85
C ILE M 153 23.77 -41.80 -10.19
N ARG M 154 22.81 -42.70 -10.39
CA ARG M 154 22.00 -42.70 -11.60
C ARG M 154 20.51 -42.67 -11.32
N HIS M 155 20.08 -42.81 -10.08
CA HIS M 155 18.67 -42.81 -9.73
C HIS M 155 18.38 -41.66 -8.79
N LEU M 156 17.34 -40.88 -9.12
CA LEU M 156 16.97 -39.70 -8.36
C LEU M 156 15.53 -39.85 -7.91
N VAL M 157 15.28 -39.66 -6.62
CA VAL M 157 13.95 -39.68 -6.05
C VAL M 157 13.58 -38.25 -5.70
N PHE M 158 12.52 -37.75 -6.32
CA PHE M 158 12.18 -36.34 -6.25
C PHE M 158 11.05 -36.10 -5.27
N THR M 159 11.21 -35.05 -4.46
CA THR M 159 10.16 -34.52 -3.61
C THR M 159 10.20 -33.00 -3.71
N GLY M 160 9.12 -32.35 -3.27
CA GLY M 160 9.13 -30.90 -3.14
C GLY M 160 8.13 -30.14 -3.97
N ILE M 161 8.38 -28.85 -4.18
CA ILE M 161 7.44 -27.92 -4.80
C ILE M 161 8.25 -27.04 -5.75
N ALA M 162 7.68 -26.73 -6.92
CA ALA M 162 6.38 -27.19 -7.37
C ALA M 162 6.51 -28.37 -8.30
N THR M 163 5.56 -29.31 -8.18
CA THR M 163 5.58 -30.53 -8.99
C THR M 163 5.77 -30.21 -10.46
N ASN M 164 5.02 -29.23 -10.96
CA ASN M 164 4.97 -28.93 -12.38
C ASN M 164 6.06 -27.99 -12.85
N VAL M 165 6.82 -27.40 -11.93
CA VAL M 165 7.80 -26.39 -12.32
C VAL M 165 9.20 -26.89 -11.96
N CYS M 166 9.65 -26.60 -10.74
CA CYS M 166 11.01 -26.93 -10.37
C CYS M 166 11.21 -28.44 -10.28
N VAL M 167 10.24 -29.16 -9.72
CA VAL M 167 10.37 -30.63 -9.64
C VAL M 167 10.41 -31.23 -11.04
N GLU M 168 9.37 -30.96 -11.84
CA GLU M 168 9.28 -31.60 -13.16
C GLU M 168 10.43 -31.18 -14.06
N SER M 169 10.84 -29.90 -14.00
CA SER M 169 11.94 -29.44 -14.85
C SER M 169 13.22 -30.16 -14.51
N THR M 170 13.52 -30.30 -13.22
CA THR M 170 14.73 -31.02 -12.83
C THR M 170 14.65 -32.48 -13.24
N LEU M 171 13.49 -33.11 -13.08
CA LEU M 171 13.34 -34.51 -13.51
C LEU M 171 13.49 -34.66 -15.02
N ARG M 172 12.84 -33.78 -15.79
CA ARG M 172 12.94 -33.85 -17.24
C ARG M 172 14.39 -33.68 -17.69
N ASP M 173 15.07 -32.68 -17.16
CA ASP M 173 16.48 -32.47 -17.51
C ASP M 173 17.34 -33.64 -17.04
N GLY M 174 17.02 -34.22 -15.88
CA GLY M 174 17.73 -35.42 -15.46
C GLY M 174 17.60 -36.55 -16.47
N PHE M 175 16.38 -36.73 -16.99
CA PHE M 175 16.16 -37.72 -18.05
C PHE M 175 17.08 -37.47 -19.23
N PHE M 176 17.19 -36.21 -19.68
CA PHE M 176 18.06 -35.89 -20.81
C PHE M 176 19.54 -36.07 -20.46
N LEU M 177 19.87 -36.11 -19.16
CA LEU M 177 21.22 -36.41 -18.72
C LEU M 177 21.37 -37.86 -18.29
N GLU M 178 20.42 -38.71 -18.69
CA GLU M 178 20.46 -40.16 -18.51
C GLU M 178 20.27 -40.60 -17.05
N TYR M 179 19.54 -39.81 -16.26
CA TYR M 179 19.18 -40.18 -14.91
C TYR M 179 17.79 -40.80 -14.89
N PHE M 180 17.62 -41.81 -14.04
CA PHE M 180 16.33 -42.43 -13.80
C PHE M 180 15.65 -41.69 -12.65
N GLY M 181 14.52 -41.05 -12.94
CA GLY M 181 13.85 -40.19 -11.98
C GLY M 181 12.52 -40.78 -11.50
N VAL M 182 12.35 -40.81 -10.19
CA VAL M 182 11.11 -41.24 -9.56
C VAL M 182 10.60 -40.08 -8.72
N VAL M 183 9.31 -39.80 -8.81
CA VAL M 183 8.70 -38.75 -8.00
C VAL M 183 7.77 -39.42 -6.99
N LEU M 184 7.85 -38.98 -5.73
CA LEU M 184 6.96 -39.45 -4.67
C LEU M 184 5.78 -38.49 -4.63
N GLU M 185 4.63 -38.93 -5.18
CA GLU M 185 3.57 -37.98 -5.49
C GLU M 185 3.02 -37.30 -4.24
N ASP M 186 2.91 -38.03 -3.13
CA ASP M 186 2.37 -37.40 -1.91
C ASP M 186 3.42 -36.59 -1.16
N ALA M 187 4.64 -36.50 -1.68
CA ALA M 187 5.66 -35.60 -1.16
C ALA M 187 5.90 -34.42 -2.09
N THR M 188 4.91 -34.06 -2.90
CA THR M 188 5.01 -32.94 -3.83
C THR M 188 3.73 -32.13 -3.79
N HIS M 189 3.81 -30.90 -4.29
CA HIS M 189 2.63 -30.05 -4.44
C HIS M 189 2.84 -29.11 -5.61
N GLN M 190 1.77 -28.87 -6.36
CA GLN M 190 1.86 -28.11 -7.60
C GLN M 190 1.78 -26.61 -7.32
N ALA M 191 2.16 -25.82 -8.32
CA ALA M 191 1.88 -24.38 -8.36
C ALA M 191 0.84 -24.16 -9.45
N GLY M 192 -0.39 -23.90 -9.03
CA GLY M 192 -1.51 -23.75 -9.94
C GLY M 192 -2.68 -24.61 -9.50
N PRO M 193 -3.69 -24.72 -10.35
CA PRO M 193 -4.83 -25.58 -10.02
C PRO M 193 -4.42 -27.04 -9.93
N LYS M 194 -5.35 -27.85 -9.41
CA LYS M 194 -5.03 -29.26 -9.18
C LYS M 194 -4.69 -29.98 -10.48
N PHE M 195 -5.23 -29.52 -11.61
CA PHE M 195 -4.91 -30.18 -12.87
C PHE M 195 -3.41 -30.12 -13.17
N ALA M 196 -2.72 -29.11 -12.64
CA ALA M 196 -1.28 -29.02 -12.84
C ALA M 196 -0.54 -30.12 -12.09
N GLN M 197 -1.06 -30.58 -10.95
CA GLN M 197 -0.47 -31.73 -10.29
C GLN M 197 -0.71 -33.00 -11.10
N LYS M 198 -1.95 -33.23 -11.51
CA LYS M 198 -2.29 -34.41 -12.29
C LYS M 198 -1.45 -34.49 -13.56
N ALA M 199 -1.34 -33.36 -14.28
CA ALA M 199 -0.65 -33.40 -15.57
C ALA M 199 0.86 -33.59 -15.40
N ALA M 200 1.44 -33.02 -14.35
CA ALA M 200 2.86 -33.25 -14.09
C ALA M 200 3.12 -34.74 -13.86
N LEU M 201 2.31 -35.36 -13.00
CA LEU M 201 2.47 -36.79 -12.74
C LEU M 201 2.22 -37.62 -13.99
N PHE M 202 1.23 -37.23 -14.81
CA PHE M 202 0.97 -37.95 -16.04
C PHE M 202 2.16 -37.85 -16.99
N ASN M 203 2.74 -36.66 -17.12
CA ASN M 203 3.87 -36.49 -18.02
C ASN M 203 5.09 -37.25 -17.53
N ILE M 204 5.31 -37.25 -16.21
CA ILE M 204 6.44 -38.01 -15.66
C ILE M 204 6.23 -39.51 -15.89
N GLU M 205 5.07 -40.02 -15.46
CA GLU M 205 4.80 -41.44 -15.60
C GLU M 205 4.85 -41.89 -17.06
N THR M 206 4.34 -41.06 -17.97
CA THR M 206 4.18 -41.52 -19.35
C THR M 206 5.44 -41.35 -20.18
N PHE M 207 6.26 -40.34 -19.89
CA PHE M 207 7.34 -39.99 -20.81
C PHE M 207 8.73 -39.93 -20.20
N PHE M 208 8.84 -39.60 -18.92
CA PHE M 208 10.12 -39.18 -18.36
C PHE M 208 10.66 -40.03 -17.22
N GLY M 209 9.79 -40.63 -16.41
CA GLY M 209 10.28 -41.34 -15.25
C GLY M 209 9.20 -42.18 -14.60
N TRP M 210 9.21 -42.24 -13.27
CA TRP M 210 8.32 -43.12 -12.52
C TRP M 210 7.68 -42.35 -11.39
N VAL M 211 6.49 -42.79 -10.98
CA VAL M 211 5.77 -42.19 -9.86
C VAL M 211 5.53 -43.27 -8.80
N SER M 212 5.90 -42.95 -7.57
CA SER M 212 5.60 -43.82 -6.42
C SER M 212 5.08 -42.92 -5.31
N ASP M 213 5.12 -43.42 -4.08
CA ASP M 213 4.68 -42.64 -2.93
C ASP M 213 5.57 -42.93 -1.73
N VAL M 214 5.40 -42.15 -0.67
CA VAL M 214 6.31 -42.21 0.46
C VAL M 214 6.22 -43.56 1.18
N GLU M 215 5.01 -44.07 1.40
CA GLU M 215 4.87 -45.35 2.11
C GLU M 215 5.55 -46.47 1.36
N THR M 216 5.29 -46.59 0.05
CA THR M 216 5.93 -47.62 -0.77
C THR M 216 7.43 -47.46 -0.76
N PHE M 217 7.91 -46.22 -0.90
CA PHE M 217 9.34 -45.92 -0.87
C PHE M 217 9.97 -46.38 0.44
N CYS M 218 9.39 -45.95 1.56
CA CYS M 218 9.94 -46.31 2.87
C CYS M 218 9.89 -47.82 3.09
N ASP M 219 8.78 -48.45 2.71
CA ASP M 219 8.68 -49.90 2.84
C ASP M 219 9.69 -50.63 1.97
N ALA M 220 10.01 -50.06 0.80
CA ALA M 220 11.00 -50.69 -0.07
C ALA M 220 12.40 -50.62 0.52
N LEU M 221 12.72 -49.55 1.24
CA LEU M 221 14.07 -49.36 1.77
C LEU M 221 14.31 -50.09 3.09
N SER M 222 13.28 -50.71 3.66
CA SER M 222 13.43 -51.38 4.96
C SER M 222 14.65 -52.29 5.05
N PRO M 223 14.98 -53.14 4.07
CA PRO M 223 16.24 -53.89 4.19
C PRO M 223 17.43 -53.06 3.71
N THR N 2 -48.90 -33.26 -10.18
CA THR N 2 -50.22 -33.00 -9.61
C THR N 2 -51.24 -32.85 -10.73
N THR N 3 -52.40 -33.48 -10.58
CA THR N 3 -53.47 -33.38 -11.56
C THR N 3 -54.58 -32.52 -10.98
N LEU N 4 -55.01 -31.52 -11.75
CA LEU N 4 -55.99 -30.55 -11.29
C LEU N 4 -57.23 -30.62 -12.17
N THR N 5 -58.37 -30.97 -11.56
CA THR N 5 -59.64 -30.89 -12.25
C THR N 5 -59.90 -29.45 -12.68
N ALA N 6 -60.21 -29.28 -13.96
CA ALA N 6 -60.39 -27.94 -14.49
C ALA N 6 -61.22 -28.05 -15.76
N ARG N 7 -61.75 -26.91 -16.20
CA ARG N 7 -62.37 -26.77 -17.50
C ARG N 7 -61.36 -26.20 -18.48
N PRO N 8 -61.33 -26.68 -19.73
CA PRO N 8 -62.29 -27.65 -20.29
C PRO N 8 -61.94 -29.11 -20.00
N GLU N 9 -60.73 -29.35 -19.48
CA GLU N 9 -60.34 -30.68 -19.05
C GLU N 9 -59.27 -30.53 -17.98
N ALA N 10 -59.04 -31.64 -17.26
CA ALA N 10 -58.04 -31.62 -16.20
C ALA N 10 -56.65 -31.43 -16.79
N ILE N 11 -55.74 -30.89 -15.98
CA ILE N 11 -54.39 -30.66 -16.43
C ILE N 11 -53.41 -31.11 -15.36
N THR N 12 -52.16 -31.29 -15.77
CA THR N 12 -51.10 -31.72 -14.89
C THR N 12 -50.11 -30.58 -14.71
N PHE N 13 -49.65 -30.39 -13.48
CA PHE N 13 -48.55 -29.45 -13.23
C PHE N 13 -47.76 -29.90 -12.01
N ASP N 14 -46.50 -29.46 -11.97
CA ASP N 14 -45.65 -29.66 -10.81
C ASP N 14 -45.68 -28.39 -9.99
N PRO N 15 -46.20 -28.42 -8.76
CA PRO N 15 -46.23 -27.17 -7.97
C PRO N 15 -44.87 -26.51 -7.82
N GLN N 16 -43.78 -27.28 -7.78
CA GLN N 16 -42.46 -26.67 -7.63
C GLN N 16 -41.98 -26.00 -8.91
N GLN N 17 -42.60 -26.27 -10.05
CA GLN N 17 -42.37 -25.54 -11.28
C GLN N 17 -43.57 -24.67 -11.67
N SER N 18 -44.30 -24.16 -10.68
CA SER N 18 -45.49 -23.36 -10.92
C SER N 18 -45.47 -22.14 -10.02
N ALA N 19 -46.32 -21.17 -10.35
CA ALA N 19 -46.43 -19.96 -9.57
C ALA N 19 -47.88 -19.59 -9.42
N LEU N 20 -48.24 -19.09 -8.24
CA LEU N 20 -49.54 -18.50 -8.01
C LEU N 20 -49.38 -16.99 -8.08
N ILE N 21 -50.16 -16.36 -8.94
CA ILE N 21 -50.08 -14.92 -9.18
C ILE N 21 -51.31 -14.27 -8.58
N VAL N 22 -51.09 -13.32 -7.68
CA VAL N 22 -52.17 -12.57 -7.07
C VAL N 22 -52.17 -11.21 -7.76
N VAL N 23 -53.13 -11.01 -8.65
CA VAL N 23 -53.17 -9.81 -9.48
C VAL N 23 -53.87 -8.67 -8.72
N ASP N 24 -53.09 -7.66 -8.36
CA ASP N 24 -53.61 -6.32 -8.04
C ASP N 24 -54.62 -6.32 -6.89
N GLN N 26 -55.16 -4.72 -4.35
CA GLN N 26 -54.93 -3.45 -3.70
C GLN N 26 -56.27 -2.83 -3.33
N ASN N 27 -56.23 -1.88 -2.39
CA ASN N 27 -57.46 -1.19 -2.02
C ASN N 27 -58.14 -0.59 -3.24
N ALA N 28 -57.34 -0.13 -4.21
CA ALA N 28 -57.87 0.41 -5.45
C ALA N 28 -58.89 -0.53 -6.10
N TYR N 29 -58.63 -1.83 -6.08
CA TYR N 29 -59.43 -2.78 -6.84
C TYR N 29 -60.38 -3.60 -5.98
N ALA N 30 -60.20 -3.61 -4.67
CA ALA N 30 -60.96 -4.52 -3.84
C ALA N 30 -61.66 -3.87 -2.65
N THR N 31 -61.37 -2.61 -2.34
CA THR N 31 -61.86 -2.05 -1.11
C THR N 31 -62.78 -0.87 -1.37
N PRO N 32 -63.91 -0.78 -0.66
CA PRO N 32 -64.76 0.42 -0.77
C PRO N 32 -63.95 1.68 -0.53
N GLY N 33 -64.23 2.70 -1.34
CA GLY N 33 -63.47 3.93 -1.31
C GLY N 33 -62.25 3.95 -2.21
N GLY N 34 -61.88 2.79 -2.77
CA GLY N 34 -60.77 2.71 -3.68
C GLY N 34 -61.16 3.18 -5.08
N TYR N 35 -60.15 3.23 -5.94
CA TYR N 35 -60.30 3.65 -7.33
C TYR N 35 -61.54 3.07 -8.02
N LEU N 36 -61.66 1.75 -8.06
CA LEU N 36 -62.76 1.14 -8.82
C LEU N 36 -64.11 1.60 -8.30
N ASP N 37 -64.26 1.64 -6.97
CA ASP N 37 -65.50 2.14 -6.37
C ASP N 37 -65.76 3.58 -6.78
N LEU N 38 -64.73 4.43 -6.70
CA LEU N 38 -64.92 5.85 -7.00
C LEU N 38 -65.20 6.07 -8.49
N ALA N 39 -64.71 5.18 -9.33
CA ALA N 39 -64.91 5.25 -10.77
C ALA N 39 -66.26 4.69 -11.21
N GLY N 40 -67.07 4.20 -10.29
CA GLY N 40 -68.40 3.74 -10.61
C GLY N 40 -68.54 2.25 -10.86
N PHE N 41 -67.50 1.46 -10.57
CA PHE N 41 -67.64 0.01 -10.62
C PHE N 41 -68.16 -0.51 -9.28
N ASP N 42 -68.75 -1.70 -9.31
CA ASP N 42 -69.33 -2.32 -8.12
C ASP N 42 -68.25 -3.14 -7.41
N VAL N 43 -67.87 -2.70 -6.21
CA VAL N 43 -66.90 -3.39 -5.37
C VAL N 43 -67.54 -4.05 -4.15
N SER N 44 -68.87 -3.94 -3.99
CA SER N 44 -69.53 -4.38 -2.78
C SER N 44 -69.45 -5.90 -2.58
N THR N 45 -69.16 -6.67 -3.61
CA THR N 45 -69.20 -8.13 -3.54
C THR N 45 -67.82 -8.78 -3.58
N THR N 46 -66.75 -8.00 -3.39
CA THR N 46 -65.40 -8.55 -3.49
C THR N 46 -64.93 -9.25 -2.22
N ARG N 47 -65.62 -9.07 -1.10
CA ARG N 47 -65.18 -9.65 0.17
C ARG N 47 -64.87 -11.14 0.11
N PRO N 48 -65.72 -11.99 -0.48
CA PRO N 48 -65.36 -13.43 -0.55
C PRO N 48 -64.12 -13.71 -1.36
N VAL N 49 -63.78 -12.84 -2.31
CA VAL N 49 -62.59 -13.06 -3.12
C VAL N 49 -61.34 -12.97 -2.26
N ILE N 50 -61.29 -12.03 -1.32
CA ILE N 50 -60.12 -11.89 -0.46
C ILE N 50 -59.89 -13.17 0.34
N ALA N 51 -60.94 -13.68 0.99
CA ALA N 51 -60.79 -14.90 1.78
C ALA N 51 -60.36 -16.08 0.93
N ASN N 52 -60.91 -16.18 -0.29
CA ASN N 52 -60.53 -17.28 -1.18
C ASN N 52 -59.07 -17.17 -1.60
N ILE N 53 -58.55 -15.95 -1.76
CA ILE N 53 -57.16 -15.81 -2.14
C ILE N 53 -56.25 -16.20 -0.99
N GLN N 54 -56.62 -15.83 0.25
CA GLN N 54 -55.84 -16.28 1.40
C GLN N 54 -55.77 -17.80 1.44
N THR N 55 -56.90 -18.47 1.21
CA THR N 55 -56.92 -19.92 1.21
C THR N 55 -56.01 -20.50 0.13
N ALA N 56 -56.08 -19.94 -1.09
CA ALA N 56 -55.23 -20.45 -2.17
C ALA N 56 -53.76 -20.18 -1.91
N VAL N 57 -53.43 -18.98 -1.42
CA VAL N 57 -52.05 -18.63 -1.15
C VAL N 57 -51.45 -19.57 -0.10
N THR N 58 -52.19 -19.82 0.98
CA THR N 58 -51.71 -20.73 2.01
C THR N 58 -51.37 -22.10 1.43
N ALA N 59 -52.29 -22.65 0.63
CA ALA N 59 -52.06 -23.96 0.03
C ALA N 59 -50.91 -23.94 -0.96
N ALA N 60 -50.84 -22.91 -1.81
CA ALA N 60 -49.80 -22.85 -2.83
C ALA N 60 -48.42 -22.76 -2.20
N ARG N 61 -48.26 -21.88 -1.21
CA ARG N 61 -46.96 -21.73 -0.57
C ARG N 61 -46.54 -23.00 0.14
N ALA N 62 -47.50 -23.74 0.72
CA ALA N 62 -47.18 -24.98 1.40
C ALA N 62 -46.80 -26.10 0.43
N ALA N 63 -47.25 -26.01 -0.82
CA ALA N 63 -46.91 -26.99 -1.84
C ALA N 63 -45.61 -26.64 -2.57
N GLY N 64 -44.93 -25.58 -2.18
CA GLY N 64 -43.70 -25.19 -2.84
C GLY N 64 -43.87 -24.28 -4.04
N LEU N 66 -44.10 -20.73 -5.94
CA LEU N 66 -43.76 -19.32 -5.82
C LEU N 66 -45.03 -18.49 -5.82
N ILE N 67 -45.12 -17.53 -4.90
CA ILE N 67 -46.21 -16.57 -4.85
C ILE N 67 -45.71 -15.25 -5.38
N ILE N 68 -46.40 -14.71 -6.38
CA ILE N 68 -46.08 -13.41 -6.96
C ILE N 68 -47.28 -12.50 -6.74
N TRP N 69 -47.06 -11.36 -6.08
CA TRP N 69 -48.09 -10.35 -5.88
C TRP N 69 -47.83 -9.21 -6.84
N PHE N 70 -48.85 -8.82 -7.60
CA PHE N 70 -48.75 -7.64 -8.45
C PHE N 70 -49.32 -6.42 -7.71
N GLN N 71 -48.68 -5.27 -7.89
CA GLN N 71 -49.26 -3.98 -7.52
C GLN N 71 -49.25 -3.09 -8.75
N ASN N 72 -50.43 -2.70 -9.21
CA ASN N 72 -50.54 -1.85 -10.39
C ASN N 72 -50.56 -0.39 -9.97
N GLY N 73 -49.83 0.44 -10.71
CA GLY N 73 -49.85 1.87 -10.46
C GLY N 73 -48.52 2.51 -10.74
N TRP N 74 -48.38 3.76 -10.26
CA TRP N 74 -47.39 4.68 -10.77
C TRP N 74 -46.87 5.59 -9.67
N ASP N 75 -45.85 6.37 -10.01
CA ASP N 75 -45.44 7.49 -9.17
C ASP N 75 -46.60 8.47 -9.01
N GLU N 76 -46.56 9.22 -7.89
CA GLU N 76 -47.63 10.16 -7.57
C GLU N 76 -47.80 11.26 -8.61
N GLN N 77 -46.77 11.55 -9.41
CA GLN N 77 -46.89 12.49 -10.51
C GLN N 77 -47.39 11.84 -11.79
N TYR N 78 -47.53 10.51 -11.81
CA TYR N 78 -48.07 9.75 -12.93
C TYR N 78 -47.20 9.81 -14.18
N VAL N 79 -45.92 10.14 -14.03
CA VAL N 79 -44.99 10.05 -15.15
C VAL N 79 -45.00 8.64 -15.75
N GLU N 80 -45.03 7.62 -14.88
CA GLU N 80 -44.98 6.23 -15.35
C GLU N 80 -46.29 5.78 -16.00
N ALA N 81 -47.36 6.56 -15.90
CA ALA N 81 -48.61 6.22 -16.58
C ALA N 81 -48.59 6.61 -18.05
N GLY N 82 -47.60 7.38 -18.47
CA GLY N 82 -47.55 7.92 -19.82
C GLY N 82 -48.25 9.25 -19.92
N GLY N 83 -47.71 10.12 -20.77
CA GLY N 83 -48.36 11.35 -21.09
C GLY N 83 -49.34 11.16 -22.23
N PRO N 84 -49.80 12.26 -22.82
CA PRO N 84 -50.82 12.16 -23.88
C PRO N 84 -50.35 11.40 -25.11
N GLY N 85 -49.05 11.13 -25.23
CA GLY N 85 -48.60 10.27 -26.30
C GLY N 85 -48.80 8.79 -26.07
N SER N 86 -49.31 8.39 -24.90
CA SER N 86 -49.57 7.00 -24.57
C SER N 86 -51.07 6.75 -24.55
N PRO N 87 -51.57 5.68 -25.17
CA PRO N 87 -53.00 5.37 -25.00
C PRO N 87 -53.40 5.15 -23.56
N ASN N 88 -52.47 4.75 -22.68
CA ASN N 88 -52.80 4.56 -21.28
C ASN N 88 -53.29 5.85 -20.63
N PHE N 89 -52.71 6.99 -21.03
CA PHE N 89 -53.14 8.28 -20.49
C PHE N 89 -54.62 8.51 -20.82
N HIS N 90 -55.05 8.09 -22.00
CA HIS N 90 -56.41 8.33 -22.48
C HIS N 90 -57.39 7.26 -22.05
N LYS N 91 -56.90 6.05 -21.74
CA LYS N 91 -57.79 4.95 -21.37
C LYS N 91 -57.92 4.76 -19.87
N SER N 92 -56.90 5.10 -19.09
CA SER N 92 -56.90 4.75 -17.67
C SER N 92 -58.09 5.38 -16.98
N ASN N 93 -58.96 4.55 -16.40
CA ASN N 93 -60.11 5.10 -15.69
C ASN N 93 -59.72 5.79 -14.39
N ALA N 94 -58.58 5.42 -13.80
CA ALA N 94 -58.09 6.16 -12.64
C ALA N 94 -57.70 7.57 -13.03
N LEU N 95 -56.96 7.73 -14.13
CA LEU N 95 -56.62 9.06 -14.61
C LEU N 95 -57.88 9.84 -15.03
N LYS N 96 -58.83 9.18 -15.69
CA LYS N 96 -60.06 9.87 -16.06
C LYS N 96 -60.81 10.35 -14.84
N THR N 97 -60.86 9.52 -13.78
CA THR N 97 -61.56 9.90 -12.56
C THR N 97 -60.90 11.09 -11.89
N ARG N 99 -59.06 13.39 -13.40
CA ARG N 99 -59.36 14.55 -14.22
C ARG N 99 -60.79 15.04 -13.97
N LYS N 100 -61.71 14.12 -13.70
CA LYS N 100 -63.09 14.51 -13.37
C LYS N 100 -63.18 15.08 -11.96
N GLN N 101 -62.38 14.57 -11.01
CA GLN N 101 -62.44 14.95 -9.61
C GLN N 101 -61.06 15.39 -9.14
N PRO N 102 -60.74 16.68 -9.26
CA PRO N 102 -59.39 17.14 -8.89
C PRO N 102 -58.98 16.88 -7.45
N GLN N 103 -59.93 16.71 -6.53
CA GLN N 103 -59.57 16.42 -5.15
C GLN N 103 -58.96 15.03 -4.97
N LEU N 104 -59.03 14.18 -5.98
CA LEU N 104 -58.40 12.87 -5.96
C LEU N 104 -57.04 12.84 -6.63
N GLN N 105 -56.59 13.96 -7.18
CA GLN N 105 -55.32 14.01 -7.90
C GLN N 105 -54.17 13.57 -7.00
N GLY N 106 -53.41 12.58 -7.48
CA GLY N 106 -52.31 12.02 -6.73
C GLY N 106 -52.68 10.92 -5.76
N LYS N 107 -53.98 10.64 -5.58
CA LYS N 107 -54.41 9.69 -4.57
C LYS N 107 -54.69 8.29 -5.12
N LEU N 108 -54.94 8.15 -6.41
CA LEU N 108 -55.33 6.85 -6.97
C LEU N 108 -54.13 6.17 -7.61
N LEU N 109 -53.95 4.89 -7.29
CA LEU N 109 -52.94 4.06 -7.93
C LEU N 109 -51.55 4.68 -7.83
N ALA N 110 -51.29 5.42 -6.75
CA ALA N 110 -50.04 6.14 -6.58
C ALA N 110 -49.17 5.44 -5.54
N LYS N 111 -47.93 5.15 -5.91
CA LYS N 111 -47.00 4.56 -4.94
C LYS N 111 -46.92 5.42 -3.70
N GLY N 112 -47.09 4.77 -2.54
CA GLY N 112 -47.11 5.45 -1.26
C GLY N 112 -48.50 5.79 -0.75
N SER N 113 -49.53 5.62 -1.57
CA SER N 113 -50.89 5.95 -1.18
C SER N 113 -51.60 4.74 -0.61
N TRP N 114 -52.66 5.01 0.16
CA TRP N 114 -53.53 3.94 0.64
C TRP N 114 -54.11 3.14 -0.52
N ASP N 115 -54.60 3.84 -1.55
CA ASP N 115 -55.23 3.20 -2.71
C ASP N 115 -54.31 2.12 -3.32
N TYR N 116 -53.01 2.39 -3.36
CA TYR N 116 -52.05 1.50 -4.00
C TYR N 116 -51.68 0.31 -3.12
N GLN N 117 -51.89 0.42 -1.81
CA GLN N 117 -51.47 -0.64 -0.89
C GLN N 117 -52.25 -1.92 -1.15
N LEU N 118 -51.57 -3.05 -0.98
CA LEU N 118 -52.29 -4.32 -0.87
C LEU N 118 -53.27 -4.24 0.29
N VAL N 119 -54.43 -4.89 0.10
CA VAL N 119 -55.44 -4.87 1.16
C VAL N 119 -54.86 -5.43 2.46
N ASP N 120 -55.42 -4.95 3.58
CA ASP N 120 -54.87 -5.27 4.89
C ASP N 120 -54.78 -6.78 5.12
N GLU N 121 -55.74 -7.55 4.59
CA GLU N 121 -55.83 -8.97 4.89
C GLU N 121 -54.79 -9.81 4.16
N LEU N 122 -54.13 -9.27 3.15
CA LEU N 122 -53.23 -10.03 2.30
C LEU N 122 -51.81 -9.52 2.52
N VAL N 123 -50.98 -10.35 3.15
CA VAL N 123 -49.66 -9.92 3.61
C VAL N 123 -48.60 -10.80 2.95
N PRO N 124 -47.85 -10.27 1.98
CA PRO N 124 -46.76 -11.07 1.39
C PRO N 124 -45.79 -11.52 2.46
N GLN N 125 -45.29 -12.75 2.30
CA GLN N 125 -44.38 -13.36 3.25
C GLN N 125 -42.99 -13.45 2.64
N PRO N 126 -41.95 -13.58 3.48
CA PRO N 126 -40.60 -13.79 2.96
C PRO N 126 -40.58 -14.95 1.98
N GLY N 127 -39.84 -14.77 0.89
CA GLY N 127 -39.82 -15.72 -0.19
C GLY N 127 -40.76 -15.38 -1.33
N ASP N 128 -41.85 -14.67 -1.06
CA ASP N 128 -42.73 -14.22 -2.13
C ASP N 128 -42.05 -13.11 -2.93
N ILE N 129 -42.58 -12.85 -4.11
CA ILE N 129 -42.11 -11.76 -4.96
C ILE N 129 -43.24 -10.75 -5.10
N VAL N 130 -42.95 -9.49 -4.82
CA VAL N 130 -43.91 -8.41 -4.98
C VAL N 130 -43.44 -7.55 -6.15
N LEU N 131 -44.26 -7.49 -7.19
CA LEU N 131 -43.87 -6.85 -8.44
C LEU N 131 -44.76 -5.66 -8.73
N PRO N 132 -44.20 -4.48 -8.98
CA PRO N 132 -45.00 -3.38 -9.52
C PRO N 132 -45.19 -3.58 -11.01
N LYS N 133 -46.30 -3.07 -11.54
CA LYS N 133 -46.44 -3.03 -12.99
C LYS N 133 -47.11 -1.73 -13.42
N PRO N 134 -46.69 -1.17 -14.56
CA PRO N 134 -47.23 0.12 -15.00
C PRO N 134 -48.40 0.02 -15.96
N ARG N 135 -48.73 -1.19 -16.43
CA ARG N 135 -49.85 -1.37 -17.34
C ARG N 135 -50.61 -2.63 -16.95
N TYR N 136 -51.77 -2.83 -17.60
CA TYR N 136 -52.65 -3.92 -17.17
C TYR N 136 -51.95 -5.28 -17.14
N SER N 137 -51.16 -5.59 -18.18
CA SER N 137 -50.58 -6.92 -18.29
C SER N 137 -49.27 -7.00 -17.50
N GLY N 138 -49.16 -8.01 -16.65
CA GLY N 138 -47.93 -8.19 -15.90
C GLY N 138 -46.73 -8.61 -16.73
N PHE N 139 -46.94 -8.95 -18.01
CA PHE N 139 -45.87 -9.43 -18.89
C PHE N 139 -45.29 -8.35 -19.80
N PHE N 140 -45.80 -7.14 -19.76
CA PHE N 140 -45.18 -6.04 -20.48
C PHE N 140 -44.48 -5.11 -19.50
N ASN N 141 -43.27 -4.69 -19.85
CA ASN N 141 -42.53 -3.66 -19.14
C ASN N 141 -42.00 -4.11 -17.78
N THR N 142 -41.97 -5.41 -17.51
CA THR N 142 -41.60 -5.97 -16.22
C THR N 142 -40.63 -7.11 -16.38
N PRO N 143 -40.02 -7.56 -15.28
CA PRO N 143 -39.18 -8.77 -15.32
C PRO N 143 -39.94 -10.06 -15.06
N LEU N 144 -41.28 -10.06 -15.16
CA LEU N 144 -42.06 -11.25 -14.81
C LEU N 144 -41.59 -12.47 -15.60
N ASP N 145 -41.51 -12.36 -16.94
CA ASP N 145 -41.10 -13.49 -17.76
C ASP N 145 -39.73 -14.00 -17.32
N SER N 146 -38.79 -13.09 -17.12
CA SER N 146 -37.45 -13.46 -16.68
C SER N 146 -37.48 -14.18 -15.33
N ILE N 147 -38.28 -13.67 -14.38
CA ILE N 147 -38.40 -14.31 -13.06
C ILE N 147 -38.86 -15.75 -13.20
N LEU N 148 -39.93 -15.96 -13.99
CA LEU N 148 -40.48 -17.30 -14.18
C LEU N 148 -39.49 -18.21 -14.90
N ARG N 149 -38.87 -17.73 -15.98
CA ARG N 149 -37.95 -18.58 -16.74
C ARG N 149 -36.75 -18.98 -15.91
N SER N 150 -36.23 -18.06 -15.09
CA SER N 150 -35.09 -18.35 -14.23
C SER N 150 -35.37 -19.46 -13.24
N ARG N 151 -36.64 -19.76 -12.97
CA ARG N 151 -36.99 -20.86 -12.08
C ARG N 151 -37.60 -22.04 -12.83
N GLY N 152 -37.57 -22.02 -14.16
CA GLY N 152 -38.18 -23.10 -14.93
C GLY N 152 -39.68 -23.23 -14.74
N ILE N 153 -40.36 -22.15 -14.43
CA ILE N 153 -41.80 -22.20 -14.19
C ILE N 153 -42.54 -22.15 -15.52
N ARG N 154 -43.45 -23.10 -15.73
CA ARG N 154 -44.28 -23.10 -16.93
C ARG N 154 -45.77 -23.02 -16.66
N HIS N 155 -46.21 -23.19 -15.42
CA HIS N 155 -47.62 -23.17 -15.07
C HIS N 155 -47.89 -22.00 -14.14
N LEU N 156 -48.91 -21.21 -14.47
CA LEU N 156 -49.29 -20.04 -13.69
C LEU N 156 -50.71 -20.22 -13.23
N VAL N 157 -50.95 -19.97 -11.95
CA VAL N 157 -52.29 -20.02 -11.37
C VAL N 157 -52.70 -18.61 -11.00
N PHE N 158 -53.75 -18.11 -11.63
CA PHE N 158 -54.11 -16.70 -11.55
C PHE N 158 -55.27 -16.48 -10.58
N THR N 159 -55.14 -15.43 -9.78
CA THR N 159 -56.19 -14.93 -8.91
C THR N 159 -56.13 -13.41 -9.00
N GLY N 160 -57.20 -12.75 -8.53
CA GLY N 160 -57.16 -11.30 -8.40
C GLY N 160 -58.18 -10.56 -9.23
N ILE N 161 -57.93 -9.26 -9.45
CA ILE N 161 -58.88 -8.33 -10.04
C ILE N 161 -58.10 -7.43 -10.99
N ALA N 162 -58.68 -7.09 -12.14
CA ALA N 162 -59.99 -7.56 -12.61
C ALA N 162 -59.83 -8.74 -13.55
N THR N 163 -60.79 -9.68 -13.48
CA THR N 163 -60.74 -10.89 -14.30
C THR N 163 -60.56 -10.57 -15.77
N ASN N 164 -61.32 -9.60 -16.27
CA ASN N 164 -61.36 -9.26 -17.69
C ASN N 164 -60.28 -8.30 -18.12
N VAL N 165 -59.54 -7.70 -17.19
CA VAL N 165 -58.55 -6.69 -17.54
C VAL N 165 -57.17 -7.20 -17.19
N CYS N 166 -56.70 -6.94 -15.97
CA CYS N 166 -55.32 -7.30 -15.66
C CYS N 166 -55.13 -8.81 -15.57
N VAL N 167 -56.11 -9.54 -15.04
CA VAL N 167 -55.96 -10.99 -14.95
C VAL N 167 -55.93 -11.61 -16.35
N GLU N 168 -56.98 -11.38 -17.12
CA GLU N 168 -57.05 -11.96 -18.46
C GLU N 168 -55.90 -11.49 -19.34
N SER N 169 -55.52 -10.22 -19.27
CA SER N 169 -54.42 -9.75 -20.10
C SER N 169 -53.14 -10.48 -19.77
N THR N 170 -52.85 -10.65 -18.48
CA THR N 170 -51.62 -11.33 -18.10
C THR N 170 -51.66 -12.80 -18.50
N LEU N 171 -52.83 -13.44 -18.37
CA LEU N 171 -52.96 -14.83 -18.78
C LEU N 171 -52.81 -14.98 -20.29
N ARG N 172 -53.46 -14.11 -21.07
CA ARG N 172 -53.36 -14.18 -22.54
C ARG N 172 -51.90 -14.00 -22.97
N ASP N 173 -51.23 -13.00 -22.41
CA ASP N 173 -49.83 -12.78 -22.77
C ASP N 173 -48.95 -13.92 -22.27
N GLY N 174 -49.27 -14.47 -21.11
CA GLY N 174 -48.60 -15.70 -20.67
C GLY N 174 -48.71 -16.80 -21.71
N PHE N 175 -49.91 -16.97 -22.28
CA PHE N 175 -50.12 -17.99 -23.30
C PHE N 175 -49.20 -17.73 -24.50
N PHE N 176 -49.10 -16.48 -24.95
CA PHE N 176 -48.23 -16.17 -26.08
C PHE N 176 -46.77 -16.38 -25.75
N LEU N 177 -46.42 -16.40 -24.47
CA LEU N 177 -45.08 -16.70 -24.02
C LEU N 177 -44.94 -18.16 -23.62
N GLU N 178 -45.90 -18.99 -24.01
CA GLU N 178 -45.85 -20.45 -23.84
C GLU N 178 -46.05 -20.90 -22.40
N TYR N 179 -46.73 -20.09 -21.59
CA TYR N 179 -47.11 -20.50 -20.24
C TYR N 179 -48.50 -21.12 -20.25
N PHE N 180 -48.68 -22.11 -19.37
CA PHE N 180 -49.98 -22.74 -19.14
C PHE N 180 -50.65 -22.01 -17.99
N GLY N 181 -51.77 -21.34 -18.29
CA GLY N 181 -52.43 -20.48 -17.33
C GLY N 181 -53.74 -21.09 -16.87
N VAL N 182 -53.94 -21.08 -15.55
CA VAL N 182 -55.16 -21.53 -14.90
C VAL N 182 -55.66 -20.36 -14.08
N VAL N 183 -56.96 -20.08 -14.16
CA VAL N 183 -57.58 -19.07 -13.32
C VAL N 183 -58.47 -19.78 -12.31
N LEU N 184 -58.39 -19.34 -11.05
CA LEU N 184 -59.29 -19.86 -10.01
C LEU N 184 -60.48 -18.90 -9.95
N GLU N 185 -61.61 -19.35 -10.51
CA GLU N 185 -62.68 -18.40 -10.82
C GLU N 185 -63.25 -17.73 -9.57
N ASP N 186 -63.34 -18.45 -8.44
CA ASP N 186 -63.91 -17.85 -7.25
C ASP N 186 -62.91 -17.00 -6.48
N ALA N 187 -61.69 -16.86 -6.99
CA ALA N 187 -60.69 -15.97 -6.44
C ALA N 187 -60.43 -14.78 -7.37
N THR N 188 -61.42 -14.43 -8.19
CA THR N 188 -61.32 -13.30 -9.10
C THR N 188 -62.61 -12.49 -9.06
N HIS N 189 -62.53 -11.26 -9.54
CA HIS N 189 -63.73 -10.45 -9.71
C HIS N 189 -63.50 -9.51 -10.89
N GLN N 190 -64.56 -9.25 -11.64
CA GLN N 190 -64.48 -8.49 -12.88
C GLN N 190 -64.59 -7.00 -12.61
N ALA N 191 -64.21 -6.21 -13.61
CA ALA N 191 -64.49 -4.78 -13.66
C ALA N 191 -65.53 -4.58 -14.76
N GLY N 192 -66.78 -4.36 -14.36
CA GLY N 192 -67.87 -4.24 -15.29
C GLY N 192 -69.04 -5.08 -14.84
N PRO N 193 -70.06 -5.20 -15.70
CA PRO N 193 -71.21 -6.05 -15.36
C PRO N 193 -70.81 -7.51 -15.29
N LYS N 194 -71.74 -8.33 -14.80
CA LYS N 194 -71.46 -9.75 -14.62
C LYS N 194 -71.08 -10.42 -15.94
N PHE N 195 -71.59 -9.93 -17.06
CA PHE N 195 -71.22 -10.55 -18.33
C PHE N 195 -69.72 -10.48 -18.58
N ALA N 196 -69.03 -9.51 -17.98
CA ALA N 196 -67.59 -9.40 -18.16
C ALA N 196 -66.84 -10.49 -17.40
N GLN N 197 -67.38 -10.93 -16.25
CA GLN N 197 -66.83 -12.11 -15.60
C GLN N 197 -67.05 -13.36 -16.45
N LYS N 198 -68.30 -13.57 -16.87
CA LYS N 198 -68.62 -14.76 -17.67
C LYS N 198 -67.79 -14.81 -18.94
N ALA N 199 -67.66 -13.68 -19.63
CA ALA N 199 -66.94 -13.70 -20.90
C ALA N 199 -65.45 -13.92 -20.71
N ALA N 200 -64.86 -13.35 -19.66
CA ALA N 200 -63.45 -13.58 -19.41
C ALA N 200 -63.19 -15.06 -19.16
N LEU N 201 -64.01 -15.69 -18.31
CA LEU N 201 -63.85 -17.11 -18.05
C LEU N 201 -64.09 -17.93 -19.31
N PHE N 202 -65.10 -17.55 -20.10
CA PHE N 202 -65.33 -18.25 -21.37
C PHE N 202 -64.11 -18.15 -22.30
N ASN N 203 -63.58 -16.94 -22.45
CA ASN N 203 -62.44 -16.77 -23.35
C ASN N 203 -61.23 -17.57 -22.86
N ILE N 204 -60.99 -17.56 -21.56
CA ILE N 204 -59.87 -18.32 -21.01
C ILE N 204 -60.07 -19.81 -21.24
N GLU N 205 -61.22 -20.34 -20.81
CA GLU N 205 -61.48 -21.78 -20.93
C GLU N 205 -61.44 -22.24 -22.39
N THR N 206 -61.96 -21.41 -23.30
CA THR N 206 -62.12 -21.86 -24.69
C THR N 206 -60.84 -21.70 -25.50
N PHE N 207 -60.04 -20.66 -25.24
CA PHE N 207 -58.95 -20.31 -26.14
C PHE N 207 -57.57 -20.24 -25.51
N PHE N 208 -57.46 -19.89 -24.22
CA PHE N 208 -56.18 -19.45 -23.69
C PHE N 208 -55.64 -20.28 -22.55
N GLY N 209 -56.50 -20.92 -21.76
CA GLY N 209 -56.02 -21.57 -20.55
C GLY N 209 -57.08 -22.44 -19.93
N TRP N 210 -57.09 -22.52 -18.59
CA TRP N 210 -57.95 -23.44 -17.87
C TRP N 210 -58.61 -22.70 -16.72
N VAL N 211 -59.78 -23.18 -16.31
CA VAL N 211 -60.52 -22.58 -15.20
C VAL N 211 -60.75 -23.66 -14.15
N SER N 212 -60.40 -23.36 -12.90
CA SER N 212 -60.72 -24.23 -11.79
C SER N 212 -61.22 -23.33 -10.66
N ASP N 213 -61.18 -23.82 -9.42
CA ASP N 213 -61.61 -23.04 -8.26
C ASP N 213 -60.70 -23.35 -7.07
N VAL N 214 -60.86 -22.55 -6.01
CA VAL N 214 -59.93 -22.61 -4.89
C VAL N 214 -59.98 -23.97 -4.19
N GLU N 215 -61.19 -24.49 -3.96
CA GLU N 215 -61.33 -25.78 -3.27
C GLU N 215 -60.68 -26.90 -4.07
N THR N 216 -60.94 -26.95 -5.38
CA THR N 216 -60.33 -27.98 -6.22
C THR N 216 -58.81 -27.85 -6.21
N PHE N 217 -58.32 -26.61 -6.33
CA PHE N 217 -56.89 -26.33 -6.28
C PHE N 217 -56.25 -26.82 -4.99
N CYS N 218 -56.84 -26.44 -3.85
CA CYS N 218 -56.26 -26.81 -2.56
C CYS N 218 -56.29 -28.32 -2.37
N ASP N 219 -57.39 -28.96 -2.76
CA ASP N 219 -57.51 -30.41 -2.64
C ASP N 219 -56.48 -31.12 -3.51
N ALA N 220 -56.22 -30.60 -4.70
CA ALA N 220 -55.23 -31.22 -5.58
C ALA N 220 -53.83 -31.10 -5.02
N LEU N 221 -53.56 -30.06 -4.24
CA LEU N 221 -52.24 -29.76 -3.70
C LEU N 221 -51.95 -30.45 -2.37
N SER N 222 -52.95 -31.05 -1.73
CA SER N 222 -52.74 -31.66 -0.42
C SER N 222 -51.52 -32.56 -0.33
N PRO N 223 -51.18 -33.39 -1.33
CA PRO N 223 -49.89 -34.08 -1.25
C PRO N 223 -48.72 -33.17 -1.63
N THR O 2 9.18 -3.07 -31.92
CA THR O 2 7.86 -2.67 -31.44
C THR O 2 6.94 -2.30 -32.61
N THR O 3 5.65 -2.65 -32.49
CA THR O 3 4.64 -2.28 -33.46
C THR O 3 3.84 -1.10 -32.93
N LEU O 4 3.64 -0.10 -33.78
CA LEU O 4 2.78 1.04 -33.46
C LEU O 4 1.60 1.01 -34.41
N THR O 5 0.41 0.78 -33.85
CA THR O 5 -0.80 0.89 -34.65
C THR O 5 -0.92 2.32 -35.14
N ALA O 6 -1.20 2.48 -36.43
CA ALA O 6 -1.23 3.81 -37.02
C ALA O 6 -2.06 3.75 -38.29
N ARG O 7 -2.46 4.93 -38.77
CA ARG O 7 -3.01 5.07 -40.11
C ARG O 7 -1.90 5.49 -41.07
N PRO O 8 -1.86 4.96 -42.29
CA PRO O 8 -2.85 4.05 -42.88
C PRO O 8 -2.67 2.58 -42.52
N GLU O 9 -1.55 2.24 -41.88
CA GLU O 9 -1.33 0.87 -41.41
C GLU O 9 -0.29 0.92 -40.30
N ALA O 10 -0.20 -0.18 -39.56
CA ALA O 10 0.75 -0.29 -38.47
C ALA O 10 2.17 -0.25 -39.00
N ILE O 11 3.07 0.31 -38.19
CA ILE O 11 4.50 0.31 -38.51
C ILE O 11 5.26 -0.32 -37.35
N THR O 12 6.46 -0.79 -37.67
CA THR O 12 7.37 -1.33 -36.67
C THR O 12 8.58 -0.40 -36.55
N PHE O 13 9.11 -0.31 -35.33
CA PHE O 13 10.24 0.57 -35.08
C PHE O 13 10.90 0.18 -33.77
N ASP O 14 12.12 0.66 -33.58
CA ASP O 14 12.87 0.45 -32.36
C ASP O 14 12.88 1.76 -31.59
N PRO O 15 12.21 1.84 -30.44
CA PRO O 15 12.21 3.11 -29.69
C PRO O 15 13.60 3.65 -29.38
N GLN O 16 14.59 2.79 -29.15
CA GLN O 16 15.93 3.31 -28.88
C GLN O 16 16.59 3.88 -30.13
N GLN O 17 16.07 3.56 -31.32
CA GLN O 17 16.51 4.18 -32.55
C GLN O 17 15.51 5.21 -33.06
N SER O 18 14.77 5.83 -32.16
CA SER O 18 13.74 6.79 -32.52
C SER O 18 13.91 8.05 -31.69
N ALA O 19 13.18 9.09 -32.09
CA ALA O 19 13.16 10.35 -31.35
C ALA O 19 11.74 10.87 -31.30
N LEU O 20 11.37 11.43 -30.15
CA LEU O 20 10.12 12.16 -30.00
C LEU O 20 10.46 13.63 -30.16
N ILE O 21 9.84 14.29 -31.12
CA ILE O 21 10.09 15.69 -31.40
C ILE O 21 8.91 16.50 -30.89
N VAL O 22 9.18 17.48 -30.04
CA VAL O 22 8.14 18.36 -29.50
C VAL O 22 8.33 19.70 -30.19
N VAL O 23 7.44 19.99 -31.15
CA VAL O 23 7.60 21.15 -32.02
C VAL O 23 6.99 22.38 -31.34
N ASP O 24 7.84 23.32 -30.96
CA ASP O 24 7.44 24.71 -30.73
C ASP O 24 6.38 24.87 -29.64
N GLN O 26 6.01 26.61 -27.17
CA GLN O 26 6.34 27.85 -26.51
C GLN O 26 5.07 28.63 -26.22
N ASN O 27 5.18 29.61 -25.31
CA ASN O 27 4.02 30.44 -25.01
C ASN O 27 3.46 31.08 -26.27
N ALA O 28 4.33 31.38 -27.24
CA ALA O 28 3.90 31.98 -28.51
C ALA O 28 2.82 31.16 -29.19
N TYR O 29 2.92 29.83 -29.12
CA TYR O 29 2.04 28.95 -29.88
C TYR O 29 1.00 28.24 -29.05
N ALA O 30 1.13 28.23 -27.71
CA ALA O 30 0.28 27.39 -26.88
C ALA O 30 -0.39 28.11 -25.72
N THR O 31 -0.04 29.36 -25.43
CA THR O 31 -0.54 30.03 -24.24
C THR O 31 -1.36 31.25 -24.63
N PRO O 32 -2.50 31.49 -23.97
CA PRO O 32 -3.26 32.71 -24.24
C PRO O 32 -2.41 33.96 -24.07
N GLY O 33 -2.57 34.89 -25.00
CA GLY O 33 -1.72 36.06 -25.03
C GLY O 33 -0.40 35.87 -25.74
N GLY O 34 -0.10 34.64 -26.19
CA GLY O 34 1.07 34.41 -27.00
C GLY O 34 0.88 34.95 -28.40
N TYR O 35 1.93 34.80 -29.20
CA TYR O 35 1.92 35.28 -30.58
C TYR O 35 0.65 34.83 -31.31
N LEU O 36 0.39 33.52 -31.33
CA LEU O 36 -0.72 33.01 -32.14
C LEU O 36 -2.04 33.62 -31.71
N ASP O 37 -2.27 33.73 -30.40
CA ASP O 37 -3.46 34.39 -29.89
C ASP O 37 -3.52 35.84 -30.36
N LEU O 38 -2.41 36.57 -30.23
CA LEU O 38 -2.41 37.99 -30.60
C LEU O 38 -2.58 38.18 -32.10
N ALA O 39 -2.17 37.20 -32.90
CA ALA O 39 -2.28 37.29 -34.35
C ALA O 39 -3.69 36.95 -34.87
N GLY O 40 -4.60 36.53 -34.00
CA GLY O 40 -5.96 36.21 -34.40
C GLY O 40 -6.27 34.73 -34.46
N PHE O 41 -5.32 33.85 -34.17
CA PHE O 41 -5.59 32.42 -34.13
C PHE O 41 -6.17 32.03 -32.77
N ASP O 42 -6.89 30.91 -32.77
CA ASP O 42 -7.55 30.43 -31.56
C ASP O 42 -6.61 29.52 -30.78
N VAL O 43 -6.26 29.93 -29.56
CA VAL O 43 -5.37 29.19 -28.68
C VAL O 43 -6.07 28.67 -27.43
N SER O 44 -7.39 28.83 -27.34
CA SER O 44 -8.14 28.46 -26.14
C SER O 44 -8.36 26.96 -26.01
N THR O 45 -7.92 26.16 -26.97
CA THR O 45 -8.19 24.73 -26.98
C THR O 45 -6.92 23.88 -26.88
N THR O 46 -5.78 24.49 -26.55
CA THR O 46 -4.50 23.79 -26.55
C THR O 46 -4.15 23.17 -25.20
N ARG O 47 -4.89 23.46 -24.14
CA ARG O 47 -4.62 22.83 -22.85
C ARG O 47 -4.60 21.30 -22.91
N PRO O 48 -5.51 20.61 -23.60
CA PRO O 48 -5.34 19.15 -23.73
C PRO O 48 -4.10 18.74 -24.49
N VAL O 49 -3.65 19.58 -25.44
CA VAL O 49 -2.43 19.25 -26.19
C VAL O 49 -1.23 19.20 -25.26
N ILE O 50 -1.11 20.17 -24.36
CA ILE O 50 0.01 20.20 -23.42
C ILE O 50 0.00 18.94 -22.56
N ALA O 51 -1.17 18.59 -22.01
CA ALA O 51 -1.28 17.42 -21.17
C ALA O 51 -0.90 16.15 -21.92
N ASN O 52 -1.38 16.02 -23.15
CA ASN O 52 -1.06 14.83 -23.94
C ASN O 52 0.41 14.77 -24.29
N ILE O 53 1.05 15.92 -24.51
CA ILE O 53 2.49 15.92 -24.78
C ILE O 53 3.26 15.45 -23.57
N GLN O 54 2.87 15.91 -22.37
CA GLN O 54 3.49 15.43 -21.14
C GLN O 54 3.41 13.92 -21.05
N THR O 55 2.22 13.37 -21.31
CA THR O 55 2.05 11.92 -21.27
C THR O 55 2.97 11.23 -22.26
N ALA O 56 3.05 11.75 -23.49
CA ALA O 56 3.88 11.12 -24.50
C ALA O 56 5.36 11.23 -24.14
N VAL O 57 5.77 12.38 -23.59
CA VAL O 57 7.16 12.57 -23.23
C VAL O 57 7.58 11.59 -22.15
N THR O 58 6.71 11.38 -21.15
CA THR O 58 7.02 10.42 -20.09
C THR O 58 7.23 9.01 -20.64
N ALA O 59 6.36 8.59 -21.57
CA ALA O 59 6.47 7.24 -22.11
C ALA O 59 7.72 7.10 -22.98
N ALA O 60 8.02 8.10 -23.81
CA ALA O 60 9.19 8.03 -24.67
C ALA O 60 10.47 7.99 -23.85
N ARG O 61 10.56 8.85 -22.84
CA ARG O 61 11.71 8.85 -21.94
C ARG O 61 11.89 7.47 -21.29
N ALA O 62 10.79 6.86 -20.86
CA ALA O 62 10.87 5.55 -20.21
C ALA O 62 11.32 4.46 -21.17
N ALA O 63 11.01 4.60 -22.46
CA ALA O 63 11.37 3.60 -23.46
C ALA O 63 12.77 3.79 -24.02
N GLY O 64 13.51 4.79 -23.57
CA GLY O 64 14.82 5.06 -24.13
C GLY O 64 14.81 5.89 -25.37
N LEU O 66 15.03 9.31 -27.44
CA LEU O 66 15.54 10.67 -27.33
C LEU O 66 14.40 11.67 -27.50
N ILE O 67 14.40 12.71 -26.68
CA ILE O 67 13.43 13.79 -26.77
C ILE O 67 14.13 15.03 -27.31
N ILE O 68 13.58 15.62 -28.36
CA ILE O 68 14.11 16.83 -28.97
C ILE O 68 13.02 17.90 -28.88
N TRP O 69 13.37 19.03 -28.27
CA TRP O 69 12.45 20.16 -28.13
C TRP O 69 12.88 21.26 -29.09
N PHE O 70 11.94 21.76 -29.88
CA PHE O 70 12.23 22.88 -30.77
C PHE O 70 11.69 24.18 -30.17
N GLN O 71 12.46 25.24 -30.34
CA GLN O 71 12.01 26.61 -30.05
C GLN O 71 12.19 27.42 -31.32
N ASN O 72 11.10 27.93 -31.85
CA ASN O 72 11.15 28.75 -33.05
C ASN O 72 11.29 30.21 -32.66
N GLY O 73 12.13 30.95 -33.37
CA GLY O 73 12.25 32.36 -33.10
C GLY O 73 13.65 32.86 -33.40
N TRP O 74 13.89 34.11 -33.00
CA TRP O 74 15.02 34.89 -33.50
C TRP O 74 15.54 35.80 -32.40
N ASP O 75 16.65 36.47 -32.71
CA ASP O 75 17.14 37.54 -31.86
C ASP O 75 16.09 38.64 -31.76
N GLU O 76 16.19 39.43 -30.68
CA GLU O 76 15.23 40.50 -30.40
C GLU O 76 15.18 41.55 -31.51
N GLN O 77 16.24 41.68 -32.31
CA GLN O 77 16.24 42.61 -33.44
C GLN O 77 15.79 41.95 -34.74
N TYR O 78 15.52 40.65 -34.71
CA TYR O 78 14.96 39.91 -35.84
C TYR O 78 15.91 39.82 -37.04
N VAL O 79 17.21 40.03 -36.82
CA VAL O 79 18.19 39.79 -37.87
C VAL O 79 18.02 38.38 -38.43
N GLU O 80 17.82 37.40 -37.54
CA GLU O 80 17.76 36.00 -37.95
C GLU O 80 16.47 35.64 -38.68
N ALA O 81 15.44 36.49 -38.63
CA ALA O 81 14.22 36.25 -39.39
C ALA O 81 14.40 36.58 -40.87
N GLY O 82 15.53 37.13 -41.24
CA GLY O 82 15.76 37.57 -42.60
C GLY O 82 15.23 38.96 -42.84
N GLY O 83 15.90 39.68 -43.72
CA GLY O 83 15.48 41.01 -44.07
C GLY O 83 14.48 41.00 -45.20
N PRO O 84 14.23 42.15 -45.80
CA PRO O 84 13.24 42.23 -46.89
C PRO O 84 13.56 41.34 -48.08
N GLY O 85 14.80 40.85 -48.20
CA GLY O 85 15.17 39.92 -49.25
C GLY O 85 14.82 38.47 -48.99
N SER O 86 14.20 38.18 -47.84
CA SER O 86 13.77 36.84 -47.47
C SER O 86 12.25 36.77 -47.52
N PRO O 87 11.66 35.72 -48.11
CA PRO O 87 10.21 35.57 -48.01
C PRO O 87 9.72 35.46 -46.58
N ASN O 88 10.55 35.02 -45.64
CA ASN O 88 10.10 34.91 -44.26
C ASN O 88 9.75 36.28 -43.68
N PHE O 89 10.50 37.30 -44.06
CA PHE O 89 10.20 38.67 -43.63
C PHE O 89 8.81 39.10 -44.05
N HIS O 90 8.36 38.65 -45.22
CA HIS O 90 7.07 39.04 -45.77
C HIS O 90 5.94 38.09 -45.38
N LYS O 91 6.26 36.88 -44.93
CA LYS O 91 5.24 35.90 -44.59
C LYS O 91 4.99 35.78 -43.11
N SER O 92 6.00 36.04 -42.28
CA SER O 92 5.89 35.77 -40.85
C SER O 92 4.73 36.55 -40.27
N ASN O 93 3.73 35.83 -39.75
CA ASN O 93 2.62 36.50 -39.10
C ASN O 93 3.01 37.15 -37.78
N ALA O 94 4.10 36.69 -37.16
CA ALA O 94 4.62 37.39 -35.98
C ALA O 94 5.13 38.76 -36.37
N LEU O 95 5.95 38.83 -37.42
CA LEU O 95 6.42 40.13 -37.91
C LEU O 95 5.25 41.00 -38.34
N LYS O 96 4.29 40.43 -39.06
CA LYS O 96 3.10 41.17 -39.46
C LYS O 96 2.35 41.71 -38.25
N THR O 97 2.27 40.92 -37.18
CA THR O 97 1.53 41.35 -35.99
C THR O 97 2.22 42.50 -35.28
N ARG O 99 4.12 44.64 -36.73
CA ARG O 99 4.01 45.80 -37.61
C ARG O 99 2.69 46.54 -37.40
N LYS O 100 1.61 45.79 -37.18
CA LYS O 100 0.32 46.43 -36.95
C LYS O 100 0.22 46.96 -35.51
N GLN O 101 0.82 46.26 -34.56
CA GLN O 101 0.80 46.65 -33.14
C GLN O 101 2.23 46.94 -32.70
N PRO O 102 2.69 48.19 -32.83
CA PRO O 102 4.08 48.50 -32.46
C PRO O 102 4.40 48.26 -30.99
N GLN O 103 3.39 48.19 -30.11
CA GLN O 103 3.66 47.91 -28.71
C GLN O 103 4.31 46.55 -28.50
N LEU O 104 4.15 45.62 -29.46
CA LEU O 104 4.69 44.28 -29.34
C LEU O 104 6.01 44.11 -30.07
N GLN O 105 6.58 45.18 -30.62
CA GLN O 105 7.82 45.04 -31.37
C GLN O 105 8.94 44.53 -30.46
N GLY O 106 9.58 43.45 -30.90
CA GLY O 106 10.63 42.82 -30.11
C GLY O 106 10.13 41.86 -29.05
N LYS O 107 8.82 41.68 -28.91
CA LYS O 107 8.25 40.84 -27.87
C LYS O 107 7.87 39.45 -28.34
N LEU O 108 7.54 39.28 -29.61
CA LEU O 108 7.09 37.99 -30.12
C LEU O 108 8.26 37.20 -30.69
N LEU O 109 8.33 35.91 -30.34
CA LEU O 109 9.31 34.98 -30.91
C LEU O 109 10.75 35.48 -30.79
N ALA O 110 11.04 36.24 -29.74
CA ALA O 110 12.37 36.79 -29.53
C ALA O 110 13.05 36.03 -28.40
N LYS O 111 14.28 35.59 -28.67
CA LYS O 111 15.07 34.90 -27.66
C LYS O 111 15.18 35.76 -26.41
N GLY O 112 14.87 35.16 -25.26
CA GLY O 112 14.87 35.85 -23.99
C GLY O 112 13.51 36.35 -23.54
N SER O 113 12.51 36.32 -24.41
CA SER O 113 11.18 36.81 -24.08
C SER O 113 10.31 35.70 -23.50
N TRP O 114 9.25 36.10 -22.81
CA TRP O 114 8.29 35.12 -22.32
C TRP O 114 7.62 34.39 -23.48
N ASP O 115 7.34 35.11 -24.57
CA ASP O 115 6.72 34.51 -25.74
C ASP O 115 7.53 33.33 -26.24
N TYR O 116 8.86 33.47 -26.24
CA TYR O 116 9.77 32.48 -26.79
C TYR O 116 10.00 31.29 -25.88
N GLN O 117 9.79 31.44 -24.57
CA GLN O 117 10.04 30.35 -23.63
C GLN O 117 9.08 29.20 -23.88
N LEU O 118 9.56 27.98 -23.61
CA LEU O 118 8.66 26.84 -23.54
C LEU O 118 7.63 27.05 -22.44
N VAL O 119 6.43 26.52 -22.65
CA VAL O 119 5.37 26.67 -21.66
C VAL O 119 5.82 26.12 -20.30
N ASP O 120 5.27 26.69 -19.23
CA ASP O 120 5.70 26.34 -17.88
C ASP O 120 5.61 24.84 -17.63
N GLU O 121 4.59 24.18 -18.18
CA GLU O 121 4.34 22.77 -17.88
C GLU O 121 5.32 21.82 -18.55
N LEU O 122 6.06 22.26 -19.55
CA LEU O 122 6.94 21.39 -20.33
C LEU O 122 8.40 21.72 -20.02
N VAL O 123 9.07 20.79 -19.33
CA VAL O 123 10.39 21.03 -18.79
C VAL O 123 11.40 20.04 -19.39
N PRO O 124 12.28 20.48 -20.29
CA PRO O 124 13.32 19.57 -20.80
C PRO O 124 14.19 19.03 -19.67
N GLN O 125 14.61 17.78 -19.81
CA GLN O 125 15.38 17.08 -18.81
C GLN O 125 16.78 16.80 -19.32
N PRO O 126 17.74 16.53 -18.43
CA PRO O 126 19.07 16.13 -18.87
C PRO O 126 18.98 14.94 -19.82
N GLY O 127 19.76 14.99 -20.89
CA GLY O 127 19.71 14.02 -21.95
C GLY O 127 18.86 14.44 -23.13
N ASP O 128 17.85 15.29 -22.89
CA ASP O 128 17.06 15.84 -23.99
C ASP O 128 17.91 16.84 -24.78
N ILE O 129 17.47 17.13 -25.99
CA ILE O 129 18.09 18.15 -26.82
C ILE O 129 17.08 19.26 -27.04
N VAL O 130 17.52 20.50 -26.83
CA VAL O 130 16.70 21.67 -27.10
C VAL O 130 17.33 22.40 -28.28
N LEU O 131 16.59 22.53 -29.37
CA LEU O 131 17.12 23.07 -30.61
C LEU O 131 16.39 24.35 -30.99
N PRO O 132 17.10 25.46 -31.20
CA PRO O 132 16.46 26.63 -31.80
C PRO O 132 16.36 26.42 -33.30
N LYS O 133 15.36 27.05 -33.91
CA LYS O 133 15.26 27.05 -35.36
C LYS O 133 14.76 28.39 -35.85
N PRO O 134 15.27 28.88 -36.98
CA PRO O 134 14.87 30.18 -37.50
C PRO O 134 13.74 30.16 -38.52
N ARG O 135 13.34 28.99 -39.02
CA ARG O 135 12.24 28.89 -39.96
C ARG O 135 11.34 27.73 -39.57
N TYR O 136 10.21 27.61 -40.27
CA TYR O 136 9.17 26.65 -39.86
C TYR O 136 9.73 25.24 -39.74
N SER O 137 10.50 24.80 -40.74
CA SER O 137 10.98 23.42 -40.76
C SER O 137 12.21 23.24 -39.89
N GLY O 138 12.18 22.23 -39.03
CA GLY O 138 13.32 21.94 -38.18
C GLY O 138 14.54 21.42 -38.92
N PHE O 139 14.39 21.01 -40.18
CA PHE O 139 15.48 20.42 -40.93
C PHE O 139 16.30 21.45 -41.71
N PHE O 140 15.78 22.64 -41.92
CA PHE O 140 16.57 23.65 -42.62
C PHE O 140 17.31 24.51 -41.62
N ASN O 141 18.59 24.77 -41.91
CA ASN O 141 19.39 25.76 -41.19
C ASN O 141 19.80 25.30 -39.80
N THR O 142 19.65 24.02 -39.48
CA THR O 142 19.90 23.49 -38.14
C THR O 142 20.74 22.23 -38.22
N PRO O 143 21.25 21.76 -37.09
CA PRO O 143 21.96 20.47 -37.07
C PRO O 143 21.04 19.27 -36.82
N LEU O 144 19.73 19.42 -37.01
CA LEU O 144 18.81 18.32 -36.67
C LEU O 144 19.19 17.03 -37.40
N ASP O 145 19.39 17.10 -38.72
CA ASP O 145 19.72 15.89 -39.48
C ASP O 145 20.99 15.26 -38.95
N SER O 146 22.02 16.07 -38.69
CA SER O 146 23.27 15.56 -38.16
C SER O 146 23.07 14.89 -36.80
N ILE O 147 22.28 15.50 -35.92
CA ILE O 147 22.00 14.91 -34.60
C ILE O 147 21.37 13.54 -34.76
N LEU O 148 20.37 13.43 -35.62
CA LEU O 148 19.66 12.16 -35.76
C LEU O 148 20.54 11.10 -36.40
N ARG O 149 21.27 11.48 -37.46
CA ARG O 149 22.13 10.52 -38.14
C ARG O 149 23.22 10.00 -37.21
N SER O 150 23.82 10.89 -36.39
CA SER O 150 24.88 10.48 -35.49
C SER O 150 24.42 9.46 -34.47
N ARG O 151 23.12 9.36 -34.23
CA ARG O 151 22.55 8.41 -33.29
C ARG O 151 21.85 7.25 -33.98
N GLY O 152 21.95 7.16 -35.30
CA GLY O 152 21.30 6.09 -36.03
C GLY O 152 19.78 6.12 -35.97
N ILE O 153 19.20 7.28 -35.78
CA ILE O 153 17.75 7.39 -35.61
C ILE O 153 17.11 7.47 -36.99
N ARG O 154 16.10 6.63 -37.23
CA ARG O 154 15.37 6.65 -38.49
C ARG O 154 13.88 6.86 -38.34
N HIS O 155 13.34 6.88 -37.12
CA HIS O 155 11.92 7.06 -36.89
C HIS O 155 11.72 8.27 -35.99
N LEU O 156 10.83 9.16 -36.42
CA LEU O 156 10.55 10.42 -35.73
C LEU O 156 9.08 10.45 -35.36
N VAL O 157 8.79 10.73 -34.09
CA VAL O 157 7.43 10.84 -33.60
C VAL O 157 7.17 12.30 -33.26
N PHE O 158 6.23 12.92 -33.99
CA PHE O 158 6.01 14.36 -33.95
C PHE O 158 4.84 14.72 -33.06
N THR O 159 5.05 15.74 -32.23
CA THR O 159 4.01 16.40 -31.47
C THR O 159 4.24 17.90 -31.59
N GLY O 160 3.21 18.67 -31.25
CA GLY O 160 3.38 20.11 -31.13
C GLY O 160 2.52 20.96 -32.03
N ILE O 161 2.93 22.21 -32.23
CA ILE O 161 2.15 23.23 -32.92
C ILE O 161 3.08 23.97 -33.87
N ALA O 162 2.60 24.31 -35.08
CA ALA O 162 1.27 23.98 -35.59
C ALA O 162 1.31 22.77 -36.52
N THR O 163 0.27 21.95 -36.44
CA THR O 163 0.21 20.70 -37.22
C THR O 163 0.52 20.94 -38.69
N ASN O 164 -0.08 21.99 -39.27
CA ASN O 164 -0.01 22.23 -40.70
C ASN O 164 1.19 23.08 -41.11
N VAL O 165 1.94 23.62 -40.16
CA VAL O 165 3.03 24.51 -40.50
C VAL O 165 4.34 23.89 -40.05
N CYS O 166 4.77 24.16 -38.82
CA CYS O 166 6.07 23.67 -38.39
C CYS O 166 6.10 22.15 -38.27
N VAL O 167 5.01 21.54 -37.77
CA VAL O 167 4.99 20.08 -37.64
C VAL O 167 5.04 19.42 -39.01
N GLU O 168 4.05 19.71 -39.86
CA GLU O 168 4.00 19.07 -41.16
C GLU O 168 5.23 19.39 -42.01
N SER O 169 5.74 20.62 -41.95
CA SER O 169 6.91 20.95 -42.75
C SER O 169 8.11 20.12 -42.31
N THR O 170 8.31 19.98 -41.00
CA THR O 170 9.44 19.19 -40.51
C THR O 170 9.27 17.72 -40.87
N LEU O 171 8.03 17.21 -40.81
CA LEU O 171 7.78 15.82 -41.16
C LEU O 171 7.99 15.58 -42.66
N ARG O 172 7.46 16.48 -43.50
CA ARG O 172 7.67 16.38 -44.95
C ARG O 172 9.16 16.38 -45.28
N ASP O 173 9.91 17.33 -44.71
CA ASP O 173 11.33 17.37 -44.98
C ASP O 173 12.03 16.14 -44.42
N GLY O 174 11.59 15.64 -43.28
CA GLY O 174 12.13 14.39 -42.78
C GLY O 174 11.95 13.24 -43.76
N PHE O 175 10.77 13.17 -44.38
CA PHE O 175 10.52 12.15 -45.40
C PHE O 175 11.51 12.29 -46.56
N PHE O 176 11.77 13.53 -47.00
CA PHE O 176 12.73 13.73 -48.07
C PHE O 176 14.16 13.39 -47.66
N LEU O 177 14.43 13.36 -46.36
CA LEU O 177 15.71 12.92 -45.82
C LEU O 177 15.68 11.47 -45.36
N GLU O 178 14.65 10.73 -45.78
CA GLU O 178 14.51 9.29 -45.57
C GLU O 178 14.20 8.90 -44.12
N TYR O 179 13.55 9.80 -43.38
CA TYR O 179 13.07 9.46 -42.04
C TYR O 179 11.62 9.02 -42.11
N PHE O 180 11.27 8.04 -41.28
CA PHE O 180 9.91 7.57 -41.11
C PHE O 180 9.27 8.44 -40.02
N GLY O 181 8.26 9.22 -40.40
CA GLY O 181 7.64 10.18 -39.50
C GLY O 181 6.22 9.77 -39.13
N VAL O 182 5.94 9.81 -37.83
CA VAL O 182 4.62 9.57 -37.27
C VAL O 182 4.20 10.81 -36.52
N VAL O 183 2.92 11.18 -36.62
CA VAL O 183 2.39 12.31 -35.88
C VAL O 183 1.35 11.77 -34.90
N LEU O 184 1.41 12.25 -33.65
CA LEU O 184 0.40 11.90 -32.65
C LEU O 184 -0.66 12.99 -32.71
N GLU O 185 -1.81 12.66 -33.32
CA GLU O 185 -2.75 13.70 -33.72
C GLU O 185 -3.30 14.46 -32.52
N ASP O 186 -3.59 13.76 -31.42
CA ASP O 186 -4.15 14.45 -30.27
C ASP O 186 -3.11 15.19 -29.43
N ALA O 187 -1.85 15.20 -29.88
CA ALA O 187 -0.79 15.99 -29.27
C ALA O 187 -0.31 17.08 -30.23
N THR O 188 -1.18 17.51 -31.14
CA THR O 188 -0.90 18.59 -32.07
C THR O 188 -2.10 19.53 -32.12
N HIS O 189 -1.87 20.72 -32.64
CA HIS O 189 -2.95 21.67 -32.88
C HIS O 189 -2.56 22.53 -34.07
N GLN O 190 -3.54 22.83 -34.93
CA GLN O 190 -3.29 23.54 -36.17
C GLN O 190 -3.23 25.05 -35.95
N ALA O 191 -2.69 25.75 -36.94
CA ALA O 191 -2.78 27.21 -37.05
C ALA O 191 -3.76 27.51 -38.18
N GLY O 192 -4.94 27.98 -37.83
CA GLY O 192 -5.98 28.23 -38.80
C GLY O 192 -7.26 27.50 -38.43
N PRO O 193 -8.22 27.47 -39.34
CA PRO O 193 -9.49 26.79 -39.08
C PRO O 193 -9.28 25.29 -38.92
N LYS O 194 -10.34 24.63 -38.43
CA LYS O 194 -10.26 23.21 -38.11
C LYS O 194 -9.89 22.36 -39.32
N PHE O 195 -10.33 22.75 -40.52
CA PHE O 195 -9.98 21.98 -41.71
C PHE O 195 -8.48 21.87 -41.91
N ALA O 196 -7.71 22.83 -41.39
CA ALA O 196 -6.25 22.75 -41.52
C ALA O 196 -5.66 21.60 -40.71
N GLN O 197 -6.29 21.26 -39.59
CA GLN O 197 -5.87 20.07 -38.84
C GLN O 197 -6.19 18.81 -39.63
N LYS O 198 -7.43 18.71 -40.13
CA LYS O 198 -7.84 17.54 -40.90
C LYS O 198 -6.96 17.36 -42.12
N ALA O 199 -6.68 18.45 -42.83
CA ALA O 199 -5.94 18.32 -44.08
C ALA O 199 -4.48 17.96 -43.83
N ALA O 200 -3.89 18.50 -42.75
CA ALA O 200 -2.50 18.16 -42.45
C ALA O 200 -2.38 16.66 -42.14
N LEU O 201 -3.30 16.14 -41.33
CA LEU O 201 -3.30 14.72 -41.03
C LEU O 201 -3.57 13.89 -42.28
N PHE O 202 -4.46 14.37 -43.16
CA PHE O 202 -4.70 13.65 -44.41
C PHE O 202 -3.44 13.58 -45.25
N ASN O 203 -2.73 14.70 -45.38
CA ASN O 203 -1.54 14.71 -46.22
C ASN O 203 -0.46 13.82 -45.63
N ILE O 204 -0.30 13.84 -44.32
CA ILE O 204 0.70 12.98 -43.69
C ILE O 204 0.33 11.51 -43.90
N GLU O 205 -0.90 11.13 -43.53
CA GLU O 205 -1.31 9.73 -43.62
C GLU O 205 -1.24 9.22 -45.06
N THR O 206 -1.63 10.06 -46.02
CA THR O 206 -1.77 9.58 -47.39
C THR O 206 -0.46 9.59 -48.15
N PHE O 207 0.42 10.55 -47.88
CA PHE O 207 1.60 10.75 -48.72
C PHE O 207 2.93 10.69 -47.99
N PHE O 208 3.00 11.09 -46.72
CA PHE O 208 4.32 11.40 -46.13
C PHE O 208 4.72 10.54 -44.94
N GLY O 209 3.76 10.04 -44.16
CA GLY O 209 4.10 9.36 -42.94
C GLY O 209 2.91 8.65 -42.34
N TRP O 210 2.85 8.61 -41.01
CA TRP O 210 1.81 7.88 -40.31
C TRP O 210 1.18 8.73 -39.23
N VAL O 211 -0.08 8.43 -38.90
CA VAL O 211 -0.81 9.14 -37.86
C VAL O 211 -1.20 8.14 -36.79
N SER O 212 -0.87 8.46 -35.54
CA SER O 212 -1.32 7.66 -34.40
C SER O 212 -1.81 8.63 -33.34
N ASP O 213 -1.84 8.18 -32.09
CA ASP O 213 -2.31 9.02 -30.99
C ASP O 213 -1.54 8.66 -29.73
N VAL O 214 -1.68 9.52 -28.71
CA VAL O 214 -0.85 9.39 -27.51
C VAL O 214 -1.14 8.09 -26.78
N GLU O 215 -2.40 7.70 -26.68
CA GLU O 215 -2.75 6.47 -25.97
C GLU O 215 -2.12 5.25 -26.66
N THR O 216 -2.24 5.19 -27.98
CA THR O 216 -1.67 4.06 -28.72
C THR O 216 -0.15 4.04 -28.58
N PHE O 217 0.47 5.22 -28.69
CA PHE O 217 1.91 5.35 -28.56
C PHE O 217 2.39 4.84 -27.21
N CYS O 218 1.78 5.32 -26.12
CA CYS O 218 2.22 4.94 -24.78
C CYS O 218 2.05 3.44 -24.56
N ASP O 219 0.93 2.89 -25.02
CA ASP O 219 0.71 1.45 -24.87
C ASP O 219 1.73 0.65 -25.66
N ALA O 220 2.05 1.09 -26.87
CA ALA O 220 3.05 0.39 -27.68
C ALA O 220 4.40 0.36 -26.98
N LEU O 221 4.74 1.40 -26.21
CA LEU O 221 6.02 1.46 -25.54
C LEU O 221 6.04 0.70 -24.22
N SER O 222 4.89 0.22 -23.75
CA SER O 222 4.79 -0.40 -22.43
C SER O 222 5.76 -1.55 -22.17
N PRO O 223 6.02 -2.48 -23.13
CA PRO O 223 6.93 -3.60 -22.82
C PRO O 223 8.29 -3.20 -22.26
N THR O 224 8.65 -1.92 -22.39
CA THR O 224 9.82 -1.36 -21.71
C THR O 224 9.45 -0.05 -21.01
N THR P 2 -24.53 -34.05 -19.47
CA THR P 2 -23.30 -33.98 -20.26
C THR P 2 -22.52 -32.73 -19.90
N THR P 3 -21.21 -32.87 -19.78
CA THR P 3 -20.32 -31.74 -19.52
C THR P 3 -19.70 -31.28 -20.84
N LEU P 4 -19.68 -29.96 -21.04
CA LEU P 4 -19.00 -29.37 -22.19
C LEU P 4 -17.89 -28.48 -21.67
N THR P 5 -16.65 -28.84 -21.97
CA THR P 5 -15.53 -28.00 -21.61
C THR P 5 -15.64 -26.70 -22.41
N ALA P 6 -15.47 -25.58 -21.72
CA ALA P 6 -15.67 -24.29 -22.37
C ALA P 6 -14.94 -23.22 -21.56
N ARG P 7 -14.78 -22.06 -22.18
CA ARG P 7 -14.37 -20.85 -21.46
C ARG P 7 -15.61 -20.04 -21.11
N PRO P 8 -15.68 -19.42 -19.93
CA PRO P 8 -14.59 -19.36 -18.95
C PRO P 8 -14.51 -20.58 -18.02
N GLU P 9 -15.54 -21.43 -18.03
CA GLU P 9 -15.51 -22.69 -17.29
C GLU P 9 -16.45 -23.66 -17.99
N ALA P 10 -16.29 -24.94 -17.66
CA ALA P 10 -17.15 -25.98 -18.21
C ALA P 10 -18.58 -25.78 -17.75
N ILE P 11 -19.52 -26.23 -18.58
CA ILE P 11 -20.94 -26.19 -18.27
C ILE P 11 -21.51 -27.58 -18.43
N THR P 12 -22.69 -27.79 -17.85
CA THR P 12 -23.42 -29.03 -18.04
C THR P 12 -24.74 -28.73 -18.76
N PHE P 13 -25.20 -29.70 -19.54
CA PHE P 13 -26.41 -29.50 -20.33
C PHE P 13 -26.93 -30.86 -20.75
N ASP P 14 -28.19 -30.86 -21.16
CA ASP P 14 -28.84 -32.04 -21.72
C ASP P 14 -28.97 -31.81 -23.22
N PRO P 15 -28.26 -32.57 -24.05
CA PRO P 15 -28.39 -32.40 -25.50
C PRO P 15 -29.82 -32.47 -26.02
N GLN P 16 -30.67 -33.29 -25.41
CA GLN P 16 -32.06 -33.38 -25.83
C GLN P 16 -32.87 -32.14 -25.48
N GLN P 17 -32.41 -31.34 -24.52
CA GLN P 17 -33.02 -30.04 -24.22
C GLN P 17 -32.19 -28.89 -24.75
N SER P 18 -31.49 -29.11 -25.86
CA SER P 18 -30.61 -28.10 -26.43
C SER P 18 -30.90 -28.00 -27.92
N ALA P 19 -30.39 -26.93 -28.51
CA ALA P 19 -30.50 -26.74 -29.95
C ALA P 19 -29.17 -26.25 -30.49
N LEU P 20 -28.81 -26.75 -31.66
CA LEU P 20 -27.69 -26.22 -32.43
C LEU P 20 -28.27 -25.24 -33.45
N ILE P 21 -27.81 -24.00 -33.40
CA ILE P 21 -28.29 -22.95 -34.28
C ILE P 21 -27.21 -22.65 -35.31
N VAL P 22 -27.55 -22.75 -36.58
CA VAL P 22 -26.62 -22.46 -37.66
C VAL P 22 -27.05 -21.12 -38.23
N VAL P 23 -26.28 -20.08 -37.91
CA VAL P 23 -26.67 -18.70 -38.24
C VAL P 23 -26.19 -18.37 -39.65
N ASP P 24 -27.15 -18.19 -40.55
CA ASP P 24 -26.94 -17.45 -41.80
C ASP P 24 -25.83 -18.05 -42.68
N GLN P 26 -25.48 -18.79 -45.63
CA GLN P 26 -25.95 -18.54 -46.99
C GLN P 26 -24.79 -18.09 -47.85
N ASN P 27 -24.98 -18.18 -49.17
CA ASN P 27 -23.94 -17.69 -50.08
C ASN P 27 -23.56 -16.26 -49.76
N ALA P 28 -24.54 -15.45 -49.33
CA ALA P 28 -24.29 -14.06 -48.97
C ALA P 28 -23.15 -13.91 -47.98
N TYR P 29 -23.07 -14.82 -47.01
CA TYR P 29 -22.15 -14.64 -45.90
C TYR P 29 -20.92 -15.52 -45.95
N ALA P 30 -20.92 -16.57 -46.78
CA ALA P 30 -19.85 -17.56 -46.75
C ALA P 30 -19.23 -17.88 -48.11
N THR P 31 -19.77 -17.37 -49.22
CA THR P 31 -19.28 -17.80 -50.51
C THR P 31 -18.70 -16.62 -51.27
N PRO P 32 -17.58 -16.80 -51.99
CA PRO P 32 -17.06 -15.73 -52.84
C PRO P 32 -18.11 -15.27 -53.85
N GLY P 33 -18.17 -13.96 -54.05
CA GLY P 33 -19.22 -13.37 -54.86
C GLY P 33 -20.52 -13.13 -54.13
N GLY P 34 -20.63 -13.54 -52.88
CA GLY P 34 -21.78 -13.23 -52.07
C GLY P 34 -21.73 -11.81 -51.56
N TYR P 35 -22.82 -11.41 -50.90
CA TYR P 35 -22.97 -10.07 -50.34
C TYR P 35 -21.72 -9.60 -49.60
N LEU P 36 -21.27 -10.35 -48.59
CA LEU P 36 -20.16 -9.87 -47.77
C LEU P 36 -18.91 -9.66 -48.62
N ASP P 37 -18.62 -10.59 -49.53
CA ASP P 37 -17.50 -10.41 -50.45
C ASP P 37 -17.67 -9.15 -51.28
N LEU P 38 -18.84 -8.97 -51.88
CA LEU P 38 -19.07 -7.81 -52.75
C LEU P 38 -19.03 -6.50 -51.96
N ALA P 39 -19.36 -6.55 -50.67
CA ALA P 39 -19.37 -5.37 -49.82
C ALA P 39 -17.98 -5.00 -49.30
N GLY P 40 -16.97 -5.81 -49.58
CA GLY P 40 -15.61 -5.51 -49.17
C GLY P 40 -15.11 -6.30 -47.97
N PHE P 41 -15.95 -7.13 -47.36
CA PHE P 41 -15.52 -7.96 -46.25
C PHE P 41 -14.72 -9.15 -46.77
N ASP P 42 -13.82 -9.66 -45.91
CA ASP P 42 -12.94 -10.76 -46.27
C ASP P 42 -13.67 -12.09 -46.02
N VAL P 43 -13.96 -12.81 -47.10
CA VAL P 43 -14.64 -14.10 -47.05
C VAL P 43 -13.71 -15.24 -47.42
N SER P 44 -12.43 -14.97 -47.65
CA SER P 44 -11.53 -15.98 -48.19
C SER P 44 -11.15 -17.06 -47.20
N THR P 45 -11.48 -16.89 -45.91
CA THR P 45 -11.09 -17.82 -44.87
C THR P 45 -12.27 -18.61 -44.31
N THR P 46 -13.36 -18.75 -45.08
CA THR P 46 -14.58 -19.35 -44.56
C THR P 46 -14.74 -20.83 -44.89
N ARG P 47 -13.98 -21.37 -45.84
CA ARG P 47 -14.09 -22.78 -46.18
C ARG P 47 -13.99 -23.71 -44.97
N PRO P 48 -13.03 -23.55 -44.06
CA PRO P 48 -13.02 -24.41 -42.86
C PRO P 48 -14.26 -24.26 -42.01
N VAL P 49 -14.87 -23.08 -41.98
CA VAL P 49 -16.09 -22.89 -41.17
C VAL P 49 -17.18 -23.82 -41.66
N ILE P 50 -17.35 -23.93 -42.98
CA ILE P 50 -18.39 -24.80 -43.54
C ILE P 50 -18.17 -26.25 -43.11
N ALA P 51 -16.94 -26.75 -43.27
CA ALA P 51 -16.65 -28.12 -42.88
C ALA P 51 -16.87 -28.34 -41.39
N ASN P 52 -16.50 -27.36 -40.57
CA ASN P 52 -16.67 -27.50 -39.13
C ASN P 52 -18.15 -27.52 -38.75
N ILE P 53 -18.96 -26.71 -39.42
CA ILE P 53 -20.40 -26.73 -39.16
C ILE P 53 -21.00 -28.08 -39.55
N GLN P 54 -20.57 -28.63 -40.70
CA GLN P 54 -21.00 -29.98 -41.07
C GLN P 54 -20.70 -30.99 -39.97
N THR P 55 -19.47 -30.96 -39.45
CA THR P 55 -19.09 -31.87 -38.36
C THR P 55 -19.98 -31.69 -37.14
N ALA P 56 -20.28 -30.44 -36.78
CA ALA P 56 -21.08 -30.20 -35.58
C ALA P 56 -22.52 -30.64 -35.79
N VAL P 57 -23.08 -30.39 -36.98
CA VAL P 57 -24.45 -30.76 -37.25
C VAL P 57 -24.61 -32.28 -37.17
N THR P 58 -23.66 -33.02 -37.74
CA THR P 58 -23.71 -34.48 -37.66
C THR P 58 -23.74 -34.96 -36.22
N ALA P 59 -22.90 -34.37 -35.36
CA ALA P 59 -22.86 -34.81 -33.98
C ALA P 59 -24.12 -34.41 -33.22
N ALA P 60 -24.58 -33.17 -33.42
CA ALA P 60 -25.80 -32.72 -32.74
C ALA P 60 -27.00 -33.57 -33.14
N ARG P 61 -27.14 -33.85 -34.44
CA ARG P 61 -28.25 -34.66 -34.92
C ARG P 61 -28.24 -36.04 -34.26
N ALA P 62 -27.07 -36.68 -34.21
CA ALA P 62 -26.98 -38.01 -33.61
C ALA P 62 -27.28 -38.00 -32.13
N ALA P 63 -27.07 -36.86 -31.46
CA ALA P 63 -27.31 -36.75 -30.02
C ALA P 63 -28.74 -36.37 -29.68
N GLY P 64 -29.62 -36.27 -30.67
CA GLY P 64 -30.98 -35.86 -30.43
C GLY P 64 -31.16 -34.37 -30.24
N LEU P 66 -31.92 -30.64 -31.53
CA LEU P 66 -32.62 -29.95 -32.60
C LEU P 66 -31.68 -29.01 -33.35
N ILE P 67 -31.77 -29.02 -34.68
CA ILE P 67 -30.99 -28.14 -35.55
C ILE P 67 -31.92 -27.07 -36.09
N ILE P 68 -31.53 -25.80 -35.91
CA ILE P 68 -32.26 -24.66 -36.44
C ILE P 68 -31.33 -23.91 -37.37
N TRP P 69 -31.77 -23.71 -38.61
CA TRP P 69 -31.00 -22.99 -39.63
C TRP P 69 -31.65 -21.64 -39.83
N PHE P 70 -30.85 -20.57 -39.79
CA PHE P 70 -31.37 -19.25 -40.08
C PHE P 70 -31.01 -18.82 -41.48
N GLN P 71 -31.94 -18.15 -42.14
CA GLN P 71 -31.69 -17.45 -43.39
C GLN P 71 -32.05 -15.99 -43.19
N ASN P 72 -31.08 -15.12 -43.34
CA ASN P 72 -31.32 -13.70 -43.18
C ASN P 72 -31.65 -13.10 -44.54
N GLY P 73 -32.65 -12.25 -44.57
CA GLY P 73 -32.95 -11.54 -45.81
C GLY P 73 -34.42 -11.25 -45.95
N TRP P 74 -34.79 -10.81 -47.15
CA TRP P 74 -36.04 -10.10 -47.38
C TRP P 74 -36.63 -10.45 -48.74
N ASP P 75 -37.85 -9.97 -48.95
CA ASP P 75 -38.46 -10.00 -50.27
C ASP P 75 -37.58 -9.23 -51.26
N GLU P 76 -37.72 -9.58 -52.54
CA GLU P 76 -36.87 -9.00 -53.56
C GLU P 76 -37.06 -7.49 -53.71
N GLN P 77 -38.20 -6.95 -53.27
CA GLN P 77 -38.41 -5.50 -53.25
C GLN P 77 -37.91 -4.85 -51.97
N TYR P 78 -37.44 -5.63 -50.99
CA TYR P 78 -36.88 -5.12 -49.75
C TYR P 78 -37.89 -4.39 -48.86
N VAL P 79 -39.19 -4.62 -49.08
CA VAL P 79 -40.19 -4.11 -48.14
C VAL P 79 -39.87 -4.55 -46.72
N GLU P 80 -39.48 -5.81 -46.55
CA GLU P 80 -39.24 -6.37 -45.22
C GLU P 80 -37.96 -5.84 -44.56
N ALA P 81 -37.13 -5.12 -45.31
CA ALA P 81 -35.93 -4.50 -44.74
C ALA P 81 -36.24 -3.20 -44.02
N GLY P 82 -37.46 -2.69 -44.15
CA GLY P 82 -37.83 -1.40 -43.60
C GLY P 82 -37.58 -0.28 -44.57
N GLY P 83 -38.42 0.73 -44.51
CA GLY P 83 -38.22 1.90 -45.33
C GLY P 83 -37.24 2.84 -44.66
N PRO P 84 -37.15 4.06 -45.17
CA PRO P 84 -36.25 5.06 -44.56
C PRO P 84 -36.59 5.37 -43.12
N GLY P 85 -37.78 4.99 -42.64
CA GLY P 85 -38.14 5.13 -41.25
C GLY P 85 -37.53 4.10 -40.32
N SER P 86 -36.78 3.13 -40.87
CA SER P 86 -36.10 2.07 -40.11
C SER P 86 -34.60 2.31 -40.10
N PRO P 87 -33.92 2.18 -38.95
CA PRO P 87 -32.45 2.23 -38.98
C PRO P 87 -31.84 1.14 -39.85
N ASN P 88 -32.54 0.01 -40.04
CA ASN P 88 -32.00 -1.04 -40.87
C ASN P 88 -31.79 -0.59 -42.32
N PHE P 89 -32.72 0.22 -42.84
CA PHE P 89 -32.57 0.77 -44.19
C PHE P 89 -31.29 1.58 -44.32
N HIS P 90 -30.90 2.30 -43.26
CA HIS P 90 -29.73 3.14 -43.28
C HIS P 90 -28.45 2.43 -42.88
N LYS P 91 -28.54 1.29 -42.18
CA LYS P 91 -27.35 0.57 -41.74
C LYS P 91 -26.96 -0.61 -42.62
N SER P 92 -27.94 -1.27 -43.25
CA SER P 92 -27.69 -2.52 -43.95
C SER P 92 -26.62 -2.32 -45.00
N ASN P 93 -25.50 -3.03 -44.85
CA ASN P 93 -24.45 -2.95 -45.85
C ASN P 93 -24.84 -3.62 -47.16
N ALA P 94 -25.82 -4.52 -47.13
CA ALA P 94 -26.34 -5.08 -48.37
C ALA P 94 -27.07 -4.02 -49.17
N LEU P 95 -27.93 -3.24 -48.51
CA LEU P 95 -28.60 -2.16 -49.20
C LEU P 95 -27.61 -1.09 -49.64
N LYS P 96 -26.63 -0.79 -48.79
CA LYS P 96 -25.58 0.15 -49.18
C LYS P 96 -24.83 -0.33 -50.42
N THR P 97 -24.57 -1.65 -50.50
CA THR P 97 -23.81 -2.18 -51.63
C THR P 97 -24.62 -2.10 -52.92
N ARG P 99 -26.94 0.15 -53.51
CA ARG P 99 -27.05 1.56 -53.87
C ARG P 99 -25.84 2.02 -54.67
N LYS P 100 -24.64 1.55 -54.30
CA LYS P 100 -23.45 1.94 -55.04
C LYS P 100 -23.29 1.13 -56.33
N GLN P 101 -23.75 -0.12 -56.35
CA GLN P 101 -23.67 -0.99 -57.52
C GLN P 101 -25.07 -1.36 -57.98
N PRO P 102 -25.69 -0.53 -58.83
CA PRO P 102 -27.10 -0.76 -59.19
C PRO P 102 -27.35 -2.07 -59.91
N GLN P 103 -26.34 -2.67 -60.55
CA GLN P 103 -26.54 -3.97 -61.18
C GLN P 103 -26.85 -5.06 -60.17
N LEU P 104 -26.52 -4.83 -58.89
CA LEU P 104 -26.78 -5.78 -57.83
C LEU P 104 -28.16 -5.61 -57.21
N GLN P 105 -28.93 -4.59 -57.60
CA GLN P 105 -30.21 -4.35 -56.95
C GLN P 105 -31.15 -5.53 -57.13
N GLY P 106 -31.70 -6.04 -56.03
CA GLY P 106 -32.51 -7.23 -56.04
C GLY P 106 -31.74 -8.53 -55.93
N LYS P 107 -30.41 -8.49 -56.00
CA LYS P 107 -29.60 -9.70 -56.03
C LYS P 107 -29.14 -10.15 -54.65
N LEU P 108 -28.96 -9.22 -53.71
CA LEU P 108 -28.40 -9.55 -52.40
C LEU P 108 -29.50 -9.80 -51.39
N LEU P 109 -29.36 -10.88 -50.63
CA LEU P 109 -30.23 -11.18 -49.49
C LEU P 109 -31.71 -11.21 -49.86
N ALA P 110 -32.02 -11.57 -51.11
CA ALA P 110 -33.39 -11.57 -51.60
C ALA P 110 -33.91 -12.99 -51.67
N LYS P 111 -35.07 -13.24 -51.06
CA LYS P 111 -35.69 -14.55 -51.13
C LYS P 111 -35.83 -14.99 -52.59
N GLY P 112 -35.36 -16.19 -52.88
CA GLY P 112 -35.34 -16.72 -54.22
C GLY P 112 -34.03 -16.54 -54.96
N SER P 113 -33.11 -15.74 -54.45
CA SER P 113 -31.85 -15.49 -55.11
C SER P 113 -30.78 -16.49 -54.67
N TRP P 114 -29.77 -16.64 -55.53
CA TRP P 114 -28.59 -17.43 -55.17
C TRP P 114 -27.96 -16.92 -53.88
N ASP P 115 -27.87 -15.60 -53.74
CA ASP P 115 -27.23 -15.00 -52.57
C ASP P 115 -27.90 -15.47 -51.30
N TYR P 116 -29.23 -15.58 -51.31
CA TYR P 116 -30.01 -15.92 -50.12
C TYR P 116 -30.00 -17.40 -49.80
N GLN P 117 -29.71 -18.28 -50.77
CA GLN P 117 -29.73 -19.70 -50.53
C GLN P 117 -28.66 -20.09 -49.52
N LEU P 118 -28.96 -21.09 -48.70
CA LEU P 118 -27.90 -21.74 -47.94
C LEU P 118 -26.84 -22.30 -48.88
N VAL P 119 -25.59 -22.32 -48.42
CA VAL P 119 -24.51 -22.84 -49.24
C VAL P 119 -24.79 -24.30 -49.61
N ASP P 120 -24.26 -24.70 -50.78
CA ASP P 120 -24.56 -26.02 -51.33
C ASP P 120 -24.22 -27.15 -50.37
N GLU P 121 -23.17 -26.99 -49.56
CA GLU P 121 -22.68 -28.07 -48.73
C GLU P 121 -23.53 -28.32 -47.49
N LEU P 122 -24.40 -27.36 -47.11
CA LEU P 122 -25.18 -27.46 -45.89
C LEU P 122 -26.64 -27.67 -46.27
N VAL P 123 -27.15 -28.87 -46.01
CA VAL P 123 -28.49 -29.26 -46.46
C VAL P 123 -29.35 -29.59 -45.25
N PRO P 124 -30.34 -28.77 -44.90
CA PRO P 124 -31.27 -29.14 -43.82
C PRO P 124 -31.96 -30.46 -44.11
N GLN P 125 -32.23 -31.20 -43.05
CA GLN P 125 -32.83 -32.52 -43.12
C GLN P 125 -34.21 -32.48 -42.46
N PRO P 126 -35.07 -33.46 -42.74
CA PRO P 126 -36.37 -33.50 -42.08
C PRO P 126 -36.19 -33.55 -40.57
N GLY P 127 -37.04 -32.81 -39.87
CA GLY P 127 -36.92 -32.63 -38.45
C GLY P 127 -36.17 -31.37 -38.06
N ASP P 128 -35.31 -30.86 -38.93
CA ASP P 128 -34.70 -29.56 -38.68
C ASP P 128 -35.73 -28.45 -38.87
N ILE P 129 -35.44 -27.29 -38.31
CA ILE P 129 -36.25 -26.09 -38.53
C ILE P 129 -35.41 -25.08 -39.29
N VAL P 130 -35.98 -24.52 -40.36
CA VAL P 130 -35.35 -23.46 -41.13
C VAL P 130 -36.18 -22.21 -40.93
N LEU P 131 -35.55 -21.17 -40.37
CA LEU P 131 -36.25 -19.96 -40.00
C LEU P 131 -35.72 -18.78 -40.80
N PRO P 132 -36.59 -18.02 -41.46
CA PRO P 132 -36.16 -16.74 -42.02
C PRO P 132 -36.12 -15.69 -40.91
N LYS P 133 -35.26 -14.70 -41.08
CA LYS P 133 -35.28 -13.56 -40.17
C LYS P 133 -35.02 -12.27 -40.91
N PRO P 134 -35.67 -11.19 -40.51
CA PRO P 134 -35.52 -9.90 -41.20
C PRO P 134 -34.48 -8.96 -40.60
N ARG P 135 -33.94 -9.27 -39.44
CA ARG P 135 -32.92 -8.43 -38.82
C ARG P 135 -31.84 -9.32 -38.25
N TYR P 136 -30.76 -8.70 -37.76
CA TYR P 136 -29.58 -9.48 -37.38
C TYR P 136 -29.91 -10.52 -36.32
N SER P 137 -30.67 -10.14 -35.29
CA SER P 137 -30.92 -11.06 -34.19
C SER P 137 -32.06 -12.00 -34.54
N GLY P 138 -31.82 -13.30 -34.35
CA GLY P 138 -32.85 -14.32 -34.57
C GLY P 138 -34.02 -14.23 -33.60
N PHE P 139 -33.88 -13.49 -32.50
CA PHE P 139 -34.91 -13.40 -31.47
C PHE P 139 -35.83 -12.20 -31.62
N PHE P 140 -35.60 -11.31 -32.56
CA PHE P 140 -36.56 -10.26 -32.83
C PHE P 140 -37.36 -10.60 -34.08
N ASN P 141 -38.67 -10.40 -34.01
CA ASN P 141 -39.57 -10.48 -35.16
C ASN P 141 -39.79 -11.89 -35.67
N THR P 142 -39.47 -12.92 -34.88
CA THR P 142 -39.54 -14.31 -35.31
C THR P 142 -40.20 -15.15 -34.22
N PRO P 143 -40.55 -16.40 -34.56
CA PRO P 143 -41.05 -17.34 -33.54
C PRO P 143 -39.95 -18.14 -32.83
N LEU P 144 -38.69 -17.73 -32.94
CA LEU P 144 -37.60 -18.53 -32.36
C LEU P 144 -37.81 -18.80 -30.87
N ASP P 145 -38.09 -17.75 -30.08
CA ASP P 145 -38.30 -17.96 -28.65
C ASP P 145 -39.44 -18.94 -28.41
N SER P 146 -40.55 -18.78 -29.11
CA SER P 146 -41.68 -19.70 -28.96
C SER P 146 -41.31 -21.12 -29.34
N ILE P 147 -40.54 -21.30 -30.42
CA ILE P 147 -40.10 -22.63 -30.84
C ILE P 147 -39.30 -23.30 -29.73
N LEU P 148 -38.34 -22.57 -29.14
CA LEU P 148 -37.47 -23.15 -28.14
C LEU P 148 -38.24 -23.47 -26.86
N ARG P 149 -39.08 -22.53 -26.41
CA ARG P 149 -39.86 -22.72 -25.20
C ARG P 149 -40.81 -23.90 -25.33
N SER P 150 -41.44 -24.03 -26.49
CA SER P 150 -42.37 -25.14 -26.70
C SER P 150 -41.69 -26.49 -26.57
N ARG P 151 -40.37 -26.55 -26.72
CA ARG P 151 -39.60 -27.78 -26.61
C ARG P 151 -38.80 -27.87 -25.33
N GLY P 152 -38.97 -26.89 -24.42
CA GLY P 152 -38.22 -26.92 -23.17
C GLY P 152 -36.73 -26.77 -23.34
N ILE P 153 -36.30 -26.10 -24.41
CA ILE P 153 -34.88 -25.94 -24.69
C ILE P 153 -34.35 -24.75 -23.91
N ARG P 154 -33.27 -24.96 -23.17
CA ARG P 154 -32.64 -23.87 -22.43
C ARG P 154 -31.18 -23.63 -22.82
N HIS P 155 -30.59 -24.51 -23.62
CA HIS P 155 -29.20 -24.36 -24.04
C HIS P 155 -29.15 -24.25 -25.55
N LEU P 156 -28.40 -23.26 -26.03
CA LEU P 156 -28.26 -22.97 -27.44
C LEU P 156 -26.78 -23.03 -27.80
N VAL P 157 -26.44 -23.79 -28.84
CA VAL P 157 -25.08 -23.90 -29.33
C VAL P 157 -25.04 -23.20 -30.69
N PHE P 158 -24.28 -22.11 -30.77
CA PHE P 158 -24.28 -21.24 -31.93
C PHE P 158 -23.09 -21.50 -32.84
N THR P 159 -23.37 -21.52 -34.15
CA THR P 159 -22.38 -21.54 -35.21
C THR P 159 -22.83 -20.54 -36.26
N GLY P 160 -21.93 -20.19 -37.16
CA GLY P 160 -22.32 -19.38 -38.31
C GLY P 160 -21.64 -18.04 -38.44
N ILE P 161 -22.23 -17.15 -39.24
CA ILE P 161 -21.65 -15.87 -39.63
C ILE P 161 -22.76 -14.82 -39.55
N ALA P 162 -22.43 -13.61 -39.08
CA ALA P 162 -21.11 -13.22 -38.58
C ALA P 162 -21.04 -13.28 -37.06
N THR P 163 -19.88 -13.70 -36.56
CA THR P 163 -19.70 -13.87 -35.12
C THR P 163 -20.14 -12.64 -34.36
N ASN P 164 -19.74 -11.47 -34.84
CA ASN P 164 -19.94 -10.23 -34.11
C ASN P 164 -21.28 -9.56 -34.40
N VAL P 165 -22.04 -10.09 -35.35
CA VAL P 165 -23.27 -9.41 -35.74
C VAL P 165 -24.45 -10.33 -35.48
N CYS P 166 -24.80 -11.18 -36.45
CA CYS P 166 -25.98 -12.02 -36.25
C CYS P 166 -25.77 -13.07 -35.16
N VAL P 167 -24.57 -13.67 -35.08
CA VAL P 167 -24.33 -14.68 -34.04
C VAL P 167 -24.38 -14.03 -32.66
N GLU P 168 -23.52 -13.05 -32.43
CA GLU P 168 -23.46 -12.44 -31.12
C GLU P 168 -24.78 -11.77 -30.72
N SER P 169 -25.46 -11.10 -31.67
CA SER P 169 -26.74 -10.48 -31.32
C SER P 169 -27.76 -11.49 -30.86
N THR P 170 -27.87 -12.61 -31.58
CA THR P 170 -28.80 -13.65 -31.17
C THR P 170 -28.40 -14.26 -29.83
N LEU P 171 -27.10 -14.46 -29.61
CA LEU P 171 -26.65 -15.00 -28.33
C LEU P 171 -26.93 -14.02 -27.19
N ARG P 172 -26.62 -12.73 -27.39
CA ARG P 172 -26.90 -11.75 -26.35
C ARG P 172 -28.39 -11.71 -26.03
N ASP P 173 -29.22 -11.65 -27.06
CA ASP P 173 -30.66 -11.63 -26.84
C ASP P 173 -31.14 -12.92 -26.20
N GLY P 174 -30.58 -14.06 -26.61
CA GLY P 174 -30.85 -15.31 -25.91
C GLY P 174 -30.57 -15.20 -24.42
N PHE P 175 -29.44 -14.60 -24.06
CA PHE P 175 -29.12 -14.40 -22.65
C PHE P 175 -30.22 -13.61 -21.95
N PHE P 176 -30.69 -12.52 -22.58
CA PHE P 176 -31.73 -11.71 -21.97
C PHE P 176 -33.05 -12.46 -21.86
N LEU P 177 -33.23 -13.52 -22.63
CA LEU P 177 -34.40 -14.39 -22.58
C LEU P 177 -34.13 -15.65 -21.77
N GLU P 178 -33.03 -15.66 -21.01
CA GLU P 178 -32.69 -16.68 -20.03
C GLU P 178 -32.20 -17.97 -20.66
N TYR P 179 -31.66 -17.90 -21.88
CA TYR P 179 -31.04 -19.05 -22.52
C TYR P 179 -29.54 -19.08 -22.25
N PHE P 180 -29.02 -20.28 -22.05
CA PHE P 180 -27.58 -20.51 -21.87
C PHE P 180 -26.98 -20.70 -23.26
N GLY P 181 -26.11 -19.77 -23.68
CA GLY P 181 -25.61 -19.74 -25.04
C GLY P 181 -24.13 -20.09 -25.09
N VAL P 182 -23.80 -21.00 -26.00
CA VAL P 182 -22.43 -21.42 -26.25
C VAL P 182 -22.12 -21.14 -27.71
N VAL P 183 -20.94 -20.61 -27.99
CA VAL P 183 -20.48 -20.43 -29.36
C VAL P 183 -19.32 -21.37 -29.63
N LEU P 184 -19.35 -22.04 -30.78
CA LEU P 184 -18.27 -22.92 -31.21
C LEU P 184 -17.38 -22.06 -32.09
N GLU P 185 -16.24 -21.64 -31.55
CA GLU P 185 -15.46 -20.55 -32.13
C GLU P 185 -14.93 -20.90 -33.52
N ASP P 186 -14.52 -22.15 -33.74
CA ASP P 186 -13.98 -22.54 -35.04
C ASP P 186 -15.07 -22.81 -36.07
N ALA P 187 -16.34 -22.70 -35.67
CA ALA P 187 -17.47 -22.80 -36.59
C ALA P 187 -18.15 -21.45 -36.80
N THR P 188 -17.40 -20.37 -36.63
CA THR P 188 -17.91 -19.03 -36.85
C THR P 188 -16.89 -18.22 -37.64
N HIS P 189 -17.35 -17.10 -38.20
CA HIS P 189 -16.45 -16.16 -38.83
C HIS P 189 -17.04 -14.76 -38.72
N GLN P 190 -16.17 -13.77 -38.50
CA GLN P 190 -16.60 -12.41 -38.23
C GLN P 190 -16.86 -11.65 -39.52
N ALA P 191 -17.52 -10.50 -39.37
CA ALA P 191 -17.64 -9.51 -40.44
C ALA P 191 -16.81 -8.30 -40.00
N GLY P 192 -15.63 -8.16 -40.57
CA GLY P 192 -14.74 -7.09 -40.24
C GLY P 192 -13.33 -7.59 -40.05
N PRO P 193 -12.45 -6.77 -39.50
CA PRO P 193 -11.08 -7.21 -39.22
C PRO P 193 -11.07 -8.30 -38.16
N LYS P 194 -9.88 -8.89 -38.00
CA LYS P 194 -9.74 -10.01 -37.06
C LYS P 194 -10.14 -9.63 -35.65
N PHE P 195 -9.87 -8.38 -35.23
CA PHE P 195 -10.22 -8.00 -33.86
C PHE P 195 -11.71 -8.14 -33.59
N ALA P 196 -12.55 -8.11 -34.63
CA ALA P 196 -13.98 -8.29 -34.42
C ALA P 196 -14.32 -9.72 -34.03
N GLN P 197 -13.54 -10.70 -34.50
CA GLN P 197 -13.71 -12.07 -34.04
C GLN P 197 -13.27 -12.20 -32.58
N LYS P 198 -12.05 -11.77 -32.28
CA LYS P 198 -11.53 -11.85 -30.92
C LYS P 198 -12.45 -11.14 -29.93
N ALA P 199 -12.94 -9.96 -30.30
CA ALA P 199 -13.74 -9.19 -29.35
C ALA P 199 -15.10 -9.81 -29.12
N ALA P 200 -15.72 -10.36 -30.18
CA ALA P 200 -17.01 -11.00 -30.00
C ALA P 200 -16.89 -12.19 -29.06
N LEU P 201 -15.86 -13.00 -29.27
CA LEU P 201 -15.64 -14.15 -28.39
C LEU P 201 -15.34 -13.70 -26.97
N PHE P 202 -14.54 -12.64 -26.83
CA PHE P 202 -14.26 -12.10 -25.49
C PHE P 202 -15.54 -11.64 -24.80
N ASN P 203 -16.38 -10.90 -25.52
CA ASN P 203 -17.63 -10.43 -24.92
C ASN P 203 -18.52 -11.60 -24.53
N ILE P 204 -18.61 -12.62 -25.38
CA ILE P 204 -19.44 -13.78 -25.06
C ILE P 204 -18.88 -14.49 -23.82
N GLU P 205 -17.58 -14.80 -23.85
CA GLU P 205 -16.97 -15.51 -22.72
C GLU P 205 -17.09 -14.74 -21.42
N THR P 206 -16.90 -13.42 -21.47
CA THR P 206 -16.78 -12.67 -20.22
C THR P 206 -18.14 -12.29 -19.65
N PHE P 207 -19.15 -12.09 -20.49
CA PHE P 207 -20.39 -11.46 -20.03
C PHE P 207 -21.66 -12.24 -20.36
N PHE P 208 -21.69 -12.97 -21.47
CA PHE P 208 -22.97 -13.44 -22.00
C PHE P 208 -23.14 -14.94 -22.09
N GLY P 209 -22.07 -15.70 -22.23
CA GLY P 209 -22.24 -17.12 -22.43
C GLY P 209 -20.92 -17.84 -22.39
N TRP P 210 -20.75 -18.86 -23.24
CA TRP P 210 -19.59 -19.73 -23.18
C TRP P 210 -19.00 -19.91 -24.56
N VAL P 211 -17.69 -20.17 -24.61
CA VAL P 211 -16.97 -20.41 -25.85
C VAL P 211 -16.37 -21.81 -25.82
N SER P 212 -16.68 -22.61 -26.83
CA SER P 212 -16.09 -23.93 -26.95
C SER P 212 -15.68 -24.11 -28.40
N ASP P 213 -15.48 -25.34 -28.84
CA ASP P 213 -15.09 -25.60 -30.22
C ASP P 213 -15.72 -26.89 -30.70
N VAL P 214 -15.64 -27.11 -32.02
CA VAL P 214 -16.37 -28.24 -32.62
C VAL P 214 -15.86 -29.57 -32.08
N GLU P 215 -14.53 -29.72 -31.99
CA GLU P 215 -13.96 -30.98 -31.51
C GLU P 215 -14.45 -31.30 -30.10
N THR P 216 -14.42 -30.31 -29.21
CA THR P 216 -14.87 -30.51 -27.84
C THR P 216 -16.36 -30.85 -27.81
N PHE P 217 -17.15 -30.14 -28.62
CA PHE P 217 -18.58 -30.39 -28.69
C PHE P 217 -18.88 -31.82 -29.12
N CYS P 218 -18.25 -32.27 -30.22
CA CYS P 218 -18.50 -33.62 -30.71
C CYS P 218 -18.06 -34.68 -29.70
N ASP P 219 -16.90 -34.48 -29.08
CA ASP P 219 -16.42 -35.42 -28.06
C ASP P 219 -17.39 -35.47 -26.89
N ALA P 220 -17.93 -34.32 -26.50
CA ALA P 220 -18.85 -34.28 -25.37
C ALA P 220 -20.13 -35.04 -25.66
N LEU P 221 -20.57 -35.04 -26.92
CA LEU P 221 -21.80 -35.71 -27.33
C LEU P 221 -21.63 -37.19 -27.58
N SER P 222 -20.40 -37.68 -27.68
CA SER P 222 -20.16 -39.08 -28.05
C SER P 222 -20.92 -40.10 -27.21
N PRO P 223 -20.99 -40.00 -25.87
CA PRO P 223 -21.73 -41.03 -25.13
C PRO P 223 -23.23 -40.99 -25.39
#